data_9D4T
#
_entry.id   9D4T
#
_cell.length_a   1.00
_cell.length_b   1.00
_cell.length_c   1.00
_cell.angle_alpha   90.00
_cell.angle_beta   90.00
_cell.angle_gamma   90.00
#
_symmetry.space_group_name_H-M   'P 1'
#
loop_
_entity.id
_entity.type
_entity.pdbx_description
1 polymer 'Spike glycoprotein'
2 branched 2-acetamido-2-deoxy-beta-D-glucopyranose-(1-4)-2-acetamido-2-deoxy-beta-D-glucopyranose
3 branched beta-D-mannopyranose-(1-4)-2-acetamido-2-deoxy-beta-D-glucopyranose-(1-4)-2-acetamido-2-deoxy-beta-D-glucopyranose
4 non-polymer 2-acetamido-2-deoxy-beta-D-glucopyranose
#
_entity_poly.entity_id   1
_entity_poly.type   'polypeptide(L)'
_entity_poly.pdbx_seq_one_letter_code
;VDMGTTGSGNCIESQVAPDFFETARNIWPLPIDTSKAEGVIYPNGKSYSNISLTYTGLYPKANDLGKQYIFSDGHSSPGT
LSRLFVSNYSRQVETFDDGFIVRIGAASNKTGTTVISQSTNRPIKKIYPAFMLGHSVGNYTPTNITGRYLNHTLVILPDG
CGTLVHAFYCILQPRTQAYCAGASTFTSVTVWDTPASDCANSQSYNQLANLNAFKLYFDLINCTFRYNYTITEDENAEWF
GITQDTQGVHLYSSRKENVFRNNMFHFATLPVYQKILYYTVIPRSIRSPFNDRKAWAAFYIYKLHPLTYLLNFDVEGYIT
KAVDCGYDDFAQLQCSYENFDVETGVYSVSSFEASPRGEFIEQSVTKECDFSPMLTGTPPPIYDFKRLVFTNCNYNLTKL
LSLFQVSEFSCHQVSPSSLATGCYSSLTVDYFAYSTDMSSYLQPGSAGEIVQFNYKQDFSNPTCRVLATVPTNLTTITKP
SNYVHLTECYISTAYGKNYLFNAPGGYTPCLSLASSGFSRDRQSHSQELPDGSFLTTTGSVYSVGSNLQMAFIISVQYGT
DTNSVCPMQALRNDTSIEDKLDVCVEYSLHGITGRGVFHNCTSVGLRNQRFVYDTFDNLVGYHSHNGNYYCVRPCVSVPV
SVIYDKVSNSHATLFGSVACSHVTTMMSQFSRMTKTNLLARTTPGPLQTTVGCAMGFINSSMVVDECQLPLGQSLCAIPP
TISTASVGATSGVSDVFQIATLNFTSPLTLAPINSTGFVVAVPTNFTFGVTQEFIETTIQKITVDCKQYVCNGFKKCEDL
LKEYGQFCSKINQALHGANLRQDESIANLFSSIKTQNTQPLQAGLNGDFNLTMLQIPQVTTGERKYRSAIEDLLFNKVTI
ADPGYMQGYDECMQQGPQSARDLICAQYVAGYKVLPPLYDPYMEAAYTSSLLGSIAGASWTAGLSSFAAIPFAQSIFYRL
NGVGITQQVLSENQKIIANKFNQALGAMQTGFTTTNLAFNKVQDAVNANAMALSKLAAELSNTFGAISSSISDILARLDP
PEQEAQIDRLINGRLTSLNAFVAQQLVRTEAAARSAQLAQDKVNECVKSQSKRNGFCGTGTHIVSFAINAPNGLYFFHVG
YQPTSHVNATAAYGLCNTENPPKCIAPIDGYFVLNQTISTVANSDQQWYYTGSSFFHPEPITEANSKYVSMDVKFENLTN
KLPPPLLSNSTDLDFKEELEEFFKNVSSQGPNFQEISKINTTLLNLNTELMVLSEVVKQLNESYIDLKELGNYTFYQKGS
GRENLYFQGGGGSGYIPEAPRDGQAYVRKDGEWVLLSTFLGHHHHHHHHGLNDIFEAQKIEWHE
;
_entity_poly.pdbx_strand_id   A,B,C
#
# COMPACT_ATOMS: atom_id res chain seq x y z
N VAL A 1 -9.03 -9.14 -58.70
CA VAL A 1 -9.74 -7.95 -59.17
C VAL A 1 -9.36 -7.63 -60.61
N ASP A 2 -10.06 -6.68 -61.21
CA ASP A 2 -9.81 -6.26 -62.58
C ASP A 2 -8.81 -5.12 -62.57
N MET A 3 -7.62 -5.37 -63.10
CA MET A 3 -6.56 -4.37 -63.17
C MET A 3 -6.65 -3.49 -64.40
N GLY A 4 -7.60 -3.75 -65.29
CA GLY A 4 -7.76 -2.99 -66.52
C GLY A 4 -7.28 -3.78 -67.72
N THR A 5 -7.33 -3.11 -68.88
CA THR A 5 -6.90 -3.74 -70.12
C THR A 5 -5.41 -3.99 -70.08
N THR A 6 -4.99 -5.18 -70.52
CA THR A 6 -3.58 -5.52 -70.55
C THR A 6 -2.84 -4.59 -71.51
N GLY A 7 -1.70 -4.07 -71.06
CA GLY A 7 -0.93 -3.17 -71.89
C GLY A 7 -0.36 -3.87 -73.11
N SER A 8 -0.35 -3.15 -74.23
CA SER A 8 0.18 -3.68 -75.48
C SER A 8 1.10 -2.64 -76.11
N GLY A 9 2.08 -3.13 -76.86
CA GLY A 9 3.03 -2.27 -77.54
C GLY A 9 4.34 -2.15 -76.80
N ASN A 10 5.23 -1.33 -77.36
CA ASN A 10 6.55 -1.13 -76.81
C ASN A 10 6.51 -0.18 -75.62
N CYS A 11 7.55 -0.27 -74.80
CA CYS A 11 7.74 0.66 -73.70
C CYS A 11 8.64 1.81 -74.13
N ILE A 12 8.73 2.83 -73.28
CA ILE A 12 9.57 3.98 -73.56
C ILE A 12 10.93 3.75 -72.91
N GLU A 13 11.98 3.82 -73.71
CA GLU A 13 13.33 3.61 -73.21
C GLU A 13 13.74 4.74 -72.27
N SER A 14 14.60 4.40 -71.31
CA SER A 14 15.09 5.36 -70.34
C SER A 14 16.60 5.23 -70.22
N GLN A 15 17.27 6.35 -70.02
CA GLN A 15 18.71 6.40 -69.83
C GLN A 15 19.00 6.40 -68.34
N VAL A 16 19.75 5.40 -67.87
CA VAL A 16 20.07 5.25 -66.46
C VAL A 16 21.49 5.72 -66.23
N ALA A 17 21.63 6.77 -65.42
CA ALA A 17 22.94 7.31 -65.08
C ALA A 17 22.88 7.91 -63.68
N PRO A 18 23.24 7.13 -62.66
CA PRO A 18 23.27 7.69 -61.30
C PRO A 18 24.30 8.80 -61.13
N ASP A 19 25.31 8.85 -62.00
CA ASP A 19 26.39 9.85 -61.87
C ASP A 19 25.90 11.27 -62.07
N PHE A 20 24.69 11.48 -62.60
CA PHE A 20 24.13 12.81 -62.75
C PHE A 20 23.24 13.20 -61.57
N PHE A 21 22.37 12.29 -61.15
CA PHE A 21 21.48 12.58 -60.03
C PHE A 21 22.23 12.56 -58.70
N GLU A 22 23.11 11.59 -58.51
CA GLU A 22 23.88 11.47 -57.27
C GLU A 22 25.16 12.29 -57.40
N THR A 23 25.00 13.60 -57.25
CA THR A 23 26.11 14.53 -57.28
C THR A 23 26.08 15.41 -56.05
N ALA A 24 27.25 15.91 -55.66
CA ALA A 24 27.32 16.81 -54.50
C ALA A 24 26.61 18.13 -54.75
N ARG A 25 26.36 18.49 -56.01
CA ARG A 25 25.62 19.71 -56.31
C ARG A 25 24.13 19.55 -56.02
N ASN A 26 23.61 18.33 -56.15
CA ASN A 26 22.20 18.07 -55.93
C ASN A 26 21.88 17.66 -54.50
N ILE A 27 22.87 17.61 -53.62
CA ILE A 27 22.65 17.20 -52.23
C ILE A 27 22.04 18.37 -51.47
N TRP A 28 20.83 18.17 -50.96
CA TRP A 28 20.12 19.17 -50.15
C TRP A 28 19.71 18.49 -48.86
N PRO A 29 20.62 18.39 -47.89
CA PRO A 29 20.34 17.61 -46.68
C PRO A 29 19.25 18.26 -45.84
N LEU A 30 18.25 17.45 -45.47
CA LEU A 30 17.12 17.89 -44.67
C LEU A 30 16.95 16.91 -43.51
N PRO A 31 17.69 17.09 -42.43
CA PRO A 31 17.58 16.18 -41.29
C PRO A 31 16.22 16.28 -40.62
N ILE A 32 15.81 15.18 -39.99
CA ILE A 32 14.53 15.13 -39.30
C ILE A 32 14.58 16.11 -38.13
N ASP A 33 13.62 17.03 -38.09
CA ASP A 33 13.54 18.03 -37.03
C ASP A 33 12.54 17.54 -35.99
N THR A 34 13.05 17.02 -34.88
CA THR A 34 12.18 16.48 -33.85
C THR A 34 11.47 17.59 -33.08
N SER A 35 12.04 18.79 -33.06
CA SER A 35 11.40 19.92 -32.40
C SER A 35 10.14 20.36 -33.13
N LYS A 36 9.95 19.95 -34.38
CA LYS A 36 8.76 20.25 -35.15
C LYS A 36 7.86 19.03 -35.31
N ALA A 37 8.14 17.94 -34.60
CA ALA A 37 7.39 16.69 -34.72
C ALA A 37 7.38 16.21 -36.18
N GLU A 38 8.53 16.28 -36.83
CA GLU A 38 8.61 15.91 -38.24
C GLU A 38 8.60 14.40 -38.40
N GLY A 39 7.68 13.91 -39.22
CA GLY A 39 7.57 12.48 -39.48
C GLY A 39 7.15 11.66 -38.28
N VAL A 40 6.23 12.18 -37.47
CA VAL A 40 5.74 11.48 -36.30
C VAL A 40 4.34 10.97 -36.60
N ILE A 41 4.16 9.65 -36.51
CA ILE A 41 2.86 9.04 -36.73
C ILE A 41 1.97 9.33 -35.52
N TYR A 42 0.81 9.90 -35.76
CA TYR A 42 -0.12 10.16 -34.67
C TYR A 42 -0.65 8.85 -34.12
N PRO A 43 -0.51 8.59 -32.82
CA PRO A 43 -0.97 7.31 -32.27
C PRO A 43 -2.47 7.12 -32.45
N ASN A 44 -2.86 5.89 -32.74
CA ASN A 44 -4.26 5.55 -32.96
C ASN A 44 -5.01 5.23 -31.68
N GLY A 45 -4.31 5.14 -30.54
CA GLY A 45 -5.00 4.80 -29.30
C GLY A 45 -5.97 5.87 -28.83
N LYS A 46 -5.57 7.13 -28.92
CA LYS A 46 -6.40 8.22 -28.43
C LYS A 46 -5.93 9.52 -29.07
N SER A 47 -6.74 10.56 -28.92
CA SER A 47 -6.41 11.90 -29.40
C SER A 47 -6.32 12.81 -28.18
N TYR A 48 -5.14 12.87 -27.58
CA TYR A 48 -4.90 13.66 -26.38
C TYR A 48 -4.72 15.14 -26.73
N SER A 49 -4.76 15.99 -25.71
CA SER A 49 -4.67 17.43 -25.93
C SER A 49 -3.99 18.08 -24.73
N ASN A 50 -3.06 18.98 -25.03
CA ASN A 50 -2.42 19.83 -24.01
C ASN A 50 -1.78 19.01 -22.90
N ILE A 51 -1.00 18.00 -23.28
CA ILE A 51 -0.36 17.13 -22.31
C ILE A 51 0.82 16.45 -23.00
N SER A 52 1.85 16.13 -22.23
CA SER A 52 3.10 15.57 -22.74
C SER A 52 3.23 14.13 -22.25
N LEU A 53 3.30 13.18 -23.19
CA LEU A 53 3.39 11.77 -22.88
C LEU A 53 4.58 11.14 -23.59
N THR A 54 5.12 10.09 -22.99
CA THR A 54 6.12 9.26 -23.64
C THR A 54 5.43 8.13 -24.40
N TYR A 55 5.95 7.80 -25.58
CA TYR A 55 5.35 6.80 -26.44
C TYR A 55 6.43 5.92 -27.03
N THR A 56 6.13 4.63 -27.14
CA THR A 56 7.02 3.66 -27.77
C THR A 56 6.37 3.19 -29.07
N GLY A 57 7.10 3.30 -30.17
CA GLY A 57 6.55 2.93 -31.45
C GLY A 57 7.57 3.12 -32.54
N LEU A 58 7.08 3.20 -33.77
CA LEU A 58 7.94 3.37 -34.94
C LEU A 58 8.11 4.86 -35.20
N TYR A 59 9.29 5.39 -34.90
CA TYR A 59 9.61 6.79 -35.08
C TYR A 59 10.97 6.94 -35.73
N PRO A 60 11.19 8.02 -36.47
CA PRO A 60 12.51 8.26 -37.04
C PRO A 60 13.49 8.77 -36.00
N LYS A 61 14.76 8.46 -36.22
CA LYS A 61 15.82 8.97 -35.35
C LYS A 61 15.98 10.48 -35.53
N ALA A 62 16.34 11.15 -34.44
CA ALA A 62 16.50 12.60 -34.47
C ALA A 62 17.66 12.99 -35.37
N ASN A 63 17.46 14.07 -36.13
CA ASN A 63 18.48 14.60 -37.04
C ASN A 63 18.93 13.55 -38.05
N ASP A 64 17.97 12.76 -38.55
CA ASP A 64 18.26 11.72 -39.53
C ASP A 64 18.18 12.34 -40.92
N LEU A 65 19.26 12.20 -41.69
CA LEU A 65 19.29 12.75 -43.04
C LEU A 65 18.48 11.91 -44.02
N GLY A 66 18.35 10.61 -43.75
CA GLY A 66 17.59 9.77 -44.65
C GLY A 66 18.29 9.58 -45.98
N LYS A 67 17.51 9.16 -46.98
CA LYS A 67 17.98 8.99 -48.34
C LYS A 67 17.19 9.90 -49.26
N GLN A 68 17.90 10.60 -50.13
CA GLN A 68 17.29 11.58 -51.03
C GLN A 68 17.16 10.99 -52.42
N TYR A 69 15.99 11.16 -53.03
CA TYR A 69 15.69 10.67 -54.37
C TYR A 69 15.28 11.83 -55.24
N ILE A 70 15.99 12.02 -56.35
CA ILE A 70 15.75 13.14 -57.26
C ILE A 70 15.25 12.60 -58.59
N PHE A 71 14.16 13.17 -59.08
CA PHE A 71 13.56 12.77 -60.35
C PHE A 71 13.60 13.93 -61.34
N SER A 72 13.74 13.60 -62.61
CA SER A 72 13.83 14.58 -63.69
C SER A 72 12.67 14.41 -64.66
N ASP A 73 12.72 15.15 -65.76
CA ASP A 73 11.71 15.08 -66.81
C ASP A 73 12.40 14.94 -68.16
N GLY A 74 11.70 14.27 -69.08
CA GLY A 74 12.24 14.03 -70.41
C GLY A 74 12.41 15.30 -71.23
N SER A 82 11.09 12.66 -75.34
CA SER A 82 11.79 11.56 -75.98
C SER A 82 12.31 10.56 -74.96
N ARG A 83 13.58 10.20 -75.10
CA ARG A 83 14.20 9.26 -74.16
C ARG A 83 14.23 9.86 -72.76
N LEU A 84 13.87 9.06 -71.78
CA LEU A 84 13.76 9.53 -70.40
C LEU A 84 15.08 9.37 -69.67
N PHE A 85 15.28 10.22 -68.66
CA PHE A 85 16.50 10.22 -67.86
C PHE A 85 16.14 9.87 -66.42
N VAL A 86 16.76 8.82 -65.88
CA VAL A 86 16.49 8.34 -64.53
C VAL A 86 17.79 7.82 -63.92
N SER A 87 17.72 7.50 -62.63
CA SER A 87 18.88 7.03 -61.88
C SER A 87 18.80 5.52 -61.69
N ASN A 88 19.68 5.00 -60.83
CA ASN A 88 19.75 3.57 -60.53
C ASN A 88 18.72 3.13 -59.49
N TYR A 89 17.68 3.93 -59.27
CA TYR A 89 16.76 3.67 -58.18
C TYR A 89 16.03 2.34 -58.36
N SER A 90 15.65 2.01 -59.60
CA SER A 90 14.88 0.79 -59.85
C SER A 90 15.66 -0.48 -59.55
N ARG A 91 16.99 -0.41 -59.44
CA ARG A 91 17.80 -1.59 -59.18
C ARG A 91 18.33 -1.65 -57.75
N GLN A 92 18.14 -0.61 -56.95
CA GLN A 92 18.55 -0.62 -55.56
C GLN A 92 17.41 -1.17 -54.71
N VAL A 93 17.68 -2.25 -53.98
CA VAL A 93 16.68 -2.92 -53.17
C VAL A 93 16.95 -2.56 -51.70
N GLU A 94 16.13 -1.66 -51.17
CA GLU A 94 16.24 -1.29 -49.77
C GLU A 94 15.50 -2.29 -48.89
N THR A 95 15.77 -2.22 -47.59
CA THR A 95 15.22 -3.17 -46.62
C THR A 95 14.08 -2.52 -45.86
N PHE A 96 12.88 -3.09 -46.01
CA PHE A 96 11.70 -2.63 -45.28
C PHE A 96 11.74 -3.29 -43.91
N ASP A 97 12.44 -2.64 -42.98
CA ASP A 97 12.65 -3.24 -41.66
C ASP A 97 11.43 -3.07 -40.76
N ASP A 98 11.05 -1.82 -40.48
CA ASP A 98 9.88 -1.52 -39.68
C ASP A 98 8.97 -0.52 -40.38
N GLY A 99 9.25 -0.19 -41.63
CA GLY A 99 8.53 0.85 -42.36
C GLY A 99 9.44 2.04 -42.61
N PHE A 100 8.85 3.05 -43.27
CA PHE A 100 9.60 4.27 -43.54
C PHE A 100 8.61 5.41 -43.74
N ILE A 101 9.13 6.63 -43.62
CA ILE A 101 8.37 7.84 -43.85
C ILE A 101 8.98 8.59 -45.01
N VAL A 102 8.13 9.27 -45.77
CA VAL A 102 8.54 10.00 -46.97
C VAL A 102 8.19 11.46 -46.78
N ARG A 103 9.19 12.33 -46.93
CA ARG A 103 8.98 13.78 -46.91
C ARG A 103 8.78 14.25 -48.34
N ILE A 104 7.57 14.68 -48.67
CA ILE A 104 7.18 14.99 -50.04
C ILE A 104 7.13 16.49 -50.21
N GLY A 105 7.89 17.01 -51.17
CA GLY A 105 7.79 18.39 -51.57
C GLY A 105 8.09 19.41 -50.49
N ALA A 106 9.18 19.20 -49.74
CA ALA A 106 9.60 20.19 -48.77
C ALA A 106 9.92 21.51 -49.45
N ALA A 107 10.61 21.45 -50.58
CA ALA A 107 10.80 22.61 -51.46
C ALA A 107 9.77 22.52 -52.57
N SER A 108 8.85 23.49 -52.61
CA SER A 108 7.83 23.52 -53.66
C SER A 108 7.58 24.92 -54.18
N ASN A 109 8.40 25.91 -53.80
CA ASN A 109 8.25 27.27 -54.32
C ASN A 109 9.60 27.91 -54.64
N LYS A 110 10.70 27.18 -54.52
CA LYS A 110 12.03 27.71 -54.77
C LYS A 110 12.46 27.43 -56.21
N THR A 111 13.69 27.82 -56.53
CA THR A 111 14.23 27.56 -57.86
C THR A 111 14.65 26.10 -57.99
N GLY A 112 14.48 25.56 -59.20
CA GLY A 112 14.78 24.16 -59.43
C GLY A 112 15.89 23.93 -60.45
N THR A 113 16.81 23.03 -60.12
CA THR A 113 17.91 22.65 -61.01
C THR A 113 17.58 21.29 -61.61
N THR A 114 17.02 21.31 -62.82
CA THR A 114 16.74 20.05 -63.52
C THR A 114 18.04 19.29 -63.76
N VAL A 115 18.03 18.00 -63.42
CA VAL A 115 19.24 17.20 -63.50
C VAL A 115 19.64 16.89 -64.93
N ILE A 116 18.68 16.90 -65.86
CA ILE A 116 19.01 16.67 -67.27
C ILE A 116 19.24 17.99 -68.00
N SER A 117 18.40 18.99 -67.75
CA SER A 117 18.58 20.30 -68.34
C SER A 117 19.72 21.04 -67.64
N GLN A 118 20.11 22.17 -68.22
CA GLN A 118 21.22 22.94 -67.69
C GLN A 118 20.90 24.43 -67.76
N SER A 119 21.47 25.18 -66.81
CA SER A 119 21.35 26.65 -66.76
C SER A 119 19.89 27.10 -66.76
N THR A 120 19.05 26.40 -66.01
CA THR A 120 17.64 26.74 -65.90
C THR A 120 17.20 26.65 -64.45
N ASN A 121 16.35 27.59 -64.03
CA ASN A 121 15.83 27.63 -62.67
C ASN A 121 14.31 27.79 -62.74
N ARG A 122 13.61 26.66 -62.89
CA ARG A 122 12.16 26.61 -62.91
C ARG A 122 11.62 26.52 -61.48
N PRO A 123 10.43 27.06 -61.22
CA PRO A 123 9.80 26.86 -59.91
C PRO A 123 9.59 25.37 -59.63
N ILE A 124 9.83 24.98 -58.39
CA ILE A 124 9.83 23.58 -58.01
C ILE A 124 8.40 23.13 -57.74
N LYS A 125 8.06 21.92 -58.20
CA LYS A 125 6.75 21.32 -57.96
C LYS A 125 6.93 19.96 -57.29
N LYS A 126 6.09 19.69 -56.29
CA LYS A 126 6.21 18.45 -55.52
C LYS A 126 5.72 17.25 -56.34
N ILE A 127 6.24 16.07 -55.98
CA ILE A 127 5.94 14.82 -56.66
C ILE A 127 5.64 13.75 -55.62
N TYR A 128 4.70 12.87 -55.94
CA TYR A 128 4.38 11.74 -55.07
C TYR A 128 5.22 10.53 -55.45
N PRO A 129 5.92 9.91 -54.50
CA PRO A 129 6.79 8.79 -54.84
C PRO A 129 5.99 7.54 -55.20
N ALA A 130 6.63 6.67 -55.98
CA ALA A 130 6.07 5.39 -56.38
C ALA A 130 6.96 4.28 -55.84
N PHE A 131 6.34 3.27 -55.22
CA PHE A 131 7.08 2.21 -54.55
C PHE A 131 6.65 0.85 -55.07
N MET A 132 7.56 -0.11 -54.96
CA MET A 132 7.28 -1.52 -55.25
C MET A 132 7.75 -2.32 -54.05
N LEU A 133 6.82 -2.75 -53.21
CA LEU A 133 7.13 -3.46 -51.98
C LEU A 133 6.74 -4.93 -52.14
N GLY A 134 7.67 -5.82 -51.79
CA GLY A 134 7.44 -7.25 -51.93
C GLY A 134 8.14 -8.02 -50.85
N HIS A 135 7.93 -9.34 -50.87
CA HIS A 135 8.49 -10.25 -49.88
C HIS A 135 9.81 -10.86 -50.33
N SER A 136 9.93 -11.23 -51.60
CA SER A 136 11.16 -11.80 -52.15
C SER A 136 11.59 -10.98 -53.36
N VAL A 137 12.90 -10.89 -53.58
CA VAL A 137 13.48 -10.12 -54.66
C VAL A 137 14.41 -11.01 -55.46
N GLY A 138 14.61 -10.64 -56.72
CA GLY A 138 15.46 -11.42 -57.60
C GLY A 138 15.96 -10.61 -58.76
N ASN A 139 16.40 -11.32 -59.80
CA ASN A 139 16.99 -10.72 -60.99
C ASN A 139 15.98 -10.70 -62.13
N TYR A 140 16.14 -9.73 -63.02
CA TYR A 140 15.46 -9.78 -64.30
C TYR A 140 16.18 -10.76 -65.23
N THR A 141 15.41 -11.59 -65.93
CA THR A 141 15.99 -12.73 -66.64
C THR A 141 16.97 -12.31 -67.75
N PRO A 142 16.61 -11.42 -68.67
CA PRO A 142 17.53 -11.15 -69.80
C PRO A 142 18.73 -10.28 -69.44
N THR A 143 18.71 -9.59 -68.30
CA THR A 143 19.77 -8.65 -67.96
C THR A 143 20.49 -8.97 -66.66
N ASN A 144 19.93 -9.84 -65.81
CA ASN A 144 20.51 -10.22 -64.52
C ASN A 144 20.64 -9.03 -63.56
N ILE A 145 19.91 -7.95 -63.81
CA ILE A 145 19.98 -6.77 -62.96
C ILE A 145 19.02 -6.94 -61.78
N THR A 146 19.51 -6.66 -60.58
CA THR A 146 18.71 -6.83 -59.38
C THR A 146 17.57 -5.83 -59.33
N GLY A 147 16.52 -6.20 -58.61
CA GLY A 147 15.39 -5.31 -58.42
C GLY A 147 14.07 -5.87 -58.93
N ARG A 148 14.03 -7.16 -59.23
CA ARG A 148 12.82 -7.82 -59.71
C ARG A 148 12.11 -8.48 -58.54
N TYR A 149 10.81 -8.20 -58.40
CA TYR A 149 10.02 -8.70 -57.29
C TYR A 149 9.22 -9.91 -57.73
N LEU A 150 9.44 -11.03 -57.04
CA LEU A 150 8.77 -12.28 -57.36
C LEU A 150 7.50 -12.43 -56.52
N ASN A 151 6.60 -13.28 -56.99
CA ASN A 151 5.33 -13.56 -56.31
C ASN A 151 4.50 -12.29 -56.21
N HIS A 152 3.46 -12.31 -55.37
CA HIS A 152 2.63 -11.13 -55.16
C HIS A 152 3.47 -9.95 -54.69
N THR A 153 3.24 -8.79 -55.31
CA THR A 153 4.01 -7.58 -55.02
C THR A 153 3.04 -6.44 -54.80
N LEU A 154 3.29 -5.63 -53.77
CA LEU A 154 2.47 -4.47 -53.47
C LEU A 154 3.08 -3.25 -54.15
N VAL A 155 2.28 -2.54 -54.92
CA VAL A 155 2.73 -1.40 -55.73
C VAL A 155 1.92 -0.18 -55.35
N ILE A 156 2.60 0.87 -54.89
CA ILE A 156 1.99 2.17 -54.65
C ILE A 156 2.32 3.06 -55.85
N LEU A 157 1.29 3.55 -56.53
CA LEU A 157 1.51 4.28 -57.78
C LEU A 157 0.64 5.53 -57.85
N PRO A 158 1.24 6.72 -57.82
CA PRO A 158 0.45 7.94 -58.02
C PRO A 158 -0.09 8.01 -59.44
N ASP A 159 -1.23 8.68 -59.58
CA ASP A 159 -1.91 8.76 -60.86
C ASP A 159 -2.76 10.03 -60.88
N GLY A 160 -3.57 10.18 -61.92
CA GLY A 160 -4.39 11.37 -62.08
C GLY A 160 -3.58 12.64 -62.18
N CYS A 161 -2.41 12.58 -62.81
CA CYS A 161 -1.49 13.72 -62.91
C CYS A 161 -1.06 14.22 -61.54
N GLY A 162 -1.23 13.38 -60.51
CA GLY A 162 -0.90 13.74 -59.16
C GLY A 162 -2.08 13.92 -58.21
N THR A 163 -3.30 13.57 -58.63
CA THR A 163 -4.48 13.73 -57.79
C THR A 163 -5.03 12.40 -57.29
N LEU A 164 -4.38 11.29 -57.57
CA LEU A 164 -4.86 9.98 -57.16
C LEU A 164 -3.67 9.03 -57.05
N VAL A 165 -3.75 8.12 -56.08
CA VAL A 165 -2.69 7.16 -55.81
C VAL A 165 -3.28 5.75 -55.95
N HIS A 166 -2.61 4.90 -56.72
CA HIS A 166 -3.05 3.53 -56.93
C HIS A 166 -2.30 2.59 -56.01
N ALA A 167 -3.04 1.77 -55.28
CA ALA A 167 -2.47 0.76 -54.39
C ALA A 167 -3.03 -0.60 -54.76
N PHE A 168 -2.17 -1.50 -55.23
CA PHE A 168 -2.57 -2.85 -55.58
C PHE A 168 -1.46 -3.82 -55.23
N TYR A 169 -1.83 -5.09 -55.11
CA TYR A 169 -0.93 -6.14 -54.60
C TYR A 169 -1.12 -7.39 -55.43
N CYS A 170 -0.14 -7.69 -56.28
CA CYS A 170 -0.23 -8.83 -57.18
C CYS A 170 1.08 -9.04 -57.93
N ILE A 171 1.13 -10.15 -58.67
CA ILE A 171 2.36 -10.61 -59.30
C ILE A 171 2.68 -9.73 -60.50
N LEU A 172 3.93 -9.28 -60.58
CA LEU A 172 4.42 -8.47 -61.69
C LEU A 172 5.10 -9.41 -62.68
N GLN A 173 4.32 -9.92 -63.63
CA GLN A 173 4.87 -10.79 -64.66
C GLN A 173 5.55 -9.95 -65.74
N PRO A 174 6.86 -10.06 -65.91
CA PRO A 174 7.55 -9.23 -66.91
C PRO A 174 7.17 -9.63 -68.32
N ARG A 175 7.17 -8.64 -69.21
CA ARG A 175 6.82 -8.86 -70.60
C ARG A 175 8.08 -9.16 -71.41
N THR A 176 7.96 -9.20 -72.74
CA THR A 176 9.07 -9.49 -73.61
C THR A 176 9.33 -8.42 -74.67
N GLN A 177 8.38 -7.52 -74.89
CA GLN A 177 8.57 -6.45 -75.87
C GLN A 177 9.71 -5.53 -75.43
N ALA A 178 10.36 -4.92 -76.41
CA ALA A 178 11.56 -4.15 -76.16
C ALA A 178 11.25 -2.96 -75.25
N TYR A 179 12.27 -2.58 -74.46
CA TYR A 179 12.24 -1.49 -73.48
C TYR A 179 11.34 -1.79 -72.28
N CYS A 180 10.64 -2.92 -72.28
CA CYS A 180 9.79 -3.32 -71.17
C CYS A 180 10.54 -4.26 -70.24
N ALA A 181 10.01 -4.42 -69.03
CA ALA A 181 10.64 -5.31 -68.06
C ALA A 181 10.57 -6.75 -68.55
N GLY A 182 11.64 -7.49 -68.31
CA GLY A 182 11.74 -8.85 -68.80
C GLY A 182 12.21 -8.98 -70.24
N ALA A 183 12.74 -7.91 -70.82
CA ALA A 183 13.28 -7.93 -72.18
C ALA A 183 14.78 -7.65 -72.13
N SER A 184 15.44 -7.90 -73.27
CA SER A 184 16.88 -7.69 -73.35
C SER A 184 17.22 -6.21 -73.34
N THR A 185 16.32 -5.35 -73.81
CA THR A 185 16.55 -3.91 -73.85
C THR A 185 15.93 -3.19 -72.67
N PHE A 186 15.85 -3.87 -71.52
CA PHE A 186 15.27 -3.29 -70.31
C PHE A 186 16.36 -2.65 -69.47
N THR A 187 16.12 -1.41 -69.04
CA THR A 187 17.07 -0.67 -68.23
C THR A 187 16.55 -0.42 -66.82
N SER A 188 15.36 0.18 -66.69
CA SER A 188 14.77 0.44 -65.39
C SER A 188 13.26 0.58 -65.57
N VAL A 189 12.53 0.41 -64.47
CA VAL A 189 11.08 0.54 -64.50
C VAL A 189 10.70 1.99 -64.28
N THR A 190 10.69 2.76 -65.36
CA THR A 190 10.31 4.16 -65.30
C THR A 190 8.86 4.33 -65.73
N VAL A 191 8.16 5.23 -65.07
CA VAL A 191 6.76 5.53 -65.38
C VAL A 191 6.64 7.02 -65.66
N TRP A 192 5.96 7.36 -66.77
CA TRP A 192 5.92 8.71 -67.28
C TRP A 192 4.52 9.28 -67.12
N ASP A 193 4.43 10.51 -66.61
CA ASP A 193 3.15 11.19 -66.50
C ASP A 193 2.67 11.72 -67.85
N THR A 194 3.58 12.26 -68.65
CA THR A 194 3.29 12.86 -69.96
C THR A 194 2.18 13.90 -69.85
N PRO A 195 2.46 15.07 -69.28
CA PRO A 195 1.41 16.10 -69.14
C PRO A 195 1.16 16.91 -70.41
N ALA A 196 1.80 16.55 -71.53
CA ALA A 196 1.61 17.28 -72.79
C ALA A 196 0.36 16.76 -73.48
N SER A 197 -0.79 17.13 -72.92
CA SER A 197 -2.14 16.79 -73.38
C SER A 197 -2.46 15.31 -73.23
N ASP A 198 -1.53 14.49 -72.76
CA ASP A 198 -1.81 13.09 -72.49
C ASP A 198 -2.31 12.85 -71.07
N CYS A 199 -2.29 13.89 -70.23
CA CYS A 199 -2.88 13.84 -68.90
C CYS A 199 -4.02 14.85 -68.73
N ALA A 200 -4.26 15.69 -69.73
CA ALA A 200 -5.22 16.79 -69.64
C ALA A 200 -4.88 17.70 -68.45
N ASN A 201 -3.60 18.07 -68.36
CA ASN A 201 -3.16 18.95 -67.27
C ASN A 201 -3.81 20.32 -67.37
N SER A 202 -3.95 20.84 -68.59
CA SER A 202 -4.65 22.10 -68.78
C SER A 202 -6.11 21.99 -68.35
N GLN A 203 -6.74 20.87 -68.68
CA GLN A 203 -8.10 20.59 -68.25
C GLN A 203 -8.05 19.99 -66.83
N SER A 204 -9.18 19.43 -66.38
CA SER A 204 -9.19 18.75 -65.10
C SER A 204 -8.34 17.48 -65.15
N TYR A 205 -7.67 17.18 -64.05
CA TYR A 205 -6.75 16.05 -64.00
C TYR A 205 -7.55 14.74 -63.91
N ASN A 206 -7.52 13.97 -64.99
CA ASN A 206 -8.18 12.65 -64.99
C ASN A 206 -7.52 11.81 -66.08
N GLN A 207 -6.72 10.83 -65.67
CA GLN A 207 -6.04 9.93 -66.60
C GLN A 207 -5.51 8.73 -65.82
N LEU A 208 -5.14 7.70 -66.57
CA LEU A 208 -4.53 6.49 -66.04
C LEU A 208 -3.17 6.24 -66.70
N ALA A 209 -2.44 7.32 -66.96
CA ALA A 209 -1.18 7.20 -67.70
C ALA A 209 -0.14 6.40 -66.90
N ASN A 210 -0.05 6.65 -65.59
CA ASN A 210 0.95 5.96 -64.78
C ASN A 210 0.68 4.45 -64.73
N LEU A 211 -0.58 4.09 -64.46
CA LEU A 211 -0.95 2.68 -64.41
C LEU A 211 -0.77 2.02 -65.77
N ASN A 212 -1.09 2.74 -66.84
CA ASN A 212 -0.91 2.19 -68.18
C ASN A 212 0.56 1.94 -68.48
N ALA A 213 1.45 2.86 -68.07
CA ALA A 213 2.87 2.64 -68.24
C ALA A 213 3.35 1.44 -67.45
N PHE A 214 2.89 1.30 -66.21
CA PHE A 214 3.27 0.14 -65.40
C PHE A 214 2.78 -1.16 -66.03
N LYS A 215 1.56 -1.15 -66.56
CA LYS A 215 1.03 -2.32 -67.26
C LYS A 215 1.81 -2.61 -68.53
N LEU A 216 2.36 -1.58 -69.16
CA LEU A 216 3.30 -1.79 -70.26
C LEU A 216 4.55 -2.50 -69.78
N TYR A 217 5.04 -2.11 -68.60
CA TYR A 217 6.25 -2.73 -68.06
C TYR A 217 5.98 -4.15 -67.56
N PHE A 218 4.89 -4.36 -66.83
CA PHE A 218 4.60 -5.63 -66.19
C PHE A 218 3.20 -6.11 -66.51
N ASP A 219 3.01 -7.42 -66.44
CA ASP A 219 1.70 -8.04 -66.59
C ASP A 219 1.12 -8.32 -65.21
N LEU A 220 -0.05 -7.75 -64.92
CA LEU A 220 -0.68 -7.86 -63.62
C LEU A 220 -1.70 -9.00 -63.67
N ILE A 221 -1.41 -10.08 -62.96
CA ILE A 221 -2.24 -11.28 -62.98
C ILE A 221 -2.51 -11.73 -61.54
N ASN A 222 -3.68 -12.34 -61.34
CA ASN A 222 -4.07 -12.90 -60.05
C ASN A 222 -3.98 -11.85 -58.94
N CYS A 223 -4.75 -10.78 -59.08
CA CYS A 223 -4.50 -9.57 -58.32
C CYS A 223 -5.56 -9.44 -57.23
N THR A 224 -5.13 -9.47 -55.97
CA THR A 224 -6.04 -9.63 -54.84
C THR A 224 -6.89 -8.39 -54.62
N PHE A 225 -6.27 -7.21 -54.62
CA PHE A 225 -7.03 -5.99 -54.37
C PHE A 225 -6.45 -4.85 -55.18
N ARG A 226 -7.25 -3.79 -55.31
CA ARG A 226 -6.84 -2.59 -56.05
C ARG A 226 -7.67 -1.43 -55.51
N TYR A 227 -7.07 -0.61 -54.65
CA TYR A 227 -7.71 0.59 -54.16
C TYR A 227 -7.02 1.83 -54.73
N ASN A 228 -7.70 2.96 -54.60
CA ASN A 228 -7.13 4.25 -54.94
C ASN A 228 -7.69 5.30 -54.00
N TYR A 229 -6.91 6.36 -53.78
CA TYR A 229 -7.27 7.41 -52.84
C TYR A 229 -7.05 8.76 -53.49
N THR A 230 -8.07 9.62 -53.44
CA THR A 230 -7.98 10.93 -54.07
C THR A 230 -7.03 11.83 -53.30
N ILE A 231 -6.25 12.62 -54.05
CA ILE A 231 -5.31 13.58 -53.47
C ILE A 231 -5.69 14.96 -53.99
N THR A 232 -5.89 15.90 -53.08
CA THR A 232 -6.20 17.27 -53.46
C THR A 232 -4.97 17.92 -54.08
N GLU A 233 -5.15 18.58 -55.22
CA GLU A 233 -4.04 19.19 -55.94
C GLU A 233 -3.58 20.44 -55.19
N ASP A 234 -2.55 20.28 -54.35
CA ASP A 234 -2.00 21.39 -53.60
C ASP A 234 -0.49 21.48 -53.82
N GLU A 235 0.18 22.36 -53.07
CA GLU A 235 1.62 22.50 -53.16
C GLU A 235 2.29 22.50 -51.78
N ASN A 236 1.54 22.25 -50.72
CA ASN A 236 2.12 22.20 -49.39
C ASN A 236 3.00 20.96 -49.24
N ALA A 237 3.95 21.05 -48.32
CA ALA A 237 4.81 19.90 -48.03
C ALA A 237 3.98 18.79 -47.41
N GLU A 238 4.19 17.57 -47.91
CA GLU A 238 3.42 16.42 -47.48
C GLU A 238 4.31 15.41 -46.78
N TRP A 239 3.67 14.53 -46.01
CA TRP A 239 4.34 13.44 -45.32
C TRP A 239 3.57 12.15 -45.57
N PHE A 240 4.30 11.13 -46.00
CA PHE A 240 3.71 9.82 -46.28
C PHE A 240 4.48 8.75 -45.51
N GLY A 241 3.75 7.84 -44.89
CA GLY A 241 4.37 6.77 -44.13
C GLY A 241 3.69 5.45 -44.39
N ILE A 242 4.44 4.37 -44.16
CA ILE A 242 3.95 3.02 -44.39
C ILE A 242 4.56 2.09 -43.35
N THR A 243 3.71 1.28 -42.71
CA THR A 243 4.15 0.23 -41.79
C THR A 243 3.26 -0.99 -41.98
N GLN A 244 3.72 -2.12 -41.47
CA GLN A 244 2.98 -3.38 -41.57
C GLN A 244 2.94 -4.07 -40.22
N ASP A 245 1.75 -4.57 -39.87
CA ASP A 245 1.56 -5.37 -38.66
C ASP A 245 0.57 -6.49 -38.99
N THR A 246 0.05 -7.14 -37.94
CA THR A 246 -0.83 -8.29 -38.15
C THR A 246 -2.11 -7.91 -38.89
N GLN A 247 -2.55 -6.66 -38.78
CA GLN A 247 -3.75 -6.21 -39.45
C GLN A 247 -3.53 -5.86 -40.92
N GLY A 248 -2.29 -5.92 -41.41
CA GLY A 248 -1.99 -5.61 -42.79
C GLY A 248 -0.92 -4.53 -42.90
N VAL A 249 -0.96 -3.81 -44.02
CA VAL A 249 -0.02 -2.73 -44.29
C VAL A 249 -0.75 -1.41 -44.09
N HIS A 250 -0.21 -0.56 -43.23
CA HIS A 250 -0.86 0.71 -42.87
C HIS A 250 -0.17 1.85 -43.60
N LEU A 251 -0.98 2.73 -44.18
CA LEU A 251 -0.48 3.91 -44.89
C LEU A 251 -0.86 5.16 -44.10
N TYR A 252 0.09 6.07 -43.94
CA TYR A 252 -0.10 7.28 -43.16
C TYR A 252 0.14 8.50 -44.03
N SER A 253 -0.67 9.54 -43.83
CA SER A 253 -0.56 10.77 -44.59
C SER A 253 -0.88 11.96 -43.71
N SER A 254 -0.10 13.03 -43.86
CA SER A 254 -0.40 14.26 -43.15
C SER A 254 -1.61 14.97 -43.77
N ARG A 255 -1.85 14.75 -45.07
CA ARG A 255 -3.00 15.33 -45.74
C ARG A 255 -4.33 14.84 -45.19
N LYS A 256 -4.33 13.66 -44.55
CA LYS A 256 -5.58 13.02 -44.12
C LYS A 256 -6.39 13.93 -43.21
N GLU A 257 -5.85 14.29 -42.05
CA GLU A 257 -6.60 15.10 -41.10
C GLU A 257 -6.38 16.60 -41.31
N ASN A 258 -5.14 17.02 -41.52
CA ASN A 258 -4.83 18.43 -41.71
C ASN A 258 -3.55 18.54 -42.52
N VAL A 259 -3.68 18.86 -43.80
CA VAL A 259 -2.51 19.05 -44.65
C VAL A 259 -1.66 20.23 -44.21
N PHE A 260 -2.19 21.10 -43.36
CA PHE A 260 -1.45 22.23 -42.81
C PHE A 260 -0.68 21.86 -41.55
N ARG A 261 -0.70 20.60 -41.15
CA ARG A 261 0.00 20.11 -39.97
C ARG A 261 1.09 19.14 -40.39
N ASN A 262 1.86 18.68 -39.39
CA ASN A 262 3.01 17.81 -39.63
C ASN A 262 2.81 16.40 -39.11
N ASN A 263 1.58 16.04 -38.70
CA ASN A 263 1.31 14.73 -38.13
C ASN A 263 0.75 13.81 -39.20
N MET A 264 1.29 12.59 -39.26
CA MET A 264 0.84 11.58 -40.22
C MET A 264 -0.25 10.74 -39.56
N PHE A 265 -1.44 10.76 -40.14
CA PHE A 265 -2.57 10.02 -39.62
C PHE A 265 -2.87 8.80 -40.50
N HIS A 266 -3.27 7.71 -39.86
CA HIS A 266 -3.63 6.50 -40.60
C HIS A 266 -4.84 6.75 -41.49
N PHE A 267 -4.74 6.33 -42.75
CA PHE A 267 -5.84 6.51 -43.70
C PHE A 267 -6.16 5.28 -44.53
N ALA A 268 -5.35 4.22 -44.47
CA ALA A 268 -5.61 3.04 -45.26
C ALA A 268 -4.94 1.83 -44.62
N THR A 269 -5.63 0.69 -44.67
CA THR A 269 -5.07 -0.60 -44.27
C THR A 269 -5.15 -1.54 -45.46
N LEU A 270 -4.01 -2.12 -45.83
CA LEU A 270 -3.94 -2.96 -47.00
C LEU A 270 -3.84 -4.42 -46.60
N PRO A 271 -4.72 -5.29 -47.12
CA PRO A 271 -4.66 -6.71 -46.73
C PRO A 271 -3.44 -7.43 -47.30
N VAL A 272 -2.26 -7.02 -46.84
CA VAL A 272 -1.01 -7.68 -47.18
C VAL A 272 -0.47 -8.23 -45.87
N TYR A 273 -0.79 -9.48 -45.57
CA TYR A 273 -0.49 -10.05 -44.26
C TYR A 273 0.86 -10.72 -44.21
N GLN A 274 1.38 -11.19 -45.33
CA GLN A 274 2.75 -11.70 -45.37
C GLN A 274 3.73 -10.55 -45.14
N LYS A 275 4.87 -10.88 -44.53
CA LYS A 275 5.82 -9.86 -44.14
C LYS A 275 6.49 -9.24 -45.36
N ILE A 276 6.51 -7.92 -45.41
CA ILE A 276 7.20 -7.18 -46.46
C ILE A 276 8.63 -6.95 -46.02
N LEU A 277 9.59 -7.37 -46.86
CA LEU A 277 10.99 -7.31 -46.52
C LEU A 277 11.79 -6.32 -47.36
N TYR A 278 11.30 -5.94 -48.53
CA TYR A 278 12.04 -5.08 -49.44
C TYR A 278 11.10 -4.05 -50.05
N TYR A 279 11.67 -2.92 -50.45
CA TYR A 279 10.95 -1.91 -51.20
C TYR A 279 11.93 -1.20 -52.13
N THR A 280 11.45 -0.87 -53.33
CA THR A 280 12.24 -0.13 -54.31
C THR A 280 11.46 1.11 -54.74
N VAL A 281 12.17 2.21 -54.90
CA VAL A 281 11.57 3.45 -55.39
C VAL A 281 11.47 3.36 -56.90
N ILE A 282 10.26 3.46 -57.44
CA ILE A 282 10.06 3.41 -58.88
C ILE A 282 10.45 4.76 -59.46
N PRO A 283 11.45 4.82 -60.34
CA PRO A 283 11.84 6.09 -60.93
C PRO A 283 10.70 6.69 -61.74
N ARG A 284 10.56 8.01 -61.67
CA ARG A 284 9.53 8.72 -62.42
C ARG A 284 10.19 9.79 -63.27
N SER A 285 9.97 9.72 -64.58
CA SER A 285 10.46 10.71 -65.53
C SER A 285 9.28 11.11 -66.40
N ILE A 286 8.74 12.31 -66.15
CA ILE A 286 7.55 12.77 -66.86
C ILE A 286 7.98 13.42 -68.17
N ARG A 287 7.07 13.41 -69.15
CA ARG A 287 7.40 13.87 -70.50
C ARG A 287 6.89 15.29 -70.69
N SER A 288 7.72 16.25 -70.26
CA SER A 288 7.43 17.66 -70.46
C SER A 288 8.16 18.15 -71.70
N PRO A 289 7.47 18.73 -72.68
CA PRO A 289 8.16 19.27 -73.84
C PRO A 289 8.97 20.51 -73.46
N PHE A 290 9.87 20.89 -74.38
CA PHE A 290 10.73 22.05 -74.14
C PHE A 290 9.93 23.34 -73.99
N ASN A 291 8.70 23.37 -74.50
CA ASN A 291 7.87 24.56 -74.35
C ASN A 291 7.51 24.82 -72.90
N ASP A 292 7.17 23.76 -72.15
CA ASP A 292 6.71 23.89 -70.77
C ASP A 292 7.43 22.91 -69.86
N ARG A 293 8.75 22.79 -70.02
CA ARG A 293 9.53 21.93 -69.14
C ARG A 293 9.58 22.50 -67.73
N LYS A 294 9.53 21.63 -66.74
CA LYS A 294 9.51 22.03 -65.34
C LYS A 294 10.54 21.23 -64.55
N ALA A 295 11.00 21.82 -63.45
CA ALA A 295 11.90 21.15 -62.52
C ALA A 295 11.09 20.68 -61.32
N TRP A 296 11.10 19.37 -61.09
CA TRP A 296 10.28 18.77 -60.04
C TRP A 296 11.08 18.63 -58.75
N ALA A 297 10.36 18.38 -57.67
CA ALA A 297 10.94 18.32 -56.33
C ALA A 297 11.62 16.98 -56.10
N ALA A 298 12.11 16.78 -54.88
CA ALA A 298 12.71 15.52 -54.46
C ALA A 298 12.09 15.12 -53.13
N PHE A 299 11.98 13.82 -52.91
CA PHE A 299 11.43 13.28 -51.67
C PHE A 299 12.51 12.53 -50.90
N TYR A 300 12.40 12.59 -49.58
CA TYR A 300 13.37 11.98 -48.67
C TYR A 300 12.71 10.84 -47.91
N ILE A 301 13.42 9.73 -47.79
CA ILE A 301 12.92 8.54 -47.12
C ILE A 301 13.72 8.34 -45.85
N TYR A 302 13.02 8.31 -44.71
CA TYR A 302 13.65 8.10 -43.41
C TYR A 302 13.12 6.79 -42.84
N LYS A 303 14.04 5.94 -42.38
CA LYS A 303 13.65 4.66 -41.82
C LYS A 303 12.98 4.84 -40.46
N LEU A 304 12.00 4.00 -40.18
CA LEU A 304 11.30 4.01 -38.91
C LEU A 304 11.92 2.99 -37.96
N HIS A 305 12.26 3.44 -36.75
CA HIS A 305 12.90 2.61 -35.76
C HIS A 305 11.99 2.45 -34.55
N PRO A 306 12.07 1.32 -33.83
CA PRO A 306 11.33 1.22 -32.57
C PRO A 306 12.02 2.04 -31.49
N LEU A 307 11.42 3.18 -31.15
CA LEU A 307 12.04 4.14 -30.26
C LEU A 307 11.01 4.70 -29.29
N THR A 308 11.49 5.16 -28.13
CA THR A 308 10.65 5.87 -27.19
C THR A 308 10.67 7.35 -27.53
N TYR A 309 9.48 7.95 -27.62
CA TYR A 309 9.34 9.35 -28.00
C TYR A 309 8.47 10.07 -26.98
N LEU A 310 8.86 11.30 -26.65
CA LEU A 310 8.08 12.18 -25.79
C LEU A 310 7.33 13.14 -26.69
N LEU A 311 6.02 12.92 -26.81
CA LEU A 311 5.18 13.71 -27.71
C LEU A 311 4.44 14.79 -26.92
N ASN A 312 4.42 15.99 -27.47
CA ASN A 312 3.69 17.11 -26.90
C ASN A 312 2.47 17.38 -27.78
N PHE A 313 1.29 17.32 -27.18
CA PHE A 313 0.04 17.49 -27.90
C PHE A 313 -0.46 18.91 -27.74
N ASP A 314 -0.83 19.54 -28.85
CA ASP A 314 -1.31 20.90 -28.83
C ASP A 314 -2.69 20.99 -28.16
N VAL A 315 -3.14 22.23 -27.94
CA VAL A 315 -4.49 22.44 -27.45
C VAL A 315 -5.53 21.97 -28.46
N GLU A 316 -5.16 21.88 -29.73
CA GLU A 316 -6.02 21.34 -30.77
C GLU A 316 -5.86 19.84 -30.96
N GLY A 317 -5.01 19.19 -30.14
CA GLY A 317 -4.82 17.77 -30.20
C GLY A 317 -3.71 17.29 -31.11
N TYR A 318 -3.00 18.20 -31.78
CA TYR A 318 -1.95 17.82 -32.71
C TYR A 318 -0.60 17.81 -32.03
N ILE A 319 0.27 16.91 -32.46
CA ILE A 319 1.62 16.83 -31.91
C ILE A 319 2.45 17.96 -32.53
N THR A 320 2.78 18.97 -31.71
CA THR A 320 3.54 20.12 -32.20
C THR A 320 5.05 19.92 -32.08
N LYS A 321 5.50 19.20 -31.06
CA LYS A 321 6.92 18.92 -30.90
C LYS A 321 7.09 17.54 -30.28
N ALA A 322 8.26 16.95 -30.49
CA ALA A 322 8.56 15.63 -29.98
C ALA A 322 10.00 15.60 -29.49
N VAL A 323 10.32 14.59 -28.69
CA VAL A 323 11.66 14.37 -28.18
C VAL A 323 12.06 12.94 -28.47
N ASP A 324 13.22 12.77 -29.10
CA ASP A 324 13.81 11.44 -29.31
C ASP A 324 14.55 11.06 -28.03
N CYS A 325 13.95 10.14 -27.26
CA CYS A 325 14.41 9.93 -25.89
C CYS A 325 15.86 9.48 -25.83
N GLY A 326 16.26 8.59 -26.72
CA GLY A 326 17.63 8.08 -26.70
C GLY A 326 18.65 8.89 -27.46
N TYR A 327 18.25 10.01 -28.07
CA TYR A 327 19.18 10.77 -28.90
C TYR A 327 20.22 11.50 -28.06
N ASP A 328 19.78 12.17 -27.00
CA ASP A 328 20.65 13.05 -26.24
C ASP A 328 20.42 12.87 -24.74
N ASP A 329 21.40 13.31 -23.96
CA ASP A 329 21.26 13.28 -22.51
C ASP A 329 20.22 14.28 -22.03
N PHE A 330 20.14 15.43 -22.69
CA PHE A 330 19.04 16.35 -22.42
C PHE A 330 17.71 15.73 -22.81
N ALA A 331 17.69 14.97 -23.91
CA ALA A 331 16.50 14.25 -24.30
C ALA A 331 16.12 13.19 -23.27
N GLN A 332 17.13 12.50 -22.72
CA GLN A 332 16.85 11.54 -21.65
C GLN A 332 16.31 12.23 -20.42
N LEU A 333 16.81 13.44 -20.12
CA LEU A 333 16.26 14.22 -19.02
C LEU A 333 14.81 14.58 -19.27
N GLN A 334 14.49 15.00 -20.49
CA GLN A 334 13.12 15.38 -20.82
C GLN A 334 12.18 14.17 -20.73
N CYS A 335 12.64 13.02 -21.21
CA CYS A 335 11.78 11.83 -21.21
C CYS A 335 11.63 11.21 -19.83
N SER A 336 12.68 11.24 -19.00
CA SER A 336 12.59 10.65 -17.67
C SER A 336 11.58 11.37 -16.81
N TYR A 337 11.57 12.71 -16.87
CA TYR A 337 10.61 13.51 -16.13
C TYR A 337 9.37 13.86 -16.93
N GLU A 338 9.33 13.46 -18.21
CA GLU A 338 8.18 13.71 -19.09
C GLU A 338 7.81 15.19 -19.12
N ASN A 339 8.83 16.04 -19.26
CA ASN A 339 8.63 17.49 -19.24
C ASN A 339 9.48 18.11 -20.34
N PHE A 340 8.82 18.72 -21.32
CA PHE A 340 9.55 19.46 -22.35
C PHE A 340 10.30 20.64 -21.77
N ASP A 341 9.67 21.37 -20.85
CA ASP A 341 10.27 22.53 -20.20
C ASP A 341 10.73 22.11 -18.80
N VAL A 342 12.02 21.83 -18.67
CA VAL A 342 12.62 21.43 -17.40
C VAL A 342 13.39 22.61 -16.84
N GLU A 343 13.22 22.87 -15.56
CA GLU A 343 13.90 24.00 -14.92
C GLU A 343 15.38 23.68 -14.72
N THR A 344 16.13 24.72 -14.41
CA THR A 344 17.56 24.58 -14.16
C THR A 344 17.81 23.69 -12.95
N GLY A 345 18.73 22.74 -13.09
CA GLY A 345 19.05 21.86 -11.99
C GLY A 345 19.90 20.70 -12.46
N VAL A 346 20.19 19.81 -11.52
CA VAL A 346 20.93 18.58 -11.78
C VAL A 346 19.99 17.42 -11.55
N TYR A 347 19.82 16.58 -12.55
CA TYR A 347 18.79 15.54 -12.54
C TYR A 347 19.42 14.17 -12.74
N SER A 348 18.86 13.17 -12.05
CA SER A 348 19.19 11.78 -12.32
C SER A 348 18.25 11.27 -13.40
N VAL A 349 18.82 10.77 -14.50
CA VAL A 349 18.04 10.43 -15.68
C VAL A 349 18.13 8.92 -15.92
N SER A 350 17.13 8.42 -16.65
CA SER A 350 17.07 7.01 -17.03
C SER A 350 17.74 6.80 -18.38
N SER A 351 17.85 5.54 -18.76
CA SER A 351 18.45 5.15 -20.04
C SER A 351 17.34 4.75 -21.00
N PHE A 352 17.28 5.43 -22.15
CA PHE A 352 16.28 5.15 -23.17
C PHE A 352 16.87 4.58 -24.46
N GLU A 353 18.19 4.57 -24.60
CA GLU A 353 18.81 3.98 -25.78
C GLU A 353 18.82 2.47 -25.68
N ALA A 354 18.40 1.81 -26.75
CA ALA A 354 18.44 0.36 -26.86
C ALA A 354 19.58 -0.02 -27.78
N SER A 355 20.54 -0.80 -27.26
CA SER A 355 21.69 -1.22 -28.04
C SER A 355 21.62 -2.72 -28.31
N PRO A 356 22.08 -3.17 -29.47
CA PRO A 356 22.07 -4.61 -29.76
C PRO A 356 22.91 -5.38 -28.76
N ARG A 357 22.43 -6.57 -28.39
CA ARG A 357 23.06 -7.40 -27.38
C ARG A 357 23.58 -8.69 -27.98
N GLY A 358 24.74 -9.12 -27.52
CA GLY A 358 25.28 -10.41 -27.88
C GLY A 358 24.70 -11.51 -27.03
N GLU A 359 25.34 -12.68 -27.12
CA GLU A 359 24.93 -13.85 -26.34
C GLU A 359 26.16 -14.50 -25.73
N PHE A 360 26.10 -14.76 -24.43
CA PHE A 360 27.16 -15.42 -23.68
C PHE A 360 26.62 -16.77 -23.21
N ILE A 361 27.04 -17.83 -23.88
CA ILE A 361 26.56 -19.18 -23.61
C ILE A 361 27.71 -20.01 -23.07
N GLU A 362 27.50 -20.62 -21.90
CA GLU A 362 28.47 -21.54 -21.31
C GLU A 362 27.68 -22.72 -20.74
N GLN A 363 27.72 -23.85 -21.45
CA GLN A 363 26.96 -25.03 -21.10
C GLN A 363 27.91 -26.15 -20.70
N SER A 364 27.61 -26.81 -19.59
CA SER A 364 28.43 -27.93 -19.14
C SER A 364 28.21 -29.14 -20.03
N VAL A 365 29.28 -29.91 -20.24
CA VAL A 365 29.21 -31.10 -21.06
C VAL A 365 28.66 -32.25 -20.22
N THR A 366 27.56 -32.85 -20.68
CA THR A 366 26.90 -33.92 -19.95
C THR A 366 26.45 -34.98 -20.94
N LYS A 367 26.13 -36.15 -20.41
CA LYS A 367 25.61 -37.25 -21.21
C LYS A 367 24.12 -37.00 -21.46
N GLU A 368 23.45 -37.96 -22.09
CA GLU A 368 22.05 -37.82 -22.46
C GLU A 368 21.16 -38.62 -21.52
N CYS A 369 20.11 -37.98 -21.01
CA CYS A 369 19.13 -38.69 -20.19
C CYS A 369 18.42 -39.75 -21.02
N ASP A 370 18.30 -40.94 -20.45
CA ASP A 370 17.71 -42.08 -21.14
C ASP A 370 16.26 -42.25 -20.69
N PHE A 371 15.32 -41.98 -21.59
CA PHE A 371 13.92 -42.29 -21.38
C PHE A 371 13.56 -43.70 -21.86
N SER A 372 14.56 -44.57 -21.98
CA SER A 372 14.31 -45.92 -22.52
C SER A 372 13.33 -46.73 -21.68
N PRO A 373 13.44 -46.79 -20.34
CA PRO A 373 12.41 -47.53 -19.57
C PRO A 373 11.02 -46.98 -19.78
N MET A 374 10.88 -45.68 -20.04
CA MET A 374 9.58 -45.10 -20.34
C MET A 374 9.04 -45.55 -21.69
N LEU A 375 9.91 -46.06 -22.58
CA LEU A 375 9.52 -46.41 -23.94
C LEU A 375 9.66 -47.89 -24.24
N THR A 376 9.86 -48.73 -23.22
CA THR A 376 9.98 -50.16 -23.43
C THR A 376 9.16 -50.90 -22.38
N GLY A 377 8.73 -52.11 -22.74
CA GLY A 377 7.92 -52.90 -21.84
C GLY A 377 6.50 -52.37 -21.72
N THR A 378 5.78 -52.94 -20.78
CA THR A 378 4.42 -52.50 -20.53
C THR A 378 4.42 -51.39 -19.47
N PRO A 379 3.70 -50.29 -19.70
CA PRO A 379 3.66 -49.22 -18.71
C PRO A 379 3.02 -49.70 -17.42
N PRO A 380 3.50 -49.23 -16.27
CA PRO A 380 2.98 -49.70 -14.99
C PRO A 380 1.57 -49.18 -14.76
N PRO A 381 0.80 -49.82 -13.88
CA PRO A 381 -0.50 -49.28 -13.49
C PRO A 381 -0.33 -47.99 -12.68
N ILE A 382 -1.44 -47.26 -12.56
CA ILE A 382 -1.39 -45.94 -11.95
C ILE A 382 -0.97 -46.03 -10.49
N TYR A 383 -1.51 -47.00 -9.75
CA TYR A 383 -1.16 -47.13 -8.34
C TYR A 383 0.28 -47.60 -8.15
N ASP A 384 0.89 -48.19 -9.16
CA ASP A 384 2.25 -48.68 -9.08
C ASP A 384 3.11 -47.98 -10.12
N PHE A 385 2.96 -46.66 -10.21
CA PHE A 385 3.65 -45.88 -11.23
C PHE A 385 5.15 -45.96 -11.07
N LYS A 386 5.86 -45.81 -12.18
CA LYS A 386 7.32 -45.80 -12.19
C LYS A 386 7.81 -44.37 -12.25
N ARG A 387 8.85 -44.07 -11.47
CA ARG A 387 9.38 -42.72 -11.35
C ARG A 387 10.81 -42.70 -11.87
N LEU A 388 11.11 -41.72 -12.72
CA LEU A 388 12.45 -41.50 -13.24
C LEU A 388 12.93 -40.12 -12.83
N VAL A 389 14.09 -40.05 -12.20
CA VAL A 389 14.69 -38.79 -11.76
C VAL A 389 15.98 -38.59 -12.54
N PHE A 390 16.12 -37.42 -13.16
CA PHE A 390 17.24 -37.13 -14.03
C PHE A 390 18.05 -35.98 -13.46
N THR A 391 19.36 -36.18 -13.32
CA THR A 391 20.28 -35.16 -12.87
C THR A 391 21.59 -35.31 -13.62
N ASN A 392 22.17 -34.17 -14.01
CA ASN A 392 23.44 -34.12 -14.73
C ASN A 392 23.38 -34.91 -16.04
N CYS A 393 22.46 -34.50 -16.91
CA CYS A 393 22.29 -35.13 -18.21
C CYS A 393 21.59 -34.15 -19.14
N ASN A 394 21.63 -34.48 -20.43
CA ASN A 394 21.01 -33.68 -21.48
C ASN A 394 19.77 -34.40 -21.98
N TYR A 395 18.61 -33.77 -21.86
CA TYR A 395 17.36 -34.39 -22.27
C TYR A 395 16.93 -33.84 -23.63
N ASN A 396 16.19 -34.66 -24.37
CA ASN A 396 15.64 -34.30 -25.68
C ASN A 396 14.13 -34.54 -25.59
N LEU A 397 13.40 -33.54 -25.11
CA LEU A 397 11.96 -33.71 -24.92
C LEU A 397 11.23 -33.85 -26.25
N THR A 398 11.80 -33.31 -27.33
CA THR A 398 11.21 -33.49 -28.65
C THR A 398 11.20 -34.96 -29.04
N LYS A 399 12.29 -35.68 -28.76
CA LYS A 399 12.36 -37.09 -29.09
C LYS A 399 11.29 -37.88 -28.34
N LEU A 400 11.09 -37.57 -27.06
CA LEU A 400 10.09 -38.30 -26.27
C LEU A 400 8.68 -37.95 -26.72
N LEU A 401 8.41 -36.67 -26.99
CA LEU A 401 7.06 -36.23 -27.32
C LEU A 401 6.69 -36.49 -28.77
N SER A 402 7.64 -36.83 -29.63
CA SER A 402 7.30 -37.16 -31.01
C SER A 402 6.81 -38.59 -31.16
N LEU A 403 7.01 -39.43 -30.16
CA LEU A 403 6.54 -40.81 -30.20
C LEU A 403 5.16 -40.98 -29.61
N PHE A 404 4.53 -39.91 -29.15
CA PHE A 404 3.21 -39.97 -28.53
C PHE A 404 2.29 -38.95 -29.16
N GLN A 405 0.99 -39.23 -29.10
CA GLN A 405 -0.04 -38.31 -29.55
C GLN A 405 -0.65 -37.67 -28.31
N VAL A 406 -0.21 -36.46 -27.99
CA VAL A 406 -0.59 -35.81 -26.75
C VAL A 406 -2.03 -35.32 -26.84
N SER A 407 -2.83 -35.65 -25.84
CA SER A 407 -4.20 -35.18 -25.74
C SER A 407 -4.38 -34.05 -24.73
N GLU A 408 -3.50 -33.97 -23.73
CA GLU A 408 -3.61 -32.94 -22.72
C GLU A 408 -2.22 -32.65 -22.17
N PHE A 409 -1.89 -31.37 -22.04
CA PHE A 409 -0.57 -30.92 -21.59
C PHE A 409 -0.70 -29.84 -20.53
N SER A 410 -1.56 -30.09 -19.53
CA SER A 410 -1.73 -29.14 -18.45
C SER A 410 -0.44 -28.98 -17.66
N CYS A 411 -0.08 -27.74 -17.36
CA CYS A 411 1.16 -27.43 -16.68
C CYS A 411 0.91 -26.41 -15.57
N HIS A 412 1.81 -26.42 -14.58
CA HIS A 412 1.71 -25.53 -13.42
C HIS A 412 3.05 -24.82 -13.22
N GLN A 413 3.00 -23.48 -13.14
CA GLN A 413 4.15 -22.62 -12.91
C GLN A 413 5.22 -22.74 -13.98
N VAL A 414 4.89 -23.35 -15.12
CA VAL A 414 5.81 -23.51 -16.24
C VAL A 414 4.97 -23.80 -17.47
N SER A 415 5.54 -23.52 -18.63
CA SER A 415 4.79 -23.75 -19.86
C SER A 415 5.32 -24.98 -20.58
N PRO A 416 4.47 -25.67 -21.35
CA PRO A 416 4.95 -26.84 -22.10
C PRO A 416 6.09 -26.53 -23.06
N SER A 417 6.08 -25.34 -23.67
CA SER A 417 7.17 -24.97 -24.57
C SER A 417 8.46 -24.71 -23.80
N SER A 418 8.35 -24.09 -22.63
CA SER A 418 9.53 -23.82 -21.82
C SER A 418 10.09 -25.09 -21.20
N LEU A 419 9.29 -26.16 -21.13
CA LEU A 419 9.77 -27.42 -20.60
C LEU A 419 10.81 -28.07 -21.50
N ALA A 420 10.89 -27.67 -22.77
CA ALA A 420 11.82 -28.25 -23.71
C ALA A 420 13.04 -27.37 -23.97
N THR A 421 13.03 -26.12 -23.52
CA THR A 421 14.15 -25.20 -23.73
C THR A 421 14.70 -24.66 -22.43
N GLY A 422 14.41 -25.30 -21.30
CA GLY A 422 14.88 -24.83 -20.02
C GLY A 422 15.82 -25.78 -19.33
N CYS A 423 16.59 -25.27 -18.37
CA CYS A 423 17.56 -26.06 -17.63
C CYS A 423 17.11 -26.17 -16.17
N TYR A 424 17.31 -27.35 -15.58
CA TYR A 424 16.80 -27.63 -14.25
C TYR A 424 17.87 -28.34 -13.43
N SER A 425 17.72 -28.24 -12.11
CA SER A 425 18.57 -29.02 -11.21
C SER A 425 18.12 -30.47 -11.13
N SER A 426 16.87 -30.77 -11.50
CA SER A 426 16.37 -32.13 -11.49
C SER A 426 15.18 -32.21 -12.44
N LEU A 427 14.87 -33.43 -12.87
CA LEU A 427 13.75 -33.69 -13.76
C LEU A 427 13.11 -35.01 -13.36
N THR A 428 11.96 -34.95 -12.71
CA THR A 428 11.26 -36.12 -12.23
C THR A 428 10.06 -36.41 -13.13
N VAL A 429 9.95 -37.66 -13.60
CA VAL A 429 8.87 -38.08 -14.48
C VAL A 429 8.21 -39.31 -13.87
N ASP A 430 6.93 -39.19 -13.55
CA ASP A 430 6.11 -40.33 -13.16
C ASP A 430 5.22 -40.71 -14.33
N TYR A 431 5.31 -41.96 -14.77
CA TYR A 431 4.56 -42.41 -15.92
C TYR A 431 3.83 -43.71 -15.58
N PHE A 432 2.63 -43.87 -16.13
CA PHE A 432 1.82 -45.05 -15.89
C PHE A 432 0.78 -45.15 -16.99
N ALA A 433 0.16 -46.32 -17.09
CA ALA A 433 -0.93 -46.52 -18.03
C ALA A 433 -2.20 -45.87 -17.50
N TYR A 434 -2.85 -45.07 -18.34
CA TYR A 434 -4.02 -44.33 -17.91
C TYR A 434 -4.89 -44.02 -19.13
N SER A 435 -6.19 -44.29 -18.99
CA SER A 435 -7.12 -44.01 -20.08
C SER A 435 -7.49 -42.54 -20.08
N THR A 436 -7.38 -41.90 -21.25
CA THR A 436 -7.68 -40.48 -21.35
C THR A 436 -9.16 -40.18 -21.12
N ASP A 437 -10.02 -41.19 -21.21
CA ASP A 437 -11.42 -40.99 -20.83
C ASP A 437 -11.56 -40.69 -19.34
N MET A 438 -10.59 -41.10 -18.53
CA MET A 438 -10.55 -40.78 -17.11
C MET A 438 -9.75 -39.51 -16.81
N SER A 439 -9.70 -38.58 -17.76
CA SER A 439 -8.86 -37.41 -17.63
C SER A 439 -9.29 -36.53 -16.46
N SER A 440 -10.60 -36.40 -16.25
CA SER A 440 -11.09 -35.53 -15.18
C SER A 440 -10.69 -36.03 -13.81
N TYR A 441 -10.38 -37.32 -13.67
CA TYR A 441 -10.01 -37.87 -12.37
C TYR A 441 -8.55 -37.61 -12.01
N LEU A 442 -7.74 -37.16 -12.97
CA LEU A 442 -6.35 -36.81 -12.72
C LEU A 442 -6.14 -35.32 -12.53
N GLN A 443 -7.20 -34.53 -12.58
CA GLN A 443 -7.09 -33.09 -12.49
C GLN A 443 -6.87 -32.64 -11.05
N PRO A 444 -6.32 -31.44 -10.84
CA PRO A 444 -6.06 -30.97 -9.47
C PRO A 444 -7.36 -30.77 -8.70
N GLY A 445 -7.41 -31.32 -7.50
CA GLY A 445 -8.59 -31.21 -6.66
C GLY A 445 -9.72 -32.14 -7.03
N SER A 446 -9.51 -33.02 -8.00
CA SER A 446 -10.59 -33.87 -8.48
C SER A 446 -11.01 -34.88 -7.41
N ALA A 447 -12.26 -35.30 -7.49
CA ALA A 447 -12.79 -36.32 -6.61
C ALA A 447 -12.56 -37.70 -7.23
N GLY A 448 -13.06 -38.74 -6.56
CA GLY A 448 -12.93 -40.10 -7.04
C GLY A 448 -11.77 -40.83 -6.39
N GLU A 449 -11.61 -42.08 -6.81
CA GLU A 449 -10.63 -42.98 -6.24
C GLU A 449 -9.23 -42.80 -6.82
N ILE A 450 -9.09 -42.09 -7.94
CA ILE A 450 -7.79 -41.97 -8.59
C ILE A 450 -6.85 -41.12 -7.73
N VAL A 451 -7.31 -39.94 -7.31
CA VAL A 451 -6.49 -39.10 -6.45
C VAL A 451 -6.38 -39.70 -5.06
N GLN A 452 -7.48 -40.25 -4.55
CA GLN A 452 -7.52 -40.73 -3.17
C GLN A 452 -6.58 -41.91 -2.96
N PHE A 453 -6.55 -42.86 -3.89
CA PHE A 453 -5.86 -44.13 -3.65
C PHE A 453 -4.82 -44.51 -4.68
N ASN A 454 -4.71 -43.81 -5.80
CA ASN A 454 -3.82 -44.23 -6.88
C ASN A 454 -2.67 -43.26 -7.09
N TYR A 455 -2.95 -41.98 -7.35
CA TYR A 455 -1.88 -41.02 -7.60
C TYR A 455 -2.40 -39.62 -7.34
N LYS A 456 -1.72 -38.88 -6.46
CA LYS A 456 -2.01 -37.48 -6.21
C LYS A 456 -0.83 -36.64 -6.68
N GLN A 457 -1.09 -35.68 -7.56
CA GLN A 457 -0.03 -34.82 -8.08
C GLN A 457 0.47 -33.89 -6.99
N ASP A 458 1.78 -33.61 -7.02
CA ASP A 458 2.43 -32.78 -6.01
C ASP A 458 2.71 -31.41 -6.63
N PHE A 459 1.94 -30.42 -6.22
CA PHE A 459 2.10 -29.05 -6.71
C PHE A 459 3.00 -28.21 -5.81
N SER A 460 4.21 -28.72 -5.54
CA SER A 460 5.22 -27.96 -4.83
C SER A 460 6.36 -27.49 -5.72
N ASN A 461 6.48 -28.04 -6.91
CA ASN A 461 7.46 -27.67 -7.92
C ASN A 461 6.74 -27.48 -9.24
N PRO A 462 7.33 -26.71 -10.18
CA PRO A 462 6.72 -26.61 -11.52
C PRO A 462 6.52 -27.97 -12.15
N THR A 463 5.25 -28.36 -12.32
CA THR A 463 4.91 -29.71 -12.74
C THR A 463 3.98 -29.66 -13.95
N CYS A 464 4.14 -30.63 -14.83
CA CYS A 464 3.33 -30.77 -16.03
C CYS A 464 2.68 -32.15 -16.06
N ARG A 465 1.41 -32.19 -16.46
CA ARG A 465 0.67 -33.43 -16.61
C ARG A 465 0.38 -33.64 -18.08
N VAL A 466 0.87 -34.75 -18.63
CA VAL A 466 0.73 -35.06 -20.05
C VAL A 466 -0.08 -36.34 -20.17
N LEU A 467 -1.19 -36.27 -20.91
CA LEU A 467 -1.97 -37.45 -21.28
C LEU A 467 -1.72 -37.71 -22.76
N ALA A 468 -1.18 -38.89 -23.06
CA ALA A 468 -0.71 -39.20 -24.40
C ALA A 468 -1.24 -40.55 -24.85
N THR A 469 -1.38 -40.70 -26.16
CA THR A 469 -1.83 -41.93 -26.78
C THR A 469 -0.66 -42.58 -27.51
N VAL A 470 -0.46 -43.87 -27.28
CA VAL A 470 0.65 -44.60 -27.91
C VAL A 470 0.18 -45.08 -29.27
N PRO A 471 0.78 -44.60 -30.37
CA PRO A 471 0.36 -45.06 -31.69
C PRO A 471 0.69 -46.53 -31.91
N THR A 472 -0.11 -47.17 -32.77
CA THR A 472 0.11 -48.58 -33.07
C THR A 472 1.43 -48.83 -33.77
N ASN A 473 2.01 -47.82 -34.42
CA ASN A 473 3.31 -47.99 -35.05
C ASN A 473 4.40 -48.26 -34.04
N LEU A 474 4.35 -47.58 -32.90
CA LEU A 474 5.32 -47.77 -31.82
C LEU A 474 5.06 -49.14 -31.18
N THR A 475 5.90 -50.11 -31.53
CA THR A 475 5.73 -51.48 -31.05
C THR A 475 6.65 -51.82 -29.88
N THR A 476 7.46 -50.87 -29.42
CA THR A 476 8.33 -51.14 -28.27
C THR A 476 7.54 -51.18 -26.98
N ILE A 477 6.42 -50.46 -26.91
CA ILE A 477 5.57 -50.43 -25.74
C ILE A 477 4.45 -51.45 -25.96
N THR A 478 4.30 -52.38 -25.03
CA THR A 478 3.32 -53.44 -25.14
C THR A 478 2.06 -53.08 -24.34
N LYS A 479 0.91 -53.23 -24.97
CA LYS A 479 -0.35 -52.94 -24.30
C LYS A 479 -0.59 -53.97 -23.20
N PRO A 480 -0.94 -53.54 -21.99
CA PRO A 480 -1.29 -54.50 -20.94
C PRO A 480 -2.65 -55.13 -21.19
N SER A 481 -2.99 -56.09 -20.33
CA SER A 481 -4.28 -56.75 -20.47
C SER A 481 -5.44 -55.77 -20.24
N ASN A 482 -5.34 -54.94 -19.21
CA ASN A 482 -6.42 -54.03 -18.85
C ASN A 482 -5.82 -52.77 -18.24
N TYR A 483 -6.70 -51.87 -17.81
CA TYR A 483 -6.35 -50.75 -16.95
C TYR A 483 -6.83 -51.04 -15.54
N VAL A 484 -5.93 -50.95 -14.56
CA VAL A 484 -6.24 -51.28 -13.18
C VAL A 484 -5.93 -50.08 -12.30
N HIS A 485 -6.90 -49.69 -11.48
CA HIS A 485 -6.69 -48.66 -10.46
C HIS A 485 -7.41 -49.09 -9.19
N LEU A 486 -6.88 -48.65 -8.05
CA LEU A 486 -7.45 -49.02 -6.77
C LEU A 486 -8.68 -48.18 -6.46
N THR A 487 -9.73 -48.85 -5.97
CA THR A 487 -10.94 -48.15 -5.53
C THR A 487 -11.01 -48.00 -4.02
N GLU A 488 -10.26 -48.80 -3.26
CA GLU A 488 -10.23 -48.69 -1.81
C GLU A 488 -8.83 -48.97 -1.31
N CYS A 489 -8.48 -48.35 -0.18
CA CYS A 489 -7.29 -48.71 0.58
C CYS A 489 -7.54 -48.26 2.01
N TYR A 490 -7.92 -49.21 2.87
CA TYR A 490 -8.35 -48.87 4.22
C TYR A 490 -7.93 -49.96 5.17
N ILE A 491 -7.94 -49.62 6.46
CA ILE A 491 -7.68 -50.56 7.54
C ILE A 491 -9.00 -50.87 8.22
N SER A 492 -9.38 -52.14 8.24
CA SER A 492 -10.66 -52.56 8.80
C SER A 492 -10.53 -52.72 10.31
N THR A 493 -10.95 -51.71 11.04
CA THR A 493 -10.91 -51.72 12.50
C THR A 493 -12.23 -52.27 13.04
N ALA A 494 -12.44 -52.15 14.35
CA ALA A 494 -13.71 -52.56 14.93
C ALA A 494 -14.86 -51.74 14.38
N TYR A 495 -14.69 -50.42 14.28
CA TYR A 495 -15.68 -49.58 13.63
C TYR A 495 -15.63 -49.72 12.11
N GLY A 496 -14.44 -49.89 11.55
CA GLY A 496 -14.29 -50.19 10.14
C GLY A 496 -14.11 -48.95 9.29
N LYS A 497 -13.60 -49.17 8.08
CA LYS A 497 -13.44 -48.15 7.05
C LYS A 497 -12.59 -46.98 7.54
N ASN A 498 -11.32 -47.29 7.85
CA ASN A 498 -10.31 -46.27 8.13
C ASN A 498 -9.52 -46.07 6.84
N TYR A 499 -10.06 -45.22 5.98
CA TYR A 499 -9.51 -45.03 4.63
C TYR A 499 -8.11 -44.42 4.70
N LEU A 500 -7.21 -44.97 3.90
CA LEU A 500 -5.85 -44.45 3.75
C LEU A 500 -5.74 -43.75 2.41
N PHE A 501 -5.25 -42.51 2.43
CA PHE A 501 -5.22 -41.67 1.25
C PHE A 501 -3.79 -41.39 0.81
N ASN A 502 -3.61 -41.19 -0.48
CA ASN A 502 -2.29 -40.95 -1.04
C ASN A 502 -1.76 -39.59 -0.61
N ALA A 503 -0.47 -39.56 -0.26
CA ALA A 503 0.22 -38.29 -0.10
C ALA A 503 0.56 -37.72 -1.48
N PRO A 504 0.67 -36.41 -1.60
CA PRO A 504 0.98 -35.80 -2.90
C PRO A 504 2.31 -36.31 -3.45
N GLY A 505 2.25 -37.01 -4.57
CA GLY A 505 3.42 -37.56 -5.21
C GLY A 505 3.92 -38.88 -4.66
N GLY A 506 3.24 -39.43 -3.65
CA GLY A 506 3.67 -40.67 -3.04
C GLY A 506 2.82 -41.87 -3.47
N TYR A 507 3.27 -43.04 -3.06
CA TYR A 507 2.58 -44.29 -3.36
C TYR A 507 1.50 -44.58 -2.33
N THR A 508 0.62 -45.49 -2.68
CA THR A 508 -0.45 -45.88 -1.77
C THR A 508 0.08 -46.81 -0.69
N PRO A 509 -0.50 -46.77 0.52
CA PRO A 509 -0.12 -47.73 1.55
C PRO A 509 -0.43 -49.17 1.18
N CYS A 510 -1.36 -49.39 0.26
CA CYS A 510 -1.75 -50.73 -0.18
C CYS A 510 -0.94 -51.22 -1.38
N LEU A 511 0.23 -50.62 -1.62
CA LEU A 511 1.03 -51.01 -2.79
C LEU A 511 1.51 -52.44 -2.68
N SER A 512 2.00 -52.85 -1.50
CA SER A 512 2.45 -54.22 -1.32
C SER A 512 1.28 -55.20 -1.43
N LEU A 513 0.12 -54.83 -0.89
CA LEU A 513 -1.06 -55.68 -1.02
C LEU A 513 -1.49 -55.82 -2.48
N ALA A 514 -1.43 -54.73 -3.23
CA ALA A 514 -1.86 -54.73 -4.62
C ALA A 514 -0.84 -55.33 -5.58
N SER A 515 0.36 -55.70 -5.08
CA SER A 515 1.38 -56.27 -5.94
C SER A 515 0.95 -57.60 -6.54
N SER A 516 0.00 -58.29 -5.92
CA SER A 516 -0.50 -59.56 -6.46
C SER A 516 -1.27 -59.34 -7.76
N GLY A 517 -1.77 -58.14 -8.01
CA GLY A 517 -2.51 -57.85 -9.21
C GLY A 517 -4.01 -58.12 -9.06
N PHE A 518 -4.76 -57.65 -10.05
CA PHE A 518 -6.21 -57.81 -10.09
C PHE A 518 -6.60 -58.38 -11.44
N SER A 519 -7.20 -59.57 -11.43
CA SER A 519 -7.62 -60.22 -12.67
C SER A 519 -9.08 -59.93 -13.01
N ARG A 520 -9.94 -59.81 -12.01
CA ARG A 520 -11.34 -59.52 -12.22
C ARG A 520 -11.68 -58.11 -11.71
N ASP A 521 -12.74 -57.56 -12.27
CA ASP A 521 -13.22 -56.26 -11.80
C ASP A 521 -13.75 -56.40 -10.37
N ARG A 522 -13.50 -55.37 -9.56
CA ARG A 522 -13.95 -55.33 -8.16
C ARG A 522 -13.40 -56.51 -7.36
N GLN A 523 -12.15 -56.90 -7.64
CA GLN A 523 -11.47 -57.93 -6.87
C GLN A 523 -10.81 -57.29 -5.66
N SER A 524 -10.97 -57.92 -4.50
CA SER A 524 -10.50 -57.36 -3.24
C SER A 524 -9.38 -58.22 -2.66
N HIS A 525 -8.39 -57.55 -2.07
CA HIS A 525 -7.29 -58.20 -1.37
C HIS A 525 -7.27 -57.72 0.07
N SER A 526 -7.02 -58.65 0.99
CA SER A 526 -6.98 -58.32 2.41
C SER A 526 -5.72 -58.91 3.05
N GLN A 527 -5.21 -58.20 4.04
CA GLN A 527 -4.03 -58.62 4.77
C GLN A 527 -4.22 -58.29 6.24
N GLU A 528 -3.85 -59.23 7.11
CA GLU A 528 -4.00 -59.06 8.55
C GLU A 528 -2.77 -58.35 9.11
N LEU A 529 -3.00 -57.22 9.75
CA LEU A 529 -1.94 -56.49 10.42
C LEU A 529 -1.68 -57.08 11.80
N PRO A 530 -0.48 -56.89 12.36
CA PRO A 530 -0.19 -57.48 13.67
C PRO A 530 -1.06 -56.94 14.80
N ASP A 531 -1.70 -55.79 14.62
CA ASP A 531 -2.60 -55.26 15.64
C ASP A 531 -3.98 -55.92 15.61
N GLY A 532 -4.20 -56.90 14.73
CA GLY A 532 -5.48 -57.56 14.62
C GLY A 532 -6.41 -56.96 13.59
N SER A 533 -6.08 -55.80 13.03
CA SER A 533 -6.90 -55.18 12.00
C SER A 533 -6.50 -55.69 10.62
N PHE A 534 -7.43 -55.54 9.67
CA PHE A 534 -7.23 -56.01 8.31
C PHE A 534 -7.01 -54.82 7.38
N LEU A 535 -5.98 -54.91 6.56
CA LEU A 535 -5.74 -53.94 5.49
C LEU A 535 -6.35 -54.47 4.21
N THR A 536 -7.28 -53.72 3.63
CA THR A 536 -8.05 -54.16 2.47
C THR A 536 -7.89 -53.19 1.32
N THR A 537 -7.79 -53.73 0.11
CA THR A 537 -7.75 -52.94 -1.10
C THR A 537 -8.65 -53.59 -2.14
N THR A 538 -9.13 -52.76 -3.07
CA THR A 538 -10.00 -53.22 -4.15
C THR A 538 -9.60 -52.52 -5.44
N GLY A 539 -9.59 -53.27 -6.53
CA GLY A 539 -9.15 -52.75 -7.82
C GLY A 539 -10.25 -52.80 -8.85
N SER A 540 -10.26 -51.78 -9.71
CA SER A 540 -11.20 -51.71 -10.83
C SER A 540 -10.46 -52.06 -12.11
N VAL A 541 -10.97 -53.06 -12.82
CA VAL A 541 -10.33 -53.60 -14.02
C VAL A 541 -11.20 -53.28 -15.22
N TYR A 542 -10.64 -52.55 -16.19
CA TYR A 542 -11.36 -52.22 -17.41
C TYR A 542 -10.40 -52.34 -18.58
N SER A 543 -10.96 -52.71 -19.74
CA SER A 543 -10.15 -53.10 -20.88
C SER A 543 -9.50 -51.89 -21.53
N VAL A 544 -8.33 -52.13 -22.12
CA VAL A 544 -7.63 -51.12 -22.91
C VAL A 544 -8.27 -51.01 -24.28
N GLY A 545 -8.45 -49.78 -24.75
CA GLY A 545 -9.07 -49.56 -26.04
C GLY A 545 -8.20 -49.94 -27.22
N SER A 546 -8.46 -49.31 -28.37
CA SER A 546 -7.70 -49.63 -29.58
C SER A 546 -6.23 -49.26 -29.43
N ASN A 547 -5.95 -48.12 -28.81
CA ASN A 547 -4.59 -47.66 -28.59
C ASN A 547 -4.33 -47.51 -27.10
N LEU A 548 -3.17 -47.98 -26.66
CA LEU A 548 -2.78 -47.80 -25.27
C LEU A 548 -2.51 -46.33 -24.98
N GLN A 549 -2.97 -45.86 -23.83
CA GLN A 549 -2.82 -44.47 -23.43
C GLN A 549 -2.07 -44.39 -22.11
N MET A 550 -1.17 -43.43 -22.01
CA MET A 550 -0.32 -43.26 -20.84
C MET A 550 -0.53 -41.88 -20.24
N ALA A 551 0.05 -41.68 -19.06
CA ALA A 551 0.02 -40.40 -18.36
C ALA A 551 1.40 -40.10 -17.83
N PHE A 552 1.94 -38.94 -18.18
CA PHE A 552 3.26 -38.51 -17.76
C PHE A 552 3.14 -37.29 -16.86
N ILE A 553 3.73 -37.36 -15.68
CA ILE A 553 3.73 -36.28 -14.71
C ILE A 553 5.17 -35.80 -14.60
N ILE A 554 5.50 -34.72 -15.30
CA ILE A 554 6.86 -34.19 -15.34
C ILE A 554 6.94 -33.04 -14.34
N SER A 555 7.84 -33.17 -13.37
CA SER A 555 8.10 -32.14 -12.37
C SER A 555 9.56 -31.74 -12.42
N VAL A 556 9.82 -30.44 -12.32
CA VAL A 556 11.16 -29.89 -12.47
C VAL A 556 11.49 -29.04 -11.26
N GLN A 557 12.80 -28.86 -11.04
CA GLN A 557 13.32 -28.02 -9.97
C GLN A 557 14.38 -27.11 -10.55
N TYR A 558 14.30 -25.82 -10.23
CA TYR A 558 15.24 -24.83 -10.74
C TYR A 558 16.27 -24.53 -9.66
N GLY A 559 17.54 -24.71 -10.00
CA GLY A 559 18.62 -24.50 -9.08
C GLY A 559 19.23 -23.12 -9.20
N THR A 560 20.00 -22.76 -8.17
CA THR A 560 20.68 -21.47 -8.11
C THR A 560 22.11 -21.55 -8.65
N ASP A 561 22.85 -22.60 -8.29
CA ASP A 561 24.24 -22.71 -8.69
C ASP A 561 24.37 -23.21 -10.13
N THR A 562 23.89 -24.43 -10.38
CA THR A 562 24.03 -25.05 -11.70
C THR A 562 22.79 -25.88 -12.00
N ASN A 563 22.14 -25.57 -13.12
CA ASN A 563 21.03 -26.37 -13.63
C ASN A 563 21.64 -27.40 -14.57
N SER A 564 21.94 -28.58 -14.02
CA SER A 564 22.68 -29.58 -14.78
C SER A 564 21.81 -30.23 -15.87
N VAL A 565 20.51 -30.38 -15.62
CA VAL A 565 19.61 -30.99 -16.59
C VAL A 565 19.26 -29.93 -17.63
N CYS A 566 19.98 -29.94 -18.75
CA CYS A 566 19.81 -28.95 -19.80
C CYS A 566 19.35 -29.63 -21.09
N PRO A 567 18.63 -28.91 -21.96
CA PRO A 567 18.19 -29.51 -23.22
C PRO A 567 19.37 -29.73 -24.16
N MET A 568 19.17 -30.68 -25.08
CA MET A 568 20.18 -31.01 -26.08
C MET A 568 20.24 -29.89 -27.10
N GLN A 569 21.17 -28.96 -26.91
CA GLN A 569 21.32 -27.81 -27.79
C GLN A 569 22.73 -27.82 -28.38
N ALA A 570 22.82 -27.48 -29.67
CA ALA A 570 24.10 -27.39 -30.36
C ALA A 570 24.71 -26.00 -30.30
N LEU A 571 24.35 -25.21 -29.28
CA LEU A 571 24.88 -23.86 -29.16
C LEU A 571 26.37 -23.89 -28.85
N ARG A 572 27.11 -22.99 -29.50
CA ARG A 572 28.54 -22.89 -29.27
C ARG A 572 28.83 -22.25 -27.91
N ASN A 573 30.03 -22.53 -27.41
CA ASN A 573 30.50 -21.93 -26.15
C ASN A 573 31.17 -20.60 -26.50
N ASP A 574 30.44 -19.51 -26.33
CA ASP A 574 30.96 -18.19 -26.68
C ASP A 574 32.05 -17.77 -25.71
N THR A 575 32.91 -16.86 -26.18
CA THR A 575 34.01 -16.34 -25.39
C THR A 575 33.75 -14.86 -25.12
N SER A 576 33.73 -14.49 -23.85
CA SER A 576 33.57 -13.11 -23.44
C SER A 576 34.89 -12.45 -23.07
N ILE A 577 36.02 -13.10 -23.37
CA ILE A 577 37.33 -12.56 -22.98
C ILE A 577 37.59 -11.25 -23.71
N GLU A 578 37.32 -11.19 -25.00
CA GLU A 578 37.52 -9.98 -25.79
C GLU A 578 36.22 -9.39 -26.30
N ASP A 579 35.41 -10.20 -26.99
CA ASP A 579 34.11 -9.72 -27.46
C ASP A 579 33.08 -9.81 -26.34
N LYS A 580 31.99 -9.05 -26.51
CA LYS A 580 30.86 -9.04 -25.59
C LYS A 580 31.26 -8.63 -24.17
N LEU A 581 32.42 -7.98 -24.03
CA LEU A 581 32.89 -7.49 -22.74
C LEU A 581 32.55 -6.01 -22.62
N ASP A 582 32.09 -5.61 -21.43
CA ASP A 582 31.68 -4.24 -21.12
C ASP A 582 30.51 -3.78 -21.98
N VAL A 583 29.79 -4.71 -22.60
CA VAL A 583 28.61 -4.42 -23.40
C VAL A 583 27.47 -5.29 -22.92
N CYS A 584 26.24 -4.84 -23.21
CA CYS A 584 25.05 -5.57 -22.80
C CYS A 584 24.90 -6.86 -23.59
N VAL A 585 24.72 -7.97 -22.88
CA VAL A 585 24.54 -9.28 -23.50
C VAL A 585 23.41 -10.03 -22.81
N GLU A 586 22.90 -11.05 -23.49
CA GLU A 586 21.93 -11.99 -22.93
C GLU A 586 22.66 -13.31 -22.69
N TYR A 587 22.92 -13.63 -21.43
CA TYR A 587 23.74 -14.78 -21.09
C TYR A 587 22.89 -15.96 -20.65
N SER A 588 23.40 -17.16 -20.90
CA SER A 588 22.80 -18.42 -20.43
C SER A 588 23.97 -19.30 -19.99
N LEU A 589 24.32 -19.19 -18.71
CA LEU A 589 25.50 -19.84 -18.15
C LEU A 589 25.07 -20.96 -17.23
N HIS A 590 25.33 -22.20 -17.65
CA HIS A 590 25.08 -23.39 -16.83
C HIS A 590 23.65 -23.40 -16.29
N GLY A 591 22.70 -23.00 -17.13
CA GLY A 591 21.30 -23.00 -16.78
C GLY A 591 20.78 -21.71 -16.19
N ILE A 592 21.64 -20.75 -15.88
CA ILE A 592 21.22 -19.46 -15.35
C ILE A 592 21.18 -18.46 -16.50
N THR A 593 20.05 -17.76 -16.63
CA THR A 593 19.82 -16.87 -17.75
C THR A 593 19.54 -15.45 -17.26
N GLY A 594 19.74 -14.50 -18.16
CA GLY A 594 19.49 -13.11 -17.84
C GLY A 594 20.25 -12.19 -18.78
N ARG A 595 20.11 -10.90 -18.51
CA ARG A 595 20.83 -9.86 -19.24
C ARG A 595 21.84 -9.21 -18.30
N GLY A 596 23.01 -8.89 -18.83
CA GLY A 596 24.03 -8.30 -17.98
C GLY A 596 25.22 -7.81 -18.76
N VAL A 597 26.08 -7.09 -18.05
CA VAL A 597 27.35 -6.58 -18.57
C VAL A 597 28.47 -7.18 -17.75
N PHE A 598 29.46 -7.74 -18.43
CA PHE A 598 30.54 -8.48 -17.78
C PHE A 598 31.83 -7.67 -17.80
N HIS A 599 32.48 -7.57 -16.64
CA HIS A 599 33.75 -6.88 -16.52
C HIS A 599 34.78 -7.82 -15.90
N ASN A 600 36.05 -7.58 -16.20
CA ASN A 600 37.11 -8.33 -15.55
C ASN A 600 37.21 -7.93 -14.07
N CYS A 601 37.35 -8.93 -13.21
CA CYS A 601 37.48 -8.70 -11.79
C CYS A 601 38.39 -9.77 -11.19
N THR A 602 39.00 -9.42 -10.05
CA THR A 602 39.77 -10.41 -9.31
C THR A 602 38.83 -11.39 -8.62
N SER A 603 39.19 -12.68 -8.67
CA SER A 603 38.31 -13.73 -8.18
C SER A 603 37.92 -13.50 -6.73
N VAL A 604 36.63 -13.28 -6.50
CA VAL A 604 36.07 -13.10 -5.16
C VAL A 604 34.88 -14.05 -5.02
N GLY A 605 34.24 -13.98 -3.86
CA GLY A 605 33.11 -14.83 -3.56
C GLY A 605 33.54 -16.15 -2.95
N LEU A 606 32.53 -16.93 -2.54
CA LEU A 606 32.77 -18.21 -1.88
C LEU A 606 33.38 -19.20 -2.88
N ARG A 607 34.29 -20.02 -2.37
CA ARG A 607 35.00 -20.96 -3.22
C ARG A 607 34.08 -22.08 -3.69
N ASN A 608 34.46 -22.71 -4.79
CA ASN A 608 33.78 -23.82 -5.45
C ASN A 608 32.44 -23.41 -6.05
N GLN A 609 32.06 -22.14 -5.97
CA GLN A 609 30.79 -21.67 -6.50
C GLN A 609 31.00 -21.01 -7.86
N ARG A 610 30.18 -21.42 -8.84
CA ARG A 610 30.28 -20.85 -10.18
C ARG A 610 29.70 -19.44 -10.22
N PHE A 611 28.63 -19.19 -9.47
CA PHE A 611 27.95 -17.91 -9.47
C PHE A 611 28.08 -17.24 -8.11
N VAL A 612 28.22 -15.92 -8.13
CA VAL A 612 28.38 -15.12 -6.92
C VAL A 612 27.17 -14.22 -6.78
N TYR A 613 26.54 -14.24 -5.61
CA TYR A 613 25.37 -13.42 -5.32
C TYR A 613 25.66 -12.53 -4.11
N ASP A 614 24.97 -11.40 -4.06
CA ASP A 614 25.07 -10.50 -2.93
C ASP A 614 23.99 -10.86 -1.91
N THR A 615 23.85 -10.04 -0.85
CA THR A 615 22.86 -10.35 0.18
C THR A 615 21.42 -10.18 -0.30
N PHE A 616 21.21 -9.60 -1.48
CA PHE A 616 19.87 -9.43 -2.05
C PHE A 616 19.63 -10.36 -3.23
N ASP A 617 20.39 -11.47 -3.32
CA ASP A 617 20.19 -12.49 -4.34
C ASP A 617 20.30 -11.91 -5.75
N ASN A 618 21.25 -11.00 -5.95
CA ASN A 618 21.55 -10.45 -7.26
C ASN A 618 22.82 -11.10 -7.79
N LEU A 619 22.75 -11.62 -9.01
CA LEU A 619 23.93 -12.22 -9.63
C LEU A 619 24.99 -11.15 -9.83
N VAL A 620 26.08 -11.23 -9.06
CA VAL A 620 27.10 -10.21 -9.05
C VAL A 620 28.37 -10.68 -9.76
N GLY A 621 28.75 -11.95 -9.58
CA GLY A 621 29.95 -12.47 -10.17
C GLY A 621 29.69 -13.80 -10.88
N TYR A 622 30.70 -14.24 -11.62
CA TYR A 622 30.60 -15.48 -12.37
C TYR A 622 32.00 -15.98 -12.69
N HIS A 623 32.29 -17.23 -12.33
CA HIS A 623 33.56 -17.85 -12.67
C HIS A 623 33.40 -18.61 -13.98
N SER A 624 34.13 -18.17 -15.00
CA SER A 624 33.96 -18.69 -16.34
C SER A 624 34.82 -19.93 -16.58
N HIS A 625 34.63 -20.56 -17.73
CA HIS A 625 35.40 -21.74 -18.08
C HIS A 625 36.87 -21.41 -18.33
N ASN A 626 37.16 -20.20 -18.82
CA ASN A 626 38.52 -19.79 -19.12
C ASN A 626 39.33 -19.42 -17.88
N GLY A 627 38.82 -19.71 -16.69
CA GLY A 627 39.53 -19.40 -15.46
C GLY A 627 39.49 -17.94 -15.06
N ASN A 628 38.65 -17.13 -15.68
CA ASN A 628 38.56 -15.70 -15.40
C ASN A 628 37.26 -15.41 -14.69
N TYR A 629 37.33 -14.69 -13.57
CA TYR A 629 36.16 -14.26 -12.85
C TYR A 629 35.65 -12.95 -13.41
N TYR A 630 34.33 -12.84 -13.54
CA TYR A 630 33.70 -11.67 -14.15
C TYR A 630 32.68 -11.08 -13.20
N CYS A 631 32.47 -9.77 -13.32
CA CYS A 631 31.46 -9.05 -12.56
C CYS A 631 30.26 -8.76 -13.46
N VAL A 632 29.07 -9.12 -12.98
CA VAL A 632 27.84 -8.98 -13.75
C VAL A 632 27.08 -7.76 -13.26
N ARG A 633 26.62 -6.93 -14.19
CA ARG A 633 25.87 -5.72 -13.90
C ARG A 633 24.56 -5.75 -14.67
N PRO A 634 23.52 -5.06 -14.16
CA PRO A 634 22.17 -5.27 -14.71
C PRO A 634 21.93 -4.64 -16.07
N CYS A 635 22.99 -4.27 -16.78
CA CYS A 635 23.03 -3.68 -18.12
C CYS A 635 22.61 -2.22 -18.11
N VAL A 636 22.10 -1.69 -17.00
CA VAL A 636 21.96 -0.25 -16.79
C VAL A 636 22.44 -0.02 -15.35
N SER A 637 23.72 0.29 -15.21
CA SER A 637 24.35 0.37 -13.89
C SER A 637 25.07 1.68 -13.64
N VAL A 638 25.68 2.28 -14.64
CA VAL A 638 26.37 3.57 -14.44
C VAL A 638 25.33 4.65 -14.18
N PRO A 639 25.41 5.36 -13.06
CA PRO A 639 24.46 6.45 -12.80
C PRO A 639 24.80 7.66 -13.64
N VAL A 640 23.80 8.20 -14.34
CA VAL A 640 23.97 9.32 -15.24
C VAL A 640 23.21 10.51 -14.68
N SER A 641 23.92 11.62 -14.51
CA SER A 641 23.32 12.87 -14.03
C SER A 641 23.50 13.94 -15.10
N VAL A 642 22.43 14.67 -15.39
CA VAL A 642 22.43 15.70 -16.42
C VAL A 642 22.32 17.05 -15.74
N ILE A 643 23.28 17.93 -16.00
CA ILE A 643 23.30 19.28 -15.45
C ILE A 643 22.78 20.21 -16.53
N TYR A 644 21.61 20.80 -16.30
CA TYR A 644 20.93 21.62 -17.30
C TYR A 644 20.85 23.06 -16.82
N ASP A 645 21.18 23.99 -17.71
CA ASP A 645 21.02 25.42 -17.48
C ASP A 645 19.99 25.94 -18.48
N LYS A 646 18.85 26.39 -17.96
CA LYS A 646 17.76 26.81 -18.84
C LYS A 646 18.10 28.10 -19.58
N VAL A 647 18.78 29.04 -18.91
CA VAL A 647 19.05 30.34 -19.51
C VAL A 647 19.94 30.18 -20.73
N SER A 648 21.04 29.44 -20.59
CA SER A 648 21.94 29.21 -21.70
C SER A 648 21.49 28.07 -22.61
N ASN A 649 20.49 27.31 -22.20
CA ASN A 649 20.01 26.14 -22.95
C ASN A 649 21.16 25.18 -23.24
N SER A 650 22.02 24.98 -22.24
CA SER A 650 23.17 24.11 -22.34
C SER A 650 23.10 23.04 -21.26
N HIS A 651 23.60 21.85 -21.59
CA HIS A 651 23.54 20.71 -20.69
C HIS A 651 24.89 20.01 -20.64
N ALA A 652 25.11 19.29 -19.55
CA ALA A 652 26.32 18.52 -19.36
C ALA A 652 26.00 17.27 -18.57
N THR A 653 26.87 16.27 -18.68
CA THR A 653 26.64 14.96 -18.10
C THR A 653 27.64 14.67 -17.00
N LEU A 654 27.16 14.16 -15.87
CA LEU A 654 28.00 13.68 -14.78
C LEU A 654 27.74 12.21 -14.56
N PHE A 655 28.78 11.39 -14.70
CA PHE A 655 28.70 9.96 -14.44
C PHE A 655 29.10 9.74 -12.99
N GLY A 656 28.10 9.78 -12.10
CA GLY A 656 28.34 9.68 -10.68
C GLY A 656 29.00 8.38 -10.25
N SER A 657 30.08 8.50 -9.47
CA SER A 657 30.78 7.40 -8.82
C SER A 657 31.57 6.51 -9.77
N VAL A 658 31.79 6.93 -11.01
CA VAL A 658 32.46 6.11 -12.02
C VAL A 658 33.74 6.81 -12.45
N ALA A 659 34.80 6.02 -12.60
CA ALA A 659 36.04 6.53 -13.16
C ALA A 659 35.87 6.80 -14.65
N CYS A 660 36.68 7.71 -15.17
CA CYS A 660 36.50 8.15 -16.56
C CYS A 660 36.96 7.10 -17.55
N SER A 661 38.02 6.34 -17.22
CA SER A 661 38.45 5.27 -18.11
C SER A 661 37.37 4.20 -18.26
N HIS A 662 36.74 3.80 -17.15
CA HIS A 662 35.65 2.84 -17.22
C HIS A 662 34.45 3.43 -17.93
N VAL A 663 34.22 4.74 -17.81
CA VAL A 663 33.15 5.37 -18.58
C VAL A 663 33.44 5.25 -20.07
N THR A 664 34.70 5.47 -20.46
CA THR A 664 35.07 5.37 -21.87
C THR A 664 34.89 3.95 -22.39
N THR A 665 35.42 2.96 -21.67
CA THR A 665 35.28 1.57 -22.13
C THR A 665 33.83 1.13 -22.15
N MET A 666 33.06 1.51 -21.12
CA MET A 666 31.64 1.16 -21.04
C MET A 666 30.77 2.19 -21.74
N MET A 667 31.07 2.46 -23.01
CA MET A 667 30.38 3.53 -23.72
C MET A 667 29.06 3.07 -24.34
N SER A 668 28.86 1.78 -24.53
CA SER A 668 27.63 1.29 -25.18
C SER A 668 26.51 1.09 -24.17
N GLN A 669 26.24 2.13 -23.40
CA GLN A 669 25.12 2.13 -22.45
C GLN A 669 24.38 3.46 -22.38
N PHE A 670 24.89 4.52 -22.99
CA PHE A 670 24.34 5.86 -22.87
C PHE A 670 23.66 6.27 -24.17
N SER A 671 23.27 7.54 -24.24
CA SER A 671 22.59 8.06 -25.42
C SER A 671 23.52 8.03 -26.63
N ARG A 672 22.92 8.22 -27.81
CA ARG A 672 23.69 8.18 -29.05
C ARG A 672 24.73 9.29 -29.10
N MET A 673 24.35 10.49 -28.69
CA MET A 673 25.30 11.60 -28.67
C MET A 673 26.43 11.33 -27.68
N THR A 674 26.10 10.76 -26.52
CA THR A 674 27.14 10.41 -25.55
C THR A 674 28.08 9.34 -26.11
N LYS A 675 27.53 8.35 -26.81
CA LYS A 675 28.36 7.34 -27.45
C LYS A 675 29.29 7.95 -28.48
N THR A 676 28.76 8.87 -29.30
CA THR A 676 29.59 9.52 -30.30
C THR A 676 30.69 10.35 -29.65
N ASN A 677 30.36 11.08 -28.59
CA ASN A 677 31.37 11.91 -27.93
C ASN A 677 32.41 11.07 -27.21
N LEU A 678 32.04 9.88 -26.73
CA LEU A 678 33.03 9.00 -26.11
C LEU A 678 33.89 8.29 -27.16
N LEU A 679 33.34 8.02 -28.34
CA LEU A 679 34.14 7.43 -29.42
C LEU A 679 35.22 8.38 -29.89
N ALA A 680 34.83 9.62 -30.20
CA ALA A 680 35.79 10.61 -30.68
C ALA A 680 36.50 11.28 -29.51
N ARG A 681 37.83 11.35 -29.58
CA ARG A 681 38.63 11.94 -28.51
C ARG A 681 38.50 13.46 -28.55
N THR A 682 37.32 13.93 -28.15
CA THR A 682 37.04 15.36 -28.12
C THR A 682 37.84 16.04 -27.02
N THR A 683 38.23 17.29 -27.28
CA THR A 683 39.03 18.05 -26.32
C THR A 683 38.27 18.41 -25.04
N PRO A 684 36.89 18.52 -25.01
CA PRO A 684 36.17 18.55 -23.74
C PRO A 684 35.81 17.15 -23.26
N GLY A 685 36.82 16.28 -23.19
CA GLY A 685 36.60 14.90 -22.89
C GLY A 685 36.22 14.67 -21.43
N PRO A 686 36.05 13.40 -21.07
CA PRO A 686 35.66 13.07 -19.69
C PRO A 686 36.68 13.60 -18.69
N LEU A 687 36.17 14.17 -17.60
CA LEU A 687 36.99 14.79 -16.57
C LEU A 687 36.68 14.17 -15.22
N GLN A 688 37.73 13.78 -14.50
CA GLN A 688 37.59 13.12 -13.21
C GLN A 688 37.43 14.18 -12.12
N THR A 689 36.32 14.12 -11.39
CA THR A 689 36.03 15.00 -10.28
C THR A 689 35.89 14.17 -9.00
N THR A 690 35.51 14.85 -7.92
CA THR A 690 35.32 14.17 -6.64
C THR A 690 33.92 13.57 -6.50
N VAL A 691 33.06 13.75 -7.49
CA VAL A 691 31.71 13.19 -7.47
C VAL A 691 31.45 12.27 -8.66
N GLY A 692 32.50 11.92 -9.41
CA GLY A 692 32.39 11.01 -10.52
C GLY A 692 33.02 11.61 -11.76
N CYS A 693 32.84 10.91 -12.88
CA CYS A 693 33.36 11.36 -14.16
C CYS A 693 32.42 12.39 -14.77
N ALA A 694 32.97 13.52 -15.19
CA ALA A 694 32.20 14.63 -15.74
C ALA A 694 32.49 14.79 -17.22
N MET A 695 31.44 14.84 -18.03
CA MET A 695 31.54 15.03 -19.47
C MET A 695 30.99 16.41 -19.82
N GLY A 696 31.82 17.23 -20.46
CA GLY A 696 31.43 18.58 -20.79
C GLY A 696 31.83 19.62 -19.77
N PHE A 697 32.82 19.33 -18.92
CA PHE A 697 33.25 20.24 -17.87
C PHE A 697 34.74 20.52 -18.02
N ILE A 698 35.19 21.58 -17.34
CA ILE A 698 36.60 21.92 -17.23
C ILE A 698 36.86 22.43 -15.83
N ASN A 699 37.99 22.04 -15.25
CA ASN A 699 38.39 22.58 -13.96
C ASN A 699 38.80 24.04 -14.14
N SER A 700 38.16 24.94 -13.41
CA SER A 700 38.32 26.37 -13.62
C SER A 700 39.06 27.09 -12.50
N SER A 701 39.28 26.44 -11.37
CA SER A 701 39.90 27.07 -10.20
C SER A 701 39.13 28.30 -9.74
N MET A 702 37.83 28.34 -10.02
CA MET A 702 36.97 29.44 -9.65
C MET A 702 36.31 29.17 -8.32
N VAL A 703 36.15 30.22 -7.51
CA VAL A 703 35.56 30.13 -6.19
C VAL A 703 34.27 30.96 -6.20
N VAL A 704 33.17 30.33 -5.78
CA VAL A 704 31.87 30.97 -5.74
C VAL A 704 31.29 30.85 -4.33
N ASP A 705 30.38 31.77 -4.01
CA ASP A 705 29.71 31.76 -2.72
C ASP A 705 28.35 31.07 -2.77
N GLU A 706 27.78 30.88 -3.96
CA GLU A 706 26.52 30.18 -4.12
C GLU A 706 26.40 29.73 -5.57
N CYS A 707 25.55 28.74 -5.80
CA CYS A 707 25.31 28.26 -7.15
C CYS A 707 23.96 27.56 -7.21
N GLN A 708 23.35 27.61 -8.39
CA GLN A 708 22.10 26.92 -8.65
C GLN A 708 22.31 25.52 -9.21
N LEU A 709 23.56 25.13 -9.49
CA LEU A 709 23.88 23.81 -10.04
C LEU A 709 24.97 23.18 -9.18
N PRO A 710 24.61 22.69 -7.98
CA PRO A 710 25.61 22.06 -7.11
C PRO A 710 25.79 20.60 -7.47
N LEU A 711 27.04 20.24 -7.79
CA LEU A 711 27.37 18.85 -8.11
C LEU A 711 27.57 17.99 -6.88
N GLY A 712 27.65 18.58 -5.70
CA GLY A 712 27.93 17.85 -4.48
C GLY A 712 29.41 17.95 -4.10
N GLN A 713 29.67 17.77 -2.81
CA GLN A 713 31.01 17.87 -2.25
C GLN A 713 31.66 19.22 -2.56
N SER A 714 30.90 20.29 -2.31
CA SER A 714 31.35 21.66 -2.51
C SER A 714 31.80 21.91 -3.94
N LEU A 715 31.04 21.38 -4.90
CA LEU A 715 31.30 21.58 -6.31
C LEU A 715 30.09 22.23 -6.96
N CYS A 716 30.34 23.16 -7.87
CA CYS A 716 29.28 23.87 -8.57
C CYS A 716 29.58 23.89 -10.05
N ALA A 717 28.53 23.75 -10.86
CA ALA A 717 28.65 23.83 -12.31
C ALA A 717 28.37 25.26 -12.76
N ILE A 718 29.36 25.90 -13.36
CA ILE A 718 29.21 27.26 -13.86
C ILE A 718 28.75 27.19 -15.30
N PRO A 719 27.54 27.67 -15.62
CA PRO A 719 27.04 27.53 -16.99
C PRO A 719 27.89 28.34 -17.95
N PRO A 720 27.97 27.92 -19.21
CA PRO A 720 28.71 28.71 -20.20
C PRO A 720 28.05 30.06 -20.42
N THR A 721 28.89 31.07 -20.66
CA THR A 721 28.42 32.44 -20.87
C THR A 721 27.88 32.54 -22.29
N ILE A 722 26.57 32.36 -22.43
CA ILE A 722 25.91 32.41 -23.73
C ILE A 722 25.83 33.85 -24.22
N ASP A 735 31.01 28.27 -23.64
CA ASP A 735 30.56 27.18 -24.51
C ASP A 735 30.60 25.85 -23.76
N VAL A 736 31.34 25.82 -22.66
CA VAL A 736 31.56 24.59 -21.88
C VAL A 736 31.33 24.90 -20.41
N PHE A 737 30.63 24.00 -19.71
CA PHE A 737 30.41 24.16 -18.29
C PHE A 737 31.73 24.16 -17.53
N GLN A 738 31.80 24.98 -16.48
CA GLN A 738 32.97 25.06 -15.62
C GLN A 738 32.64 24.47 -14.25
N ILE A 739 33.67 23.98 -13.57
CA ILE A 739 33.53 23.40 -12.24
C ILE A 739 34.17 24.35 -11.25
N ALA A 740 33.35 24.93 -10.37
CA ALA A 740 33.82 25.81 -9.32
C ALA A 740 33.64 25.13 -7.96
N THR A 741 34.30 25.69 -6.96
CA THR A 741 34.26 25.16 -5.61
C THR A 741 33.53 26.15 -4.69
N LEU A 742 32.58 25.64 -3.93
CA LEU A 742 31.88 26.47 -2.95
C LEU A 742 32.83 26.83 -1.81
N ASN A 743 32.86 28.11 -1.46
CA ASN A 743 33.73 28.58 -0.38
C ASN A 743 33.10 29.81 0.24
N PHE A 744 32.82 29.74 1.54
CA PHE A 744 32.20 30.85 2.26
C PHE A 744 33.30 31.64 2.96
N THR A 745 33.47 32.90 2.58
CA THR A 745 34.46 33.78 3.18
C THR A 745 33.80 34.51 4.33
N SER A 746 34.14 34.12 5.55
CA SER A 746 33.62 34.80 6.73
C SER A 746 34.17 36.23 6.79
N PRO A 747 33.43 37.15 7.38
CA PRO A 747 33.93 38.53 7.51
C PRO A 747 35.23 38.55 8.31
N LEU A 748 36.04 39.58 8.05
CA LEU A 748 37.36 39.67 8.64
C LEU A 748 37.28 39.59 10.16
N THR A 749 38.12 38.73 10.75
CA THR A 749 38.07 38.50 12.18
C THR A 749 38.60 39.72 12.93
N LEU A 750 37.87 40.14 13.96
CA LEU A 750 38.27 41.27 14.78
C LEU A 750 39.24 40.77 15.84
N ALA A 751 40.53 40.93 15.58
CA ALA A 751 41.53 40.48 16.53
C ALA A 751 41.48 41.33 17.79
N PRO A 752 41.36 40.73 18.97
CA PRO A 752 41.33 41.52 20.21
C PRO A 752 42.65 42.25 20.42
N ILE A 753 42.57 43.42 21.03
CA ILE A 753 43.73 44.26 21.27
C ILE A 753 44.27 43.97 22.66
N ASN A 754 45.59 44.07 22.81
CA ASN A 754 46.26 43.83 24.08
C ASN A 754 46.21 45.04 25.00
N SER A 755 45.35 46.01 24.72
CA SER A 755 45.23 47.20 25.55
C SER A 755 44.38 46.91 26.77
N THR A 756 43.99 47.96 27.50
CA THR A 756 43.24 47.77 28.74
C THR A 756 41.85 47.19 28.47
N GLY A 757 41.11 47.80 27.55
CA GLY A 757 39.75 47.37 27.29
C GLY A 757 39.63 46.43 26.12
N PHE A 758 38.74 46.75 25.19
CA PHE A 758 38.51 45.93 24.01
C PHE A 758 38.10 46.83 22.85
N VAL A 759 38.08 46.25 21.66
CA VAL A 759 37.68 46.95 20.45
C VAL A 759 36.35 46.40 19.98
N VAL A 760 35.40 47.29 19.69
CA VAL A 760 34.05 46.91 19.29
C VAL A 760 33.74 47.62 17.98
N ALA A 761 33.17 46.89 17.03
CA ALA A 761 32.77 47.46 15.74
C ALA A 761 31.33 47.98 15.89
N VAL A 762 31.20 49.28 16.06
CA VAL A 762 29.90 49.93 16.23
C VAL A 762 29.45 50.47 14.87
N PRO A 763 28.22 50.22 14.45
CA PRO A 763 27.78 50.69 13.12
C PRO A 763 27.79 52.20 13.02
N THR A 764 28.13 52.69 11.82
CA THR A 764 27.98 54.09 11.47
C THR A 764 26.99 54.32 10.34
N ASN A 765 26.65 53.29 9.58
CA ASN A 765 25.66 53.35 8.52
C ASN A 765 24.77 52.12 8.63
N PHE A 766 23.55 52.22 8.12
CA PHE A 766 22.62 51.11 8.25
C PHE A 766 21.58 51.16 7.14
N THR A 767 20.94 50.02 6.92
CA THR A 767 19.79 49.89 6.06
C THR A 767 18.74 49.05 6.78
N PHE A 768 17.55 48.99 6.20
CA PHE A 768 16.46 48.18 6.75
C PHE A 768 16.27 46.98 5.84
N GLY A 769 16.86 45.84 6.23
CA GLY A 769 16.70 44.63 5.46
C GLY A 769 15.39 43.94 5.76
N VAL A 770 14.75 43.44 4.71
CA VAL A 770 13.45 42.79 4.81
C VAL A 770 13.62 41.31 4.52
N THR A 771 13.24 40.47 5.49
CA THR A 771 13.25 39.03 5.34
C THR A 771 11.83 38.55 5.12
N GLN A 772 11.59 37.86 4.02
CA GLN A 772 10.27 37.39 3.66
C GLN A 772 10.12 35.92 4.03
N GLU A 773 9.03 35.59 4.70
CA GLU A 773 8.79 34.23 5.18
C GLU A 773 7.33 33.89 4.99
N PHE A 774 7.07 32.68 4.50
CA PHE A 774 5.72 32.17 4.31
C PHE A 774 5.44 31.06 5.30
N ILE A 775 4.37 31.20 6.06
CA ILE A 775 3.91 30.18 6.99
C ILE A 775 2.51 29.78 6.58
N GLU A 776 2.36 28.55 6.11
CA GLU A 776 1.05 28.07 5.70
C GLU A 776 0.16 27.84 6.92
N THR A 777 -1.13 28.11 6.75
CA THR A 777 -2.11 27.88 7.80
C THR A 777 -3.24 26.95 7.41
N THR A 778 -3.46 26.73 6.12
CA THR A 778 -4.54 25.88 5.64
C THR A 778 -4.01 24.92 4.59
N ILE A 779 -4.82 23.89 4.31
CA ILE A 779 -4.70 23.08 3.11
C ILE A 779 -6.10 23.01 2.50
N GLN A 780 -6.15 22.64 1.22
CA GLN A 780 -7.44 22.49 0.57
C GLN A 780 -8.19 21.31 1.16
N LYS A 781 -9.40 21.57 1.66
CA LYS A 781 -10.18 20.53 2.33
C LYS A 781 -10.93 19.72 1.30
N ILE A 782 -10.71 18.41 1.28
CA ILE A 782 -11.26 17.53 0.27
C ILE A 782 -12.12 16.47 0.95
N THR A 783 -13.35 16.32 0.48
CA THR A 783 -14.23 15.22 0.88
C THR A 783 -14.46 14.33 -0.34
N VAL A 784 -14.26 13.02 -0.16
CA VAL A 784 -14.35 12.07 -1.25
C VAL A 784 -15.60 11.22 -1.06
N ASP A 785 -16.40 11.12 -2.11
CA ASP A 785 -17.54 10.19 -2.15
C ASP A 785 -16.97 8.81 -2.43
N CYS A 786 -16.71 8.06 -1.37
CA CYS A 786 -15.97 6.81 -1.49
C CYS A 786 -16.71 5.80 -2.35
N LYS A 787 -18.04 5.70 -2.18
CA LYS A 787 -18.81 4.74 -2.95
C LYS A 787 -18.73 5.05 -4.44
N GLN A 788 -18.95 6.32 -4.81
CA GLN A 788 -18.89 6.70 -6.22
C GLN A 788 -17.47 6.63 -6.75
N TYR A 789 -16.48 7.02 -5.94
CA TYR A 789 -15.09 6.99 -6.39
C TYR A 789 -14.65 5.56 -6.69
N VAL A 790 -15.04 4.60 -5.85
CA VAL A 790 -14.55 3.25 -6.02
C VAL A 790 -15.38 2.48 -7.05
N CYS A 791 -16.71 2.64 -7.01
CA CYS A 791 -17.58 1.77 -7.79
C CYS A 791 -18.32 2.46 -8.92
N ASN A 792 -18.35 3.79 -8.94
CA ASN A 792 -19.03 4.55 -10.00
C ASN A 792 -20.51 4.16 -10.11
N GLY A 793 -21.12 3.80 -8.99
CA GLY A 793 -22.54 3.46 -8.96
C GLY A 793 -22.90 2.19 -9.70
N PHE A 794 -22.10 1.13 -9.55
CA PHE A 794 -22.39 -0.17 -10.15
C PHE A 794 -22.70 -1.17 -9.04
N LYS A 795 -23.84 -1.85 -9.18
CA LYS A 795 -24.31 -2.74 -8.12
C LYS A 795 -23.36 -3.91 -7.89
N LYS A 796 -22.82 -4.47 -8.97
CA LYS A 796 -21.85 -5.56 -8.85
C LYS A 796 -20.62 -5.12 -8.08
N CYS A 797 -20.08 -3.94 -8.42
CA CYS A 797 -18.92 -3.44 -7.73
C CYS A 797 -19.22 -3.19 -6.26
N GLU A 798 -20.40 -2.65 -5.96
CA GLU A 798 -20.76 -2.40 -4.57
C GLU A 798 -20.86 -3.70 -3.77
N ASP A 799 -21.45 -4.73 -4.38
CA ASP A 799 -21.53 -6.02 -3.71
C ASP A 799 -20.14 -6.60 -3.47
N LEU A 800 -19.23 -6.45 -4.45
CA LEU A 800 -17.87 -6.96 -4.26
C LEU A 800 -17.11 -6.14 -3.21
N LEU A 801 -17.39 -4.84 -3.13
CA LEU A 801 -16.70 -3.98 -2.19
C LEU A 801 -17.19 -4.18 -0.76
N LYS A 802 -18.45 -4.58 -0.59
CA LYS A 802 -18.98 -4.82 0.74
C LYS A 802 -18.20 -5.89 1.49
N GLU A 803 -17.46 -6.75 0.79
CA GLU A 803 -16.62 -7.75 1.43
C GLU A 803 -15.38 -7.16 2.08
N TYR A 804 -15.08 -5.88 1.85
CA TYR A 804 -13.92 -5.24 2.44
C TYR A 804 -14.22 -4.57 3.77
N GLY A 805 -15.44 -4.69 4.27
CA GLY A 805 -15.79 -4.20 5.60
C GLY A 805 -16.57 -2.89 5.54
N GLN A 806 -16.07 -1.89 6.26
CA GLN A 806 -16.74 -0.59 6.35
C GLN A 806 -15.80 0.50 5.85
N PHE A 807 -15.17 0.25 4.70
CA PHE A 807 -14.09 1.11 4.22
C PHE A 807 -14.59 2.52 3.93
N CYS A 808 -15.73 2.64 3.25
CA CYS A 808 -16.20 3.96 2.81
C CYS A 808 -16.60 4.82 3.98
N SER A 809 -17.28 4.24 4.98
CA SER A 809 -17.69 5.01 6.15
C SER A 809 -16.47 5.50 6.93
N LYS A 810 -15.46 4.63 7.08
CA LYS A 810 -14.24 5.04 7.77
C LYS A 810 -13.51 6.15 7.02
N ILE A 811 -13.46 6.05 5.69
CA ILE A 811 -12.83 7.10 4.89
C ILE A 811 -13.57 8.42 5.07
N ASN A 812 -14.90 8.37 5.02
CA ASN A 812 -15.71 9.57 5.20
C ASN A 812 -15.48 10.19 6.57
N GLN A 813 -15.44 9.36 7.62
CA GLN A 813 -15.23 9.86 8.97
C GLN A 813 -13.84 10.49 9.10
N ALA A 814 -12.82 9.84 8.53
CA ALA A 814 -11.47 10.38 8.61
C ALA A 814 -11.38 11.75 7.94
N LEU A 815 -11.93 11.86 6.73
CA LEU A 815 -11.88 13.13 6.02
C LEU A 815 -12.68 14.20 6.74
N HIS A 816 -13.85 13.85 7.27
CA HIS A 816 -14.66 14.80 8.03
C HIS A 816 -13.93 15.28 9.26
N GLY A 817 -13.26 14.37 9.97
CA GLY A 817 -12.50 14.78 11.13
C GLY A 817 -11.33 15.68 10.79
N ALA A 818 -10.63 15.38 9.70
CA ALA A 818 -9.53 16.24 9.27
C ALA A 818 -10.03 17.64 8.94
N ASN A 819 -11.13 17.73 8.18
CA ASN A 819 -11.67 19.04 7.82
C ASN A 819 -12.17 19.80 9.05
N LEU A 820 -12.81 19.09 9.99
CA LEU A 820 -13.25 19.74 11.22
C LEU A 820 -12.07 20.28 12.02
N ARG A 821 -10.99 19.49 12.13
CA ARG A 821 -9.83 19.95 12.87
C ARG A 821 -9.19 21.17 12.20
N GLN A 822 -9.13 21.17 10.87
CA GLN A 822 -8.62 22.34 10.16
C GLN A 822 -9.49 23.56 10.42
N ASP A 823 -10.82 23.36 10.43
CA ASP A 823 -11.73 24.47 10.70
C ASP A 823 -11.52 25.05 12.08
N GLU A 824 -11.40 24.18 13.10
CA GLU A 824 -11.15 24.67 14.45
C GLU A 824 -9.80 25.38 14.55
N SER A 825 -8.78 24.85 13.89
CA SER A 825 -7.46 25.49 13.94
C SER A 825 -7.51 26.88 13.31
N ILE A 826 -8.19 27.02 12.18
CA ILE A 826 -8.25 28.33 11.52
C ILE A 826 -9.11 29.29 12.34
N ALA A 827 -10.20 28.80 12.93
CA ALA A 827 -11.01 29.66 13.80
C ALA A 827 -10.22 30.13 15.00
N ASN A 828 -9.42 29.23 15.59
CA ASN A 828 -8.57 29.62 16.72
C ASN A 828 -7.54 30.66 16.31
N LEU A 829 -6.94 30.50 15.13
CA LEU A 829 -5.98 31.49 14.66
C LEU A 829 -6.63 32.85 14.43
N PHE A 830 -7.82 32.86 13.83
CA PHE A 830 -8.50 34.11 13.52
C PHE A 830 -9.22 34.73 14.71
N SER A 831 -9.36 33.99 15.81
CA SER A 831 -10.07 34.52 16.98
C SER A 831 -9.35 35.67 17.66
N SER A 832 -8.10 35.94 17.31
CA SER A 832 -7.38 37.05 17.92
C SER A 832 -7.99 38.40 17.59
N ILE A 833 -8.82 38.48 16.54
CA ILE A 833 -9.44 39.74 16.15
C ILE A 833 -10.35 40.24 17.25
N LYS A 834 -11.14 39.34 17.84
CA LYS A 834 -12.15 39.74 18.83
C LYS A 834 -11.54 40.33 20.09
N THR A 835 -10.28 40.03 20.40
CA THR A 835 -9.64 40.47 21.63
C THR A 835 -8.31 41.15 21.33
N GLN A 836 -8.32 42.07 20.36
CA GLN A 836 -7.11 42.81 19.99
C GLN A 836 -7.48 44.26 19.78
N ASN A 837 -6.95 45.14 20.63
CA ASN A 837 -7.14 46.57 20.47
C ASN A 837 -6.20 47.12 19.40
N THR A 838 -6.72 48.03 18.59
CA THR A 838 -5.96 48.62 17.49
C THR A 838 -6.16 50.13 17.49
N GLN A 839 -5.45 50.81 16.61
CA GLN A 839 -5.63 52.22 16.36
C GLN A 839 -5.86 52.44 14.87
N PRO A 840 -6.64 53.46 14.51
CA PRO A 840 -6.87 53.71 13.07
C PRO A 840 -5.66 54.32 12.39
N LEU A 841 -4.98 53.53 11.56
CA LEU A 841 -3.82 54.03 10.85
C LEU A 841 -4.23 55.04 9.79
N GLN A 842 -3.48 56.13 9.70
CA GLN A 842 -3.74 57.14 8.68
C GLN A 842 -3.46 56.56 7.30
N ALA A 843 -4.33 56.86 6.34
CA ALA A 843 -4.15 56.37 4.99
C ALA A 843 -2.97 57.06 4.33
N GLY A 844 -2.06 56.28 3.78
CA GLY A 844 -0.86 56.81 3.15
C GLY A 844 0.29 56.94 4.15
N LEU A 845 0.74 58.16 4.38
CA LEU A 845 1.86 58.41 5.27
C LEU A 845 1.39 58.41 6.71
N ASN A 846 1.98 57.54 7.54
CA ASN A 846 1.72 57.52 8.98
C ASN A 846 2.89 58.22 9.64
N GLY A 847 2.77 59.54 9.79
CA GLY A 847 3.90 60.35 10.21
C GLY A 847 4.83 60.60 9.04
N ASP A 848 5.97 59.92 9.02
CA ASP A 848 6.86 59.93 7.87
C ASP A 848 7.05 58.56 7.26
N PHE A 849 6.39 57.53 7.78
CA PHE A 849 6.50 56.17 7.27
C PHE A 849 5.35 55.89 6.31
N ASN A 850 5.69 55.40 5.12
CA ASN A 850 4.71 55.19 4.05
C ASN A 850 4.22 53.74 4.12
N LEU A 851 2.97 53.55 4.53
CA LEU A 851 2.37 52.23 4.66
C LEU A 851 1.30 51.96 3.61
N THR A 852 1.33 52.67 2.48
CA THR A 852 0.32 52.47 1.45
C THR A 852 0.39 51.06 0.87
N MET A 853 1.58 50.50 0.75
CA MET A 853 1.76 49.15 0.22
C MET A 853 1.07 48.08 1.07
N LEU A 854 0.88 48.32 2.36
CA LEU A 854 0.32 47.32 3.26
C LEU A 854 -1.14 47.59 3.63
N GLN A 855 -1.69 48.74 3.27
CA GLN A 855 -3.06 49.10 3.61
C GLN A 855 -4.01 48.77 2.46
N ILE A 856 -5.24 48.43 2.82
CA ILE A 856 -6.28 48.16 1.83
C ILE A 856 -6.75 49.49 1.24
N PRO A 857 -6.65 49.68 -0.07
CA PRO A 857 -7.11 50.94 -0.66
C PRO A 857 -8.61 51.12 -0.49
N GLN A 858 -9.02 52.37 -0.30
CA GLN A 858 -10.42 52.74 -0.08
C GLN A 858 -10.91 53.48 -1.32
N VAL A 859 -11.82 52.85 -2.06
CA VAL A 859 -12.45 53.44 -3.24
C VAL A 859 -13.96 53.35 -3.06
N THR A 860 -14.65 54.47 -3.29
CA THR A 860 -16.10 54.53 -3.12
C THR A 860 -16.86 54.20 -4.41
N THR A 861 -16.16 53.89 -5.50
CA THR A 861 -16.84 53.57 -6.75
C THR A 861 -17.68 52.30 -6.62
N GLY A 862 -17.14 51.29 -5.97
CA GLY A 862 -17.81 50.02 -5.79
C GLY A 862 -17.68 49.52 -4.36
N GLU A 863 -17.74 48.20 -4.21
CA GLU A 863 -17.61 47.60 -2.90
C GLU A 863 -16.19 47.71 -2.39
N ARG A 864 -16.03 47.59 -1.08
CA ARG A 864 -14.72 47.72 -0.45
C ARG A 864 -13.79 46.60 -0.90
N LYS A 865 -12.54 46.95 -1.17
CA LYS A 865 -11.55 45.96 -1.56
C LYS A 865 -11.15 45.12 -0.35
N TYR A 866 -10.66 43.91 -0.63
CA TYR A 866 -10.27 42.97 0.42
C TYR A 866 -8.80 42.57 0.32
N ARG A 867 -8.00 43.33 -0.42
CA ARG A 867 -6.59 43.01 -0.59
C ARG A 867 -5.77 44.29 -0.61
N SER A 868 -4.66 44.28 0.11
CA SER A 868 -3.69 45.36 -0.01
C SER A 868 -2.91 45.21 -1.32
N ALA A 869 -2.18 46.27 -1.68
CA ALA A 869 -1.47 46.27 -2.95
C ALA A 869 -0.42 45.17 -3.01
N ILE A 870 0.33 44.98 -1.92
CA ILE A 870 1.32 43.91 -1.89
C ILE A 870 0.63 42.54 -1.91
N GLU A 871 -0.53 42.43 -1.26
CA GLU A 871 -1.32 41.21 -1.36
C GLU A 871 -1.79 40.98 -2.78
N ASP A 872 -2.22 42.05 -3.46
CA ASP A 872 -2.63 41.92 -4.85
C ASP A 872 -1.49 41.43 -5.73
N LEU A 873 -0.29 42.00 -5.58
CA LEU A 873 0.85 41.51 -6.34
C LEU A 873 1.20 40.07 -6.02
N LEU A 874 1.20 39.69 -4.74
CA LEU A 874 1.53 38.31 -4.38
C LEU A 874 0.52 37.32 -4.94
N PHE A 875 -0.76 37.68 -4.91
CA PHE A 875 -1.79 36.79 -5.46
C PHE A 875 -1.79 36.77 -6.98
N ASN A 876 -1.37 37.86 -7.63
CA ASN A 876 -1.26 37.86 -9.08
C ASN A 876 0.00 37.16 -9.58
N LYS A 877 1.00 36.99 -8.72
CA LYS A 877 2.21 36.25 -9.08
C LYS A 877 2.09 34.75 -8.85
N VAL A 878 0.98 34.27 -8.30
CA VAL A 878 0.77 32.85 -8.03
C VAL A 878 -0.43 32.38 -8.84
N THR A 879 -0.26 31.29 -9.57
CA THR A 879 -1.33 30.71 -10.39
C THR A 879 -2.03 29.62 -9.59
N ILE A 880 -3.31 29.84 -9.30
CA ILE A 880 -4.13 28.88 -8.56
C ILE A 880 -5.38 28.60 -9.38
N ALA A 881 -5.69 27.32 -9.55
CA ALA A 881 -6.93 26.94 -10.23
C ALA A 881 -8.12 27.34 -9.38
N ASP A 882 -9.00 28.15 -9.93
CA ASP A 882 -10.12 28.67 -9.15
C ASP A 882 -11.14 27.57 -8.92
N PRO A 883 -11.44 27.22 -7.67
CA PRO A 883 -12.53 26.26 -7.42
C PRO A 883 -13.87 26.97 -7.41
N GLY A 884 -14.81 26.45 -8.17
CA GLY A 884 -16.10 27.10 -8.31
C GLY A 884 -17.00 26.83 -7.12
N TYR A 885 -16.72 27.48 -6.00
CA TYR A 885 -17.54 27.27 -4.81
C TYR A 885 -19.00 27.60 -5.08
N MET A 886 -19.25 28.64 -5.87
CA MET A 886 -20.58 29.01 -6.34
C MET A 886 -20.70 28.66 -7.82
N GLN A 887 -21.76 27.93 -8.16
CA GLN A 887 -22.09 27.56 -9.55
C GLN A 887 -20.91 26.94 -10.30
N GLY A 888 -19.95 26.35 -9.58
CA GLY A 888 -18.81 25.73 -10.23
C GLY A 888 -19.13 24.45 -10.98
N TYR A 889 -20.19 23.75 -10.58
CA TYR A 889 -20.62 22.58 -11.34
C TYR A 889 -21.04 22.95 -12.76
N ASP A 890 -21.77 24.05 -12.90
CA ASP A 890 -22.19 24.52 -14.22
C ASP A 890 -21.06 25.23 -14.96
N GLU A 891 -20.16 25.89 -14.24
CA GLU A 891 -19.04 26.55 -14.91
C GLU A 891 -18.12 25.55 -15.59
N CYS A 892 -18.02 24.33 -15.06
CA CYS A 892 -17.17 23.33 -15.68
C CYS A 892 -17.77 22.81 -16.98
N MET A 893 -19.09 22.88 -17.13
CA MET A 893 -19.71 22.49 -18.38
C MET A 893 -19.47 23.53 -19.46
N GLN A 894 -19.62 24.81 -19.11
CA GLN A 894 -19.48 25.89 -20.09
C GLN A 894 -18.04 25.98 -20.61
N GLN A 895 -17.06 25.91 -19.71
CA GLN A 895 -15.67 26.08 -20.12
C GLN A 895 -15.21 24.96 -21.05
N GLY A 896 -15.55 23.72 -20.73
CA GLY A 896 -15.07 22.59 -21.48
C GLY A 896 -13.93 21.91 -20.78
N PRO A 897 -13.25 20.98 -21.48
CA PRO A 897 -12.16 20.22 -20.85
C PRO A 897 -10.80 20.91 -20.98
N GLN A 898 -10.68 22.08 -20.34
CA GLN A 898 -9.40 22.77 -20.32
C GLN A 898 -8.40 22.00 -19.46
N SER A 899 -7.13 22.04 -19.88
CA SER A 899 -6.10 21.26 -19.19
C SER A 899 -5.82 21.80 -17.80
N ALA A 900 -5.73 23.13 -17.66
CA ALA A 900 -5.41 23.71 -16.37
C ALA A 900 -6.56 23.52 -15.37
N ARG A 901 -7.78 23.83 -15.80
CA ARG A 901 -8.96 23.66 -14.94
C ARG A 901 -9.60 22.30 -15.16
N ASP A 902 -8.81 21.24 -15.03
CA ASP A 902 -9.29 19.88 -15.16
C ASP A 902 -9.35 19.13 -13.83
N LEU A 903 -8.37 19.34 -12.95
CA LEU A 903 -8.44 18.76 -11.62
C LEU A 903 -9.55 19.36 -10.79
N ILE A 904 -9.98 20.58 -11.13
CA ILE A 904 -11.13 21.19 -10.47
C ILE A 904 -12.42 20.69 -11.11
N CYS A 905 -12.42 20.50 -12.43
CA CYS A 905 -13.57 19.95 -13.13
C CYS A 905 -13.70 18.44 -12.99
N ALA A 906 -12.67 17.77 -12.45
CA ALA A 906 -12.74 16.34 -12.17
C ALA A 906 -13.43 16.04 -10.86
N GLN A 907 -13.82 17.07 -10.09
CA GLN A 907 -14.57 16.85 -8.87
C GLN A 907 -15.86 16.09 -9.15
N TYR A 908 -16.56 16.47 -10.20
CA TYR A 908 -17.88 15.94 -10.53
C TYR A 908 -17.83 14.72 -11.42
N VAL A 909 -16.63 14.22 -11.74
CA VAL A 909 -16.46 12.99 -12.50
C VAL A 909 -15.82 11.90 -11.67
N ALA A 910 -14.75 12.24 -10.94
CA ALA A 910 -14.09 11.26 -10.10
C ALA A 910 -14.91 10.94 -8.86
N GLY A 911 -15.48 11.96 -8.23
CA GLY A 911 -16.31 11.74 -7.06
C GLY A 911 -15.78 12.35 -5.78
N TYR A 912 -15.08 13.48 -5.88
CA TYR A 912 -14.58 14.19 -4.72
C TYR A 912 -15.04 15.65 -4.79
N LYS A 913 -14.88 16.36 -3.68
CA LYS A 913 -15.32 17.74 -3.57
C LYS A 913 -14.27 18.57 -2.86
N VAL A 914 -14.05 19.79 -3.37
CA VAL A 914 -13.16 20.75 -2.75
C VAL A 914 -14.02 21.66 -1.87
N LEU A 915 -13.85 21.56 -0.55
CA LEU A 915 -14.68 22.33 0.36
C LEU A 915 -14.23 23.79 0.38
N PRO A 916 -15.17 24.74 0.50
CA PRO A 916 -14.78 26.14 0.58
C PRO A 916 -14.03 26.42 1.87
N PRO A 917 -13.17 27.43 1.88
CA PRO A 917 -12.48 27.80 3.12
C PRO A 917 -13.46 28.34 4.15
N LEU A 918 -13.04 28.23 5.42
CA LEU A 918 -13.92 28.60 6.54
C LEU A 918 -14.30 30.07 6.50
N TYR A 919 -13.42 30.93 6.00
CA TYR A 919 -13.63 32.37 6.05
C TYR A 919 -13.56 32.97 4.66
N ASP A 920 -14.38 34.01 4.45
CA ASP A 920 -14.33 34.79 3.23
C ASP A 920 -13.00 35.53 3.16
N PRO A 921 -12.54 35.89 1.95
CA PRO A 921 -11.33 36.73 1.86
C PRO A 921 -11.46 38.06 2.57
N TYR A 922 -12.68 38.56 2.76
CA TYR A 922 -12.87 39.79 3.51
C TYR A 922 -12.51 39.60 4.98
N MET A 923 -12.79 38.42 5.53
CA MET A 923 -12.42 38.14 6.91
C MET A 923 -10.91 38.05 7.07
N GLU A 924 -10.23 37.45 6.09
CA GLU A 924 -8.77 37.43 6.12
C GLU A 924 -8.20 38.84 5.99
N ALA A 925 -8.82 39.67 5.15
CA ALA A 925 -8.42 41.06 5.05
C ALA A 925 -8.59 41.78 6.38
N ALA A 926 -9.70 41.52 7.07
CA ALA A 926 -9.91 42.10 8.38
C ALA A 926 -8.86 41.63 9.38
N TYR A 927 -8.50 40.35 9.33
CA TYR A 927 -7.45 39.83 10.21
C TYR A 927 -6.13 40.54 9.96
N THR A 928 -5.74 40.69 8.69
CA THR A 928 -4.48 41.35 8.39
C THR A 928 -4.53 42.84 8.71
N SER A 929 -5.69 43.48 8.54
CA SER A 929 -5.83 44.88 8.89
C SER A 929 -5.73 45.08 10.40
N SER A 930 -6.32 44.18 11.18
CA SER A 930 -6.18 44.23 12.63
C SER A 930 -4.73 44.00 13.05
N LEU A 931 -4.04 43.10 12.34
CA LEU A 931 -2.61 42.89 12.60
C LEU A 931 -1.82 44.16 12.33
N LEU A 932 -2.12 44.85 11.22
CA LEU A 932 -1.44 46.11 10.92
C LEU A 932 -1.74 47.18 11.95
N GLY A 933 -3.00 47.25 12.41
CA GLY A 933 -3.38 48.22 13.42
C GLY A 933 -2.90 47.89 14.82
N SER A 934 -2.47 46.66 15.05
CA SER A 934 -1.95 46.25 16.35
C SER A 934 -0.44 46.42 16.48
N ILE A 935 0.22 46.95 15.45
CA ILE A 935 1.66 47.09 15.48
C ILE A 935 2.09 48.09 16.54
N ALA A 936 1.46 49.26 16.54
CA ALA A 936 1.87 50.34 17.44
C ALA A 936 1.42 50.08 18.87
N GLY A 937 2.25 50.49 19.81
CA GLY A 937 1.94 50.29 21.21
C GLY A 937 3.05 50.81 22.09
N ALA A 938 2.92 50.54 23.40
CA ALA A 938 3.92 51.00 24.35
C ALA A 938 5.27 50.34 24.11
N SER A 939 5.29 49.01 24.02
CA SER A 939 6.49 48.23 23.76
C SER A 939 7.55 48.39 24.86
N TRP A 940 7.17 48.92 26.02
CA TRP A 940 8.10 48.99 27.13
C TRP A 940 7.51 48.54 28.47
N THR A 941 6.22 48.26 28.54
CA THR A 941 5.59 47.89 29.80
C THR A 941 5.75 46.40 30.07
N ALA A 942 5.34 45.97 31.26
CA ALA A 942 5.60 44.62 31.74
C ALA A 942 4.39 43.70 31.61
N GLY A 943 3.58 43.88 30.57
CA GLY A 943 2.44 43.01 30.39
C GLY A 943 1.68 43.36 29.13
N LEU A 944 0.61 42.59 28.90
CA LEU A 944 -0.25 42.74 27.74
C LEU A 944 -1.64 43.25 28.12
N SER A 945 -1.79 43.75 29.35
CA SER A 945 -3.10 44.09 29.88
C SER A 945 -3.56 45.48 29.47
N SER A 946 -2.63 46.40 29.20
CA SER A 946 -2.96 47.77 28.85
C SER A 946 -2.59 48.03 27.39
N PHE A 947 -3.40 48.85 26.72
CA PHE A 947 -3.15 49.25 25.35
C PHE A 947 -2.87 50.75 25.31
N ALA A 948 -1.73 51.12 24.75
CA ALA A 948 -1.36 52.52 24.57
C ALA A 948 -1.60 52.92 23.12
N ALA A 949 -2.05 54.17 22.93
CA ALA A 949 -2.39 54.68 21.62
C ALA A 949 -1.23 55.42 20.97
N ILE A 950 0.00 55.01 21.26
CA ILE A 950 1.17 55.63 20.64
C ILE A 950 1.11 55.42 19.13
N PRO A 951 1.30 56.46 18.32
CA PRO A 951 1.20 56.29 16.86
C PRO A 951 2.28 55.38 16.31
N PHE A 952 2.15 55.09 15.01
CA PHE A 952 3.03 54.11 14.37
C PHE A 952 4.47 54.59 14.31
N ALA A 953 4.69 55.85 13.93
CA ALA A 953 6.05 56.37 13.82
C ALA A 953 6.75 56.40 15.17
N GLN A 954 6.04 56.84 16.20
CA GLN A 954 6.61 56.83 17.55
C GLN A 954 6.94 55.42 18.01
N SER A 955 6.06 54.46 17.70
CA SER A 955 6.33 53.07 18.06
C SER A 955 7.56 52.54 17.34
N ILE A 956 7.72 52.89 16.06
CA ILE A 956 8.89 52.42 15.30
C ILE A 956 10.16 53.04 15.88
N PHE A 957 10.11 54.32 16.23
CA PHE A 957 11.28 54.96 16.83
C PHE A 957 11.60 54.37 18.20
N TYR A 958 10.58 54.00 18.97
CA TYR A 958 10.82 53.36 20.25
C TYR A 958 11.41 51.97 20.07
N ARG A 959 10.98 51.24 19.04
CA ARG A 959 11.60 49.95 18.74
C ARG A 959 13.06 50.14 18.35
N LEU A 960 13.36 51.17 17.57
CA LEU A 960 14.75 51.47 17.24
C LEU A 960 15.56 51.82 18.48
N ASN A 961 14.97 52.59 19.40
CA ASN A 961 15.64 52.90 20.66
C ASN A 961 15.92 51.65 21.47
N GLY A 962 14.95 50.74 21.53
CA GLY A 962 15.16 49.48 22.22
C GLY A 962 16.25 48.63 21.58
N VAL A 963 16.39 48.75 20.25
CA VAL A 963 17.45 48.01 19.54
C VAL A 963 18.83 48.43 20.04
N GLY A 964 18.99 49.68 20.41
CA GLY A 964 20.29 50.17 20.85
C GLY A 964 20.72 51.45 20.17
N ILE A 965 19.76 52.17 19.59
CA ILE A 965 20.00 53.46 18.96
C ILE A 965 19.51 54.53 19.92
N THR A 966 20.41 55.42 20.32
CA THR A 966 20.06 56.42 21.31
C THR A 966 19.10 57.46 20.74
N GLN A 967 18.42 58.17 21.64
CA GLN A 967 17.41 59.13 21.20
C GLN A 967 18.02 60.31 20.45
N GLN A 968 19.28 60.63 20.73
CA GLN A 968 19.94 61.72 19.99
C GLN A 968 20.06 61.36 18.51
N VAL A 969 20.47 60.13 18.21
CA VAL A 969 20.59 59.71 16.81
C VAL A 969 19.22 59.66 16.16
N LEU A 970 18.22 59.12 16.86
CA LEU A 970 16.88 59.04 16.30
C LEU A 970 16.33 60.42 15.98
N SER A 971 16.55 61.39 16.88
CA SER A 971 16.10 62.75 16.62
C SER A 971 16.87 63.39 15.47
N GLU A 972 18.18 63.12 15.37
CA GLU A 972 18.97 63.69 14.29
C GLU A 972 18.56 63.11 12.94
N ASN A 973 18.61 61.79 12.81
CA ASN A 973 18.28 61.12 11.55
C ASN A 973 16.85 60.58 11.57
N GLN A 974 15.89 61.49 11.64
CA GLN A 974 14.49 61.11 11.54
C GLN A 974 14.10 60.84 10.09
N LYS A 975 14.33 61.84 9.22
CA LYS A 975 13.95 61.70 7.82
C LYS A 975 14.76 60.60 7.14
N ILE A 976 16.04 60.44 7.52
CA ILE A 976 16.87 59.40 6.92
C ILE A 976 16.32 58.02 7.26
N ILE A 977 15.94 57.82 8.53
CA ILE A 977 15.37 56.53 8.94
C ILE A 977 14.05 56.29 8.22
N ALA A 978 13.21 57.32 8.12
CA ALA A 978 11.93 57.16 7.43
C ALA A 978 12.14 56.81 5.96
N ASN A 979 13.11 57.47 5.32
CA ASN A 979 13.39 57.19 3.91
C ASN A 979 13.91 55.77 3.72
N LYS A 980 14.77 55.30 4.61
CA LYS A 980 15.26 53.92 4.51
C LYS A 980 14.14 52.92 4.70
N PHE A 981 13.25 53.18 5.67
CA PHE A 981 12.10 52.30 5.87
C PHE A 981 11.20 52.28 4.65
N ASN A 982 10.96 53.45 4.03
CA ASN A 982 10.14 53.51 2.84
C ASN A 982 10.80 52.79 1.67
N GLN A 983 12.12 52.90 1.54
CA GLN A 983 12.84 52.17 0.50
C GLN A 983 12.72 50.66 0.70
N ALA A 984 12.80 50.20 1.95
CA ALA A 984 12.62 48.77 2.22
C ALA A 984 11.21 48.32 1.86
N LEU A 985 10.20 49.10 2.25
CA LEU A 985 8.82 48.73 1.94
C LEU A 985 8.58 48.73 0.42
N GLY A 986 9.18 49.67 -0.31
CA GLY A 986 9.07 49.67 -1.75
C GLY A 986 9.84 48.59 -2.46
N ALA A 987 10.95 48.14 -1.88
CA ALA A 987 11.72 47.03 -2.41
C ALA A 987 11.13 45.67 -2.02
N MET A 988 10.16 45.66 -1.11
CA MET A 988 9.45 44.42 -0.80
C MET A 988 8.79 43.80 -2.03
N GLN A 989 8.48 44.60 -3.05
CA GLN A 989 7.84 44.07 -4.25
C GLN A 989 8.75 43.09 -4.98
N THR A 990 10.06 43.38 -5.02
CA THR A 990 10.99 42.60 -5.82
C THR A 990 11.10 41.15 -5.37
N GLY A 991 10.65 40.84 -4.16
CA GLY A 991 10.77 39.49 -3.64
C GLY A 991 9.78 38.48 -4.17
N PHE A 992 8.84 38.90 -5.01
CA PHE A 992 7.85 37.98 -5.56
C PHE A 992 8.33 37.41 -6.90
N THR A 993 9.50 36.79 -6.85
CA THR A 993 10.10 36.12 -8.00
C THR A 993 10.50 34.72 -7.60
N THR A 994 10.88 33.91 -8.59
CA THR A 994 11.26 32.53 -8.35
C THR A 994 12.56 32.40 -7.57
N THR A 995 13.35 33.47 -7.46
CA THR A 995 14.60 33.38 -6.73
C THR A 995 14.37 33.34 -5.21
N ASN A 996 13.35 34.03 -4.73
CA ASN A 996 13.07 34.08 -3.31
C ASN A 996 12.60 32.73 -2.79
N LEU A 997 13.05 32.40 -1.57
CA LEU A 997 12.70 31.11 -0.97
C LEU A 997 11.26 31.09 -0.46
N ALA A 998 10.79 32.18 0.12
CA ALA A 998 9.43 32.21 0.66
C ALA A 998 8.38 32.13 -0.45
N PHE A 999 8.60 32.84 -1.56
CA PHE A 999 7.68 32.73 -2.69
C PHE A 999 7.70 31.32 -3.27
N ASN A 1000 8.89 30.69 -3.29
CA ASN A 1000 8.97 29.29 -3.68
C ASN A 1000 8.15 28.41 -2.76
N LYS A 1001 8.17 28.72 -1.46
CA LYS A 1001 7.35 27.96 -0.51
C LYS A 1001 5.86 28.15 -0.77
N VAL A 1002 5.45 29.38 -1.10
CA VAL A 1002 4.05 29.63 -1.43
C VAL A 1002 3.63 28.80 -2.64
N GLN A 1003 4.44 28.86 -3.70
CA GLN A 1003 4.12 28.09 -4.90
C GLN A 1003 4.19 26.59 -4.63
N ASP A 1004 5.06 26.16 -3.73
CA ASP A 1004 5.14 24.75 -3.36
C ASP A 1004 3.88 24.29 -2.64
N ALA A 1005 3.35 25.12 -1.75
CA ALA A 1005 2.09 24.78 -1.08
C ALA A 1005 0.95 24.70 -2.08
N VAL A 1006 0.90 25.66 -3.01
CA VAL A 1006 -0.13 25.62 -4.05
C VAL A 1006 0.02 24.36 -4.90
N ASN A 1007 1.25 24.01 -5.25
CA ASN A 1007 1.49 22.83 -6.09
C ASN A 1007 1.15 21.54 -5.34
N ALA A 1008 1.38 21.49 -4.04
CA ALA A 1008 0.99 20.31 -3.26
C ALA A 1008 -0.53 20.19 -3.21
N ASN A 1009 -1.23 21.31 -3.01
CA ASN A 1009 -2.68 21.29 -3.03
C ASN A 1009 -3.20 20.80 -4.38
N ALA A 1010 -2.57 21.24 -5.48
CA ALA A 1010 -2.98 20.78 -6.80
C ALA A 1010 -2.61 19.32 -7.03
N MET A 1011 -1.47 18.89 -6.50
CA MET A 1011 -0.97 17.53 -6.73
C MET A 1011 -1.85 16.50 -6.04
N ALA A 1012 -2.35 16.81 -4.85
CA ALA A 1012 -3.26 15.89 -4.18
C ALA A 1012 -4.48 15.61 -5.06
N LEU A 1013 -5.11 16.67 -5.57
CA LEU A 1013 -6.26 16.52 -6.45
C LEU A 1013 -5.91 15.80 -7.73
N SER A 1014 -4.76 16.14 -8.33
CA SER A 1014 -4.36 15.48 -9.57
C SER A 1014 -4.15 13.99 -9.39
N LYS A 1015 -3.48 13.58 -8.31
CA LYS A 1015 -3.31 12.16 -8.03
C LYS A 1015 -4.65 11.48 -7.79
N LEU A 1016 -5.53 12.12 -7.00
CA LEU A 1016 -6.83 11.53 -6.72
C LEU A 1016 -7.64 11.33 -7.99
N ALA A 1017 -7.60 12.29 -8.91
CA ALA A 1017 -8.35 12.16 -10.15
C ALA A 1017 -7.70 11.18 -11.11
N ALA A 1018 -6.37 11.13 -11.16
CA ALA A 1018 -5.68 10.31 -12.14
C ALA A 1018 -5.64 8.84 -11.72
N GLU A 1019 -5.83 8.54 -10.44
CA GLU A 1019 -5.84 7.14 -10.03
C GLU A 1019 -7.07 6.39 -10.49
N LEU A 1020 -8.08 7.08 -11.06
CA LEU A 1020 -9.28 6.45 -11.56
C LEU A 1020 -9.18 6.03 -13.02
N SER A 1021 -8.05 6.30 -13.68
CA SER A 1021 -7.93 6.10 -15.11
C SER A 1021 -7.00 4.95 -15.49
N ASN A 1022 -6.37 4.30 -14.52
CA ASN A 1022 -5.42 3.24 -14.77
C ASN A 1022 -6.01 1.89 -14.37
N THR A 1023 -5.69 0.87 -15.17
CA THR A 1023 -6.39 -0.41 -15.12
C THR A 1023 -5.97 -1.28 -13.93
N PHE A 1024 -4.79 -1.06 -13.36
CA PHE A 1024 -4.31 -1.83 -12.19
C PHE A 1024 -4.16 -3.31 -12.50
N GLY A 1025 -3.92 -3.64 -13.77
CA GLY A 1025 -3.80 -5.02 -14.21
C GLY A 1025 -5.04 -5.59 -14.86
N ALA A 1026 -6.19 -4.93 -14.72
CA ALA A 1026 -7.41 -5.42 -15.32
C ALA A 1026 -7.45 -5.10 -16.82
N ILE A 1027 -8.45 -5.67 -17.50
CA ILE A 1027 -8.59 -5.44 -18.93
C ILE A 1027 -8.95 -3.98 -19.21
N SER A 1028 -9.59 -3.32 -18.25
CA SER A 1028 -9.99 -1.92 -18.44
C SER A 1028 -10.08 -1.25 -17.08
N SER A 1029 -10.05 0.08 -17.11
CA SER A 1029 -10.24 0.89 -15.91
C SER A 1029 -11.70 1.25 -15.69
N SER A 1030 -12.59 0.85 -16.59
CA SER A 1030 -14.01 1.12 -16.47
C SER A 1030 -14.74 -0.14 -16.03
N ILE A 1031 -15.59 -0.02 -15.01
CA ILE A 1031 -16.39 -1.16 -14.57
C ILE A 1031 -17.39 -1.55 -15.64
N SER A 1032 -17.93 -0.56 -16.37
CA SER A 1032 -18.86 -0.85 -17.45
C SER A 1032 -18.21 -1.68 -18.55
N ASP A 1033 -16.96 -1.36 -18.90
CA ASP A 1033 -16.26 -2.12 -19.93
C ASP A 1033 -16.01 -3.55 -19.48
N ILE A 1034 -15.65 -3.74 -18.21
CA ILE A 1034 -15.43 -5.08 -17.68
C ILE A 1034 -16.73 -5.88 -17.71
N LEU A 1035 -17.84 -5.24 -17.32
CA LEU A 1035 -19.12 -5.93 -17.32
C LEU A 1035 -19.55 -6.29 -18.75
N ALA A 1036 -19.26 -5.41 -19.71
CA ALA A 1036 -19.67 -5.67 -21.08
C ALA A 1036 -18.81 -6.73 -21.74
N ARG A 1037 -17.50 -6.74 -21.46
CA ARG A 1037 -16.58 -7.62 -22.16
C ARG A 1037 -16.40 -8.97 -21.51
N LEU A 1038 -16.69 -9.11 -20.23
CA LEU A 1038 -16.48 -10.36 -19.51
C LEU A 1038 -17.78 -10.84 -18.87
N ASP A 1039 -17.69 -11.99 -18.23
CA ASP A 1039 -18.83 -12.72 -17.68
C ASP A 1039 -18.57 -12.99 -16.21
N PRO A 1040 -19.62 -13.28 -15.43
CA PRO A 1040 -19.53 -13.20 -13.95
C PRO A 1040 -18.27 -13.79 -13.36
N PRO A 1041 -17.89 -15.04 -13.68
CA PRO A 1041 -16.72 -15.61 -13.00
C PRO A 1041 -15.42 -14.81 -13.20
N GLU A 1042 -15.21 -14.23 -14.37
CA GLU A 1042 -14.01 -13.45 -14.65
C GLU A 1042 -14.18 -11.97 -14.32
N GLN A 1043 -15.36 -11.43 -14.60
CA GLN A 1043 -15.60 -10.02 -14.31
C GLN A 1043 -15.61 -9.76 -12.81
N GLU A 1044 -15.99 -10.76 -12.00
CA GLU A 1044 -15.87 -10.61 -10.56
C GLU A 1044 -14.42 -10.40 -10.15
N ALA A 1045 -13.51 -11.21 -10.69
CA ALA A 1045 -12.10 -11.05 -10.37
C ALA A 1045 -11.55 -9.72 -10.86
N GLN A 1046 -11.93 -9.30 -12.06
CA GLN A 1046 -11.44 -8.03 -12.59
C GLN A 1046 -11.93 -6.86 -11.75
N ILE A 1047 -13.23 -6.85 -11.40
CA ILE A 1047 -13.78 -5.78 -10.57
C ILE A 1047 -13.17 -5.81 -9.18
N ASP A 1048 -12.87 -7.01 -8.67
CA ASP A 1048 -12.21 -7.11 -7.37
C ASP A 1048 -10.81 -6.52 -7.42
N ARG A 1049 -10.08 -6.77 -8.51
CA ARG A 1049 -8.76 -6.18 -8.66
C ARG A 1049 -8.83 -4.65 -8.70
N LEU A 1050 -9.78 -4.12 -9.48
CA LEU A 1050 -9.98 -2.68 -9.53
C LEU A 1050 -10.34 -2.12 -8.15
N ILE A 1051 -11.22 -2.82 -7.43
CA ILE A 1051 -11.64 -2.39 -6.11
C ILE A 1051 -10.46 -2.36 -5.14
N ASN A 1052 -9.65 -3.42 -5.14
CA ASN A 1052 -8.51 -3.48 -4.25
C ASN A 1052 -7.55 -2.33 -4.52
N GLY A 1053 -7.25 -2.09 -5.80
CA GLY A 1053 -6.36 -0.99 -6.13
C GLY A 1053 -6.91 0.36 -5.71
N ARG A 1054 -8.19 0.61 -6.00
CA ARG A 1054 -8.79 1.89 -5.65
C ARG A 1054 -8.86 2.08 -4.13
N LEU A 1055 -9.14 1.00 -3.40
CA LEU A 1055 -9.15 1.10 -1.94
C LEU A 1055 -7.77 1.43 -1.39
N THR A 1056 -6.73 0.78 -1.92
CA THR A 1056 -5.37 1.12 -1.48
C THR A 1056 -5.05 2.57 -1.78
N SER A 1057 -5.40 3.04 -2.98
CA SER A 1057 -5.12 4.42 -3.34
C SER A 1057 -5.88 5.40 -2.45
N LEU A 1058 -7.14 5.11 -2.16
CA LEU A 1058 -7.93 6.00 -1.31
C LEU A 1058 -7.39 6.02 0.11
N ASN A 1059 -6.95 4.87 0.64
CA ASN A 1059 -6.35 4.83 1.96
C ASN A 1059 -5.07 5.66 2.00
N ALA A 1060 -4.24 5.55 0.97
CA ALA A 1060 -3.02 6.37 0.91
C ALA A 1060 -3.36 7.85 0.86
N PHE A 1061 -4.36 8.22 0.06
CA PHE A 1061 -4.76 9.62 -0.03
C PHE A 1061 -5.26 10.14 1.31
N VAL A 1062 -6.05 9.34 2.02
CA VAL A 1062 -6.59 9.79 3.30
C VAL A 1062 -5.49 9.92 4.34
N ALA A 1063 -4.53 8.98 4.35
CA ALA A 1063 -3.41 9.09 5.28
C ALA A 1063 -2.57 10.34 4.99
N GLN A 1064 -2.30 10.60 3.71
CA GLN A 1064 -1.54 11.79 3.36
C GLN A 1064 -2.30 13.05 3.70
N GLN A 1065 -3.63 13.04 3.54
CA GLN A 1065 -4.44 14.20 3.90
C GLN A 1065 -4.41 14.44 5.40
N LEU A 1066 -4.46 13.37 6.20
CA LEU A 1066 -4.34 13.53 7.65
C LEU A 1066 -2.98 14.11 8.04
N VAL A 1067 -1.91 13.62 7.41
CA VAL A 1067 -0.58 14.13 7.69
C VAL A 1067 -0.49 15.61 7.33
N ARG A 1068 -1.03 15.98 6.17
CA ARG A 1068 -1.00 17.37 5.73
C ARG A 1068 -1.83 18.26 6.66
N THR A 1069 -2.97 17.76 7.13
CA THR A 1069 -3.79 18.54 8.05
C THR A 1069 -3.06 18.77 9.37
N GLU A 1070 -2.40 17.74 9.90
CA GLU A 1070 -1.64 17.93 11.14
C GLU A 1070 -0.48 18.92 10.93
N ALA A 1071 0.22 18.80 9.80
CA ALA A 1071 1.30 19.73 9.51
C ALA A 1071 0.78 21.16 9.37
N ALA A 1072 -0.38 21.33 8.74
CA ALA A 1072 -0.94 22.66 8.58
C ALA A 1072 -1.39 23.23 9.91
N ALA A 1073 -1.91 22.39 10.81
CA ALA A 1073 -2.27 22.88 12.14
C ALA A 1073 -1.03 23.32 12.92
N ARG A 1074 0.05 22.53 12.86
CA ARG A 1074 1.28 22.92 13.53
C ARG A 1074 1.84 24.21 12.93
N SER A 1075 1.77 24.35 11.60
CA SER A 1075 2.26 25.56 10.96
C SER A 1075 1.38 26.77 11.30
N ALA A 1076 0.08 26.56 11.49
CA ALA A 1076 -0.78 27.64 11.93
C ALA A 1076 -0.45 28.06 13.36
N GLN A 1077 -0.12 27.10 14.22
CA GLN A 1077 0.35 27.46 15.55
C GLN A 1077 1.65 28.26 15.48
N LEU A 1078 2.57 27.85 14.60
CA LEU A 1078 3.81 28.60 14.42
C LEU A 1078 3.53 30.01 13.90
N ALA A 1079 2.55 30.15 12.99
CA ALA A 1079 2.19 31.46 12.47
C ALA A 1079 1.60 32.34 13.57
N GLN A 1080 0.78 31.77 14.44
CA GLN A 1080 0.27 32.52 15.58
C GLN A 1080 1.41 32.98 16.49
N ASP A 1081 2.37 32.09 16.74
CA ASP A 1081 3.53 32.48 17.55
C ASP A 1081 4.31 33.61 16.89
N LYS A 1082 4.50 33.53 15.57
CA LYS A 1082 5.22 34.58 14.85
C LYS A 1082 4.47 35.90 14.89
N VAL A 1083 3.13 35.85 14.78
CA VAL A 1083 2.33 37.07 14.88
C VAL A 1083 2.47 37.68 16.26
N ASN A 1084 2.44 36.84 17.30
CA ASN A 1084 2.52 37.36 18.67
C ASN A 1084 3.90 37.91 18.98
N GLU A 1085 4.96 37.33 18.40
CA GLU A 1085 6.31 37.73 18.79
C GLU A 1085 6.89 38.81 17.89
N CYS A 1086 6.77 38.66 16.58
CA CYS A 1086 7.40 39.57 15.63
C CYS A 1086 6.48 40.70 15.20
N VAL A 1087 5.19 40.42 14.98
CA VAL A 1087 4.27 41.42 14.47
C VAL A 1087 3.72 42.30 15.57
N LYS A 1088 3.17 41.70 16.62
CA LYS A 1088 2.55 42.46 17.70
C LYS A 1088 3.55 42.98 18.72
N SER A 1089 4.80 42.53 18.66
CA SER A 1089 5.83 42.98 19.59
C SER A 1089 7.17 42.92 18.88
N GLN A 1090 8.22 43.32 19.60
CA GLN A 1090 9.57 43.27 19.08
C GLN A 1090 10.32 42.08 19.66
N SER A 1091 11.16 41.46 18.83
CA SER A 1091 11.85 40.24 19.19
C SER A 1091 13.30 40.53 19.58
N LYS A 1092 13.69 40.06 20.76
CA LYS A 1092 15.07 40.11 21.21
C LYS A 1092 15.83 38.84 20.87
N ARG A 1093 15.17 37.86 20.28
CA ARG A 1093 15.80 36.64 19.82
C ARG A 1093 16.55 36.89 18.52
N ASN A 1094 17.40 35.93 18.14
CA ASN A 1094 18.18 36.01 16.92
C ASN A 1094 17.69 34.95 15.95
N GLY A 1095 17.29 35.39 14.75
CA GLY A 1095 16.89 34.49 13.69
C GLY A 1095 15.45 34.05 13.72
N PHE A 1096 14.69 34.40 14.75
CA PHE A 1096 13.28 34.01 14.78
C PHE A 1096 12.46 34.85 13.81
N CYS A 1097 12.74 36.15 13.74
CA CYS A 1097 12.05 37.08 12.85
C CYS A 1097 13.01 37.64 11.82
N GLY A 1098 13.83 36.76 11.24
CA GLY A 1098 14.76 37.15 10.20
C GLY A 1098 16.13 37.46 10.75
N THR A 1099 17.06 37.69 9.81
CA THR A 1099 18.43 38.00 10.18
C THR A 1099 18.56 39.43 10.68
N GLY A 1100 19.56 39.67 11.52
CA GLY A 1100 19.80 40.98 12.06
C GLY A 1100 18.93 41.27 13.27
N THR A 1101 18.94 42.53 13.67
CA THR A 1101 18.18 42.99 14.83
C THR A 1101 16.76 43.33 14.39
N HIS A 1102 15.79 42.57 14.89
CA HIS A 1102 14.41 42.73 14.47
C HIS A 1102 13.84 44.07 14.92
N ILE A 1103 13.08 44.72 14.04
CA ILE A 1103 12.41 45.98 14.33
C ILE A 1103 10.91 45.82 14.32
N VAL A 1104 10.34 45.45 13.17
CA VAL A 1104 8.89 45.32 13.01
C VAL A 1104 8.62 44.31 11.91
N SER A 1105 7.56 43.53 12.07
CA SER A 1105 7.16 42.53 11.10
C SER A 1105 5.73 42.81 10.64
N PHE A 1106 5.50 42.67 9.34
CA PHE A 1106 4.18 42.83 8.75
C PHE A 1106 3.75 41.51 8.14
N ALA A 1107 2.52 41.10 8.44
CA ALA A 1107 1.96 39.85 7.95
C ALA A 1107 0.82 40.16 6.99
N ILE A 1108 0.89 39.59 5.79
CA ILE A 1108 -0.14 39.76 4.79
C ILE A 1108 -0.73 38.40 4.47
N ASN A 1109 -1.74 38.35 3.60
CA ASN A 1109 -2.41 37.10 3.27
C ASN A 1109 -1.74 36.45 2.08
N ALA A 1110 -1.40 35.18 2.21
CA ALA A 1110 -0.89 34.34 1.15
C ALA A 1110 -1.94 33.34 0.72
N PRO A 1111 -1.80 32.73 -0.46
CA PRO A 1111 -2.82 31.77 -0.93
C PRO A 1111 -3.19 30.70 0.08
N ASN A 1112 -2.22 30.15 0.82
CA ASN A 1112 -2.50 29.07 1.75
C ASN A 1112 -1.90 29.34 3.13
N GLY A 1113 -1.75 30.60 3.50
CA GLY A 1113 -1.18 30.93 4.79
C GLY A 1113 -0.95 32.41 4.95
N LEU A 1114 0.10 32.74 5.72
CA LEU A 1114 0.45 34.11 6.01
C LEU A 1114 1.88 34.39 5.54
N TYR A 1115 2.07 35.55 4.92
CA TYR A 1115 3.36 35.97 4.41
C TYR A 1115 3.90 37.09 5.29
N PHE A 1116 5.08 36.89 5.86
CA PHE A 1116 5.66 37.81 6.81
C PHE A 1116 6.79 38.60 6.17
N PHE A 1117 6.77 39.91 6.37
CA PHE A 1117 7.86 40.80 5.95
C PHE A 1117 8.59 41.24 7.22
N HIS A 1118 9.73 40.60 7.49
CA HIS A 1118 10.50 40.88 8.70
C HIS A 1118 11.48 42.01 8.40
N VAL A 1119 11.18 43.20 8.91
CA VAL A 1119 12.06 44.35 8.76
C VAL A 1119 13.06 44.33 9.91
N GLY A 1120 14.35 44.37 9.57
CA GLY A 1120 15.39 44.32 10.58
C GLY A 1120 16.42 45.41 10.37
N TYR A 1121 17.18 45.68 11.42
CA TYR A 1121 18.21 46.70 11.40
C TYR A 1121 19.50 46.08 10.89
N GLN A 1122 19.87 46.40 9.66
CA GLN A 1122 21.07 45.85 9.05
C GLN A 1122 22.16 46.91 8.94
N PRO A 1123 23.26 46.79 9.67
CA PRO A 1123 24.36 47.75 9.50
C PRO A 1123 25.19 47.45 8.27
N THR A 1124 25.64 48.52 7.61
CA THR A 1124 26.45 48.40 6.41
C THR A 1124 27.91 48.75 6.65
N SER A 1125 28.19 49.86 7.33
CA SER A 1125 29.54 50.30 7.62
C SER A 1125 29.76 50.33 9.13
N HIS A 1126 30.93 49.87 9.56
CA HIS A 1126 31.28 49.80 10.97
C HIS A 1126 32.50 50.68 11.23
N VAL A 1127 32.71 51.00 12.50
CA VAL A 1127 33.89 51.73 12.95
C VAL A 1127 34.51 50.96 14.11
N ASN A 1128 35.84 50.87 14.11
CA ASN A 1128 36.55 50.21 15.20
C ASN A 1128 36.73 51.21 16.33
N ALA A 1129 36.06 50.97 17.44
CA ALA A 1129 36.05 51.90 18.58
C ALA A 1129 36.74 51.26 19.77
N THR A 1130 37.59 52.04 20.44
CA THR A 1130 38.25 51.59 21.66
C THR A 1130 37.25 51.69 22.81
N ALA A 1131 36.83 50.55 23.33
CA ALA A 1131 35.81 50.51 24.37
C ALA A 1131 36.41 50.03 25.69
N ALA A 1132 35.71 50.33 26.77
CA ALA A 1132 36.10 49.93 28.12
C ALA A 1132 35.01 49.09 28.74
N TYR A 1133 35.42 48.08 29.52
CA TYR A 1133 34.45 47.27 30.23
C TYR A 1133 33.67 48.10 31.24
N GLY A 1134 34.35 49.01 31.92
CA GLY A 1134 33.73 49.94 32.85
C GLY A 1134 34.75 50.93 33.34
N LEU A 1135 34.28 51.93 34.07
CA LEU A 1135 35.12 53.00 34.57
C LEU A 1135 34.82 53.27 36.04
N CYS A 1136 35.87 53.62 36.80
CA CYS A 1136 35.67 54.13 38.15
C CYS A 1136 36.92 54.82 38.67
N ASN A 1137 36.72 55.57 39.75
CA ASN A 1137 37.70 56.50 40.29
C ASN A 1137 38.60 55.80 41.32
N THR A 1138 39.35 56.59 42.07
CA THR A 1138 40.26 56.11 43.11
C THR A 1138 39.75 56.60 44.46
N GLU A 1139 38.86 55.83 45.06
CA GLU A 1139 38.36 56.10 46.40
C GLU A 1139 38.53 54.84 47.25
N ASN A 1140 38.55 55.04 48.57
CA ASN A 1140 38.69 53.88 49.46
C ASN A 1140 37.56 52.89 49.27
N PRO A 1141 36.28 53.27 49.31
CA PRO A 1141 35.26 52.45 48.67
C PRO A 1141 35.09 52.86 47.21
N PRO A 1142 35.49 52.02 46.27
CA PRO A 1142 35.34 52.39 44.85
C PRO A 1142 33.90 52.39 44.40
N LYS A 1143 33.62 53.18 43.36
CA LYS A 1143 32.28 53.36 42.80
C LYS A 1143 32.38 53.14 41.30
N CYS A 1144 32.14 51.91 40.83
CA CYS A 1144 32.38 51.56 39.44
C CYS A 1144 31.06 51.45 38.67
N ILE A 1145 31.09 51.91 37.43
CA ILE A 1145 29.91 52.01 36.58
C ILE A 1145 30.14 51.20 35.30
N ALA A 1146 29.03 50.77 34.71
CA ALA A 1146 29.03 50.04 33.46
C ALA A 1146 27.99 50.61 32.52
N PRO A 1147 28.20 50.51 31.21
CA PRO A 1147 27.23 51.05 30.26
C PRO A 1147 25.92 50.28 30.26
N ILE A 1148 24.85 50.97 29.89
CA ILE A 1148 23.53 50.37 29.76
C ILE A 1148 23.15 50.38 28.28
N ASP A 1149 22.99 49.18 27.71
CA ASP A 1149 22.61 49.01 26.31
C ASP A 1149 23.57 49.76 25.38
N GLY A 1150 24.85 49.70 25.69
CA GLY A 1150 25.84 50.41 24.90
C GLY A 1150 27.24 50.10 25.35
N TYR A 1151 28.18 50.95 24.93
CA TYR A 1151 29.58 50.80 25.27
C TYR A 1151 30.14 52.12 25.77
N PHE A 1152 31.20 52.03 26.56
CA PHE A 1152 31.98 53.21 26.96
C PHE A 1152 33.12 53.36 25.97
N VAL A 1153 32.90 54.19 24.95
CA VAL A 1153 33.85 54.34 23.86
C VAL A 1153 34.77 55.52 24.12
N LEU A 1154 35.88 55.57 23.38
CA LEU A 1154 36.93 56.55 23.61
C LEU A 1154 36.89 57.73 22.65
N ASN A 1155 36.35 57.54 21.45
CA ASN A 1155 36.46 58.56 20.42
C ASN A 1155 35.64 59.80 20.79
N GLN A 1156 36.16 60.96 20.41
CA GLN A 1156 35.55 62.23 20.78
C GLN A 1156 34.26 62.47 19.99
N THR A 1157 33.48 63.43 20.48
CA THR A 1157 32.21 63.76 19.83
C THR A 1157 32.45 64.32 18.43
N ILE A 1158 33.43 65.21 18.28
CA ILE A 1158 33.79 65.88 17.03
C ILE A 1158 32.57 66.25 16.18
N ASP A 1165 43.91 57.79 25.61
CA ASP A 1165 42.97 58.84 25.99
C ASP A 1165 42.20 58.42 27.24
N GLN A 1166 41.82 59.41 28.05
CA GLN A 1166 41.10 59.17 29.29
C GLN A 1166 39.73 59.85 29.33
N GLN A 1167 39.29 60.41 28.20
CA GLN A 1167 37.96 61.00 28.09
C GLN A 1167 37.04 59.96 27.46
N TRP A 1168 36.20 59.34 28.29
CA TRP A 1168 35.33 58.26 27.85
C TRP A 1168 33.93 58.77 27.61
N TYR A 1169 33.31 58.33 26.51
CA TYR A 1169 31.96 58.69 26.14
C TYR A 1169 31.09 57.44 26.11
N TYR A 1170 29.79 57.65 25.90
CA TYR A 1170 28.84 56.56 25.75
C TYR A 1170 28.26 56.57 24.35
N THR A 1171 28.18 55.38 23.75
CA THR A 1171 27.59 55.21 22.43
C THR A 1171 26.59 54.05 22.46
N GLY A 1172 25.60 54.13 21.57
CA GLY A 1172 24.66 53.05 21.44
C GLY A 1172 25.28 51.81 20.81
N SER A 1173 24.66 50.67 21.05
CA SER A 1173 25.16 49.42 20.51
C SER A 1173 25.04 49.38 18.98
N SER A 1174 23.94 49.89 18.44
CA SER A 1174 23.64 49.75 17.03
C SER A 1174 24.00 50.98 16.21
N PHE A 1175 24.57 52.01 16.82
CA PHE A 1175 24.98 53.19 16.07
C PHE A 1175 26.06 53.93 16.86
N PHE A 1176 27.14 54.30 16.18
CA PHE A 1176 28.25 55.00 16.82
C PHE A 1176 27.93 56.49 16.91
N HIS A 1177 27.79 56.99 18.13
CA HIS A 1177 27.56 58.41 18.39
C HIS A 1177 27.96 58.71 19.83
N PRO A 1178 29.22 59.06 20.07
CA PRO A 1178 29.66 59.29 21.46
C PRO A 1178 28.86 60.39 22.13
N GLU A 1179 28.48 60.13 23.37
CA GLU A 1179 27.71 61.06 24.18
C GLU A 1179 28.31 61.09 25.59
N PRO A 1180 28.14 62.20 26.32
CA PRO A 1180 28.65 62.25 27.69
C PRO A 1180 28.02 61.18 28.56
N ILE A 1181 28.82 60.62 29.45
CA ILE A 1181 28.37 59.54 30.33
C ILE A 1181 27.63 60.14 31.52
N THR A 1182 26.37 59.76 31.69
CA THR A 1182 25.53 60.22 32.78
C THR A 1182 24.88 59.01 33.43
N GLU A 1183 24.08 59.27 34.47
CA GLU A 1183 23.32 58.21 35.12
C GLU A 1183 22.19 57.68 34.25
N ALA A 1184 21.87 58.37 33.14
CA ALA A 1184 20.85 57.90 32.23
C ALA A 1184 21.30 56.68 31.43
N ASN A 1185 22.59 56.62 31.07
CA ASN A 1185 23.11 55.56 30.22
C ASN A 1185 24.17 54.72 30.93
N SER A 1186 24.25 54.79 32.25
CA SER A 1186 25.22 54.01 33.01
C SER A 1186 24.56 53.46 34.27
N LYS A 1187 25.10 52.35 34.76
CA LYS A 1187 24.60 51.70 35.97
C LYS A 1187 25.76 51.43 36.91
N TYR A 1188 25.47 51.44 38.20
CA TYR A 1188 26.49 51.18 39.21
C TYR A 1188 26.70 49.67 39.36
N VAL A 1189 27.97 49.25 39.34
CA VAL A 1189 28.33 47.85 39.44
C VAL A 1189 29.47 47.69 40.44
N SER A 1190 29.67 46.46 40.89
CA SER A 1190 30.76 46.16 41.81
C SER A 1190 32.10 46.23 41.07
N MET A 1191 33.17 46.30 41.86
CA MET A 1191 34.51 46.42 41.27
C MET A 1191 34.84 45.24 40.38
N ASP A 1192 35.35 45.55 39.19
CA ASP A 1192 35.94 44.57 38.28
C ASP A 1192 37.35 45.05 37.95
N VAL A 1193 38.32 44.13 38.01
CA VAL A 1193 39.71 44.52 37.80
C VAL A 1193 40.00 44.90 36.37
N LYS A 1194 39.11 44.60 35.43
CA LYS A 1194 39.27 45.01 34.04
C LYS A 1194 38.77 46.41 33.79
N PHE A 1195 38.14 47.05 34.77
CA PHE A 1195 37.62 48.40 34.60
C PHE A 1195 38.76 49.41 34.55
N GLU A 1196 38.49 50.55 33.90
CA GLU A 1196 39.48 51.60 33.79
C GLU A 1196 39.47 52.46 35.06
N ASN A 1197 40.65 52.65 35.65
CA ASN A 1197 40.79 53.50 36.82
C ASN A 1197 41.01 54.93 36.35
N LEU A 1198 40.03 55.80 36.61
CA LEU A 1198 40.05 57.17 36.14
C LEU A 1198 40.44 58.11 37.27
N THR A 1199 41.49 58.90 37.03
CA THR A 1199 41.89 59.95 37.96
C THR A 1199 41.58 61.35 37.44
N ASN A 1200 41.31 61.50 36.15
CA ASN A 1200 40.97 62.77 35.54
C ASN A 1200 39.79 62.58 34.60
N LYS A 1201 39.05 63.66 34.39
CA LYS A 1201 37.87 63.66 33.51
C LYS A 1201 36.84 62.63 33.98
N LEU A 1202 36.48 62.71 35.26
CA LEU A 1202 35.50 61.79 35.83
C LEU A 1202 34.10 62.12 35.32
N PRO A 1203 33.32 61.14 34.88
CA PRO A 1203 31.92 61.38 34.56
C PRO A 1203 31.14 61.73 35.81
N PRO A 1204 29.99 62.39 35.67
CA PRO A 1204 29.19 62.78 36.84
C PRO A 1204 28.82 61.60 37.72
N PRO A 1205 28.52 60.42 37.18
CA PRO A 1205 28.32 59.26 38.07
C PRO A 1205 29.53 58.93 38.93
N LEU A 1206 30.74 59.17 38.44
CA LEU A 1206 31.95 58.85 39.17
C LEU A 1206 32.40 59.96 40.10
N LEU A 1207 31.74 61.11 40.09
CA LEU A 1207 32.13 62.22 40.93
C LEU A 1207 31.57 62.04 42.34
N SER A 1208 32.41 62.34 43.33
CA SER A 1208 32.01 62.23 44.73
C SER A 1208 31.51 63.57 45.26
N VAL B 1 21.31 -55.00 -11.28
CA VAL B 1 22.74 -54.83 -11.49
C VAL B 1 23.50 -56.07 -11.04
N ASP B 2 24.81 -56.08 -11.29
CA ASP B 2 25.66 -57.19 -10.90
C ASP B 2 26.14 -56.95 -9.47
N MET B 3 25.70 -57.79 -8.54
CA MET B 3 26.01 -57.65 -7.13
C MET B 3 27.24 -58.46 -6.72
N GLY B 4 27.89 -59.14 -7.66
CA GLY B 4 29.07 -59.94 -7.36
C GLY B 4 28.74 -61.41 -7.25
N THR B 5 29.78 -62.19 -6.97
CA THR B 5 29.63 -63.63 -6.82
C THR B 5 28.81 -63.96 -5.59
N THR B 6 27.94 -64.97 -5.73
CA THR B 6 27.09 -65.39 -4.62
C THR B 6 27.95 -66.01 -3.53
N GLY B 7 27.76 -65.54 -2.29
CA GLY B 7 28.50 -66.04 -1.16
C GLY B 7 28.29 -67.51 -0.89
N SER B 8 29.38 -68.24 -0.67
CA SER B 8 29.32 -69.67 -0.39
C SER B 8 30.13 -69.97 0.85
N GLY B 9 29.68 -70.98 1.60
CA GLY B 9 30.34 -71.40 2.81
C GLY B 9 29.65 -70.87 4.06
N ASN B 10 30.15 -71.32 5.21
CA ASN B 10 29.58 -70.92 6.48
C ASN B 10 29.92 -69.47 6.81
N CYS B 11 29.06 -68.86 7.61
CA CYS B 11 29.30 -67.50 8.11
C CYS B 11 30.19 -67.58 9.34
N ILE B 12 30.36 -66.46 10.03
CA ILE B 12 31.14 -66.39 11.26
C ILE B 12 30.17 -66.15 12.41
N GLU B 13 30.22 -67.04 13.41
CA GLU B 13 29.33 -66.92 14.55
C GLU B 13 29.70 -65.71 15.40
N SER B 14 28.70 -65.10 16.00
CA SER B 14 28.87 -63.92 16.83
C SER B 14 28.15 -64.12 18.16
N GLN B 15 28.74 -63.61 19.23
CA GLN B 15 28.14 -63.67 20.56
C GLN B 15 27.36 -62.38 20.80
N VAL B 16 26.05 -62.50 20.99
CA VAL B 16 25.18 -61.35 21.18
C VAL B 16 24.92 -61.18 22.67
N ALA B 17 25.37 -60.06 23.23
CA ALA B 17 25.19 -59.77 24.65
C ALA B 17 25.17 -58.27 24.83
N PRO B 18 23.98 -57.65 24.83
CA PRO B 18 23.90 -56.21 25.07
C PRO B 18 24.36 -55.79 26.45
N ASP B 19 24.37 -56.72 27.42
CA ASP B 19 24.75 -56.37 28.79
C ASP B 19 26.22 -55.96 28.90
N PHE B 20 27.05 -56.28 27.91
CA PHE B 20 28.44 -55.85 27.90
C PHE B 20 28.64 -54.57 27.10
N PHE B 21 27.59 -54.03 26.49
CA PHE B 21 27.65 -52.78 25.76
C PHE B 21 26.76 -51.70 26.35
N GLU B 22 25.52 -52.04 26.72
CA GLU B 22 24.61 -51.08 27.32
C GLU B 22 24.83 -51.04 28.83
N THR B 23 25.92 -50.41 29.22
CA THR B 23 26.29 -50.25 30.61
C THR B 23 26.57 -48.77 30.90
N ALA B 24 26.35 -48.37 32.15
CA ALA B 24 26.61 -47.00 32.54
C ALA B 24 28.10 -46.65 32.47
N ARG B 25 28.97 -47.67 32.45
CA ARG B 25 30.40 -47.40 32.32
C ARG B 25 30.76 -46.99 30.90
N ASN B 26 30.02 -47.47 29.91
CA ASN B 26 30.28 -47.16 28.51
C ASN B 26 29.49 -45.96 28.01
N ILE B 27 28.70 -45.32 28.86
CA ILE B 27 27.90 -44.18 28.44
C ILE B 27 28.78 -42.95 28.37
N TRP B 28 28.92 -42.39 27.17
CA TRP B 28 29.70 -41.17 26.93
C TRP B 28 28.79 -40.20 26.19
N PRO B 29 27.94 -39.48 26.92
CA PRO B 29 26.93 -38.64 26.26
C PRO B 29 27.56 -37.52 25.45
N LEU B 30 26.89 -37.19 24.34
CA LEU B 30 27.32 -36.13 23.44
C LEU B 30 26.09 -35.42 22.90
N PRO B 31 25.52 -34.50 23.66
CA PRO B 31 24.31 -33.82 23.20
C PRO B 31 24.59 -32.93 22.01
N ILE B 32 23.54 -32.73 21.20
CA ILE B 32 23.68 -31.90 20.01
C ILE B 32 23.96 -30.47 20.43
N ASP B 33 25.10 -29.94 19.98
CA ASP B 33 25.50 -28.58 20.30
C ASP B 33 25.03 -27.67 19.18
N THR B 34 23.93 -26.95 19.42
CA THR B 34 23.35 -26.11 18.38
C THR B 34 24.20 -24.85 18.17
N SER B 35 24.94 -24.42 19.20
CA SER B 35 25.82 -23.28 19.05
C SER B 35 26.99 -23.55 18.13
N LYS B 36 27.27 -24.82 17.84
CA LYS B 36 28.31 -25.21 16.90
C LYS B 36 27.76 -25.68 15.56
N ALA B 37 26.46 -25.51 15.34
CA ALA B 37 25.79 -25.99 14.13
C ALA B 37 26.04 -27.48 13.92
N GLU B 38 25.96 -28.24 15.01
CA GLU B 38 26.23 -29.67 14.95
C GLU B 38 25.06 -30.41 14.33
N GLY B 39 25.35 -31.21 13.32
CA GLY B 39 24.31 -31.98 12.64
C GLY B 39 23.29 -31.15 11.91
N VAL B 40 23.71 -30.04 11.32
CA VAL B 40 22.83 -29.16 10.56
C VAL B 40 23.10 -29.39 9.08
N ILE B 41 22.07 -29.83 8.37
CA ILE B 41 22.19 -30.08 6.93
C ILE B 41 22.17 -28.75 6.19
N TYR B 42 23.19 -28.50 5.40
CA TYR B 42 23.26 -27.25 4.65
C TYR B 42 22.15 -27.21 3.61
N PRO B 43 21.34 -26.16 3.58
CA PRO B 43 20.25 -26.10 2.59
C PRO B 43 20.79 -26.09 1.17
N ASN B 44 20.11 -26.82 0.29
CA ASN B 44 20.52 -26.93 -1.10
C ASN B 44 19.92 -25.85 -1.99
N GLY B 45 19.00 -25.05 -1.47
CA GLY B 45 18.37 -24.02 -2.30
C GLY B 45 19.34 -22.92 -2.71
N LYS B 46 20.17 -22.46 -1.79
CA LYS B 46 21.09 -21.36 -2.07
C LYS B 46 22.21 -21.37 -1.04
N SER B 47 23.26 -20.62 -1.34
CA SER B 47 24.37 -20.39 -0.42
C SER B 47 24.40 -18.92 -0.02
N TYR B 48 24.70 -18.66 1.25
CA TYR B 48 24.63 -17.31 1.79
C TYR B 48 25.87 -17.02 2.62
N SER B 49 26.15 -15.74 2.80
CA SER B 49 27.33 -15.31 3.54
C SER B 49 26.97 -14.13 4.43
N ASN B 50 27.41 -14.19 5.69
CA ASN B 50 27.27 -13.11 6.66
C ASN B 50 25.81 -12.69 6.80
N ILE B 51 24.95 -13.65 7.08
CA ILE B 51 23.53 -13.40 7.27
C ILE B 51 22.95 -14.47 8.17
N SER B 52 22.00 -14.07 9.01
CA SER B 52 21.28 -14.97 9.90
C SER B 52 19.88 -15.17 9.32
N LEU B 53 19.60 -16.40 8.89
CA LEU B 53 18.34 -16.72 8.22
C LEU B 53 17.58 -17.78 8.99
N THR B 54 16.26 -17.65 8.99
CA THR B 54 15.38 -18.64 9.59
C THR B 54 14.99 -19.68 8.53
N TYR B 55 15.23 -20.95 8.84
CA TYR B 55 14.96 -22.05 7.92
C TYR B 55 14.05 -23.08 8.58
N THR B 56 13.12 -23.61 7.81
CA THR B 56 12.26 -24.70 8.24
C THR B 56 12.66 -25.94 7.47
N GLY B 57 12.96 -27.01 8.19
CA GLY B 57 13.44 -28.23 7.55
C GLY B 57 13.62 -29.32 8.56
N LEU B 58 14.44 -30.31 8.18
CA LEU B 58 14.72 -31.46 9.03
C LEU B 58 16.00 -31.16 9.82
N TYR B 59 15.85 -30.93 11.12
CA TYR B 59 16.97 -30.59 11.99
C TYR B 59 16.83 -31.37 13.29
N PRO B 60 17.95 -31.63 13.97
CA PRO B 60 17.87 -32.28 15.28
C PRO B 60 17.48 -31.31 16.37
N LYS B 61 16.84 -31.84 17.40
CA LYS B 61 16.48 -31.03 18.55
C LYS B 61 17.73 -30.64 19.34
N ALA B 62 17.69 -29.45 19.93
CA ALA B 62 18.84 -28.95 20.67
C ALA B 62 19.09 -29.80 21.92
N ASN B 63 20.37 -30.02 22.23
CA ASN B 63 20.80 -30.80 23.38
C ASN B 63 20.18 -32.20 23.36
N ASP B 64 20.15 -32.81 22.18
CA ASP B 64 19.62 -34.16 22.02
C ASP B 64 20.75 -35.17 22.24
N LEU B 65 20.54 -36.09 23.18
CA LEU B 65 21.56 -37.09 23.47
C LEU B 65 21.61 -38.16 22.38
N GLY B 66 20.49 -38.41 21.71
CA GLY B 66 20.46 -39.41 20.67
C GLY B 66 20.61 -40.82 21.23
N LYS B 67 21.01 -41.73 20.36
CA LYS B 67 21.26 -43.12 20.71
C LYS B 67 22.72 -43.45 20.39
N GLN B 68 23.39 -44.11 21.34
CA GLN B 68 24.80 -44.43 21.20
C GLN B 68 24.96 -45.91 20.86
N TYR B 69 25.77 -46.19 19.84
CA TYR B 69 26.07 -47.55 19.42
C TYR B 69 27.55 -47.80 19.54
N ILE B 70 27.92 -48.87 20.25
CA ILE B 70 29.31 -49.19 20.54
C ILE B 70 29.66 -50.51 19.87
N PHE B 71 30.77 -50.52 19.14
CA PHE B 71 31.25 -51.70 18.43
C PHE B 71 32.59 -52.13 19.01
N SER B 72 32.79 -53.44 19.11
CA SER B 72 34.01 -54.03 19.64
C SER B 72 34.69 -54.87 18.56
N ASP B 73 35.76 -55.56 18.95
CA ASP B 73 36.50 -56.43 18.05
C ASP B 73 36.75 -57.77 18.73
N GLY B 74 36.79 -58.83 17.92
CA GLY B 74 36.99 -60.17 18.44
C GLY B 74 38.39 -60.41 18.95
N SER B 82 38.52 -64.82 16.41
CA SER B 82 37.63 -65.98 16.53
C SER B 82 36.17 -65.54 16.59
N ARG B 83 35.47 -65.97 17.64
CA ARG B 83 34.07 -65.61 17.80
C ARG B 83 33.93 -64.10 18.00
N LEU B 84 32.96 -63.51 17.30
CA LEU B 84 32.74 -62.07 17.34
C LEU B 84 31.82 -61.69 18.49
N PHE B 85 32.00 -60.48 19.00
CA PHE B 85 31.21 -59.95 20.10
C PHE B 85 30.43 -58.75 19.60
N VAL B 86 29.10 -58.80 19.74
CA VAL B 86 28.21 -57.75 19.27
C VAL B 86 27.04 -57.60 20.25
N SER B 87 26.30 -56.52 20.09
CA SER B 87 25.16 -56.20 20.92
C SER B 87 23.86 -56.65 20.23
N ASN B 88 22.73 -56.19 20.77
CA ASN B 88 21.41 -56.49 20.23
C ASN B 88 21.01 -55.57 19.08
N TYR B 89 21.98 -54.90 18.45
CA TYR B 89 21.66 -53.88 17.45
C TYR B 89 20.92 -54.47 16.25
N SER B 90 21.33 -55.65 15.81
CA SER B 90 20.76 -56.26 14.61
C SER B 90 19.28 -56.57 14.75
N ARG B 91 18.78 -56.74 15.98
CA ARG B 91 17.38 -57.06 16.20
C ARG B 91 16.55 -55.86 16.67
N GLN B 92 17.19 -54.74 16.98
CA GLN B 92 16.48 -53.53 17.33
C GLN B 92 16.07 -52.80 16.06
N VAL B 93 14.77 -52.61 15.87
CA VAL B 93 14.24 -51.96 14.68
C VAL B 93 13.78 -50.56 15.08
N GLU B 94 14.46 -49.55 14.57
CA GLU B 94 14.10 -48.16 14.83
C GLU B 94 13.18 -47.64 13.73
N THR B 95 12.63 -46.45 13.96
CA THR B 95 11.65 -45.86 13.06
C THR B 95 12.30 -44.74 12.26
N PHE B 96 12.27 -44.86 10.93
CA PHE B 96 12.78 -43.83 10.04
C PHE B 96 11.69 -42.80 9.81
N ASP B 97 11.44 -42.01 10.86
CA ASP B 97 10.35 -41.05 10.84
C ASP B 97 10.56 -39.99 9.76
N ASP B 98 11.62 -39.21 9.90
CA ASP B 98 11.95 -38.15 8.94
C ASP B 98 13.42 -38.20 8.52
N GLY B 99 14.15 -39.22 8.93
CA GLY B 99 15.58 -39.33 8.70
C GLY B 99 16.35 -39.22 10.01
N PHE B 100 17.67 -39.33 9.89
CA PHE B 100 18.52 -39.23 11.06
C PHE B 100 19.91 -38.79 10.63
N ILE B 101 20.68 -38.30 11.61
CA ILE B 101 22.06 -37.89 11.40
C ILE B 101 22.94 -38.74 12.30
N VAL B 102 24.15 -39.03 11.82
CA VAL B 102 25.09 -39.87 12.52
C VAL B 102 26.36 -39.07 12.80
N ARG B 103 26.77 -39.03 14.06
CA ARG B 103 28.01 -38.40 14.48
C ARG B 103 29.08 -39.48 14.57
N ILE B 104 30.13 -39.36 13.75
CA ILE B 104 31.10 -40.41 13.57
C ILE B 104 32.44 -39.97 14.15
N GLY B 105 32.97 -40.76 15.07
CA GLY B 105 34.33 -40.57 15.55
C GLY B 105 34.60 -39.27 16.27
N ALA B 106 33.69 -38.85 17.14
CA ALA B 106 33.93 -37.65 17.93
C ALA B 106 34.97 -37.91 19.02
N ALA B 107 35.00 -39.11 19.58
CA ALA B 107 35.92 -39.46 20.66
C ALA B 107 37.24 -40.00 20.14
N SER B 108 37.60 -39.72 18.90
CA SER B 108 38.84 -40.22 18.34
C SER B 108 40.05 -39.54 18.99
N ASN B 109 41.22 -40.13 18.77
CA ASN B 109 42.50 -39.67 19.33
C ASN B 109 42.53 -39.74 20.85
N LYS B 110 41.61 -40.49 21.45
CA LYS B 110 41.52 -40.61 22.90
C LYS B 110 41.62 -42.07 23.31
N THR B 111 41.73 -42.29 24.62
CA THR B 111 41.83 -43.64 25.15
C THR B 111 40.51 -44.39 24.98
N GLY B 112 40.62 -45.69 24.75
CA GLY B 112 39.44 -46.51 24.50
C GLY B 112 39.27 -47.67 25.46
N THR B 113 38.13 -47.70 26.15
CA THR B 113 37.79 -48.79 27.06
C THR B 113 36.85 -49.80 26.42
N THR B 114 36.60 -49.70 25.11
CA THR B 114 35.71 -50.61 24.40
C THR B 114 36.43 -51.82 23.83
N VAL B 115 37.75 -51.94 24.05
CA VAL B 115 38.47 -53.12 23.61
C VAL B 115 37.89 -54.35 24.30
N ILE B 116 38.01 -55.51 23.64
CA ILE B 116 37.58 -56.76 24.25
C ILE B 116 38.34 -57.01 25.55
N SER B 117 39.52 -56.43 25.71
CA SER B 117 40.25 -56.48 26.97
C SER B 117 39.62 -55.55 27.99
N GLN B 118 39.84 -55.87 29.26
CA GLN B 118 39.32 -55.05 30.35
C GLN B 118 40.35 -54.07 30.91
N SER B 119 41.57 -54.07 30.38
CA SER B 119 42.64 -53.21 30.92
C SER B 119 43.50 -52.62 29.82
N THR B 120 42.96 -52.44 28.62
CA THR B 120 43.70 -51.91 27.49
C THR B 120 43.12 -50.55 27.12
N ASN B 121 43.95 -49.51 27.27
CA ASN B 121 43.56 -48.15 26.92
C ASN B 121 44.11 -47.79 25.53
N ARG B 122 43.57 -48.49 24.53
CA ARG B 122 44.00 -48.26 23.16
C ARG B 122 43.45 -46.93 22.64
N PRO B 123 44.20 -46.24 21.78
CA PRO B 123 43.66 -45.03 21.15
C PRO B 123 42.40 -45.31 20.34
N ILE B 124 41.47 -44.38 20.39
CA ILE B 124 40.18 -44.55 19.74
C ILE B 124 40.28 -44.18 18.27
N LYS B 125 39.77 -45.06 17.40
CA LYS B 125 39.68 -44.81 15.97
C LYS B 125 38.23 -44.90 15.52
N LYS B 126 37.87 -44.07 14.55
CA LYS B 126 36.49 -43.94 14.11
C LYS B 126 36.09 -45.09 13.18
N ILE B 127 34.79 -45.38 13.16
CA ILE B 127 34.22 -46.41 12.31
C ILE B 127 33.00 -45.84 11.59
N TYR B 128 32.85 -46.19 10.32
CA TYR B 128 31.68 -45.78 9.57
C TYR B 128 30.51 -46.73 9.83
N PRO B 129 29.34 -46.25 10.18
CA PRO B 129 28.22 -47.13 10.51
C PRO B 129 27.66 -47.83 9.28
N ALA B 130 27.00 -48.95 9.53
CA ALA B 130 26.33 -49.73 8.49
C ALA B 130 24.85 -49.83 8.84
N PHE B 131 23.99 -49.61 7.84
CA PHE B 131 22.56 -49.55 8.06
C PHE B 131 21.84 -50.50 7.10
N MET B 132 20.65 -50.92 7.51
CA MET B 132 19.75 -51.72 6.69
C MET B 132 18.38 -51.06 6.76
N LEU B 133 18.03 -50.28 5.74
CA LEU B 133 16.79 -49.52 5.70
C LEU B 133 15.82 -50.17 4.75
N GLY B 134 14.58 -50.39 5.22
CA GLY B 134 13.56 -51.04 4.42
C GLY B 134 12.20 -50.46 4.70
N HIS B 135 11.21 -50.99 3.98
CA HIS B 135 9.83 -50.55 4.09
C HIS B 135 9.00 -51.42 5.03
N SER B 136 9.19 -52.74 5.00
CA SER B 136 8.48 -53.67 5.86
C SER B 136 9.50 -54.52 6.62
N VAL B 137 9.18 -54.80 7.89
CA VAL B 137 10.06 -55.55 8.76
C VAL B 137 9.33 -56.79 9.26
N GLY B 138 10.06 -57.89 9.37
CA GLY B 138 9.49 -59.14 9.79
C GLY B 138 10.43 -59.93 10.66
N ASN B 139 10.15 -61.23 10.78
CA ASN B 139 10.92 -62.14 11.61
C ASN B 139 11.88 -62.96 10.76
N TYR B 140 12.78 -63.66 11.45
CA TYR B 140 13.62 -64.68 10.84
C TYR B 140 12.98 -66.03 11.08
N THR B 141 12.85 -66.82 10.00
CA THR B 141 12.04 -68.04 10.07
C THR B 141 12.53 -69.05 11.11
N PRO B 142 13.82 -69.41 11.19
CA PRO B 142 14.20 -70.45 12.15
C PRO B 142 14.33 -69.96 13.59
N THR B 143 14.42 -68.66 13.83
CA THR B 143 14.65 -68.14 15.17
C THR B 143 13.55 -67.22 15.69
N ASN B 144 12.69 -66.69 14.82
CA ASN B 144 11.61 -65.79 15.19
C ASN B 144 12.11 -64.47 15.78
N ILE B 145 13.38 -64.15 15.58
CA ILE B 145 13.94 -62.91 16.12
C ILE B 145 13.63 -61.77 15.16
N THR B 146 13.17 -60.65 15.71
CA THR B 146 12.79 -59.50 14.90
C THR B 146 14.03 -58.85 14.29
N GLY B 147 13.81 -58.15 13.18
CA GLY B 147 14.88 -57.43 12.52
C GLY B 147 15.17 -57.89 11.11
N ARG B 148 14.20 -58.56 10.49
CA ARG B 148 14.34 -59.05 9.12
C ARG B 148 13.56 -58.15 8.18
N TYR B 149 14.21 -57.72 7.10
CA TYR B 149 13.61 -56.83 6.12
C TYR B 149 13.15 -57.62 4.91
N LEU B 150 11.87 -57.47 4.56
CA LEU B 150 11.27 -58.15 3.42
C LEU B 150 11.30 -57.26 2.20
N ASN B 151 11.14 -57.88 1.04
CA ASN B 151 11.16 -57.20 -0.25
C ASN B 151 12.47 -56.42 -0.44
N HIS B 152 12.44 -55.41 -1.32
CA HIS B 152 13.63 -54.62 -1.58
C HIS B 152 14.07 -53.89 -0.32
N THR B 153 15.37 -53.96 -0.03
CA THR B 153 15.94 -53.35 1.17
C THR B 153 17.15 -52.51 0.77
N LEU B 154 17.26 -51.32 1.34
CA LEU B 154 18.40 -50.43 1.10
C LEU B 154 19.46 -50.67 2.16
N VAL B 155 20.68 -50.95 1.72
CA VAL B 155 21.78 -51.31 2.61
C VAL B 155 22.92 -50.33 2.37
N ILE B 156 23.33 -49.64 3.43
CA ILE B 156 24.53 -48.80 3.43
C ILE B 156 25.63 -49.58 4.10
N LEU B 157 26.71 -49.84 3.38
CA LEU B 157 27.76 -50.73 3.88
C LEU B 157 29.14 -50.16 3.64
N PRO B 158 29.86 -49.74 4.68
CA PRO B 158 31.24 -49.30 4.49
C PRO B 158 32.14 -50.45 4.09
N ASP B 159 33.20 -50.12 3.36
CA ASP B 159 34.11 -51.13 2.83
C ASP B 159 35.48 -50.49 2.62
N GLY B 160 36.40 -51.29 2.10
CA GLY B 160 37.76 -50.82 1.88
C GLY B 160 38.47 -50.40 3.14
N CYS B 161 38.09 -50.99 4.28
CA CYS B 161 38.64 -50.60 5.59
C CYS B 161 38.42 -49.13 5.87
N GLY B 162 37.25 -48.61 5.48
CA GLY B 162 36.89 -47.23 5.70
C GLY B 162 37.20 -46.27 4.58
N THR B 163 37.52 -46.76 3.38
CA THR B 163 37.80 -45.90 2.24
C THR B 163 36.72 -45.96 1.16
N LEU B 164 35.65 -46.72 1.39
CA LEU B 164 34.59 -46.85 0.41
C LEU B 164 33.32 -47.29 1.12
N VAL B 165 32.18 -46.79 0.67
CA VAL B 165 30.88 -47.10 1.23
C VAL B 165 29.99 -47.67 0.14
N HIS B 166 29.39 -48.83 0.41
CA HIS B 166 28.53 -49.50 -0.55
C HIS B 166 27.07 -49.14 -0.27
N ALA B 167 26.38 -48.69 -1.31
CA ALA B 167 24.96 -48.36 -1.22
C ALA B 167 24.22 -49.15 -2.31
N PHE B 168 23.36 -50.06 -1.88
CA PHE B 168 22.55 -50.85 -2.82
C PHE B 168 21.19 -51.11 -2.21
N TYR B 169 20.22 -51.37 -3.09
CA TYR B 169 18.81 -51.47 -2.72
C TYR B 169 18.21 -52.70 -3.37
N CYS B 170 17.99 -53.75 -2.58
CA CYS B 170 17.53 -55.02 -3.11
C CYS B 170 17.24 -56.03 -2.00
N ILE B 171 16.63 -57.14 -2.42
CA ILE B 171 16.04 -58.11 -1.49
C ILE B 171 17.14 -58.91 -0.83
N LEU B 172 17.06 -59.04 0.50
CA LEU B 172 18.01 -59.83 1.29
C LEU B 172 17.38 -61.21 1.52
N GLN B 173 17.69 -62.14 0.63
CA GLN B 173 17.19 -63.51 0.77
C GLN B 173 18.06 -64.26 1.75
N PRO B 174 17.52 -64.73 2.87
CA PRO B 174 18.36 -65.41 3.87
C PRO B 174 18.87 -66.75 3.36
N ARG B 175 20.02 -67.16 3.89
CA ARG B 175 20.69 -68.37 3.48
C ARG B 175 20.55 -69.45 4.55
N THR B 176 20.32 -70.69 4.11
CA THR B 176 20.08 -71.79 5.04
C THR B 176 21.35 -72.26 5.74
N GLN B 177 22.52 -71.98 5.16
CA GLN B 177 23.78 -72.43 5.75
C GLN B 177 23.96 -71.88 7.15
N ALA B 178 24.61 -72.67 7.99
CA ALA B 178 24.71 -72.36 9.41
C ALA B 178 25.48 -71.06 9.64
N TYR B 179 25.19 -70.42 10.78
CA TYR B 179 25.75 -69.15 11.24
C TYR B 179 25.32 -67.98 10.37
N CYS B 180 24.54 -68.21 9.31
CA CYS B 180 24.08 -67.16 8.43
C CYS B 180 22.62 -66.85 8.71
N ALA B 181 22.18 -65.67 8.24
CA ALA B 181 20.80 -65.27 8.42
C ALA B 181 19.87 -66.22 7.69
N GLY B 182 18.80 -66.63 8.37
CA GLY B 182 17.90 -67.63 7.85
C GLY B 182 18.23 -69.05 8.24
N ALA B 183 19.14 -69.25 9.17
CA ALA B 183 19.49 -70.56 9.70
C ALA B 183 19.15 -70.66 11.17
N SER B 184 19.16 -71.89 11.68
CA SER B 184 18.85 -72.12 13.09
C SER B 184 19.94 -71.58 14.02
N THR B 185 21.17 -71.46 13.53
CA THR B 185 22.29 -70.96 14.33
C THR B 185 22.61 -69.50 14.03
N PHE B 186 21.60 -68.70 13.72
CA PHE B 186 21.78 -67.29 13.40
C PHE B 186 21.51 -66.44 14.63
N THR B 187 22.43 -65.52 14.93
CA THR B 187 22.32 -64.63 16.08
C THR B 187 22.14 -63.18 15.67
N SER B 188 23.05 -62.65 14.86
CA SER B 188 22.96 -61.27 14.40
C SER B 188 23.76 -61.12 13.12
N VAL B 189 23.38 -60.14 12.31
CA VAL B 189 24.07 -59.87 11.05
C VAL B 189 25.31 -59.02 11.34
N THR B 190 26.43 -59.68 11.58
CA THR B 190 27.69 -59.02 11.86
C THR B 190 28.58 -59.03 10.64
N VAL B 191 29.37 -57.96 10.48
CA VAL B 191 30.31 -57.84 9.37
C VAL B 191 31.70 -57.66 9.94
N TRP B 192 32.65 -58.45 9.43
CA TRP B 192 34.03 -58.44 9.91
C TRP B 192 34.93 -57.81 8.86
N ASP B 193 35.85 -56.95 9.31
CA ASP B 193 36.79 -56.30 8.42
C ASP B 193 38.08 -57.09 8.26
N THR B 194 38.56 -57.70 9.35
CA THR B 194 39.83 -58.45 9.39
C THR B 194 40.96 -57.58 8.86
N PRO B 195 41.39 -56.56 9.61
CA PRO B 195 42.46 -55.67 9.09
C PRO B 195 43.76 -56.39 8.82
N ALA B 196 44.11 -57.40 9.60
CA ALA B 196 45.35 -58.14 9.37
C ALA B 196 45.24 -59.08 8.17
N SER B 197 44.02 -59.42 7.75
CA SER B 197 43.81 -60.33 6.63
C SER B 197 43.40 -59.60 5.36
N ASP B 198 42.35 -58.78 5.43
CA ASP B 198 41.88 -58.07 4.24
C ASP B 198 42.72 -56.82 3.98
N CYS B 199 42.74 -55.89 4.93
CA CYS B 199 43.49 -54.65 4.74
C CYS B 199 44.99 -54.91 4.65
N ALA B 200 45.51 -55.76 5.53
CA ALA B 200 46.92 -56.15 5.60
C ALA B 200 47.84 -54.98 5.93
N ASN B 201 47.29 -53.79 6.20
CA ASN B 201 48.07 -52.59 6.52
C ASN B 201 49.10 -52.30 5.42
N SER B 202 48.69 -52.49 4.17
CA SER B 202 49.54 -52.28 3.02
C SER B 202 49.16 -50.97 2.31
N GLN B 203 49.89 -50.67 1.23
CA GLN B 203 49.60 -49.48 0.46
C GLN B 203 48.30 -49.59 -0.32
N SER B 204 47.74 -50.80 -0.46
CA SER B 204 46.50 -51.02 -1.16
C SER B 204 45.46 -51.58 -0.19
N TYR B 205 44.23 -51.10 -0.30
CA TYR B 205 43.14 -51.52 0.56
C TYR B 205 42.23 -52.47 -0.20
N ASN B 206 41.91 -53.61 0.42
CA ASN B 206 41.08 -54.63 -0.20
C ASN B 206 39.62 -54.30 0.04
N GLN B 207 38.90 -53.97 -1.04
CA GLN B 207 37.47 -53.76 -0.96
C GLN B 207 36.76 -55.12 -1.08
N LEU B 208 35.43 -55.09 -1.21
CA LEU B 208 34.61 -56.29 -1.31
C LEU B 208 34.79 -57.22 -0.12
N ALA B 209 35.23 -56.70 1.03
CA ALA B 209 35.42 -57.51 2.22
C ALA B 209 34.16 -57.54 3.08
N ASN B 210 33.63 -56.38 3.43
CA ASN B 210 32.37 -56.32 4.15
C ASN B 210 31.22 -56.82 3.28
N LEU B 211 31.26 -56.48 1.98
CA LEU B 211 30.23 -56.95 1.06
C LEU B 211 30.21 -58.46 0.96
N ASN B 212 31.38 -59.10 0.99
CA ASN B 212 31.42 -60.55 0.95
C ASN B 212 30.80 -61.17 2.19
N ALA B 213 31.05 -60.57 3.36
CA ALA B 213 30.41 -61.07 4.59
C ALA B 213 28.90 -60.92 4.51
N PHE B 214 28.42 -59.77 4.01
CA PHE B 214 26.99 -59.57 3.87
C PHE B 214 26.38 -60.57 2.89
N LYS B 215 27.08 -60.83 1.78
CA LYS B 215 26.62 -61.83 0.82
C LYS B 215 26.62 -63.23 1.43
N LEU B 216 27.55 -63.49 2.36
CA LEU B 216 27.48 -64.73 3.13
C LEU B 216 26.20 -64.76 3.97
N TYR B 217 25.85 -63.62 4.57
CA TYR B 217 24.64 -63.57 5.40
C TYR B 217 23.36 -63.64 4.57
N PHE B 218 23.32 -62.92 3.44
CA PHE B 218 22.09 -62.79 2.66
C PHE B 218 22.37 -63.03 1.18
N ASP B 219 21.33 -63.47 0.47
CA ASP B 219 21.38 -63.60 -0.98
C ASP B 219 20.79 -62.35 -1.61
N LEU B 220 21.59 -61.70 -2.46
CA LEU B 220 21.21 -60.41 -3.07
C LEU B 220 20.74 -60.68 -4.49
N ILE B 221 19.43 -60.53 -4.72
CA ILE B 221 18.81 -60.87 -5.99
C ILE B 221 17.93 -59.73 -6.46
N ASN B 222 17.75 -59.63 -7.78
CA ASN B 222 16.85 -58.65 -8.41
C ASN B 222 17.16 -57.24 -7.93
N CYS B 223 18.42 -56.83 -8.10
CA CYS B 223 18.95 -55.75 -7.29
C CYS B 223 19.09 -54.51 -8.17
N THR B 224 18.36 -53.45 -7.81
CA THR B 224 18.09 -52.36 -8.75
C THR B 224 19.34 -51.54 -9.04
N PHE B 225 20.06 -51.12 -8.00
CA PHE B 225 21.24 -50.30 -8.21
C PHE B 225 22.30 -50.66 -7.18
N ARG B 226 23.53 -50.25 -7.47
CA ARG B 226 24.68 -50.50 -6.60
C ARG B 226 25.67 -49.37 -6.82
N TYR B 227 25.75 -48.46 -5.87
CA TYR B 227 26.70 -47.35 -5.93
C TYR B 227 27.71 -47.46 -4.79
N ASN B 228 28.87 -46.86 -5.02
CA ASN B 228 29.89 -46.74 -3.99
C ASN B 228 30.52 -45.35 -4.07
N TYR B 229 30.99 -44.86 -2.93
CA TYR B 229 31.56 -43.53 -2.81
C TYR B 229 32.87 -43.61 -2.05
N THR B 230 33.92 -43.01 -2.62
CA THR B 230 35.23 -43.06 -2.01
C THR B 230 35.29 -42.19 -0.76
N ILE B 231 35.99 -42.69 0.27
CA ILE B 231 36.18 -41.97 1.51
C ILE B 231 37.69 -41.80 1.73
N THR B 232 38.13 -40.56 1.91
CA THR B 232 39.53 -40.30 2.18
C THR B 232 39.88 -40.79 3.58
N GLU B 233 40.99 -41.51 3.70
CA GLU B 233 41.38 -42.08 4.97
C GLU B 233 41.88 -41.01 5.93
N ASP B 234 40.97 -40.51 6.78
CA ASP B 234 41.32 -39.50 7.76
C ASP B 234 40.90 -39.96 9.16
N GLU B 235 40.99 -39.07 10.15
CA GLU B 235 40.58 -39.38 11.51
C GLU B 235 39.75 -38.28 12.14
N ASN B 236 39.38 -37.26 11.37
CA ASN B 236 38.56 -36.17 11.90
C ASN B 236 37.14 -36.65 12.15
N ALA B 237 36.44 -35.94 13.04
CA ALA B 237 35.05 -36.26 13.32
C ALA B 237 34.20 -36.03 12.09
N GLU B 238 33.25 -36.93 11.85
CA GLU B 238 32.43 -36.92 10.65
C GLU B 238 30.95 -36.85 11.03
N TRP B 239 30.16 -36.38 10.08
CA TRP B 239 28.70 -36.34 10.21
C TRP B 239 28.08 -36.97 8.98
N PHE B 240 27.21 -37.95 9.19
CA PHE B 240 26.48 -38.62 8.11
C PHE B 240 24.99 -38.53 8.39
N GLY B 241 24.21 -38.22 7.36
CA GLY B 241 22.78 -38.11 7.49
C GLY B 241 22.07 -38.69 6.29
N ILE B 242 20.79 -38.95 6.47
CA ILE B 242 19.98 -39.58 5.42
C ILE B 242 18.53 -39.12 5.57
N THR B 243 17.93 -38.71 4.46
CA THR B 243 16.53 -38.34 4.40
C THR B 243 15.94 -38.83 3.08
N GLN B 244 14.61 -38.90 3.03
CA GLN B 244 13.92 -39.37 1.83
C GLN B 244 12.77 -38.43 1.49
N ASP B 245 12.68 -38.09 0.20
CA ASP B 245 11.60 -37.25 -0.32
C ASP B 245 11.19 -37.82 -1.68
N THR B 246 10.47 -37.02 -2.46
CA THR B 246 9.98 -37.48 -3.75
C THR B 246 11.14 -37.88 -4.67
N GLN B 247 12.21 -37.10 -4.69
CA GLN B 247 13.34 -37.39 -5.57
C GLN B 247 14.12 -38.63 -5.14
N GLY B 248 13.85 -39.18 -3.97
CA GLY B 248 14.53 -40.38 -3.54
C GLY B 248 15.12 -40.26 -2.14
N VAL B 249 16.18 -41.03 -1.88
CA VAL B 249 16.85 -41.03 -0.59
C VAL B 249 18.13 -40.22 -0.71
N HIS B 250 18.27 -39.20 0.13
CA HIS B 250 19.41 -38.30 0.08
C HIS B 250 20.38 -38.61 1.20
N LEU B 251 21.67 -38.62 0.87
CA LEU B 251 22.74 -38.87 1.81
C LEU B 251 23.60 -37.61 1.96
N TYR B 252 23.94 -37.27 3.19
CA TYR B 252 24.76 -36.11 3.51
C TYR B 252 26.02 -36.56 4.22
N SER B 253 27.17 -36.03 3.79
CA SER B 253 28.45 -36.58 4.21
C SER B 253 29.27 -35.65 5.08
N SER B 254 29.09 -34.33 4.98
CA SER B 254 29.84 -33.35 5.75
C SER B 254 31.35 -33.47 5.54
N ARG B 255 31.76 -34.10 4.43
CA ARG B 255 33.16 -34.32 4.14
C ARG B 255 33.50 -33.85 2.73
N LYS B 256 32.49 -33.91 1.84
CA LYS B 256 32.73 -33.62 0.42
C LYS B 256 33.20 -32.19 0.22
N GLU B 257 32.58 -31.23 0.91
CA GLU B 257 32.94 -29.83 0.74
C GLU B 257 34.11 -29.42 1.64
N ASN B 258 33.96 -29.63 2.95
CA ASN B 258 35.02 -29.28 3.89
C ASN B 258 34.87 -30.19 5.10
N VAL B 259 35.74 -31.20 5.19
CA VAL B 259 35.73 -32.12 6.32
C VAL B 259 36.13 -31.44 7.63
N PHE B 260 36.69 -30.24 7.56
CA PHE B 260 37.07 -29.50 8.76
C PHE B 260 35.90 -28.73 9.36
N ARG B 261 34.72 -28.77 8.73
CA ARG B 261 33.50 -28.18 9.25
C ARG B 261 32.51 -29.28 9.59
N ASN B 262 31.47 -28.91 10.33
CA ASN B 262 30.41 -29.83 10.72
C ASN B 262 29.11 -29.55 9.97
N ASN B 263 29.22 -29.04 8.74
CA ASN B 263 28.06 -28.81 7.90
C ASN B 263 27.90 -29.98 6.94
N MET B 264 26.71 -30.57 6.92
CA MET B 264 26.45 -31.77 6.14
C MET B 264 25.86 -31.38 4.79
N PHE B 265 26.57 -31.73 3.72
CA PHE B 265 26.19 -31.36 2.37
C PHE B 265 25.71 -32.59 1.60
N HIS B 266 24.71 -32.37 0.73
CA HIS B 266 24.18 -33.45 -0.09
C HIS B 266 25.22 -33.96 -1.06
N PHE B 267 25.36 -35.28 -1.14
CA PHE B 267 26.32 -35.88 -2.08
C PHE B 267 25.78 -37.07 -2.85
N ALA B 268 24.58 -37.57 -2.55
CA ALA B 268 24.05 -38.71 -3.28
C ALA B 268 22.53 -38.72 -3.18
N THR B 269 21.87 -39.11 -4.27
CA THR B 269 20.43 -39.35 -4.28
C THR B 269 20.19 -40.78 -4.74
N LEU B 270 19.50 -41.55 -3.93
CA LEU B 270 19.28 -42.95 -4.23
C LEU B 270 17.88 -43.16 -4.77
N PRO B 271 17.73 -43.83 -5.91
CA PRO B 271 16.38 -44.04 -6.47
C PRO B 271 15.55 -45.01 -5.65
N VAL B 272 15.29 -44.66 -4.39
CA VAL B 272 14.39 -45.42 -3.54
C VAL B 272 13.17 -44.56 -3.27
N TYR B 273 12.13 -44.73 -4.08
CA TYR B 273 10.99 -43.83 -4.04
C TYR B 273 9.90 -44.30 -3.09
N GLN B 274 9.79 -45.59 -2.84
CA GLN B 274 8.89 -46.07 -1.82
C GLN B 274 9.35 -45.58 -0.44
N LYS B 275 8.38 -45.29 0.42
CA LYS B 275 8.71 -44.70 1.72
C LYS B 275 9.47 -45.67 2.60
N ILE B 276 10.58 -45.20 3.17
CA ILE B 276 11.37 -45.98 4.11
C ILE B 276 10.82 -45.74 5.51
N LEU B 277 10.51 -46.83 6.21
CA LEU B 277 9.86 -46.75 7.51
C LEU B 277 10.71 -47.25 8.66
N TYR B 278 11.73 -48.08 8.39
CA TYR B 278 12.52 -48.69 9.44
C TYR B 278 13.99 -48.69 9.04
N TYR B 279 14.86 -48.69 10.04
CA TYR B 279 16.29 -48.85 9.81
C TYR B 279 16.89 -49.56 11.01
N THR B 280 17.87 -50.43 10.75
CA THR B 280 18.60 -51.14 11.79
C THR B 280 20.09 -50.90 11.61
N VAL B 281 20.78 -50.71 12.72
CA VAL B 281 22.24 -50.55 12.69
C VAL B 281 22.86 -51.94 12.61
N ILE B 282 23.62 -52.17 11.55
CA ILE B 282 24.27 -53.48 11.37
C ILE B 282 25.48 -53.54 12.30
N PRO B 283 25.51 -54.48 13.25
CA PRO B 283 26.67 -54.59 14.13
C PRO B 283 27.92 -54.94 13.34
N ARG B 284 29.04 -54.35 13.75
CA ARG B 284 30.34 -54.59 13.13
C ARG B 284 31.33 -55.01 14.19
N SER B 285 31.93 -56.18 14.00
CA SER B 285 32.99 -56.68 14.88
C SER B 285 34.16 -57.07 13.99
N ILE B 286 35.15 -56.20 13.90
CA ILE B 286 36.32 -56.48 13.07
C ILE B 286 37.18 -57.54 13.74
N ARG B 287 37.94 -58.28 12.93
CA ARG B 287 38.73 -59.40 13.40
C ARG B 287 40.20 -58.96 13.46
N SER B 288 40.59 -58.42 14.61
CA SER B 288 41.99 -58.08 14.80
C SER B 288 42.66 -59.12 15.70
N PRO B 289 43.85 -59.59 15.32
CA PRO B 289 44.54 -60.58 16.16
C PRO B 289 45.04 -59.93 17.45
N PHE B 290 45.49 -60.80 18.37
CA PHE B 290 45.94 -60.32 19.67
C PHE B 290 47.20 -59.47 19.58
N ASN B 291 47.86 -59.46 18.43
CA ASN B 291 49.06 -58.63 18.28
C ASN B 291 48.70 -57.16 18.15
N ASP B 292 47.64 -56.83 17.43
CA ASP B 292 47.34 -55.45 17.05
C ASP B 292 45.87 -55.12 17.31
N ARG B 293 45.38 -55.43 18.50
CA ARG B 293 44.01 -55.07 18.87
C ARG B 293 43.89 -53.56 19.02
N LYS B 294 42.76 -53.01 18.58
CA LYS B 294 42.53 -51.58 18.58
C LYS B 294 41.18 -51.25 19.20
N ALA B 295 41.06 -50.02 19.69
CA ALA B 295 39.82 -49.49 20.24
C ALA B 295 39.12 -48.68 19.16
N TRP B 296 37.90 -49.06 18.82
CA TRP B 296 37.13 -48.37 17.79
C TRP B 296 36.10 -47.45 18.44
N ALA B 297 35.78 -46.37 17.73
CA ALA B 297 34.92 -45.33 18.28
C ALA B 297 33.47 -45.81 18.34
N ALA B 298 32.60 -44.90 18.80
CA ALA B 298 31.16 -45.12 18.82
C ALA B 298 30.49 -43.99 18.08
N PHE B 299 29.45 -44.31 17.33
CA PHE B 299 28.71 -43.31 16.58
C PHE B 299 27.35 -43.08 17.22
N TYR B 300 26.89 -41.83 17.16
CA TYR B 300 25.63 -41.43 17.77
C TYR B 300 24.63 -41.07 16.68
N ILE B 301 23.39 -41.54 16.85
CA ILE B 301 22.34 -41.32 15.88
C ILE B 301 21.31 -40.39 16.51
N TYR B 302 21.07 -39.25 15.87
CA TYR B 302 20.10 -38.27 16.32
C TYR B 302 18.98 -38.17 15.29
N LYS B 303 17.75 -38.27 15.76
CA LYS B 303 16.61 -38.19 14.86
C LYS B 303 16.45 -36.78 14.31
N LEU B 304 15.98 -36.69 13.07
CA LEU B 304 15.72 -35.41 12.42
C LEU B 304 14.24 -35.08 12.55
N HIS B 305 13.95 -33.86 12.99
CA HIS B 305 12.59 -33.42 13.21
C HIS B 305 12.26 -32.24 12.30
N PRO B 306 11.01 -32.07 11.90
CA PRO B 306 10.64 -30.85 11.18
C PRO B 306 10.61 -29.67 12.13
N LEU B 307 11.62 -28.81 12.05
CA LEU B 307 11.81 -27.75 13.03
C LEU B 307 12.23 -26.46 12.32
N THR B 308 11.93 -25.34 12.97
CA THR B 308 12.40 -24.04 12.52
C THR B 308 13.76 -23.77 13.14
N TYR B 309 14.73 -23.38 12.31
CA TYR B 309 16.09 -23.14 12.76
C TYR B 309 16.58 -21.79 12.27
N LEU B 310 17.28 -21.08 13.13
CA LEU B 310 17.95 -19.83 12.78
C LEU B 310 19.42 -20.14 12.53
N LEU B 311 19.82 -20.13 11.27
CA LEU B 311 21.18 -20.50 10.87
C LEU B 311 22.00 -19.25 10.60
N ASN B 312 23.21 -19.23 11.11
CA ASN B 312 24.15 -18.13 10.87
C ASN B 312 25.20 -18.61 9.90
N PHE B 313 25.34 -17.89 8.78
CA PHE B 313 26.27 -18.26 7.71
C PHE B 313 27.55 -17.47 7.87
N ASP B 314 28.69 -18.17 7.81
CA ASP B 314 29.99 -17.54 7.97
C ASP B 314 30.30 -16.64 6.77
N VAL B 315 31.42 -15.92 6.89
CA VAL B 315 31.91 -15.14 5.77
C VAL B 315 32.30 -16.04 4.60
N GLU B 316 32.71 -17.27 4.89
CA GLU B 316 33.06 -18.26 3.87
C GLU B 316 31.85 -19.05 3.39
N GLY B 317 30.66 -18.78 3.93
CA GLY B 317 29.44 -19.40 3.48
C GLY B 317 28.97 -20.57 4.32
N TYR B 318 29.77 -21.02 5.28
CA TYR B 318 29.41 -22.17 6.10
C TYR B 318 28.57 -21.74 7.30
N ILE B 319 27.76 -22.66 7.79
CA ILE B 319 26.90 -22.40 8.95
C ILE B 319 27.75 -22.59 10.20
N THR B 320 28.16 -21.48 10.81
CA THR B 320 29.00 -21.56 12.00
C THR B 320 28.19 -21.89 13.25
N LYS B 321 26.97 -21.36 13.34
CA LYS B 321 26.12 -21.60 14.50
C LYS B 321 24.67 -21.59 14.07
N ALA B 322 23.83 -22.21 14.91
CA ALA B 322 22.41 -22.33 14.64
C ALA B 322 21.65 -22.10 15.94
N VAL B 323 20.34 -21.90 15.81
CA VAL B 323 19.44 -21.75 16.95
C VAL B 323 18.23 -22.65 16.73
N ASP B 324 17.92 -23.49 17.72
CA ASP B 324 16.70 -24.29 17.70
C ASP B 324 15.57 -23.40 18.19
N CYS B 325 14.71 -22.98 17.27
CA CYS B 325 13.77 -21.89 17.56
C CYS B 325 12.81 -22.26 18.69
N GLY B 326 12.31 -23.48 18.70
CA GLY B 326 11.36 -23.88 19.71
C GLY B 326 11.92 -24.44 20.98
N TYR B 327 13.25 -24.47 21.13
CA TYR B 327 13.85 -25.08 22.31
C TYR B 327 13.70 -24.20 23.54
N ASP B 328 13.95 -22.90 23.41
CA ASP B 328 14.03 -22.01 24.55
C ASP B 328 13.34 -20.69 24.25
N ASP B 329 13.00 -19.97 25.33
CA ASP B 329 12.41 -18.65 25.18
C ASP B 329 13.43 -17.65 24.64
N PHE B 330 14.70 -17.79 25.04
CA PHE B 330 15.75 -16.99 24.43
C PHE B 330 15.91 -17.38 22.96
N ALA B 331 15.76 -18.66 22.65
CA ALA B 331 15.81 -19.10 21.26
C ALA B 331 14.64 -18.52 20.47
N GLN B 332 13.45 -18.47 21.08
CA GLN B 332 12.31 -17.83 20.42
C GLN B 332 12.57 -16.34 20.20
N LEU B 333 13.23 -15.70 21.16
CA LEU B 333 13.60 -14.30 20.97
C LEU B 333 14.56 -14.13 19.80
N GLN B 334 15.56 -15.01 19.70
CA GLN B 334 16.52 -14.93 18.61
C GLN B 334 15.86 -15.18 17.27
N CYS B 335 14.93 -16.13 17.20
CA CYS B 335 14.31 -16.46 15.93
C CYS B 335 13.26 -15.44 15.51
N SER B 336 12.53 -14.86 16.47
CA SER B 336 11.50 -13.89 16.13
C SER B 336 12.10 -12.64 15.50
N TYR B 337 13.23 -12.17 16.04
CA TYR B 337 13.93 -11.01 15.50
C TYR B 337 15.04 -11.41 14.53
N GLU B 338 15.27 -12.71 14.35
CA GLU B 338 16.30 -13.23 13.43
C GLU B 338 17.66 -12.59 13.71
N ASN B 339 18.03 -12.54 14.98
CA ASN B 339 19.27 -11.90 15.42
C ASN B 339 19.93 -12.80 16.46
N PHE B 340 21.11 -13.34 16.12
CA PHE B 340 21.88 -14.11 17.10
C PHE B 340 22.30 -13.24 18.27
N ASP B 341 22.73 -12.01 17.99
CA ASP B 341 23.17 -11.08 19.03
C ASP B 341 22.05 -10.08 19.26
N VAL B 342 21.29 -10.28 20.33
CA VAL B 342 20.18 -9.42 20.70
C VAL B 342 20.61 -8.53 21.86
N GLU B 343 20.27 -7.25 21.78
CA GLU B 343 20.61 -6.31 22.83
C GLU B 343 19.75 -6.54 24.07
N THR B 344 20.19 -5.96 25.18
CA THR B 344 19.44 -6.05 26.42
C THR B 344 18.10 -5.33 26.28
N GLY B 345 17.04 -6.00 26.71
CA GLY B 345 15.72 -5.41 26.65
C GLY B 345 14.65 -6.44 26.92
N VAL B 346 13.40 -5.98 26.81
CA VAL B 346 12.22 -6.83 26.97
C VAL B 346 11.54 -6.92 25.62
N TYR B 347 11.39 -8.14 25.11
CA TYR B 347 10.95 -8.37 23.74
C TYR B 347 9.65 -9.17 23.73
N SER B 348 8.80 -8.87 22.76
CA SER B 348 7.63 -9.71 22.47
C SER B 348 8.04 -10.73 21.43
N VAL B 349 7.88 -12.02 21.76
CA VAL B 349 8.40 -13.09 20.92
C VAL B 349 7.24 -13.91 20.35
N SER B 350 7.53 -14.61 19.27
CA SER B 350 6.57 -15.49 18.61
C SER B 350 6.72 -16.91 19.15
N SER B 351 5.84 -17.80 18.71
CA SER B 351 5.85 -19.19 19.11
C SER B 351 6.33 -20.03 17.95
N PHE B 352 7.45 -20.74 18.15
CA PHE B 352 8.02 -21.61 17.12
C PHE B 352 7.91 -23.08 17.46
N GLU B 353 7.51 -23.42 18.68
CA GLU B 353 7.38 -24.82 19.08
C GLU B 353 6.00 -25.34 18.70
N ALA B 354 5.97 -26.48 18.01
CA ALA B 354 4.74 -27.11 17.56
C ALA B 354 4.46 -28.35 18.40
N SER B 355 3.24 -28.44 18.90
CA SER B 355 2.80 -29.57 19.71
C SER B 355 1.72 -30.35 18.98
N PRO B 356 1.63 -31.66 19.19
CA PRO B 356 0.58 -32.45 18.54
C PRO B 356 -0.80 -31.98 18.94
N ARG B 357 -1.72 -32.00 17.98
CA ARG B 357 -3.08 -31.50 18.17
C ARG B 357 -4.08 -32.65 18.13
N GLY B 358 -5.05 -32.60 19.02
CA GLY B 358 -6.16 -33.54 18.99
C GLY B 358 -7.22 -33.11 17.99
N GLU B 359 -8.36 -33.78 18.06
CA GLU B 359 -9.50 -33.48 17.19
C GLU B 359 -10.76 -33.39 18.03
N PHE B 360 -11.52 -32.31 17.84
CA PHE B 360 -12.79 -32.09 18.51
C PHE B 360 -13.88 -32.14 17.45
N ILE B 361 -14.69 -33.19 17.47
CA ILE B 361 -15.72 -33.41 16.45
C ILE B 361 -17.08 -33.44 17.14
N GLU B 362 -18.01 -32.62 16.63
CA GLU B 362 -19.38 -32.60 17.13
C GLU B 362 -20.29 -32.40 15.92
N GLN B 363 -20.89 -33.48 15.45
CA GLN B 363 -21.73 -33.48 14.26
C GLN B 363 -23.17 -33.76 14.66
N SER B 364 -24.11 -32.98 14.10
CA SER B 364 -25.51 -33.18 14.39
C SER B 364 -26.03 -34.42 13.68
N VAL B 365 -26.95 -35.13 14.34
CA VAL B 365 -27.55 -36.33 13.77
C VAL B 365 -28.64 -35.92 12.80
N THR B 366 -28.52 -36.36 11.55
CA THR B 366 -29.47 -36.00 10.51
C THR B 366 -29.75 -37.23 9.64
N LYS B 367 -30.83 -37.13 8.86
CA LYS B 367 -31.18 -38.18 7.91
C LYS B 367 -30.25 -38.09 6.69
N GLU B 368 -30.52 -38.91 5.68
CA GLU B 368 -29.69 -38.96 4.49
C GLU B 368 -30.37 -38.24 3.34
N CYS B 369 -29.63 -37.37 2.67
CA CYS B 369 -30.15 -36.72 1.46
C CYS B 369 -30.42 -37.76 0.39
N ASP B 370 -31.60 -37.68 -0.22
CA ASP B 370 -32.04 -38.66 -1.21
C ASP B 370 -31.82 -38.10 -2.61
N PHE B 371 -30.87 -38.67 -3.34
CA PHE B 371 -30.65 -38.37 -4.74
C PHE B 371 -31.46 -39.29 -5.66
N SER B 372 -32.50 -39.92 -5.13
CA SER B 372 -33.27 -40.89 -5.92
C SER B 372 -33.92 -40.30 -7.16
N PRO B 373 -34.58 -39.13 -7.10
CA PRO B 373 -35.16 -38.57 -8.34
C PRO B 373 -34.11 -38.32 -9.41
N MET B 374 -32.86 -38.03 -9.03
CA MET B 374 -31.79 -37.86 -10.00
C MET B 374 -31.36 -39.18 -10.63
N LEU B 375 -31.74 -40.32 -10.05
CA LEU B 375 -31.28 -41.62 -10.51
C LEU B 375 -32.42 -42.50 -11.02
N THR B 376 -33.62 -41.95 -11.17
CA THR B 376 -34.76 -42.70 -11.66
C THR B 376 -35.51 -41.88 -12.70
N GLY B 377 -36.19 -42.59 -13.61
CA GLY B 377 -36.92 -41.94 -14.66
C GLY B 377 -36.02 -41.39 -15.75
N THR B 378 -36.65 -40.66 -16.66
CA THR B 378 -35.90 -40.03 -17.74
C THR B 378 -35.40 -38.67 -17.31
N PRO B 379 -34.12 -38.35 -17.51
CA PRO B 379 -33.64 -37.03 -17.11
C PRO B 379 -34.32 -35.94 -17.92
N PRO B 380 -34.54 -34.78 -17.32
CA PRO B 380 -35.27 -33.72 -18.01
C PRO B 380 -34.42 -33.08 -19.10
N PRO B 381 -35.05 -32.38 -20.05
CA PRO B 381 -34.26 -31.58 -20.99
C PRO B 381 -33.62 -30.39 -20.29
N ILE B 382 -32.65 -29.78 -20.98
CA ILE B 382 -31.86 -28.73 -20.37
C ILE B 382 -32.73 -27.53 -20.02
N TYR B 383 -33.63 -27.15 -20.91
CA TYR B 383 -34.49 -25.99 -20.65
C TYR B 383 -35.50 -26.24 -19.54
N ASP B 384 -35.79 -27.52 -19.24
CA ASP B 384 -36.75 -27.87 -18.21
C ASP B 384 -36.07 -28.68 -17.12
N PHE B 385 -34.90 -28.23 -16.67
CA PHE B 385 -34.10 -28.96 -15.70
C PHE B 385 -34.83 -29.05 -14.37
N LYS B 386 -34.50 -30.08 -13.60
CA LYS B 386 -35.02 -30.26 -12.26
C LYS B 386 -34.01 -29.76 -11.24
N ARG B 387 -34.52 -29.17 -10.16
CA ARG B 387 -33.70 -28.63 -9.09
C ARG B 387 -33.96 -29.40 -7.81
N LEU B 388 -32.89 -29.84 -7.17
CA LEU B 388 -32.96 -30.51 -5.87
C LEU B 388 -32.17 -29.68 -4.87
N VAL B 389 -32.86 -29.22 -3.82
CA VAL B 389 -32.24 -28.43 -2.76
C VAL B 389 -32.24 -29.27 -1.49
N PHE B 390 -31.07 -29.45 -0.90
CA PHE B 390 -30.90 -30.31 0.26
C PHE B 390 -30.51 -29.47 1.46
N THR B 391 -31.24 -29.65 2.56
CA THR B 391 -30.96 -28.96 3.81
C THR B 391 -31.24 -29.91 4.96
N ASN B 392 -30.35 -29.93 5.95
CA ASN B 392 -30.49 -30.75 7.16
C ASN B 392 -30.55 -32.24 6.80
N CYS B 393 -29.53 -32.71 6.09
CA CYS B 393 -29.43 -34.13 5.75
C CYS B 393 -27.97 -34.47 5.49
N ASN B 394 -27.67 -35.76 5.45
CA ASN B 394 -26.33 -36.25 5.20
C ASN B 394 -26.25 -36.79 3.78
N TYR B 395 -25.31 -36.28 3.00
CA TYR B 395 -25.15 -36.69 1.62
C TYR B 395 -23.94 -37.60 1.48
N ASN B 396 -24.02 -38.51 0.50
CA ASN B 396 -22.95 -39.45 0.18
C ASN B 396 -22.60 -39.22 -1.29
N LEU B 397 -21.71 -38.25 -1.54
CA LEU B 397 -21.37 -37.90 -2.91
C LEU B 397 -20.65 -39.04 -3.63
N THR B 398 -19.97 -39.91 -2.87
CA THR B 398 -19.37 -41.09 -3.48
C THR B 398 -20.41 -42.01 -4.09
N LYS B 399 -21.54 -42.21 -3.42
CA LYS B 399 -22.61 -43.05 -3.95
C LYS B 399 -23.14 -42.53 -5.28
N LEU B 400 -23.37 -41.22 -5.37
CA LEU B 400 -23.90 -40.65 -6.60
C LEU B 400 -22.84 -40.62 -7.69
N LEU B 401 -21.58 -40.33 -7.33
CA LEU B 401 -20.53 -40.20 -8.32
C LEU B 401 -20.01 -41.55 -8.82
N SER B 402 -20.26 -42.64 -8.10
CA SER B 402 -19.83 -43.94 -8.56
C SER B 402 -20.76 -44.55 -9.60
N LEU B 403 -21.97 -44.01 -9.75
CA LEU B 403 -22.91 -44.50 -10.75
C LEU B 403 -22.74 -43.82 -12.10
N PHE B 404 -21.83 -42.86 -12.22
CA PHE B 404 -21.64 -42.12 -13.44
C PHE B 404 -20.16 -42.14 -13.84
N GLN B 405 -19.92 -41.96 -15.14
CA GLN B 405 -18.57 -41.83 -15.68
C GLN B 405 -18.35 -40.35 -15.98
N VAL B 406 -17.74 -39.64 -15.04
CA VAL B 406 -17.60 -38.19 -15.15
C VAL B 406 -16.61 -37.85 -16.24
N SER B 407 -17.00 -36.94 -17.14
CA SER B 407 -16.12 -36.45 -18.19
C SER B 407 -15.55 -35.06 -17.91
N GLU B 408 -16.23 -34.27 -17.09
CA GLU B 408 -15.78 -32.92 -16.76
C GLU B 408 -16.31 -32.56 -15.39
N PHE B 409 -15.44 -31.97 -14.56
CA PHE B 409 -15.77 -31.60 -13.19
C PHE B 409 -15.28 -30.20 -12.88
N SER B 410 -15.59 -29.25 -13.77
CA SER B 410 -15.19 -27.86 -13.55
C SER B 410 -15.91 -27.30 -12.33
N CYS B 411 -15.14 -26.67 -11.44
CA CYS B 411 -15.67 -26.14 -10.19
C CYS B 411 -15.23 -24.69 -10.02
N HIS B 412 -15.99 -23.95 -9.21
CA HIS B 412 -15.74 -22.55 -8.94
C HIS B 412 -15.74 -22.30 -7.45
N GLN B 413 -14.65 -21.72 -6.94
CA GLN B 413 -14.49 -21.35 -5.53
C GLN B 413 -14.58 -22.54 -4.59
N VAL B 414 -14.46 -23.75 -5.12
CA VAL B 414 -14.51 -24.97 -4.32
C VAL B 414 -13.86 -26.08 -5.14
N SER B 415 -13.44 -27.13 -4.46
CA SER B 415 -12.79 -28.22 -5.19
C SER B 415 -13.73 -29.41 -5.30
N PRO B 416 -13.57 -30.21 -6.37
CA PRO B 416 -14.37 -31.44 -6.46
C PRO B 416 -14.13 -32.40 -5.30
N SER B 417 -12.92 -32.45 -4.78
CA SER B 417 -12.64 -33.31 -3.62
C SER B 417 -13.22 -32.72 -2.35
N SER B 418 -13.16 -31.40 -2.21
CA SER B 418 -13.73 -30.74 -1.04
C SER B 418 -15.26 -30.76 -1.07
N LEU B 419 -15.86 -30.99 -2.25
CA LEU B 419 -17.30 -31.08 -2.35
C LEU B 419 -17.84 -32.32 -1.67
N ALA B 420 -17.00 -33.33 -1.44
CA ALA B 420 -17.44 -34.57 -0.82
C ALA B 420 -17.12 -34.66 0.66
N THR B 421 -16.21 -33.82 1.17
CA THR B 421 -15.82 -33.85 2.58
C THR B 421 -16.13 -32.53 3.28
N GLY B 422 -17.05 -31.74 2.75
CA GLY B 422 -17.39 -30.47 3.35
C GLY B 422 -18.82 -30.39 3.83
N CYS B 423 -19.10 -29.40 4.69
CA CYS B 423 -20.43 -29.21 5.25
C CYS B 423 -20.98 -27.86 4.79
N TYR B 424 -22.26 -27.83 4.47
CA TYR B 424 -22.87 -26.64 3.89
C TYR B 424 -24.22 -26.38 4.55
N SER B 425 -24.66 -25.12 4.46
CA SER B 425 -26.00 -24.77 4.89
C SER B 425 -27.06 -25.21 3.89
N SER B 426 -26.68 -25.42 2.63
CA SER B 426 -27.60 -25.89 1.61
C SER B 426 -26.79 -26.53 0.49
N LEU B 427 -27.45 -27.39 -0.28
CA LEU B 427 -26.84 -28.07 -1.41
C LEU B 427 -27.85 -28.14 -2.53
N THR B 428 -27.64 -27.35 -3.58
CA THR B 428 -28.54 -27.26 -4.72
C THR B 428 -27.93 -27.99 -5.90
N VAL B 429 -28.71 -28.86 -6.53
CA VAL B 429 -28.26 -29.65 -7.67
C VAL B 429 -29.26 -29.47 -8.81
N ASP B 430 -28.79 -28.95 -9.94
CA ASP B 430 -29.58 -28.87 -11.16
C ASP B 430 -29.07 -29.95 -12.10
N TYR B 431 -29.97 -30.82 -12.57
CA TYR B 431 -29.59 -31.91 -13.44
C TYR B 431 -30.52 -31.97 -14.64
N PHE B 432 -29.96 -32.35 -15.78
CA PHE B 432 -30.73 -32.47 -17.02
C PHE B 432 -29.95 -33.35 -17.98
N ALA B 433 -30.61 -33.73 -19.07
CA ALA B 433 -29.94 -34.49 -20.12
C ALA B 433 -29.14 -33.55 -21.01
N TYR B 434 -27.87 -33.88 -21.23
CA TYR B 434 -26.97 -33.00 -21.98
C TYR B 434 -25.87 -33.84 -22.62
N SER B 435 -25.63 -33.62 -23.90
CA SER B 435 -24.59 -34.36 -24.61
C SER B 435 -23.24 -33.72 -24.33
N THR B 436 -22.27 -34.55 -23.93
CA THR B 436 -20.94 -34.05 -23.59
C THR B 436 -20.21 -33.48 -24.79
N ASP B 437 -20.60 -33.85 -26.01
CA ASP B 437 -20.04 -33.22 -27.19
C ASP B 437 -20.43 -31.75 -27.30
N MET B 438 -21.47 -31.33 -26.57
CA MET B 438 -21.88 -29.94 -26.49
C MET B 438 -21.32 -29.25 -25.24
N SER B 439 -20.16 -29.70 -24.78
CA SER B 439 -19.63 -29.23 -23.50
C SER B 439 -19.28 -27.75 -23.54
N SER B 440 -18.74 -27.28 -24.67
CA SER B 440 -18.28 -25.89 -24.76
C SER B 440 -19.43 -24.90 -24.63
N TYR B 441 -20.66 -25.34 -24.87
CA TYR B 441 -21.82 -24.45 -24.78
C TYR B 441 -22.31 -24.26 -23.35
N LEU B 442 -21.86 -25.09 -22.41
CA LEU B 442 -22.22 -24.96 -21.00
C LEU B 442 -21.15 -24.24 -20.19
N GLN B 443 -20.07 -23.79 -20.83
CA GLN B 443 -18.97 -23.16 -20.15
C GLN B 443 -19.32 -21.73 -19.75
N PRO B 444 -18.61 -21.17 -18.76
CA PRO B 444 -18.90 -19.80 -18.35
C PRO B 444 -18.57 -18.81 -19.47
N GLY B 445 -19.52 -17.93 -19.76
CA GLY B 445 -19.35 -16.94 -20.79
C GLY B 445 -19.53 -17.45 -22.20
N SER B 446 -19.92 -18.72 -22.37
CA SER B 446 -20.01 -19.31 -23.70
C SER B 446 -21.11 -18.66 -24.51
N ALA B 447 -20.90 -18.61 -25.82
CA ALA B 447 -21.91 -18.13 -26.75
C ALA B 447 -22.78 -19.29 -27.22
N GLY B 448 -23.90 -18.96 -27.83
CA GLY B 448 -24.83 -19.95 -28.35
C GLY B 448 -26.17 -19.87 -27.65
N GLU B 449 -27.05 -20.80 -28.03
CA GLU B 449 -28.42 -20.83 -27.54
C GLU B 449 -28.56 -21.52 -26.20
N ILE B 450 -27.54 -22.25 -25.75
CA ILE B 450 -27.65 -23.00 -24.50
C ILE B 450 -27.70 -22.04 -23.31
N VAL B 451 -26.73 -21.12 -23.24
CA VAL B 451 -26.74 -20.14 -22.16
C VAL B 451 -27.87 -19.13 -22.35
N GLN B 452 -28.10 -18.72 -23.60
CA GLN B 452 -29.08 -17.67 -23.86
C GLN B 452 -30.50 -18.10 -23.51
N PHE B 453 -30.87 -19.33 -23.85
CA PHE B 453 -32.26 -19.74 -23.75
C PHE B 453 -32.52 -21.02 -22.95
N ASN B 454 -31.50 -21.77 -22.56
CA ASN B 454 -31.71 -23.06 -21.92
C ASN B 454 -31.25 -23.08 -20.47
N TYR B 455 -30.00 -22.74 -20.19
CA TYR B 455 -29.51 -22.77 -18.82
C TYR B 455 -28.28 -21.88 -18.71
N LYS B 456 -28.31 -20.94 -17.76
CA LYS B 456 -27.17 -20.09 -17.45
C LYS B 456 -26.74 -20.38 -16.01
N GLN B 457 -25.47 -20.75 -15.84
CA GLN B 457 -24.96 -21.06 -14.51
C GLN B 457 -24.85 -19.79 -13.67
N ASP B 458 -25.08 -19.94 -12.37
CA ASP B 458 -25.09 -18.83 -11.43
C ASP B 458 -23.82 -18.89 -10.60
N PHE B 459 -22.87 -17.99 -10.90
CA PHE B 459 -21.61 -17.93 -10.17
C PHE B 459 -21.65 -16.93 -9.01
N SER B 460 -22.63 -17.09 -8.14
CA SER B 460 -22.72 -16.31 -6.90
C SER B 460 -22.41 -17.13 -5.66
N ASN B 461 -22.40 -18.45 -5.77
CA ASN B 461 -22.05 -19.39 -4.71
C ASN B 461 -21.04 -20.38 -5.27
N PRO B 462 -20.26 -21.03 -4.40
CA PRO B 462 -19.36 -22.09 -4.88
C PRO B 462 -20.12 -23.17 -5.64
N THR B 463 -19.88 -23.26 -6.94
CA THR B 463 -20.67 -24.12 -7.81
C THR B 463 -19.76 -25.02 -8.63
N CYS B 464 -20.22 -26.25 -8.85
CA CYS B 464 -19.49 -27.24 -9.65
C CYS B 464 -20.37 -27.69 -10.81
N ARG B 465 -19.76 -27.83 -11.97
CA ARG B 465 -20.42 -28.32 -13.17
C ARG B 465 -19.86 -29.69 -13.50
N VAL B 466 -20.72 -30.69 -13.52
CA VAL B 466 -20.33 -32.08 -13.76
C VAL B 466 -21.00 -32.56 -15.04
N LEU B 467 -20.21 -33.04 -15.98
CA LEU B 467 -20.71 -33.69 -17.18
C LEU B 467 -20.40 -35.19 -17.06
N ALA B 468 -21.45 -36.00 -17.04
CA ALA B 468 -21.30 -37.41 -16.73
C ALA B 468 -22.02 -38.26 -17.77
N THR B 469 -21.50 -39.47 -17.97
CA THR B 469 -22.09 -40.44 -18.89
C THR B 469 -22.75 -41.54 -18.09
N VAL B 470 -23.99 -41.86 -18.43
CA VAL B 470 -24.74 -42.90 -17.74
C VAL B 470 -24.36 -44.25 -18.35
N PRO B 471 -23.74 -45.15 -17.57
CA PRO B 471 -23.36 -46.45 -18.12
C PRO B 471 -24.57 -47.30 -18.44
N THR B 472 -24.38 -48.22 -19.38
CA THR B 472 -25.47 -49.11 -19.79
C THR B 472 -25.90 -50.04 -18.67
N ASN B 473 -25.01 -50.32 -17.71
CA ASN B 473 -25.37 -51.19 -16.59
C ASN B 473 -26.46 -50.56 -15.73
N LEU B 474 -26.36 -49.25 -15.50
CA LEU B 474 -27.36 -48.51 -14.72
C LEU B 474 -28.64 -48.43 -15.54
N THR B 475 -29.62 -49.26 -15.19
CA THR B 475 -30.88 -49.35 -15.94
C THR B 475 -32.01 -48.60 -15.28
N THR B 476 -31.76 -47.92 -14.16
CA THR B 476 -32.83 -47.16 -13.51
C THR B 476 -33.11 -45.86 -14.26
N ILE B 477 -32.12 -45.32 -14.96
CA ILE B 477 -32.27 -44.11 -15.75
C ILE B 477 -32.56 -44.52 -17.19
N THR B 478 -33.67 -44.03 -17.74
CA THR B 478 -34.11 -44.38 -19.07
C THR B 478 -33.67 -43.32 -20.06
N LYS B 479 -33.07 -43.75 -21.17
CA LYS B 479 -32.66 -42.81 -22.21
C LYS B 479 -33.89 -42.18 -22.85
N PRO B 480 -33.92 -40.86 -23.01
CA PRO B 480 -35.04 -40.23 -23.72
C PRO B 480 -34.92 -40.46 -25.22
N SER B 481 -35.95 -40.03 -25.93
CA SER B 481 -35.95 -40.19 -27.38
C SER B 481 -34.83 -39.39 -28.04
N ASN B 482 -34.63 -38.15 -27.60
CA ASN B 482 -33.64 -37.27 -28.20
C ASN B 482 -33.11 -36.30 -27.13
N TYR B 483 -32.16 -35.46 -27.55
CA TYR B 483 -31.74 -34.30 -26.77
C TYR B 483 -32.41 -33.07 -27.37
N VAL B 484 -33.12 -32.31 -26.54
CA VAL B 484 -33.86 -31.13 -26.99
C VAL B 484 -33.38 -29.92 -26.20
N HIS B 485 -32.98 -28.88 -26.93
CA HIS B 485 -32.66 -27.59 -26.32
C HIS B 485 -33.29 -26.48 -27.16
N LEU B 486 -33.64 -25.39 -26.49
CA LEU B 486 -34.29 -24.27 -27.17
C LEU B 486 -33.27 -23.44 -27.93
N THR B 487 -33.63 -23.08 -29.16
CA THR B 487 -32.78 -22.20 -29.97
C THR B 487 -33.29 -20.76 -29.99
N GLU B 488 -34.56 -20.53 -29.67
CA GLU B 488 -35.10 -19.18 -29.63
C GLU B 488 -36.10 -19.07 -28.48
N CYS B 489 -36.21 -17.86 -27.93
CA CYS B 489 -37.29 -17.52 -27.01
C CYS B 489 -37.44 -16.01 -27.07
N TYR B 490 -38.44 -15.54 -27.81
CA TYR B 490 -38.57 -14.11 -28.07
C TYR B 490 -40.05 -13.75 -28.15
N ILE B 491 -40.31 -12.45 -28.03
CA ILE B 491 -41.64 -11.89 -28.20
C ILE B 491 -41.68 -11.19 -29.55
N SER B 492 -42.59 -11.62 -30.42
CA SER B 492 -42.68 -11.08 -31.77
C SER B 492 -43.50 -9.81 -31.75
N THR B 493 -42.82 -8.66 -31.79
CA THR B 493 -43.46 -7.36 -31.79
C THR B 493 -43.60 -6.86 -33.23
N ALA B 494 -43.99 -5.59 -33.39
CA ALA B 494 -44.08 -5.01 -34.72
C ALA B 494 -42.71 -4.98 -35.40
N TYR B 495 -41.67 -4.59 -34.67
CA TYR B 495 -40.32 -4.68 -35.20
C TYR B 495 -39.80 -6.11 -35.17
N GLY B 496 -40.20 -6.90 -34.18
CA GLY B 496 -39.91 -8.31 -34.16
C GLY B 496 -38.62 -8.66 -33.45
N LYS B 497 -38.57 -9.93 -33.00
CA LYS B 497 -37.38 -10.53 -32.41
C LYS B 497 -36.89 -9.74 -31.18
N ASN B 498 -37.76 -9.71 -30.17
CA ASN B 498 -37.39 -9.20 -28.85
C ASN B 498 -36.97 -10.41 -28.02
N TYR B 499 -35.69 -10.76 -28.12
CA TYR B 499 -35.19 -12.00 -27.53
C TYR B 499 -35.27 -11.96 -26.01
N LEU B 500 -35.73 -13.05 -25.42
CA LEU B 500 -35.76 -13.22 -23.98
C LEU B 500 -34.63 -14.17 -23.57
N PHE B 501 -33.82 -13.74 -22.61
CA PHE B 501 -32.60 -14.43 -22.24
C PHE B 501 -32.71 -15.01 -20.84
N ASN B 502 -32.09 -16.18 -20.65
CA ASN B 502 -32.11 -16.86 -19.37
C ASN B 502 -31.40 -16.06 -18.29
N ALA B 503 -32.00 -16.00 -17.11
CA ALA B 503 -31.33 -15.44 -15.95
C ALA B 503 -30.39 -16.48 -15.35
N PRO B 504 -29.35 -16.05 -14.66
CA PRO B 504 -28.40 -17.02 -14.06
C PRO B 504 -29.10 -17.92 -13.05
N GLY B 505 -29.17 -19.21 -13.38
CA GLY B 505 -29.79 -20.19 -12.51
C GLY B 505 -31.29 -20.31 -12.64
N GLY B 506 -31.92 -19.49 -13.49
CA GLY B 506 -33.36 -19.50 -13.62
C GLY B 506 -33.82 -20.20 -14.91
N TYR B 507 -35.14 -20.36 -15.01
CA TYR B 507 -35.75 -21.00 -16.16
C TYR B 507 -36.02 -19.97 -17.26
N THR B 508 -36.27 -20.49 -18.45
CA THR B 508 -36.56 -19.63 -19.59
C THR B 508 -38.01 -19.15 -19.53
N PRO B 509 -38.28 -17.94 -20.03
CA PRO B 509 -39.68 -17.47 -20.11
C PRO B 509 -40.56 -18.33 -21.00
N CYS B 510 -39.97 -19.10 -21.91
CA CYS B 510 -40.71 -19.96 -22.82
C CYS B 510 -40.90 -21.37 -22.25
N LEU B 511 -40.81 -21.54 -20.94
CA LEU B 511 -40.92 -22.87 -20.35
C LEU B 511 -42.33 -23.45 -20.53
N SER B 512 -43.36 -22.64 -20.27
CA SER B 512 -44.72 -23.11 -20.46
C SER B 512 -45.01 -23.38 -21.93
N LEU B 513 -44.48 -22.54 -22.82
CA LEU B 513 -44.68 -22.77 -24.25
C LEU B 513 -44.00 -24.06 -24.71
N ALA B 514 -42.82 -24.35 -24.17
CA ALA B 514 -42.06 -25.53 -24.57
C ALA B 514 -42.50 -26.80 -23.86
N SER B 515 -43.50 -26.73 -22.98
CA SER B 515 -43.98 -27.91 -22.28
C SER B 515 -44.62 -28.93 -23.22
N SER B 516 -45.05 -28.49 -24.41
CA SER B 516 -45.65 -29.42 -25.37
C SER B 516 -44.62 -30.36 -25.98
N GLY B 517 -43.34 -30.04 -25.89
CA GLY B 517 -42.30 -30.85 -26.47
C GLY B 517 -42.01 -30.51 -27.92
N PHE B 518 -40.95 -31.11 -28.44
CA PHE B 518 -40.50 -30.89 -29.81
C PHE B 518 -40.25 -32.26 -30.44
N SER B 519 -41.18 -32.70 -31.29
CA SER B 519 -41.05 -34.01 -31.93
C SER B 519 -40.04 -33.97 -33.08
N ARG B 520 -39.99 -32.86 -33.82
CA ARG B 520 -39.11 -32.71 -34.96
C ARG B 520 -38.05 -31.65 -34.68
N ASP B 521 -36.96 -31.73 -35.45
CA ASP B 521 -35.92 -30.72 -35.36
C ASP B 521 -36.45 -29.39 -35.91
N ARG B 522 -36.06 -28.30 -35.24
CA ARG B 522 -36.45 -26.95 -35.63
C ARG B 522 -37.97 -26.78 -35.64
N GLN B 523 -38.64 -27.43 -34.68
CA GLN B 523 -40.08 -27.24 -34.51
C GLN B 523 -40.33 -25.99 -33.68
N SER B 524 -41.28 -25.17 -34.11
CA SER B 524 -41.55 -23.88 -33.50
C SER B 524 -42.92 -23.87 -32.83
N HIS B 525 -42.99 -23.21 -31.68
CA HIS B 525 -44.23 -23.00 -30.94
C HIS B 525 -44.46 -21.51 -30.76
N SER B 526 -45.70 -21.08 -30.94
CA SER B 526 -46.06 -19.68 -30.79
C SER B 526 -47.30 -19.55 -29.92
N GLN B 527 -47.35 -18.47 -29.14
CA GLN B 527 -48.47 -18.21 -28.25
C GLN B 527 -48.85 -16.75 -28.35
N GLU B 528 -50.15 -16.49 -28.40
CA GLU B 528 -50.66 -15.13 -28.43
C GLU B 528 -50.69 -14.54 -27.03
N LEU B 529 -50.09 -13.37 -26.86
CA LEU B 529 -50.08 -12.67 -25.59
C LEU B 529 -51.20 -11.64 -25.54
N PRO B 530 -51.68 -11.28 -24.35
CA PRO B 530 -52.76 -10.28 -24.26
C PRO B 530 -52.40 -8.93 -24.85
N ASP B 531 -51.12 -8.57 -24.89
CA ASP B 531 -50.71 -7.32 -25.52
C ASP B 531 -50.84 -7.35 -27.04
N GLY B 532 -51.11 -8.51 -27.63
CA GLY B 532 -51.21 -8.64 -29.07
C GLY B 532 -49.99 -9.20 -29.75
N SER B 533 -48.85 -9.25 -29.05
CA SER B 533 -47.64 -9.81 -29.61
C SER B 533 -47.61 -11.33 -29.44
N PHE B 534 -46.71 -11.97 -30.17
CA PHE B 534 -46.56 -13.42 -30.15
C PHE B 534 -45.29 -13.81 -29.40
N LEU B 535 -45.40 -14.80 -28.52
CA LEU B 535 -44.25 -15.41 -27.87
C LEU B 535 -43.90 -16.68 -28.64
N THR B 536 -42.69 -16.74 -29.16
CA THR B 536 -42.27 -17.82 -30.03
C THR B 536 -41.03 -18.51 -29.48
N THR B 537 -40.98 -19.83 -29.61
CA THR B 537 -39.84 -20.63 -29.21
C THR B 537 -39.57 -21.68 -30.28
N THR B 538 -38.31 -22.11 -30.36
CA THR B 538 -37.89 -23.14 -31.30
C THR B 538 -36.96 -24.10 -30.58
N GLY B 539 -37.00 -25.36 -30.97
CA GLY B 539 -36.20 -26.39 -30.34
C GLY B 539 -35.37 -27.16 -31.33
N SER B 540 -34.16 -27.53 -30.89
CA SER B 540 -33.25 -28.34 -31.70
C SER B 540 -33.29 -29.76 -31.15
N VAL B 541 -33.58 -30.72 -32.03
CA VAL B 541 -33.77 -32.12 -31.65
C VAL B 541 -32.67 -32.94 -32.29
N TYR B 542 -31.88 -33.62 -31.46
CA TYR B 542 -30.81 -34.49 -31.95
C TYR B 542 -30.79 -35.75 -31.12
N SER B 543 -30.38 -36.85 -31.75
CA SER B 543 -30.52 -38.17 -31.15
C SER B 543 -29.50 -38.40 -30.04
N VAL B 544 -29.88 -39.24 -29.08
CA VAL B 544 -28.98 -39.65 -28.01
C VAL B 544 -28.07 -40.76 -28.52
N GLY B 545 -26.79 -40.67 -28.17
CA GLY B 545 -25.81 -41.65 -28.62
C GLY B 545 -25.95 -43.01 -27.97
N SER B 546 -24.86 -43.76 -27.93
CA SER B 546 -24.89 -45.10 -27.34
C SER B 546 -25.22 -45.05 -25.86
N ASN B 547 -24.65 -44.08 -25.13
CA ASN B 547 -24.89 -43.92 -23.71
C ASN B 547 -25.51 -42.56 -23.45
N LEU B 548 -26.52 -42.52 -22.59
CA LEU B 548 -27.12 -41.27 -22.20
C LEU B 548 -26.14 -40.46 -21.35
N GLN B 549 -26.10 -39.16 -21.59
CA GLN B 549 -25.19 -38.26 -20.90
C GLN B 549 -25.98 -37.19 -20.18
N MET B 550 -25.57 -36.87 -18.95
CA MET B 550 -26.25 -35.91 -18.11
C MET B 550 -25.30 -34.80 -17.70
N ALA B 551 -25.87 -33.71 -17.21
CA ALA B 551 -25.13 -32.58 -16.68
C ALA B 551 -25.65 -32.23 -15.30
N PHE B 552 -24.75 -32.14 -14.33
CA PHE B 552 -25.10 -31.81 -12.96
C PHE B 552 -24.44 -30.50 -12.56
N ILE B 553 -25.24 -29.56 -12.06
CA ILE B 553 -24.75 -28.26 -11.62
C ILE B 553 -24.98 -28.20 -10.11
N ILE B 554 -23.93 -28.48 -9.34
CA ILE B 554 -24.01 -28.52 -7.89
C ILE B 554 -23.53 -27.19 -7.33
N SER B 555 -24.39 -26.50 -6.60
CA SER B 555 -24.07 -25.24 -5.94
C SER B 555 -24.27 -25.39 -4.45
N VAL B 556 -23.34 -24.83 -3.66
CA VAL B 556 -23.35 -24.98 -2.22
C VAL B 556 -23.29 -23.61 -1.56
N GLN B 557 -23.76 -23.56 -0.32
CA GLN B 557 -23.73 -22.35 0.48
C GLN B 557 -23.15 -22.68 1.84
N TYR B 558 -22.23 -21.85 2.32
CA TYR B 558 -21.55 -22.06 3.58
C TYR B 558 -22.19 -21.17 4.64
N GLY B 559 -22.66 -21.78 5.73
CA GLY B 559 -23.30 -21.05 6.80
C GLY B 559 -22.38 -20.75 7.95
N THR B 560 -22.78 -19.76 8.75
CA THR B 560 -22.02 -19.35 9.92
C THR B 560 -22.48 -20.06 11.19
N ASP B 561 -23.79 -20.21 11.36
CA ASP B 561 -24.32 -20.81 12.58
C ASP B 561 -24.16 -22.32 12.57
N THR B 562 -24.63 -22.99 11.52
CA THR B 562 -24.55 -24.44 11.46
C THR B 562 -24.66 -24.89 10.01
N ASN B 563 -23.68 -25.68 9.57
CA ASN B 563 -23.71 -26.29 8.24
C ASN B 563 -24.38 -27.65 8.40
N SER B 564 -25.70 -27.67 8.16
CA SER B 564 -26.48 -28.88 8.42
C SER B 564 -26.20 -29.97 7.39
N VAL B 565 -25.96 -29.58 6.13
CA VAL B 565 -25.70 -30.54 5.07
C VAL B 565 -24.26 -31.01 5.21
N CYS B 566 -24.06 -32.18 5.83
CA CYS B 566 -22.74 -32.71 6.10
C CYS B 566 -22.59 -34.08 5.44
N PRO B 567 -21.36 -34.51 5.15
CA PRO B 567 -21.18 -35.81 4.48
C PRO B 567 -21.36 -36.98 5.44
N MET B 568 -21.29 -38.20 4.90
CA MET B 568 -21.35 -39.41 5.73
C MET B 568 -19.97 -39.65 6.32
N GLN B 569 -19.79 -39.24 7.57
CA GLN B 569 -18.54 -39.45 8.30
C GLN B 569 -18.85 -40.27 9.54
N ALA B 570 -18.10 -41.36 9.73
CA ALA B 570 -18.26 -42.22 10.88
C ALA B 570 -17.43 -41.74 12.07
N LEU B 571 -17.04 -40.47 12.08
CA LEU B 571 -16.24 -39.93 13.17
C LEU B 571 -17.03 -39.92 14.47
N ARG B 572 -16.37 -40.33 15.55
CA ARG B 572 -17.01 -40.32 16.86
C ARG B 572 -17.17 -38.90 17.37
N ASN B 573 -18.13 -38.72 18.28
CA ASN B 573 -18.36 -37.44 18.93
C ASN B 573 -17.38 -37.33 20.08
N ASP B 574 -16.25 -36.66 19.83
CA ASP B 574 -15.22 -36.54 20.85
C ASP B 574 -15.68 -35.66 22.00
N THR B 575 -15.13 -35.91 23.18
CA THR B 575 -15.47 -35.18 24.39
C THR B 575 -14.26 -34.32 24.80
N SER B 576 -14.49 -33.02 24.89
CA SER B 576 -13.45 -32.08 25.31
C SER B 576 -13.58 -31.70 26.79
N ILE B 577 -14.44 -32.40 27.54
CA ILE B 577 -14.68 -32.03 28.93
C ILE B 577 -13.41 -32.20 29.76
N GLU B 578 -12.72 -33.33 29.58
CA GLU B 578 -11.48 -33.60 30.30
C GLU B 578 -10.27 -33.60 29.38
N ASP B 579 -10.30 -34.41 28.32
CA ASP B 579 -9.20 -34.42 27.37
C ASP B 579 -9.35 -33.28 26.37
N LYS B 580 -8.26 -32.97 25.68
CA LYS B 580 -8.22 -31.93 24.65
C LYS B 580 -8.67 -30.58 25.20
N LEU B 581 -8.48 -30.38 26.50
CA LEU B 581 -8.80 -29.12 27.16
C LEU B 581 -7.52 -28.37 27.48
N ASP B 582 -7.53 -27.06 27.20
CA ASP B 582 -6.38 -26.18 27.38
C ASP B 582 -5.23 -26.55 26.46
N VAL B 583 -5.47 -27.41 25.46
CA VAL B 583 -4.52 -27.72 24.42
C VAL B 583 -5.17 -27.39 23.09
N CYS B 584 -4.33 -27.07 22.10
CA CYS B 584 -4.84 -26.60 20.82
C CYS B 584 -5.16 -27.80 19.93
N VAL B 585 -6.40 -27.87 19.45
CA VAL B 585 -6.89 -28.99 18.67
C VAL B 585 -7.44 -28.48 17.34
N GLU B 586 -7.66 -29.42 16.43
CA GLU B 586 -8.32 -29.15 15.15
C GLU B 586 -9.78 -29.58 15.29
N TYR B 587 -10.69 -28.61 15.37
CA TYR B 587 -12.09 -28.90 15.65
C TYR B 587 -12.92 -28.82 14.39
N SER B 588 -13.98 -29.63 14.35
CA SER B 588 -14.98 -29.61 13.28
C SER B 588 -16.34 -29.73 13.96
N LEU B 589 -16.92 -28.59 14.31
CA LEU B 589 -18.14 -28.54 15.11
C LEU B 589 -19.30 -28.09 14.22
N HIS B 590 -20.24 -29.01 13.97
CA HIS B 590 -21.46 -28.71 13.23
C HIS B 590 -21.17 -27.99 11.92
N GLY B 591 -20.13 -28.44 11.22
CA GLY B 591 -19.75 -27.89 9.95
C GLY B 591 -18.76 -26.75 9.98
N ILE B 592 -18.41 -26.25 11.16
CA ILE B 592 -17.42 -25.18 11.30
C ILE B 592 -16.09 -25.81 11.71
N THR B 593 -15.04 -25.48 10.96
CA THR B 593 -13.73 -26.08 11.15
C THR B 593 -12.70 -25.03 11.51
N GLY B 594 -11.56 -25.48 12.01
CA GLY B 594 -10.47 -24.60 12.37
C GLY B 594 -9.64 -25.20 13.48
N ARG B 595 -8.67 -24.42 13.93
CA ARG B 595 -7.81 -24.77 15.06
C ARG B 595 -8.05 -23.81 16.20
N GLY B 596 -7.91 -24.29 17.42
CA GLY B 596 -8.12 -23.44 18.57
C GLY B 596 -7.92 -24.17 19.88
N VAL B 597 -7.92 -23.40 20.95
CA VAL B 597 -7.81 -23.90 22.32
C VAL B 597 -9.14 -23.65 23.01
N PHE B 598 -9.67 -24.68 23.68
CA PHE B 598 -10.98 -24.60 24.30
C PHE B 598 -10.83 -24.48 25.82
N HIS B 599 -11.43 -23.44 26.39
CA HIS B 599 -11.41 -23.20 27.82
C HIS B 599 -12.83 -23.27 28.36
N ASN B 600 -12.97 -23.74 29.59
CA ASN B 600 -14.27 -23.68 30.25
C ASN B 600 -14.64 -22.24 30.56
N CYS B 601 -15.91 -21.90 30.35
CA CYS B 601 -16.38 -20.55 30.57
C CYS B 601 -17.84 -20.60 30.99
N THR B 602 -18.29 -19.53 31.63
CA THR B 602 -19.70 -19.36 31.92
C THR B 602 -20.41 -18.87 30.68
N SER B 603 -21.56 -19.48 30.37
CA SER B 603 -22.26 -19.23 29.11
C SER B 603 -22.61 -17.76 28.95
N VAL B 604 -21.95 -17.09 28.01
CA VAL B 604 -22.20 -15.69 27.70
C VAL B 604 -22.30 -15.57 26.17
N GLY B 605 -23.38 -14.96 25.71
CA GLY B 605 -23.59 -14.77 24.29
C GLY B 605 -25.07 -14.79 23.96
N LEU B 606 -25.35 -14.56 22.69
CA LEU B 606 -26.73 -14.57 22.21
C LEU B 606 -27.31 -15.97 22.31
N ARG B 607 -28.56 -16.05 22.79
CA ARG B 607 -29.18 -17.35 23.02
C ARG B 607 -29.51 -18.04 21.71
N ASN B 608 -29.70 -19.35 21.79
CA ASN B 608 -30.04 -20.24 20.69
C ASN B 608 -28.93 -20.36 19.66
N GLN B 609 -27.76 -19.77 19.90
CA GLN B 609 -26.66 -19.79 18.96
C GLN B 609 -25.60 -20.80 19.40
N ARG B 610 -25.22 -21.69 18.49
CA ARG B 610 -24.18 -22.68 18.80
C ARG B 610 -22.82 -22.02 18.92
N PHE B 611 -22.54 -21.03 18.08
CA PHE B 611 -21.24 -20.38 18.02
C PHE B 611 -21.36 -18.92 18.42
N VAL B 612 -20.30 -18.41 19.05
CA VAL B 612 -20.24 -17.03 19.51
C VAL B 612 -19.10 -16.34 18.79
N TYR B 613 -19.39 -15.21 18.17
CA TYR B 613 -18.40 -14.42 17.45
C TYR B 613 -18.29 -13.03 18.08
N ASP B 614 -17.12 -12.42 17.91
CA ASP B 614 -16.88 -11.07 18.40
C ASP B 614 -17.19 -10.06 17.29
N THR B 615 -16.83 -8.81 17.51
CA THR B 615 -17.13 -7.76 16.53
C THR B 615 -16.42 -8.04 15.20
N PHE B 616 -15.23 -8.62 15.25
CA PHE B 616 -14.42 -8.87 14.06
C PHE B 616 -14.59 -10.30 13.53
N ASP B 617 -15.73 -10.93 13.82
CA ASP B 617 -16.07 -12.24 13.27
C ASP B 617 -15.03 -13.30 13.60
N ASN B 618 -14.62 -13.33 14.87
CA ASN B 618 -13.71 -14.35 15.38
C ASN B 618 -14.49 -15.31 16.27
N LEU B 619 -14.34 -16.61 16.01
CA LEU B 619 -15.03 -17.61 16.81
C LEU B 619 -14.49 -17.57 18.23
N VAL B 620 -15.28 -17.03 19.15
CA VAL B 620 -14.84 -16.80 20.52
C VAL B 620 -15.41 -17.86 21.46
N GLY B 621 -16.67 -18.24 21.28
CA GLY B 621 -17.31 -19.20 22.16
C GLY B 621 -17.98 -20.31 21.37
N TYR B 622 -18.39 -21.34 22.10
CA TYR B 622 -19.04 -22.50 21.50
C TYR B 622 -19.85 -23.23 22.57
N HIS B 623 -21.15 -23.42 22.30
CA HIS B 623 -22.01 -24.18 23.18
C HIS B 623 -22.00 -25.63 22.72
N SER B 624 -21.50 -26.51 23.58
CA SER B 624 -21.29 -27.91 23.23
C SER B 624 -22.52 -28.75 23.50
N HIS B 625 -22.46 -30.02 23.09
CA HIS B 625 -23.56 -30.94 23.31
C HIS B 625 -23.75 -31.26 24.79
N ASN B 626 -22.66 -31.31 25.55
CA ASN B 626 -22.71 -31.65 26.97
C ASN B 626 -23.24 -30.52 27.84
N GLY B 627 -23.79 -29.47 27.26
CA GLY B 627 -24.32 -28.36 28.02
C GLY B 627 -23.30 -27.43 28.62
N ASN B 628 -22.05 -27.51 28.17
CA ASN B 628 -20.96 -26.68 28.68
C ASN B 628 -20.53 -25.70 27.60
N TYR B 629 -20.46 -24.42 27.97
CA TYR B 629 -19.98 -23.39 27.06
C TYR B 629 -18.47 -23.29 27.15
N TYR B 630 -17.82 -23.17 25.99
CA TYR B 630 -16.37 -23.16 25.91
C TYR B 630 -15.89 -21.90 25.20
N CYS B 631 -14.77 -21.35 25.67
CA CYS B 631 -14.12 -20.22 25.03
C CYS B 631 -13.06 -20.73 24.07
N VAL B 632 -13.09 -20.23 22.83
CA VAL B 632 -12.19 -20.67 21.79
C VAL B 632 -11.11 -19.62 21.59
N ARG B 633 -9.86 -20.03 21.74
CA ARG B 633 -8.69 -19.20 21.51
C ARG B 633 -7.77 -19.91 20.54
N PRO B 634 -6.99 -19.17 19.74
CA PRO B 634 -6.11 -19.81 18.76
C PRO B 634 -5.02 -20.66 19.39
N CYS B 635 -4.23 -21.36 18.57
CA CYS B 635 -3.10 -22.11 19.09
C CYS B 635 -2.16 -21.20 19.89
N VAL B 636 -1.92 -20.01 19.39
CA VAL B 636 -1.06 -19.03 20.05
C VAL B 636 -1.94 -17.85 20.43
N SER B 637 -2.25 -17.74 21.72
CA SER B 637 -3.08 -16.64 22.21
C SER B 637 -2.41 -15.94 23.38
N VAL B 638 -1.61 -16.67 24.13
CA VAL B 638 -0.96 -16.12 25.32
C VAL B 638 0.20 -15.23 24.88
N PRO B 639 0.28 -13.98 25.34
CA PRO B 639 1.42 -13.13 24.99
C PRO B 639 2.63 -13.51 25.84
N VAL B 640 3.77 -13.71 25.18
CA VAL B 640 5.00 -14.12 25.83
C VAL B 640 6.03 -13.01 25.65
N SER B 641 6.60 -12.55 26.75
CA SER B 641 7.63 -11.52 26.75
C SER B 641 8.89 -12.09 27.38
N VAL B 642 10.02 -11.89 26.71
CA VAL B 642 11.30 -12.41 27.16
C VAL B 642 12.16 -11.23 27.62
N ILE B 643 12.65 -11.30 28.85
CA ILE B 643 13.48 -10.27 29.43
C ILE B 643 14.92 -10.78 29.38
N TYR B 644 15.74 -10.15 28.54
CA TYR B 644 17.09 -10.60 28.27
C TYR B 644 18.10 -9.58 28.78
N ASP B 645 19.12 -10.07 29.48
CA ASP B 645 20.25 -9.26 29.91
C ASP B 645 21.50 -9.78 29.22
N LYS B 646 22.08 -8.97 28.33
CA LYS B 646 23.22 -9.41 27.55
C LYS B 646 24.45 -9.62 28.43
N VAL B 647 24.68 -8.74 29.40
CA VAL B 647 25.90 -8.81 30.21
C VAL B 647 25.93 -10.11 31.01
N SER B 648 24.82 -10.43 31.69
CA SER B 648 24.75 -11.66 32.46
C SER B 648 24.41 -12.88 31.61
N ASN B 649 24.01 -12.67 30.36
CA ASN B 649 23.60 -13.76 29.47
C ASN B 649 22.50 -14.59 30.10
N SER B 650 21.55 -13.91 30.75
CA SER B 650 20.44 -14.56 31.42
C SER B 650 19.13 -13.99 30.89
N HIS B 651 18.11 -14.84 30.82
CA HIS B 651 16.81 -14.48 30.28
C HIS B 651 15.70 -14.93 31.22
N ALA B 652 14.55 -14.28 31.08
CA ALA B 652 13.38 -14.63 31.87
C ALA B 652 12.13 -14.36 31.04
N THR B 653 11.03 -15.00 31.42
CA THR B 653 9.80 -14.96 30.66
C THR B 653 8.71 -14.24 31.46
N LEU B 654 7.98 -13.37 30.78
CA LEU B 654 6.81 -12.70 31.35
C LEU B 654 5.61 -13.03 30.48
N PHE B 655 4.59 -13.65 31.09
CA PHE B 655 3.35 -13.96 30.41
C PHE B 655 2.40 -12.80 30.66
N GLY B 656 2.44 -11.81 29.76
CA GLY B 656 1.65 -10.61 29.92
C GLY B 656 0.15 -10.84 29.95
N SER B 657 -0.52 -10.28 30.96
CA SER B 657 -1.97 -10.26 31.13
C SER B 657 -2.56 -11.61 31.50
N VAL B 658 -1.76 -12.59 31.89
CA VAL B 658 -2.25 -13.93 32.18
C VAL B 658 -1.99 -14.26 33.64
N ALA B 659 -2.98 -14.89 34.27
CA ALA B 659 -2.80 -15.43 35.62
C ALA B 659 -1.88 -16.65 35.58
N CYS B 660 -1.25 -16.93 36.72
CA CYS B 660 -0.24 -17.98 36.76
C CYS B 660 -0.85 -19.37 36.73
N SER B 661 -2.02 -19.55 37.34
CA SER B 661 -2.69 -20.85 37.25
C SER B 661 -3.07 -21.18 35.82
N HIS B 662 -3.60 -20.20 35.09
CA HIS B 662 -3.92 -20.42 33.69
C HIS B 662 -2.66 -20.66 32.87
N VAL B 663 -1.56 -19.97 33.21
CA VAL B 663 -0.29 -20.21 32.52
C VAL B 663 0.15 -21.65 32.73
N THR B 664 0.03 -22.16 33.95
CA THR B 664 0.38 -23.55 34.22
C THR B 664 -0.51 -24.50 33.43
N THR B 665 -1.83 -24.30 33.51
CA THR B 665 -2.75 -25.21 32.82
C THR B 665 -2.57 -25.15 31.31
N MET B 666 -2.08 -24.04 30.78
CA MET B 666 -1.88 -23.83 29.35
C MET B 666 -0.43 -24.00 28.93
N MET B 667 0.31 -24.91 29.57
CA MET B 667 1.74 -25.07 29.31
C MET B 667 2.06 -25.55 27.90
N SER B 668 1.11 -26.18 27.20
CA SER B 668 1.40 -26.84 25.94
C SER B 668 1.64 -25.88 24.79
N GLN B 669 1.41 -24.59 24.99
CA GLN B 669 1.53 -23.59 23.93
C GLN B 669 2.90 -22.92 23.89
N PHE B 670 3.83 -23.33 24.74
CA PHE B 670 5.09 -22.63 24.93
C PHE B 670 6.26 -23.47 24.43
N SER B 671 7.47 -22.96 24.67
CA SER B 671 8.68 -23.64 24.26
C SER B 671 8.90 -24.89 25.10
N ARG B 672 9.82 -25.74 24.63
CA ARG B 672 10.09 -27.02 25.31
C ARG B 672 10.64 -26.79 26.71
N MET B 673 11.57 -25.85 26.86
CA MET B 673 12.10 -25.55 28.18
C MET B 673 11.03 -24.97 29.09
N THR B 674 10.17 -24.12 28.55
CA THR B 674 9.06 -23.58 29.34
C THR B 674 8.10 -24.68 29.75
N LYS B 675 7.82 -25.62 28.84
CA LYS B 675 6.96 -26.75 29.19
C LYS B 675 7.57 -27.59 30.29
N THR B 676 8.88 -27.85 30.21
CA THR B 676 9.54 -28.63 31.25
C THR B 676 9.50 -27.90 32.59
N ASN B 677 9.75 -26.59 32.58
CA ASN B 677 9.74 -25.82 33.83
C ASN B 677 8.34 -25.73 34.42
N LEU B 678 7.30 -25.72 33.59
CA LEU B 678 5.94 -25.70 34.10
C LEU B 678 5.50 -27.07 34.60
N LEU B 679 5.99 -28.15 33.99
CA LEU B 679 5.74 -29.49 34.53
C LEU B 679 6.33 -29.65 35.91
N ALA B 680 7.62 -29.34 36.07
CA ALA B 680 8.28 -29.48 37.36
C ALA B 680 7.88 -28.34 38.29
N ARG B 681 7.65 -28.67 39.55
CA ARG B 681 7.30 -27.67 40.57
C ARG B 681 8.59 -27.03 41.08
N THR B 682 9.24 -26.29 40.18
CA THR B 682 10.49 -25.62 40.52
C THR B 682 10.25 -24.52 41.55
N THR B 683 11.25 -24.31 42.40
CA THR B 683 11.15 -23.28 43.44
C THR B 683 11.13 -21.84 42.89
N PRO B 684 11.74 -21.53 41.72
CA PRO B 684 11.46 -20.23 41.10
C PRO B 684 10.24 -20.29 40.17
N GLY B 685 9.12 -20.74 40.72
CA GLY B 685 7.93 -20.98 39.95
C GLY B 685 7.31 -19.69 39.44
N PRO B 686 6.24 -19.83 38.67
CA PRO B 686 5.56 -18.65 38.12
C PRO B 686 5.10 -17.71 39.23
N LEU B 687 5.32 -16.42 39.00
CA LEU B 687 5.05 -15.39 40.01
C LEU B 687 4.08 -14.37 39.44
N GLN B 688 3.04 -14.04 40.21
CA GLN B 688 2.03 -13.09 39.78
C GLN B 688 2.49 -11.67 40.05
N THR B 689 2.55 -10.85 39.00
CA THR B 689 2.92 -9.45 39.08
C THR B 689 1.74 -8.60 38.61
N THR B 690 1.95 -7.28 38.56
CA THR B 690 0.92 -6.36 38.09
C THR B 690 0.90 -6.23 36.57
N VAL B 691 1.81 -6.90 35.87
CA VAL B 691 1.85 -6.89 34.41
C VAL B 691 1.69 -8.28 33.81
N GLY B 692 1.44 -9.27 34.65
CA GLY B 692 1.19 -10.62 34.20
C GLY B 692 1.93 -11.62 35.05
N CYS B 693 1.92 -12.87 34.61
CA CYS B 693 2.62 -13.95 35.29
C CYS B 693 4.08 -13.97 34.85
N ALA B 694 4.98 -13.95 35.82
CA ALA B 694 6.41 -13.91 35.58
C ALA B 694 7.05 -15.22 35.99
N MET B 695 7.81 -15.83 35.06
CA MET B 695 8.53 -17.06 35.31
C MET B 695 10.02 -16.74 35.31
N GLY B 696 10.71 -17.08 36.39
CA GLY B 696 12.09 -16.75 36.56
C GLY B 696 12.36 -15.49 37.38
N PHE B 697 11.37 -15.01 38.13
CA PHE B 697 11.50 -13.77 38.89
C PHE B 697 11.21 -14.04 40.36
N ILE B 698 11.66 -13.11 41.20
CA ILE B 698 11.35 -13.11 42.63
C ILE B 698 11.08 -11.67 43.05
N ASN B 699 10.08 -11.48 43.90
CA ASN B 699 9.84 -10.17 44.48
C ASN B 699 10.97 -9.84 45.45
N SER B 700 11.59 -8.67 45.27
CA SER B 700 12.78 -8.32 46.01
C SER B 700 12.60 -7.16 46.99
N SER B 701 11.50 -6.41 46.87
CA SER B 701 11.27 -5.23 47.70
C SER B 701 12.43 -4.24 47.58
N MET B 702 12.99 -4.13 46.38
CA MET B 702 14.12 -3.26 46.10
C MET B 702 13.64 -2.06 45.29
N VAL B 703 14.10 -0.87 45.68
CA VAL B 703 13.70 0.38 45.03
C VAL B 703 14.86 0.87 44.19
N VAL B 704 14.58 1.18 42.92
CA VAL B 704 15.58 1.68 41.99
C VAL B 704 15.08 2.98 41.39
N ASP B 705 16.02 3.80 40.92
CA ASP B 705 15.70 5.07 40.27
C ASP B 705 15.73 4.97 38.75
N GLU B 706 16.32 3.93 38.20
CA GLU B 706 16.35 3.73 36.76
C GLU B 706 16.62 2.26 36.49
N CYS B 707 16.24 1.80 35.29
CA CYS B 707 16.48 0.43 34.90
C CYS B 707 16.45 0.33 33.38
N GLN B 708 17.25 -0.61 32.86
CA GLN B 708 17.27 -0.90 31.43
C GLN B 708 16.28 -1.99 31.05
N LEU B 709 15.61 -2.61 32.02
CA LEU B 709 14.65 -3.68 31.77
C LEU B 709 13.34 -3.36 32.48
N PRO B 710 12.57 -2.40 31.95
CA PRO B 710 11.30 -2.04 32.59
C PRO B 710 10.18 -2.97 32.16
N LEU B 711 9.54 -3.61 33.14
CA LEU B 711 8.43 -4.51 32.88
C LEU B 711 7.11 -3.78 32.70
N GLY B 712 7.06 -2.48 32.96
CA GLY B 712 5.83 -1.72 32.91
C GLY B 712 5.20 -1.59 34.29
N GLN B 713 4.38 -0.55 34.44
CA GLN B 713 3.71 -0.24 35.71
C GLN B 713 4.73 -0.07 36.84
N SER B 714 5.79 0.69 36.56
CA SER B 714 6.83 1.01 37.54
C SER B 714 7.51 -0.25 38.08
N LEU B 715 7.69 -1.24 37.21
CA LEU B 715 8.37 -2.48 37.54
C LEU B 715 9.64 -2.60 36.73
N CYS B 716 10.70 -3.07 37.36
CA CYS B 716 11.99 -3.25 36.70
C CYS B 716 12.54 -4.63 37.00
N ALA B 717 13.17 -5.23 36.00
CA ALA B 717 13.82 -6.53 36.16
C ALA B 717 15.29 -6.31 36.50
N ILE B 718 15.69 -6.79 37.67
CA ILE B 718 17.08 -6.68 38.12
C ILE B 718 17.81 -7.93 37.67
N PRO B 719 18.79 -7.83 36.76
CA PRO B 719 19.46 -9.02 36.27
C PRO B 719 20.24 -9.70 37.38
N PRO B 720 20.42 -11.02 37.32
CA PRO B 720 21.25 -11.71 38.31
C PRO B 720 22.69 -11.25 38.22
N THR B 721 23.36 -11.22 39.37
CA THR B 721 24.75 -10.78 39.45
C THR B 721 25.64 -11.93 38.99
N ILE B 722 26.06 -11.88 37.73
CA ILE B 722 26.90 -12.93 37.16
C ILE B 722 28.30 -12.87 37.75
N ASP B 735 21.42 -15.34 40.33
CA ASP B 735 21.08 -16.47 39.48
C ASP B 735 19.66 -16.36 38.94
N VAL B 736 18.87 -15.46 39.53
CA VAL B 736 17.47 -15.30 39.19
C VAL B 736 17.14 -13.81 39.14
N PHE B 737 16.37 -13.41 38.13
CA PHE B 737 15.95 -12.02 38.00
C PHE B 737 15.10 -11.61 39.19
N GLN B 738 15.24 -10.35 39.61
CA GLN B 738 14.43 -9.77 40.68
C GLN B 738 13.56 -8.65 40.11
N ILE B 739 12.43 -8.43 40.77
CA ILE B 739 11.47 -7.41 40.35
C ILE B 739 11.61 -6.24 41.30
N ALA B 740 12.27 -5.18 40.85
CA ALA B 740 12.37 -3.95 41.60
C ALA B 740 11.21 -3.02 41.27
N THR B 741 11.11 -1.93 42.02
CA THR B 741 10.05 -0.94 41.82
C THR B 741 10.69 0.40 41.50
N LEU B 742 10.18 1.05 40.45
CA LEU B 742 10.66 2.37 40.10
C LEU B 742 10.12 3.40 41.07
N ASN B 743 11.01 4.22 41.63
CA ASN B 743 10.60 5.25 42.57
C ASN B 743 11.61 6.40 42.49
N PHE B 744 11.11 7.60 42.21
CA PHE B 744 11.95 8.79 42.12
C PHE B 744 11.88 9.53 43.44
N THR B 745 13.02 9.66 44.11
CA THR B 745 13.11 10.38 45.38
C THR B 745 13.44 11.83 45.08
N SER B 746 12.45 12.70 45.20
CA SER B 746 12.69 14.12 44.99
C SER B 746 13.60 14.66 46.09
N PRO B 747 14.38 15.69 45.79
CA PRO B 747 15.24 16.29 46.83
C PRO B 747 14.43 16.77 48.01
N LEU B 748 15.07 16.80 49.18
CA LEU B 748 14.38 17.14 50.42
C LEU B 748 13.69 18.49 50.30
N THR B 749 12.42 18.53 50.71
CA THR B 749 11.63 19.74 50.57
C THR B 749 12.11 20.80 51.55
N LEU B 750 12.27 22.02 51.06
CA LEU B 750 12.71 23.14 51.89
C LEU B 750 11.46 23.74 52.54
N ALA B 751 11.22 23.37 53.79
CA ALA B 751 10.04 23.88 54.50
C ALA B 751 10.22 25.37 54.77
N PRO B 752 9.25 26.20 54.39
CA PRO B 752 9.38 27.64 54.65
C PRO B 752 9.40 27.92 56.15
N ILE B 753 10.13 28.96 56.53
CA ILE B 753 10.29 29.33 57.92
C ILE B 753 9.23 30.37 58.29
N ASN B 754 8.76 30.28 59.53
CA ASN B 754 7.76 31.21 60.04
C ASN B 754 8.35 32.53 60.50
N SER B 755 9.60 32.82 60.14
CA SER B 755 10.25 34.06 60.52
C SER B 755 9.80 35.19 59.62
N THR B 756 10.49 36.34 59.70
CA THR B 756 10.09 37.50 58.93
C THR B 756 10.27 37.28 57.43
N GLY B 757 11.44 36.82 57.02
CA GLY B 757 11.73 36.65 55.61
C GLY B 757 11.51 35.24 55.12
N PHE B 758 12.48 34.71 54.38
CA PHE B 758 12.41 33.36 53.84
C PHE B 758 13.80 32.75 53.88
N VAL B 759 13.85 31.43 53.67
CA VAL B 759 15.11 30.68 53.64
C VAL B 759 15.38 30.26 52.21
N VAL B 760 16.60 30.51 51.73
CA VAL B 760 16.98 30.23 50.36
C VAL B 760 18.24 29.36 50.38
N ALA B 761 18.24 28.32 49.56
CA ALA B 761 19.40 27.44 49.42
C ALA B 761 20.30 28.03 48.34
N VAL B 762 21.37 28.68 48.76
CA VAL B 762 22.32 29.32 47.85
C VAL B 762 23.52 28.40 47.69
N PRO B 763 23.97 28.13 46.47
CA PRO B 763 25.10 27.21 46.28
C PRO B 763 26.37 27.73 46.94
N THR B 764 27.17 26.79 47.45
CA THR B 764 28.51 27.06 47.93
C THR B 764 29.57 26.33 47.14
N ASN B 765 29.21 25.29 46.40
CA ASN B 765 30.13 24.57 45.54
C ASN B 765 29.39 24.27 44.24
N PHE B 766 30.15 24.03 43.17
CA PHE B 766 29.55 23.83 41.86
C PHE B 766 30.47 23.03 40.97
N THR B 767 29.88 22.48 39.91
CA THR B 767 30.60 21.86 38.81
C THR B 767 29.99 22.35 37.50
N PHE B 768 30.66 22.02 36.39
CA PHE B 768 30.17 22.38 35.06
C PHE B 768 29.64 21.10 34.41
N GLY B 769 28.33 20.91 34.48
CA GLY B 769 27.70 19.77 33.84
C GLY B 769 27.55 20.00 32.34
N VAL B 770 27.76 18.94 31.57
CA VAL B 770 27.71 19.00 30.12
C VAL B 770 26.56 18.12 29.65
N THR B 771 25.61 18.73 28.94
CA THR B 771 24.50 18.02 28.33
C THR B 771 24.76 17.88 26.84
N GLN B 772 24.72 16.65 26.34
CA GLN B 772 25.01 16.37 24.95
C GLN B 772 23.71 16.15 24.20
N GLU B 773 23.58 16.83 23.06
CA GLU B 773 22.37 16.77 22.26
C GLU B 773 22.74 16.66 20.80
N PHE B 774 22.07 15.77 20.08
CA PHE B 774 22.26 15.62 18.64
C PHE B 774 21.02 16.13 17.91
N ILE B 775 21.23 17.05 16.98
CA ILE B 775 20.16 17.58 16.15
C ILE B 775 20.56 17.30 14.70
N GLU B 776 19.80 16.43 14.04
CA GLU B 776 20.09 16.09 12.66
C GLU B 776 19.71 17.23 11.73
N THR B 777 20.49 17.38 10.67
CA THR B 777 20.21 18.39 9.66
C THR B 777 20.08 17.83 8.25
N THR B 778 20.44 16.57 8.02
CA THR B 778 20.41 15.98 6.69
C THR B 778 19.86 14.56 6.78
N ILE B 779 19.36 14.10 5.63
CA ILE B 779 19.17 12.68 5.36
C ILE B 779 19.96 12.38 4.09
N GLN B 780 20.22 11.10 3.87
CA GLN B 780 20.91 10.71 2.65
C GLN B 780 19.99 10.93 1.46
N LYS B 781 20.48 11.66 0.46
CA LYS B 781 19.69 12.00 -0.72
C LYS B 781 19.77 10.86 -1.72
N ILE B 782 18.63 10.27 -2.05
CA ILE B 782 18.55 9.10 -2.90
C ILE B 782 17.71 9.43 -4.13
N THR B 783 18.26 9.15 -5.31
CA THR B 783 17.54 9.22 -6.57
C THR B 783 17.42 7.82 -7.14
N VAL B 784 16.20 7.42 -7.48
CA VAL B 784 15.90 6.06 -7.94
C VAL B 784 15.62 6.10 -9.43
N ASP B 785 16.33 5.26 -10.19
CA ASP B 785 16.03 5.06 -11.61
C ASP B 785 14.79 4.18 -11.67
N CYS B 786 13.63 4.82 -11.78
CA CYS B 786 12.37 4.10 -11.64
C CYS B 786 12.20 3.04 -12.72
N LYS B 787 12.54 3.38 -13.96
CA LYS B 787 12.37 2.43 -15.05
C LYS B 787 13.24 1.18 -14.85
N GLN B 788 14.52 1.39 -14.51
CA GLN B 788 15.42 0.26 -14.28
C GLN B 788 15.04 -0.49 -13.02
N TYR B 789 14.64 0.23 -11.96
CA TYR B 789 14.27 -0.43 -10.71
C TYR B 789 13.07 -1.34 -10.90
N VAL B 790 12.06 -0.87 -11.64
CA VAL B 790 10.84 -1.66 -11.77
C VAL B 790 11.00 -2.76 -12.83
N CYS B 791 11.58 -2.43 -13.97
CA CYS B 791 11.53 -3.32 -15.12
C CYS B 791 12.86 -3.95 -15.50
N ASN B 792 13.99 -3.46 -14.97
CA ASN B 792 15.31 -4.01 -15.26
C ASN B 792 15.61 -4.01 -16.76
N GLY B 793 15.08 -3.03 -17.48
CA GLY B 793 15.30 -2.91 -18.91
C GLY B 793 14.71 -4.01 -19.75
N PHE B 794 13.47 -4.42 -19.48
CA PHE B 794 12.77 -5.42 -20.26
C PHE B 794 11.60 -4.77 -20.99
N LYS B 795 11.51 -5.02 -22.29
CA LYS B 795 10.53 -4.36 -23.14
C LYS B 795 9.10 -4.74 -22.74
N LYS B 796 8.87 -6.02 -22.45
CA LYS B 796 7.55 -6.48 -22.04
C LYS B 796 7.13 -5.83 -20.72
N CYS B 797 8.05 -5.77 -19.76
CA CYS B 797 7.73 -5.13 -18.49
C CYS B 797 7.42 -3.65 -18.68
N GLU B 798 8.17 -2.98 -19.55
CA GLU B 798 7.91 -1.56 -19.80
C GLU B 798 6.54 -1.35 -20.43
N ASP B 799 6.16 -2.23 -21.37
CA ASP B 799 4.83 -2.12 -21.96
C ASP B 799 3.73 -2.36 -20.93
N LEU B 800 3.94 -3.33 -20.03
CA LEU B 800 2.94 -3.57 -18.99
C LEU B 800 2.91 -2.44 -17.96
N LEU B 801 4.04 -1.77 -17.74
CA LEU B 801 4.11 -0.67 -16.78
C LEU B 801 3.50 0.60 -17.34
N LYS B 802 3.56 0.80 -18.66
CA LYS B 802 2.99 2.01 -19.25
C LYS B 802 1.49 2.12 -18.99
N GLU B 803 0.82 1.02 -18.66
CA GLU B 803 -0.60 1.06 -18.32
C GLU B 803 -0.87 1.73 -16.96
N TYR B 804 0.17 2.01 -16.18
CA TYR B 804 -0.01 2.65 -14.88
C TYR B 804 0.11 4.17 -14.94
N GLY B 805 0.27 4.73 -16.13
CA GLY B 805 0.29 6.17 -16.29
C GLY B 805 1.70 6.71 -16.47
N GLN B 806 2.05 7.72 -15.68
CA GLN B 806 3.36 8.35 -15.74
C GLN B 806 4.06 8.21 -14.39
N PHE B 807 4.01 7.00 -13.82
CA PHE B 807 4.42 6.79 -12.45
C PHE B 807 5.92 7.09 -12.26
N CYS B 808 6.75 6.67 -13.23
CA CYS B 808 8.18 6.88 -13.12
C CYS B 808 8.54 8.35 -13.10
N SER B 809 7.88 9.14 -13.96
CA SER B 809 8.13 10.58 -13.96
C SER B 809 7.72 11.22 -12.64
N LYS B 810 6.60 10.78 -12.07
CA LYS B 810 6.17 11.30 -10.78
C LYS B 810 7.18 10.98 -9.69
N ILE B 811 7.70 9.75 -9.69
CA ILE B 811 8.70 9.36 -8.70
C ILE B 811 9.95 10.20 -8.86
N ASN B 812 10.42 10.37 -10.10
CA ASN B 812 11.62 11.15 -10.35
C ASN B 812 11.45 12.59 -9.88
N GLN B 813 10.29 13.19 -10.21
CA GLN B 813 10.05 14.58 -9.81
C GLN B 813 9.96 14.71 -8.29
N ALA B 814 9.31 13.76 -7.62
CA ALA B 814 9.20 13.82 -6.17
C ALA B 814 10.57 13.73 -5.51
N LEU B 815 11.39 12.78 -5.94
CA LEU B 815 12.72 12.64 -5.36
C LEU B 815 13.59 13.86 -5.65
N HIS B 816 13.51 14.38 -6.87
CA HIS B 816 14.28 15.56 -7.22
C HIS B 816 13.86 16.76 -6.37
N GLY B 817 12.56 16.93 -6.15
CA GLY B 817 12.09 18.03 -5.31
C GLY B 817 12.53 17.87 -3.87
N ALA B 818 12.48 16.64 -3.34
CA ALA B 818 12.94 16.41 -1.97
C ALA B 818 14.42 16.76 -1.84
N ASN B 819 15.25 16.31 -2.79
CA ASN B 819 16.68 16.59 -2.72
C ASN B 819 16.94 18.09 -2.87
N LEU B 820 16.20 18.77 -3.75
CA LEU B 820 16.37 20.20 -3.91
C LEU B 820 16.01 20.95 -2.63
N ARG B 821 14.91 20.54 -1.98
CA ARG B 821 14.53 21.19 -0.73
C ARG B 821 15.56 20.95 0.37
N GLN B 822 16.10 19.73 0.45
CA GLN B 822 17.15 19.47 1.42
C GLN B 822 18.39 20.31 1.16
N ASP B 823 18.78 20.43 -0.11
CA ASP B 823 19.93 21.26 -0.45
C ASP B 823 19.69 22.72 -0.09
N GLU B 824 18.48 23.23 -0.37
CA GLU B 824 18.16 24.60 -0.02
C GLU B 824 18.20 24.82 1.49
N SER B 825 17.66 23.87 2.25
CA SER B 825 17.67 24.00 3.71
C SER B 825 19.09 24.00 4.25
N ILE B 826 19.95 23.12 3.73
CA ILE B 826 21.32 23.05 4.22
C ILE B 826 22.09 24.31 3.83
N ALA B 827 21.84 24.84 2.63
CA ALA B 827 22.48 26.09 2.23
C ALA B 827 22.03 27.23 3.13
N ASN B 828 20.74 27.27 3.47
CA ASN B 828 20.24 28.29 4.38
C ASN B 828 20.89 28.18 5.76
N LEU B 829 21.05 26.95 6.26
CA LEU B 829 21.68 26.77 7.56
C LEU B 829 23.15 27.20 7.52
N PHE B 830 23.87 26.84 6.47
CA PHE B 830 25.29 27.16 6.37
C PHE B 830 25.56 28.59 5.96
N SER B 831 24.54 29.34 5.52
CA SER B 831 24.74 30.72 5.09
C SER B 831 25.13 31.65 6.24
N SER B 832 25.01 31.21 7.49
CA SER B 832 25.39 32.06 8.61
C SER B 832 26.87 32.37 8.64
N ILE B 833 27.70 31.59 7.92
CA ILE B 833 29.13 31.84 7.89
C ILE B 833 29.43 33.19 7.25
N LYS B 834 28.73 33.51 6.16
CA LYS B 834 29.03 34.71 5.39
C LYS B 834 28.72 35.99 6.15
N THR B 835 27.88 35.94 7.17
CA THR B 835 27.47 37.14 7.92
C THR B 835 27.63 36.92 9.41
N GLN B 836 28.80 36.40 9.82
CA GLN B 836 29.09 36.18 11.23
C GLN B 836 30.52 36.63 11.50
N ASN B 837 30.67 37.65 12.34
CA ASN B 837 31.99 38.10 12.75
C ASN B 837 32.55 37.20 13.84
N THR B 838 33.84 36.91 13.75
CA THR B 838 34.51 36.02 14.68
C THR B 838 35.81 36.68 15.15
N GLN B 839 36.48 36.01 16.09
CA GLN B 839 37.81 36.39 16.53
C GLN B 839 38.72 35.18 16.42
N PRO B 840 40.01 35.40 16.14
CA PRO B 840 40.93 34.27 16.04
C PRO B 840 41.25 33.65 17.39
N LEU B 841 40.68 32.47 17.66
CA LEU B 841 40.93 31.79 18.92
C LEU B 841 42.37 31.30 18.97
N GLN B 842 43.02 31.48 20.12
CA GLN B 842 44.37 31.01 20.29
C GLN B 842 44.41 29.48 20.29
N ALA B 843 45.50 28.94 19.75
CA ALA B 843 45.64 27.49 19.69
C ALA B 843 45.97 26.94 21.06
N GLY B 844 45.08 26.09 21.58
CA GLY B 844 45.28 25.52 22.90
C GLY B 844 44.56 26.27 24.00
N LEU B 845 45.34 26.87 24.91
CA LEU B 845 44.77 27.57 26.05
C LEU B 845 44.33 28.98 25.65
N ASN B 846 43.04 29.27 25.82
CA ASN B 846 42.50 30.61 25.59
C ASN B 846 42.38 31.27 26.95
N GLY B 847 43.45 31.92 27.38
CA GLY B 847 43.51 32.43 28.74
C GLY B 847 43.86 31.30 29.69
N ASP B 848 42.86 30.82 30.44
CA ASP B 848 43.01 29.63 31.26
C ASP B 848 42.07 28.51 30.85
N PHE B 849 41.26 28.71 29.80
CA PHE B 849 40.34 27.69 29.32
C PHE B 849 40.97 26.92 28.17
N ASN B 850 40.93 25.59 28.26
CA ASN B 850 41.59 24.71 27.30
C ASN B 850 40.57 24.27 26.26
N LEU B 851 40.70 24.80 25.04
CA LEU B 851 39.78 24.50 23.95
C LEU B 851 40.42 23.63 22.87
N THR B 852 41.47 22.89 23.21
CA THR B 852 42.16 22.07 22.21
C THR B 852 41.25 20.97 21.67
N MET B 853 40.30 20.49 22.47
CA MET B 853 39.42 19.42 22.02
C MET B 853 38.50 19.88 20.90
N LEU B 854 38.05 21.13 20.94
CA LEU B 854 37.09 21.64 19.98
C LEU B 854 37.73 22.35 18.80
N GLN B 855 39.05 22.46 18.77
CA GLN B 855 39.75 23.15 17.69
C GLN B 855 40.35 22.16 16.71
N ILE B 856 40.43 22.57 15.45
CA ILE B 856 41.04 21.76 14.40
C ILE B 856 42.55 21.83 14.55
N PRO B 857 43.23 20.70 14.73
CA PRO B 857 44.70 20.74 14.83
C PRO B 857 45.33 21.20 13.53
N GLN B 858 46.44 21.92 13.66
CA GLN B 858 47.18 22.46 12.52
C GLN B 858 48.51 21.72 12.41
N VAL B 859 48.70 21.01 11.30
CA VAL B 859 49.93 20.27 11.03
C VAL B 859 50.46 20.71 9.66
N THR B 860 51.73 21.10 9.61
CA THR B 860 52.34 21.55 8.38
C THR B 860 52.72 20.40 7.45
N THR B 861 52.87 19.19 7.99
CA THR B 861 53.35 18.06 7.19
C THR B 861 52.40 17.76 6.03
N GLY B 862 51.09 17.77 6.29
CA GLY B 862 50.13 17.49 5.24
C GLY B 862 49.12 18.60 5.04
N GLU B 863 48.04 18.30 4.33
CA GLU B 863 46.99 19.29 4.12
C GLU B 863 46.24 19.54 5.42
N ARG B 864 45.51 20.66 5.45
CA ARG B 864 44.80 21.05 6.67
C ARG B 864 43.71 20.04 7.01
N LYS B 865 43.63 19.70 8.30
CA LYS B 865 42.60 18.79 8.78
C LYS B 865 41.25 19.47 8.78
N TYR B 866 40.19 18.65 8.72
CA TYR B 866 38.82 19.15 8.68
C TYR B 866 37.99 18.64 9.85
N ARG B 867 38.62 18.13 10.90
CA ARG B 867 37.91 17.60 12.05
C ARG B 867 38.64 17.97 13.33
N SER B 868 37.90 18.44 14.33
CA SER B 868 38.44 18.60 15.66
C SER B 868 38.63 17.22 16.29
N ALA B 869 39.38 17.19 17.40
CA ALA B 869 39.68 15.93 18.06
C ALA B 869 38.40 15.25 18.56
N ILE B 870 37.50 16.02 19.18
CA ILE B 870 36.24 15.46 19.65
C ILE B 870 35.40 15.02 18.46
N GLU B 871 35.46 15.76 17.35
CA GLU B 871 34.79 15.32 16.13
C GLU B 871 35.39 14.03 15.61
N ASP B 872 36.71 13.89 15.70
CA ASP B 872 37.36 12.65 15.28
C ASP B 872 36.90 11.47 16.13
N LEU B 873 36.82 11.66 17.45
CA LEU B 873 36.33 10.58 18.31
C LEU B 873 34.88 10.24 17.99
N LEU B 874 34.03 11.25 17.80
CA LEU B 874 32.62 10.99 17.51
C LEU B 874 32.46 10.24 16.19
N PHE B 875 33.23 10.62 15.17
CA PHE B 875 33.12 9.95 13.88
C PHE B 875 33.72 8.55 13.92
N ASN B 876 34.77 8.34 14.73
CA ASN B 876 35.34 7.01 14.86
C ASN B 876 34.45 6.08 15.67
N LYS B 877 33.62 6.62 16.56
CA LYS B 877 32.71 5.81 17.35
C LYS B 877 31.43 5.43 16.61
N VAL B 878 31.21 5.94 15.41
CA VAL B 878 30.03 5.65 14.61
C VAL B 878 30.46 4.97 13.32
N THR B 879 29.82 3.85 13.01
CA THR B 879 30.10 3.10 11.79
C THR B 879 29.11 3.54 10.70
N ILE B 880 29.65 4.01 9.58
CA ILE B 880 28.85 4.43 8.44
C ILE B 880 29.46 3.81 7.19
N ALA B 881 28.63 3.16 6.38
CA ALA B 881 29.10 2.61 5.11
C ALA B 881 29.50 3.75 4.18
N ASP B 882 30.74 3.73 3.72
CA ASP B 882 31.25 4.82 2.91
C ASP B 882 30.65 4.77 1.51
N PRO B 883 29.92 5.81 1.07
CA PRO B 883 29.47 5.84 -0.32
C PRO B 883 30.58 6.34 -1.23
N GLY B 884 30.83 5.60 -2.30
CA GLY B 884 31.91 5.95 -3.19
C GLY B 884 31.53 7.07 -4.12
N TYR B 885 31.49 8.30 -3.62
CA TYR B 885 31.11 9.44 -4.44
C TYR B 885 32.02 9.57 -5.65
N MET B 886 33.31 9.29 -5.47
CA MET B 886 34.27 9.24 -6.57
C MET B 886 34.72 7.80 -6.77
N GLN B 887 34.66 7.34 -8.03
CA GLN B 887 35.12 6.01 -8.44
C GLN B 887 34.49 4.88 -7.61
N GLY B 888 33.35 5.15 -6.97
CA GLY B 888 32.69 4.11 -6.18
C GLY B 888 32.04 3.02 -6.99
N TYR B 889 31.73 3.28 -8.26
CA TYR B 889 31.22 2.22 -9.12
C TYR B 889 32.28 1.16 -9.38
N ASP B 890 33.55 1.58 -9.50
CA ASP B 890 34.63 0.63 -9.70
C ASP B 890 35.13 0.05 -8.39
N GLU B 891 34.99 0.79 -7.28
CA GLU B 891 35.41 0.25 -5.99
C GLU B 891 34.55 -0.94 -5.57
N CYS B 892 33.29 -0.99 -6.02
CA CYS B 892 32.43 -2.09 -5.64
C CYS B 892 32.81 -3.39 -6.34
N MET B 893 33.42 -3.29 -7.53
CA MET B 893 33.88 -4.49 -8.21
C MET B 893 35.12 -5.06 -7.55
N GLN B 894 36.07 -4.19 -7.19
CA GLN B 894 37.32 -4.65 -6.58
C GLN B 894 37.08 -5.29 -5.23
N GLN B 895 36.22 -4.68 -4.40
CA GLN B 895 35.98 -5.21 -3.06
C GLN B 895 35.32 -6.58 -3.12
N GLY B 896 34.36 -6.76 -4.02
CA GLY B 896 33.58 -7.97 -4.07
C GLY B 896 32.36 -7.87 -3.17
N PRO B 897 31.60 -8.95 -3.06
CA PRO B 897 30.38 -8.91 -2.23
C PRO B 897 30.71 -8.92 -0.75
N GLN B 898 30.29 -7.86 -0.05
CA GLN B 898 30.44 -7.76 1.39
C GLN B 898 29.11 -7.32 2.00
N SER B 899 28.73 -7.98 3.09
CA SER B 899 27.42 -7.71 3.68
C SER B 899 27.35 -6.30 4.27
N ALA B 900 28.47 -5.81 4.80
CA ALA B 900 28.47 -4.50 5.46
C ALA B 900 28.15 -3.38 4.47
N ARG B 901 28.76 -3.41 3.29
CA ARG B 901 28.58 -2.38 2.28
C ARG B 901 27.83 -2.89 1.06
N ASP B 902 27.01 -3.94 1.23
CA ASP B 902 26.23 -4.45 0.11
C ASP B 902 25.17 -3.45 -0.31
N LEU B 903 24.60 -2.70 0.65
CA LEU B 903 23.60 -1.71 0.32
C LEU B 903 24.20 -0.56 -0.49
N ILE B 904 25.46 -0.22 -0.22
CA ILE B 904 26.16 0.78 -1.03
C ILE B 904 26.45 0.22 -2.42
N CYS B 905 26.86 -1.04 -2.49
CA CYS B 905 27.15 -1.68 -3.77
C CYS B 905 25.89 -2.11 -4.51
N ALA B 906 24.73 -2.08 -3.86
CA ALA B 906 23.47 -2.37 -4.53
C ALA B 906 22.93 -1.17 -5.31
N GLN B 907 23.59 -0.02 -5.23
CA GLN B 907 23.18 1.13 -6.01
C GLN B 907 23.17 0.81 -7.50
N TYR B 908 24.21 0.13 -7.97
CA TYR B 908 24.41 -0.12 -9.39
C TYR B 908 23.77 -1.42 -9.86
N VAL B 909 23.04 -2.12 -8.98
CA VAL B 909 22.31 -3.32 -9.34
C VAL B 909 20.80 -3.11 -9.22
N ALA B 910 20.36 -2.51 -8.12
CA ALA B 910 18.93 -2.25 -7.94
C ALA B 910 18.46 -1.11 -8.82
N GLY B 911 19.26 -0.06 -8.95
CA GLY B 911 18.90 1.06 -9.80
C GLY B 911 18.61 2.35 -9.06
N TYR B 912 19.36 2.61 -7.99
CA TYR B 912 19.24 3.84 -7.24
C TYR B 912 20.63 4.43 -7.01
N LYS B 913 20.66 5.72 -6.66
CA LYS B 913 21.92 6.44 -6.47
C LYS B 913 21.88 7.20 -5.15
N VAL B 914 23.01 7.20 -4.45
CA VAL B 914 23.19 7.97 -3.24
C VAL B 914 23.91 9.27 -3.63
N LEU B 915 23.20 10.38 -3.56
CA LEU B 915 23.77 11.64 -3.99
C LEU B 915 24.77 12.17 -2.97
N PRO B 916 25.85 12.82 -3.42
CA PRO B 916 26.81 13.39 -2.48
C PRO B 916 26.19 14.53 -1.70
N PRO B 917 26.66 14.80 -0.49
CA PRO B 917 26.16 15.95 0.26
C PRO B 917 26.53 17.26 -0.42
N LEU B 918 25.74 18.29 -0.11
CA LEU B 918 25.92 19.58 -0.77
C LEU B 918 27.28 20.19 -0.47
N TYR B 919 27.84 19.94 0.71
CA TYR B 919 29.07 20.58 1.13
C TYR B 919 30.14 19.54 1.46
N ASP B 920 31.38 19.90 1.15
CA ASP B 920 32.53 19.11 1.54
C ASP B 920 32.65 19.14 3.06
N PRO B 921 33.25 18.10 3.66
CA PRO B 921 33.51 18.16 5.11
C PRO B 921 34.37 19.35 5.52
N TYR B 922 35.17 19.90 4.60
CA TYR B 922 35.92 21.11 4.90
C TYR B 922 34.98 22.29 5.12
N MET B 923 33.88 22.37 4.37
CA MET B 923 32.93 23.45 4.59
C MET B 923 32.21 23.30 5.93
N GLU B 924 31.91 22.07 6.33
CA GLU B 924 31.32 21.84 7.65
C GLU B 924 32.31 22.18 8.75
N ALA B 925 33.58 21.86 8.54
CA ALA B 925 34.62 22.26 9.48
C ALA B 925 34.70 23.78 9.60
N ALA B 926 34.60 24.48 8.47
CA ALA B 926 34.58 25.95 8.49
C ALA B 926 33.37 26.47 9.24
N TYR B 927 32.21 25.84 9.05
CA TYR B 927 31.01 26.23 9.79
C TYR B 927 31.20 26.08 11.29
N THR B 928 31.73 24.93 11.71
CA THR B 928 31.93 24.70 13.15
C THR B 928 33.02 25.62 13.71
N SER B 929 34.06 25.91 12.92
CA SER B 929 35.09 26.82 13.39
C SER B 929 34.55 28.25 13.53
N SER B 930 33.69 28.67 12.60
CA SER B 930 33.05 29.97 12.74
C SER B 930 32.12 30.00 13.95
N LEU B 931 31.43 28.88 14.22
CA LEU B 931 30.62 28.79 15.42
C LEU B 931 31.47 28.92 16.68
N LEU B 932 32.63 28.27 16.70
CA LEU B 932 33.53 28.37 17.85
C LEU B 932 34.07 29.79 18.02
N GLY B 933 34.40 30.45 16.90
CA GLY B 933 34.88 31.81 16.96
C GLY B 933 33.83 32.86 17.23
N SER B 934 32.56 32.50 17.07
CA SER B 934 31.45 33.43 17.31
C SER B 934 30.93 33.37 18.73
N ILE B 935 31.49 32.51 19.59
CA ILE B 935 30.99 32.38 20.95
C ILE B 935 31.28 33.64 21.76
N ALA B 936 32.51 34.13 21.68
CA ALA B 936 32.91 35.27 22.48
C ALA B 936 32.29 36.57 21.96
N GLY B 937 31.91 37.44 22.89
CA GLY B 937 31.30 38.69 22.51
C GLY B 937 30.90 39.49 23.73
N ALA B 938 30.19 40.60 23.49
CA ALA B 938 29.77 41.47 24.58
C ALA B 938 28.80 40.77 25.52
N SER B 939 27.74 40.19 24.96
CA SER B 939 26.72 39.45 25.71
C SER B 939 26.00 40.31 26.74
N TRP B 940 26.02 41.64 26.58
CA TRP B 940 25.24 42.50 27.46
C TRP B 940 24.52 43.63 26.72
N THR B 941 24.67 43.74 25.41
CA THR B 941 24.12 44.87 24.68
C THR B 941 22.70 44.58 24.20
N ALA B 942 22.03 45.64 23.76
CA ALA B 942 20.60 45.54 23.42
C ALA B 942 20.39 44.76 22.13
N GLY B 943 21.25 44.96 21.14
CA GLY B 943 21.02 44.35 19.85
C GLY B 943 22.11 43.40 19.39
N LEU B 944 22.12 43.09 18.09
CA LEU B 944 23.10 42.19 17.49
C LEU B 944 23.86 42.84 16.34
N SER B 945 23.88 44.17 16.29
CA SER B 945 24.50 44.90 15.19
C SER B 945 25.99 45.14 15.41
N SER B 946 26.45 45.13 16.65
CA SER B 946 27.85 45.40 16.96
C SER B 946 28.54 44.15 17.47
N PHE B 947 29.79 43.97 17.07
CA PHE B 947 30.62 42.86 17.50
C PHE B 947 31.74 43.38 18.37
N ALA B 948 31.84 42.86 19.59
CA ALA B 948 32.88 43.27 20.54
C ALA B 948 33.95 42.17 20.59
N ALA B 949 35.21 42.57 20.36
CA ALA B 949 36.32 41.63 20.35
C ALA B 949 36.77 41.32 21.78
N ILE B 950 35.87 40.73 22.55
CA ILE B 950 36.14 40.32 23.92
C ILE B 950 36.65 38.88 23.90
N PRO B 951 37.80 38.60 24.52
CA PRO B 951 38.36 37.25 24.47
C PRO B 951 37.44 36.21 25.10
N PHE B 952 37.76 34.94 24.83
CA PHE B 952 36.89 33.84 25.23
C PHE B 952 36.76 33.72 26.75
N ALA B 953 37.88 33.86 27.47
CA ALA B 953 37.83 33.74 28.92
C ALA B 953 36.99 34.86 29.53
N GLN B 954 37.17 36.09 29.04
CA GLN B 954 36.38 37.20 29.53
C GLN B 954 34.89 36.99 29.23
N SER B 955 34.57 36.47 28.05
CA SER B 955 33.18 36.20 27.71
C SER B 955 32.58 35.13 28.62
N ILE B 956 33.37 34.09 28.93
CA ILE B 956 32.87 33.03 29.82
C ILE B 956 32.63 33.58 31.22
N PHE B 957 33.55 34.42 31.71
CA PHE B 957 33.38 35.01 33.03
C PHE B 957 32.19 35.96 33.06
N TYR B 958 31.95 36.68 31.96
CA TYR B 958 30.78 37.55 31.89
C TYR B 958 29.49 36.74 31.86
N ARG B 959 29.50 35.60 31.17
CA ARG B 959 28.34 34.71 31.21
C ARG B 959 28.09 34.19 32.62
N LEU B 960 29.17 33.85 33.34
CA LEU B 960 29.02 33.43 34.73
C LEU B 960 28.46 34.55 35.59
N ASN B 961 28.93 35.78 35.36
CA ASN B 961 28.41 36.93 36.11
C ASN B 961 26.93 37.14 35.84
N GLY B 962 26.53 37.03 34.56
CA GLY B 962 25.12 37.13 34.23
C GLY B 962 24.29 36.01 34.83
N VAL B 963 24.90 34.85 35.04
CA VAL B 963 24.20 33.73 35.67
C VAL B 963 23.79 34.08 37.09
N GLY B 964 24.59 34.87 37.79
CA GLY B 964 24.29 35.22 39.16
C GLY B 964 25.45 35.04 40.11
N ILE B 965 26.66 34.97 39.56
CA ILE B 965 27.89 34.88 40.34
C ILE B 965 28.56 36.25 40.33
N THR B 966 28.78 36.80 41.52
CA THR B 966 29.31 38.16 41.61
C THR B 966 30.77 38.20 41.16
N GLN B 967 31.24 39.41 40.88
CA GLN B 967 32.59 39.58 40.36
C GLN B 967 33.65 39.24 41.40
N GLN B 968 33.34 39.40 42.69
CA GLN B 968 34.29 39.00 43.72
C GLN B 968 34.54 37.50 43.69
N VAL B 969 33.47 36.71 43.54
CA VAL B 969 33.63 35.25 43.45
C VAL B 969 34.41 34.87 42.20
N LEU B 970 34.09 35.51 41.07
CA LEU B 970 34.78 35.20 39.82
C LEU B 970 36.26 35.52 39.91
N SER B 971 36.60 36.66 40.51
CA SER B 971 38.00 37.04 40.66
C SER B 971 38.73 36.11 41.61
N GLU B 972 38.08 35.75 42.72
CA GLU B 972 38.72 34.83 43.68
C GLU B 972 38.90 33.44 43.06
N ASN B 973 37.83 32.88 42.50
CA ASN B 973 37.85 31.53 41.95
C ASN B 973 38.04 31.56 40.44
N GLN B 974 39.16 32.14 40.01
CA GLN B 974 39.50 32.15 38.59
C GLN B 974 40.03 30.78 38.15
N LYS B 975 41.13 30.35 38.77
CA LYS B 975 41.74 29.07 38.41
C LYS B 975 40.81 27.91 38.70
N ILE B 976 40.02 27.98 39.77
CA ILE B 976 39.10 26.90 40.11
C ILE B 976 38.04 26.76 39.02
N ILE B 977 37.48 27.87 38.58
CA ILE B 977 36.48 27.83 37.51
C ILE B 977 37.10 27.31 36.22
N ALA B 978 38.30 27.78 35.89
CA ALA B 978 38.97 27.30 34.67
C ALA B 978 39.22 25.80 34.74
N ASN B 979 39.66 25.30 35.90
CA ASN B 979 39.92 23.87 36.06
C ASN B 979 38.64 23.06 35.95
N LYS B 980 37.55 23.54 36.53
CA LYS B 980 36.28 22.82 36.41
C LYS B 980 35.80 22.80 34.96
N PHE B 981 35.93 23.91 34.25
CA PHE B 981 35.56 23.93 32.84
C PHE B 981 36.41 22.97 32.03
N ASN B 982 37.71 22.93 32.30
CA ASN B 982 38.59 22.00 31.59
C ASN B 982 38.24 20.56 31.93
N GLN B 983 37.88 20.28 33.18
CA GLN B 983 37.47 18.93 33.56
C GLN B 983 36.21 18.52 32.82
N ALA B 984 35.25 19.44 32.68
CA ALA B 984 34.04 19.15 31.91
C ALA B 984 34.37 18.88 30.45
N LEU B 985 35.24 19.69 29.85
CA LEU B 985 35.61 19.48 28.45
C LEU B 985 36.34 18.16 28.27
N GLY B 986 37.16 17.76 29.24
CA GLY B 986 37.82 16.47 29.18
C GLY B 986 36.84 15.32 29.33
N ALA B 987 35.88 15.45 30.24
CA ALA B 987 34.85 14.43 30.44
C ALA B 987 33.88 14.36 29.28
N MET B 988 33.87 15.35 28.38
CA MET B 988 33.06 15.27 27.17
C MET B 988 33.40 14.04 26.34
N GLN B 989 34.62 13.49 26.47
CA GLN B 989 35.00 12.31 25.71
C GLN B 989 34.11 11.12 26.04
N THR B 990 33.82 10.91 27.33
CA THR B 990 33.17 9.69 27.78
C THR B 990 31.72 9.57 27.32
N GLY B 991 31.14 10.62 26.75
CA GLY B 991 29.76 10.57 26.32
C GLY B 991 29.50 9.84 25.03
N PHE B 992 30.54 9.37 24.35
CA PHE B 992 30.38 8.66 23.08
C PHE B 992 30.30 7.16 23.30
N THR B 993 29.34 6.77 24.12
CA THR B 993 29.04 5.37 24.40
C THR B 993 27.56 5.11 24.15
N THR B 994 27.20 3.82 24.16
CA THR B 994 25.81 3.44 23.92
C THR B 994 24.88 3.88 25.05
N THR B 995 25.42 4.21 26.22
CA THR B 995 24.58 4.65 27.32
C THR B 995 23.97 6.03 27.06
N ASN B 996 24.73 6.90 26.41
CA ASN B 996 24.27 8.27 26.17
C ASN B 996 23.11 8.29 25.17
N LEU B 997 22.16 9.18 25.41
CA LEU B 997 20.98 9.29 24.54
C LEU B 997 21.29 9.96 23.22
N ALA B 998 22.13 11.01 23.25
CA ALA B 998 22.43 11.75 22.02
C ALA B 998 23.25 10.90 21.05
N PHE B 999 24.22 10.14 21.57
CA PHE B 999 24.97 9.24 20.70
C PHE B 999 24.07 8.14 20.14
N ASN B 1000 23.11 7.69 20.95
CA ASN B 1000 22.10 6.76 20.44
C ASN B 1000 21.30 7.39 19.31
N LYS B 1001 20.98 8.68 19.43
CA LYS B 1001 20.27 9.38 18.36
C LYS B 1001 21.12 9.47 17.09
N VAL B 1002 22.42 9.72 17.24
CA VAL B 1002 23.32 9.74 16.08
C VAL B 1002 23.30 8.39 15.37
N GLN B 1003 23.49 7.32 16.15
CA GLN B 1003 23.48 5.98 15.56
C GLN B 1003 22.12 5.63 14.99
N ASP B 1004 21.04 6.14 15.58
CA ASP B 1004 19.70 5.90 15.05
C ASP B 1004 19.51 6.59 13.71
N ALA B 1005 20.01 7.81 13.56
CA ALA B 1005 19.95 8.48 12.26
C ALA B 1005 20.75 7.73 11.21
N VAL B 1006 21.95 7.27 11.58
CA VAL B 1006 22.76 6.49 10.65
C VAL B 1006 22.03 5.20 10.26
N ASN B 1007 21.42 4.53 11.24
CA ASN B 1007 20.72 3.29 10.98
C ASN B 1007 19.49 3.51 10.10
N ALA B 1008 18.79 4.63 10.29
CA ALA B 1008 17.64 4.93 9.43
C ALA B 1008 18.09 5.18 8.00
N ASN B 1009 19.19 5.93 7.83
CA ASN B 1009 19.73 6.14 6.50
C ASN B 1009 20.12 4.82 5.84
N ALA B 1010 20.72 3.90 6.61
CA ALA B 1010 21.11 2.61 6.06
C ALA B 1010 19.89 1.73 5.78
N MET B 1011 18.87 1.81 6.63
CA MET B 1011 17.68 0.97 6.54
C MET B 1011 16.79 1.34 5.38
N ALA B 1012 16.76 2.62 5.00
CA ALA B 1012 16.07 2.99 3.77
C ALA B 1012 16.69 2.33 2.54
N LEU B 1013 18.01 2.41 2.41
CA LEU B 1013 18.71 1.77 1.29
C LEU B 1013 18.54 0.26 1.32
N SER B 1014 18.67 -0.35 2.50
CA SER B 1014 18.52 -1.79 2.62
C SER B 1014 17.14 -2.26 2.21
N LYS B 1015 16.09 -1.57 2.65
CA LYS B 1015 14.74 -1.90 2.22
C LYS B 1015 14.54 -1.71 0.73
N LEU B 1016 15.05 -0.61 0.18
CA LEU B 1016 14.93 -0.37 -1.25
C LEU B 1016 15.60 -1.45 -2.07
N ALA B 1017 16.78 -1.91 -1.65
CA ALA B 1017 17.48 -2.96 -2.38
C ALA B 1017 16.83 -4.32 -2.18
N ALA B 1018 16.35 -4.61 -0.97
CA ALA B 1018 15.80 -5.93 -0.67
C ALA B 1018 14.42 -6.14 -1.25
N GLU B 1019 13.69 -5.05 -1.56
CA GLU B 1019 12.37 -5.24 -2.17
C GLU B 1019 12.45 -5.75 -3.60
N LEU B 1020 13.63 -5.81 -4.20
CA LEU B 1020 13.79 -6.32 -5.56
C LEU B 1020 14.06 -7.81 -5.63
N SER B 1021 14.16 -8.49 -4.49
CA SER B 1021 14.57 -9.90 -4.45
C SER B 1021 13.43 -10.85 -4.12
N ASN B 1022 12.27 -10.35 -3.73
CA ASN B 1022 11.14 -11.16 -3.31
C ASN B 1022 10.05 -11.20 -4.37
N THR B 1023 9.40 -12.35 -4.48
CA THR B 1023 8.62 -12.71 -5.67
C THR B 1023 7.23 -12.09 -5.72
N PHE B 1024 6.66 -11.68 -4.57
CA PHE B 1024 5.35 -11.02 -4.53
C PHE B 1024 4.22 -11.91 -5.00
N GLY B 1025 4.40 -13.23 -4.93
CA GLY B 1025 3.43 -14.18 -5.43
C GLY B 1025 3.74 -14.78 -6.77
N ALA B 1026 4.66 -14.19 -7.53
CA ALA B 1026 5.01 -14.71 -8.84
C ALA B 1026 5.94 -15.92 -8.71
N ILE B 1027 6.16 -16.60 -9.83
CA ILE B 1027 7.02 -17.77 -9.83
C ILE B 1027 8.47 -17.39 -9.53
N SER B 1028 8.86 -16.17 -9.89
CA SER B 1028 10.23 -15.72 -9.66
C SER B 1028 10.23 -14.21 -9.51
N SER B 1029 11.30 -13.70 -8.90
CA SER B 1029 11.52 -12.26 -8.77
C SER B 1029 12.27 -11.68 -9.95
N SER B 1030 12.71 -12.51 -10.89
CA SER B 1030 13.42 -12.08 -12.08
C SER B 1030 12.45 -12.04 -13.25
N ILE B 1031 12.46 -10.93 -13.99
CA ILE B 1031 11.62 -10.82 -15.18
C ILE B 1031 12.11 -11.78 -16.26
N SER B 1032 13.43 -11.95 -16.37
CA SER B 1032 13.98 -12.87 -17.35
C SER B 1032 13.56 -14.31 -17.06
N ASP B 1033 13.52 -14.69 -15.78
CA ASP B 1033 13.09 -16.03 -15.43
C ASP B 1033 11.63 -16.27 -15.78
N ILE B 1034 10.78 -15.26 -15.56
CA ILE B 1034 9.37 -15.37 -15.91
C ILE B 1034 9.22 -15.49 -17.43
N LEU B 1035 9.97 -14.69 -18.18
CA LEU B 1035 9.89 -14.75 -19.64
C LEU B 1035 10.37 -16.08 -20.17
N ALA B 1036 11.40 -16.66 -19.54
CA ALA B 1036 11.94 -17.93 -20.00
C ALA B 1036 11.04 -19.11 -19.64
N ARG B 1037 10.36 -19.07 -18.49
CA ARG B 1037 9.60 -20.21 -18.01
C ARG B 1037 8.14 -20.19 -18.41
N LEU B 1038 7.59 -19.02 -18.75
CA LEU B 1038 6.18 -18.90 -19.08
C LEU B 1038 6.01 -18.28 -20.46
N ASP B 1039 4.76 -18.11 -20.85
CA ASP B 1039 4.36 -17.69 -22.18
C ASP B 1039 3.40 -16.51 -22.09
N PRO B 1040 3.25 -15.75 -23.17
CA PRO B 1040 2.66 -14.39 -23.09
C PRO B 1040 1.42 -14.29 -22.22
N PRO B 1041 0.41 -15.16 -22.38
CA PRO B 1041 -0.80 -14.99 -21.54
C PRO B 1041 -0.54 -15.08 -20.05
N GLU B 1042 0.41 -15.92 -19.62
CA GLU B 1042 0.76 -16.03 -18.21
C GLU B 1042 1.92 -15.11 -17.84
N GLN B 1043 2.81 -14.86 -18.80
CA GLN B 1043 3.90 -13.91 -18.61
C GLN B 1043 3.36 -12.53 -18.25
N GLU B 1044 2.31 -12.10 -18.94
CA GLU B 1044 1.72 -10.80 -18.64
C GLU B 1044 1.21 -10.74 -17.20
N ALA B 1045 0.54 -11.79 -16.75
CA ALA B 1045 0.01 -11.80 -15.39
C ALA B 1045 1.14 -11.76 -14.35
N GLN B 1046 2.17 -12.58 -14.54
CA GLN B 1046 3.25 -12.59 -13.55
C GLN B 1046 4.03 -11.28 -13.54
N ILE B 1047 4.34 -10.74 -14.71
CA ILE B 1047 5.06 -9.48 -14.78
C ILE B 1047 4.20 -8.34 -14.23
N ASP B 1048 2.88 -8.39 -14.45
CA ASP B 1048 1.99 -7.39 -13.89
C ASP B 1048 1.97 -7.47 -12.36
N ARG B 1049 1.98 -8.68 -11.81
CA ARG B 1049 2.05 -8.84 -10.37
C ARG B 1049 3.33 -8.21 -9.81
N LEU B 1050 4.46 -8.53 -10.44
CA LEU B 1050 5.74 -7.97 -10.01
C LEU B 1050 5.71 -6.44 -10.13
N ILE B 1051 5.17 -5.92 -11.24
CA ILE B 1051 5.14 -4.48 -11.47
C ILE B 1051 4.28 -3.80 -10.40
N ASN B 1052 3.10 -4.35 -10.12
CA ASN B 1052 2.21 -3.75 -9.13
C ASN B 1052 2.88 -3.69 -7.76
N GLY B 1053 3.52 -4.81 -7.36
CA GLY B 1053 4.19 -4.80 -6.08
C GLY B 1053 5.34 -3.81 -6.02
N ARG B 1054 6.17 -3.78 -7.07
CA ARG B 1054 7.30 -2.86 -7.07
C ARG B 1054 6.83 -1.41 -7.10
N LEU B 1055 5.75 -1.11 -7.81
CA LEU B 1055 5.22 0.24 -7.82
C LEU B 1055 4.73 0.65 -6.44
N THR B 1056 4.02 -0.24 -5.76
CA THR B 1056 3.59 0.07 -4.39
C THR B 1056 4.78 0.32 -3.48
N SER B 1057 5.81 -0.53 -3.59
CA SER B 1057 6.99 -0.37 -2.74
C SER B 1057 7.70 0.94 -3.03
N LEU B 1058 7.84 1.30 -4.31
CA LEU B 1058 8.50 2.56 -4.66
C LEU B 1058 7.71 3.76 -4.19
N ASN B 1059 6.37 3.69 -4.28
CA ASN B 1059 5.55 4.77 -3.77
C ASN B 1059 5.71 4.94 -2.26
N ALA B 1060 5.75 3.82 -1.53
CA ALA B 1060 5.98 3.89 -0.09
C ALA B 1060 7.35 4.48 0.22
N PHE B 1061 8.37 4.07 -0.53
CA PHE B 1061 9.71 4.62 -0.31
C PHE B 1061 9.74 6.12 -0.57
N VAL B 1062 9.08 6.58 -1.62
CA VAL B 1062 9.08 8.00 -1.94
C VAL B 1062 8.33 8.79 -0.88
N ALA B 1063 7.20 8.27 -0.41
CA ALA B 1063 6.46 8.96 0.66
C ALA B 1063 7.30 9.05 1.93
N GLN B 1064 7.96 7.95 2.31
CA GLN B 1064 8.81 7.97 3.50
C GLN B 1064 9.98 8.92 3.32
N GLN B 1065 10.54 8.99 2.11
CA GLN B 1065 11.65 9.91 1.85
C GLN B 1065 11.19 11.36 1.96
N LEU B 1066 9.98 11.67 1.46
CA LEU B 1066 9.45 13.02 1.62
C LEU B 1066 9.24 13.36 3.09
N VAL B 1067 8.70 12.41 3.86
CA VAL B 1067 8.48 12.65 5.28
C VAL B 1067 9.81 12.90 5.99
N ARG B 1068 10.81 12.08 5.68
CA ARG B 1068 12.13 12.24 6.29
C ARG B 1068 12.77 13.57 5.90
N THR B 1069 12.60 13.98 4.65
CA THR B 1069 13.15 15.26 4.22
C THR B 1069 12.50 16.42 4.95
N GLU B 1070 11.18 16.39 5.12
CA GLU B 1070 10.51 17.45 5.87
C GLU B 1070 10.95 17.46 7.32
N ALA B 1071 11.07 16.27 7.94
CA ALA B 1071 11.54 16.19 9.32
C ALA B 1071 12.96 16.71 9.45
N ALA B 1072 13.82 16.41 8.48
CA ALA B 1072 15.19 16.89 8.52
C ALA B 1072 15.26 18.40 8.34
N ALA B 1073 14.39 18.96 7.51
CA ALA B 1073 14.35 20.42 7.37
C ALA B 1073 13.89 21.09 8.66
N ARG B 1074 12.87 20.53 9.31
CA ARG B 1074 12.43 21.09 10.59
C ARG B 1074 13.52 20.96 11.64
N SER B 1075 14.22 19.83 11.66
CA SER B 1075 15.31 19.65 12.62
C SER B 1075 16.48 20.59 12.32
N ALA B 1076 16.73 20.90 11.04
CA ALA B 1076 17.75 21.88 10.70
C ALA B 1076 17.35 23.27 11.16
N GLN B 1077 16.07 23.61 11.05
CA GLN B 1077 15.60 24.87 11.63
C GLN B 1077 15.80 24.91 13.13
N LEU B 1078 15.51 23.78 13.80
CA LEU B 1078 15.74 23.70 15.25
C LEU B 1078 17.22 23.84 15.58
N ALA B 1079 18.09 23.25 14.76
CA ALA B 1079 19.53 23.37 14.97
C ALA B 1079 19.99 24.81 14.80
N GLN B 1080 19.44 25.52 13.81
CA GLN B 1080 19.74 26.94 13.66
C GLN B 1080 19.29 27.72 14.88
N ASP B 1081 18.10 27.42 15.40
CA ASP B 1081 17.63 28.09 16.61
C ASP B 1081 18.56 27.82 17.79
N LYS B 1082 19.00 26.56 17.95
CA LYS B 1082 19.90 26.22 19.05
C LYS B 1082 21.25 26.91 18.88
N VAL B 1083 21.74 27.02 17.65
CA VAL B 1083 23.00 27.72 17.42
C VAL B 1083 22.86 29.20 17.78
N ASN B 1084 21.75 29.81 17.39
CA ASN B 1084 21.54 31.23 17.67
C ASN B 1084 21.34 31.49 19.17
N GLU B 1085 20.73 30.56 19.89
CA GLU B 1085 20.37 30.82 21.28
C GLU B 1085 21.42 30.34 22.27
N CYS B 1086 21.89 29.10 22.13
CA CYS B 1086 22.79 28.51 23.10
C CYS B 1086 24.26 28.71 22.75
N VAL B 1087 24.61 28.64 21.46
CA VAL B 1087 26.00 28.71 21.04
C VAL B 1087 26.47 30.15 20.90
N LYS B 1088 25.73 30.97 20.13
CA LYS B 1088 26.14 32.34 19.88
C LYS B 1088 25.72 33.30 20.99
N SER B 1089 24.93 32.84 21.95
CA SER B 1089 24.50 33.68 23.06
C SER B 1089 24.25 32.80 24.28
N GLN B 1090 23.85 33.43 25.38
CA GLN B 1090 23.53 32.73 26.61
C GLN B 1090 22.02 32.74 26.80
N SER B 1091 21.46 31.57 27.10
CA SER B 1091 20.01 31.40 27.16
C SER B 1091 19.53 31.49 28.60
N LYS B 1092 18.51 32.31 28.84
CA LYS B 1092 17.85 32.40 30.12
C LYS B 1092 16.70 31.41 30.27
N ARG B 1093 16.37 30.68 29.22
CA ARG B 1093 15.35 29.64 29.30
C ARG B 1093 15.86 28.46 30.11
N ASN B 1094 14.92 27.64 30.58
CA ASN B 1094 15.23 26.45 31.36
C ASN B 1094 14.95 25.21 30.50
N GLY B 1095 15.97 24.38 30.31
CA GLY B 1095 15.83 23.14 29.58
C GLY B 1095 16.03 23.23 28.09
N PHE B 1096 16.16 24.44 27.52
CA PHE B 1096 16.39 24.55 26.08
C PHE B 1096 17.81 24.15 25.73
N CYS B 1097 18.78 24.55 26.54
CA CYS B 1097 20.19 24.24 26.33
C CYS B 1097 20.71 23.34 27.44
N GLY B 1098 19.94 22.32 27.80
CA GLY B 1098 20.33 21.37 28.81
C GLY B 1098 19.79 21.73 30.18
N THR B 1099 20.08 20.85 31.14
CA THR B 1099 19.63 21.04 32.51
C THR B 1099 20.55 22.01 33.24
N GLY B 1100 19.97 22.73 34.20
CA GLY B 1100 20.73 23.70 34.96
C GLY B 1100 20.75 25.06 34.30
N THR B 1101 21.61 25.93 34.85
CA THR B 1101 21.75 27.29 34.34
C THR B 1101 22.76 27.28 33.19
N HIS B 1102 22.30 27.63 32.00
CA HIS B 1102 23.15 27.54 30.81
C HIS B 1102 24.28 28.56 30.86
N ILE B 1103 25.47 28.12 30.45
CA ILE B 1103 26.65 28.98 30.39
C ILE B 1103 27.10 29.18 28.95
N VAL B 1104 27.49 28.11 28.27
CA VAL B 1104 28.00 28.18 26.91
C VAL B 1104 27.75 26.83 26.25
N SER B 1105 27.48 26.85 24.94
CA SER B 1105 27.25 25.65 24.16
C SER B 1105 28.26 25.56 23.03
N PHE B 1106 28.73 24.35 22.76
CA PHE B 1106 29.64 24.08 21.66
C PHE B 1106 28.98 23.10 20.69
N ALA B 1107 29.05 23.41 19.41
CA ALA B 1107 28.46 22.59 18.37
C ALA B 1107 29.56 22.04 17.47
N ILE B 1108 29.55 20.72 17.28
CA ILE B 1108 30.52 20.05 16.41
C ILE B 1108 29.76 19.32 15.32
N ASN B 1109 30.49 18.71 14.39
CA ASN B 1109 29.87 18.01 13.27
C ASN B 1109 29.59 16.56 13.65
N ALA B 1110 28.37 16.12 13.37
CA ALA B 1110 27.95 14.74 13.52
C ALA B 1110 27.67 14.13 12.15
N PRO B 1111 27.65 12.80 12.05
CA PRO B 1111 27.46 12.16 10.74
C PRO B 1111 26.29 12.71 9.93
N ASN B 1112 25.15 12.99 10.58
CA ASN B 1112 23.97 13.48 9.86
C ASN B 1112 23.38 14.73 10.49
N GLY B 1113 24.18 15.50 11.23
CA GLY B 1113 23.68 16.71 11.85
C GLY B 1113 24.71 17.43 12.68
N LEU B 1114 24.26 18.09 13.75
CA LEU B 1114 25.12 18.84 14.64
C LEU B 1114 25.00 18.28 16.05
N TYR B 1115 26.15 18.12 16.71
CA TYR B 1115 26.21 17.61 18.07
C TYR B 1115 26.54 18.78 19.00
N PHE B 1116 25.68 19.01 19.98
CA PHE B 1116 25.79 20.14 20.88
C PHE B 1116 26.28 19.68 22.25
N PHE B 1117 27.28 20.39 22.77
CA PHE B 1117 27.77 20.19 24.14
C PHE B 1117 27.32 21.38 24.96
N HIS B 1118 26.24 21.21 25.71
CA HIS B 1118 25.65 22.28 26.51
C HIS B 1118 26.32 22.28 27.88
N VAL B 1119 27.22 23.23 28.11
CA VAL B 1119 27.89 23.40 29.39
C VAL B 1119 27.01 24.28 30.27
N GLY B 1120 26.68 23.78 31.46
CA GLY B 1120 25.81 24.50 32.36
C GLY B 1120 26.40 24.56 33.76
N TYR B 1121 25.86 25.48 34.54
CA TYR B 1121 26.31 25.69 35.91
C TYR B 1121 25.52 24.77 36.83
N GLN B 1122 26.17 23.72 37.32
CA GLN B 1122 25.52 22.74 38.20
C GLN B 1122 26.04 22.88 39.62
N PRO B 1123 25.21 23.29 40.58
CA PRO B 1123 25.67 23.35 41.97
C PRO B 1123 25.62 21.97 42.63
N THR B 1124 26.61 21.71 43.48
CA THR B 1124 26.72 20.45 44.19
C THR B 1124 26.35 20.55 45.66
N SER B 1125 26.83 21.57 46.35
CA SER B 1125 26.55 21.77 47.77
C SER B 1125 25.85 23.10 47.98
N HIS B 1126 24.83 23.10 48.84
CA HIS B 1126 24.03 24.28 49.13
C HIS B 1126 24.18 24.66 50.59
N VAL B 1127 23.77 25.89 50.90
CA VAL B 1127 23.72 26.38 52.28
C VAL B 1127 22.34 27.01 52.50
N ASN B 1128 21.77 26.75 53.68
CA ASN B 1128 20.50 27.36 54.04
C ASN B 1128 20.77 28.74 54.61
N ALA B 1129 20.35 29.77 53.89
CA ALA B 1129 20.62 31.15 54.26
C ALA B 1129 19.32 31.87 54.60
N THR B 1130 19.36 32.67 55.66
CA THR B 1130 18.22 33.49 56.05
C THR B 1130 18.20 34.73 55.17
N ALA B 1131 17.17 34.85 54.34
CA ALA B 1131 17.06 35.93 53.38
C ALA B 1131 15.86 36.82 53.68
N ALA B 1132 15.91 38.04 53.17
CA ALA B 1132 14.85 39.02 53.35
C ALA B 1132 14.31 39.43 51.98
N TYR B 1133 13.00 39.67 51.92
CA TYR B 1133 12.40 40.15 50.67
C TYR B 1133 12.95 41.53 50.32
N GLY B 1134 13.16 42.38 51.31
CA GLY B 1134 13.75 43.68 51.12
C GLY B 1134 13.96 44.34 52.47
N LEU B 1135 14.67 45.46 52.45
CA LEU B 1135 15.03 46.19 53.67
C LEU B 1135 14.73 47.67 53.51
N CYS B 1136 14.25 48.30 54.57
CA CYS B 1136 14.17 49.75 54.59
C CYS B 1136 14.00 50.28 56.00
N ASN B 1137 14.20 51.60 56.14
CA ASN B 1137 14.36 52.28 57.42
C ASN B 1137 13.00 52.75 57.93
N THR B 1138 13.02 53.57 58.98
CA THR B 1138 11.82 54.14 59.60
C THR B 1138 11.83 55.64 59.35
N GLU B 1139 11.24 56.05 58.24
CA GLU B 1139 11.12 57.46 57.87
C GLU B 1139 9.67 57.72 57.45
N ASN B 1140 9.27 58.98 57.53
CA ASN B 1140 7.91 59.33 57.13
C ASN B 1140 7.64 58.96 55.68
N PRO B 1141 8.46 59.34 54.70
CA PRO B 1141 8.46 58.63 53.42
C PRO B 1141 9.43 57.47 53.47
N PRO B 1142 8.94 56.23 53.43
CA PRO B 1142 9.85 55.07 53.42
C PRO B 1142 10.66 54.99 52.12
N LYS B 1143 11.85 54.41 52.23
CA LYS B 1143 12.78 54.24 51.11
C LYS B 1143 13.23 52.79 51.13
N CYS B 1144 12.53 51.93 50.38
CA CYS B 1144 12.75 50.50 50.47
C CYS B 1144 13.48 49.96 49.25
N ILE B 1145 14.40 49.02 49.48
CA ILE B 1145 15.30 48.50 48.46
C ILE B 1145 15.12 46.99 48.34
N ALA B 1146 15.46 46.48 47.16
CA ALA B 1146 15.40 45.07 46.85
C ALA B 1146 16.67 44.64 46.15
N PRO B 1147 17.07 43.38 46.30
CA PRO B 1147 18.31 42.92 45.65
C PRO B 1147 18.14 42.82 44.14
N ILE B 1148 19.28 42.93 43.45
CA ILE B 1148 19.35 42.77 42.00
C ILE B 1148 20.14 41.51 41.70
N ASP B 1149 19.47 40.53 41.09
CA ASP B 1149 20.10 39.25 40.70
C ASP B 1149 20.77 38.58 41.90
N GLY B 1150 20.08 38.62 43.04
CA GLY B 1150 20.65 38.03 44.25
C GLY B 1150 19.65 38.07 45.38
N TYR B 1151 20.17 37.87 46.59
CA TYR B 1151 19.36 37.87 47.80
C TYR B 1151 20.01 38.74 48.86
N PHE B 1152 19.18 39.27 49.76
CA PHE B 1152 19.66 39.96 50.96
C PHE B 1152 19.78 38.93 52.07
N VAL B 1153 20.97 38.38 52.23
CA VAL B 1153 21.19 37.29 53.17
C VAL B 1153 21.70 37.84 54.48
N LEU B 1154 21.64 37.01 55.52
CA LEU B 1154 21.93 37.42 56.88
C LEU B 1154 23.31 37.02 57.37
N ASN B 1155 23.87 35.94 56.83
CA ASN B 1155 25.11 35.39 57.38
C ASN B 1155 26.27 36.35 57.16
N GLN B 1156 27.20 36.36 58.11
CA GLN B 1156 28.31 37.29 58.09
C GLN B 1156 29.33 36.91 57.02
N THR B 1157 30.22 37.86 56.71
CA THR B 1157 31.25 37.62 55.71
C THR B 1157 32.23 36.53 56.16
N ILE B 1158 32.63 36.58 57.44
CA ILE B 1158 33.59 35.65 58.05
C ILE B 1158 34.72 35.23 57.10
N ASP B 1165 19.40 38.55 63.70
CA ASP B 1165 20.47 39.48 63.29
C ASP B 1165 19.90 40.58 62.41
N GLN B 1166 20.51 41.77 62.49
CA GLN B 1166 20.06 42.92 61.72
C GLN B 1166 21.12 43.44 60.76
N GLN B 1167 22.23 42.73 60.60
CA GLN B 1167 23.26 43.07 59.63
C GLN B 1167 23.01 42.24 58.36
N TRP B 1168 22.52 42.90 57.31
CA TRP B 1168 22.12 42.23 56.09
C TRP B 1168 23.17 42.44 55.01
N TYR B 1169 23.56 41.37 54.33
CA TYR B 1169 24.52 41.41 53.25
C TYR B 1169 23.84 41.03 51.94
N TYR B 1170 24.59 41.13 50.85
CA TYR B 1170 24.13 40.73 49.53
C TYR B 1170 24.97 39.57 49.03
N THR B 1171 24.29 38.58 48.44
CA THR B 1171 24.95 37.44 47.84
C THR B 1171 24.34 37.17 46.47
N GLY B 1172 25.16 36.58 45.59
CA GLY B 1172 24.65 36.18 44.29
C GLY B 1172 23.71 34.99 44.38
N SER B 1173 22.86 34.86 43.36
CA SER B 1173 21.92 33.74 43.33
C SER B 1173 22.63 32.40 43.20
N SER B 1174 23.68 32.35 42.38
CA SER B 1174 24.33 31.10 42.04
C SER B 1174 25.50 30.75 42.93
N PHE B 1175 25.86 31.62 43.87
CA PHE B 1175 26.98 31.33 44.76
C PHE B 1175 26.84 32.14 46.04
N PHE B 1176 27.01 31.49 47.18
CA PHE B 1176 26.89 32.15 48.47
C PHE B 1176 28.21 32.84 48.80
N HIS B 1177 28.19 34.17 48.84
CA HIS B 1177 29.33 34.98 49.23
C HIS B 1177 28.83 36.35 49.68
N PRO B 1178 28.50 36.51 50.96
CA PRO B 1178 27.91 37.77 51.41
C PRO B 1178 28.81 38.96 51.14
N GLU B 1179 28.20 40.06 50.70
CA GLU B 1179 28.89 41.30 50.39
C GLU B 1179 28.08 42.46 50.93
N PRO B 1180 28.72 43.58 51.23
CA PRO B 1180 27.98 44.76 51.71
C PRO B 1180 26.98 45.23 50.68
N ILE B 1181 25.83 45.69 51.16
CA ILE B 1181 24.74 46.14 50.30
C ILE B 1181 25.02 47.57 49.86
N THR B 1182 25.10 47.77 48.54
CA THR B 1182 25.33 49.08 47.96
C THR B 1182 24.31 49.31 46.85
N GLU B 1183 24.39 50.48 46.21
CA GLU B 1183 23.54 50.75 45.06
C GLU B 1183 23.92 49.94 43.83
N ALA B 1184 25.07 49.26 43.86
CA ALA B 1184 25.47 48.43 42.74
C ALA B 1184 24.65 47.15 42.66
N ASN B 1185 24.28 46.59 43.81
CA ASN B 1185 23.59 45.31 43.87
C ASN B 1185 22.19 45.43 44.47
N SER B 1186 21.65 46.64 44.56
CA SER B 1186 20.32 46.86 45.10
C SER B 1186 19.60 47.91 44.26
N LYS B 1187 18.27 47.85 44.28
CA LYS B 1187 17.43 48.79 43.55
C LYS B 1187 16.33 49.31 44.47
N TYR B 1188 15.90 50.54 44.21
CA TYR B 1188 14.84 51.14 45.01
C TYR B 1188 13.48 50.63 44.54
N VAL B 1189 12.64 50.23 45.50
CA VAL B 1189 11.32 49.70 45.21
C VAL B 1189 10.32 50.33 46.16
N SER B 1190 9.04 50.20 45.83
CA SER B 1190 7.98 50.75 46.65
C SER B 1190 7.85 49.96 47.94
N MET B 1191 7.18 50.57 48.92
CA MET B 1191 7.06 49.96 50.24
C MET B 1191 6.32 48.63 50.17
N ASP B 1192 6.88 47.62 50.84
CA ASP B 1192 6.26 46.31 50.95
C ASP B 1192 6.22 45.91 52.42
N VAL B 1193 5.10 45.30 52.82
CA VAL B 1193 4.90 44.97 54.23
C VAL B 1193 5.87 43.88 54.66
N LYS B 1194 6.19 42.93 53.78
CA LYS B 1194 7.07 41.84 54.13
C LYS B 1194 8.53 42.27 54.25
N PHE B 1195 8.85 43.51 53.87
CA PHE B 1195 10.22 43.98 53.96
C PHE B 1195 10.64 44.15 55.42
N GLU B 1196 11.94 44.06 55.65
CA GLU B 1196 12.48 44.19 57.00
C GLU B 1196 12.68 45.66 57.34
N ASN B 1197 12.11 46.10 58.46
CA ASN B 1197 12.28 47.46 58.93
C ASN B 1197 13.57 47.55 59.74
N LEU B 1198 14.53 48.32 59.24
CA LEU B 1198 15.85 48.42 59.84
C LEU B 1198 15.98 49.76 60.58
N THR B 1199 16.30 49.68 61.87
CA THR B 1199 16.62 50.86 62.65
C THR B 1199 18.11 51.00 62.94
N ASN B 1200 18.89 49.94 62.76
CA ASN B 1200 20.32 49.95 62.99
C ASN B 1200 21.01 49.25 61.85
N LYS B 1201 22.29 49.60 61.63
CA LYS B 1201 23.12 49.03 60.58
C LYS B 1201 22.47 49.22 59.21
N LEU B 1202 22.07 50.45 58.93
CA LEU B 1202 21.44 50.76 57.64
C LEU B 1202 22.48 50.67 56.53
N PRO B 1203 22.16 50.03 55.41
CA PRO B 1203 23.04 50.07 54.24
C PRO B 1203 23.10 51.48 53.66
N PRO B 1204 24.15 51.80 52.90
CA PRO B 1204 24.27 53.14 52.32
C PRO B 1204 23.08 53.53 51.48
N PRO B 1205 22.45 52.62 50.72
CA PRO B 1205 21.21 53.01 50.04
C PRO B 1205 20.10 53.44 50.98
N LEU B 1206 20.04 52.89 52.19
CA LEU B 1206 19.00 53.22 53.15
C LEU B 1206 19.35 54.41 54.03
N LEU B 1207 20.54 54.98 53.86
CA LEU B 1207 20.96 56.12 54.68
C LEU B 1207 20.45 57.42 54.09
N SER B 1208 20.01 58.32 54.96
CA SER B 1208 19.51 59.62 54.54
C SER B 1208 20.63 60.66 54.55
N VAL C 1 -48.37 -35.66 -3.61
CA VAL C 1 -48.64 -36.01 -2.23
C VAL C 1 -50.14 -36.15 -1.99
N ASP C 2 -50.50 -36.72 -0.85
CA ASP C 2 -51.90 -36.91 -0.48
C ASP C 2 -52.45 -35.58 0.03
N MET C 3 -53.33 -34.96 -0.76
CA MET C 3 -53.89 -33.66 -0.43
C MET C 3 -55.17 -33.75 0.37
N GLY C 4 -55.65 -34.97 0.66
CA GLY C 4 -56.86 -35.17 1.42
C GLY C 4 -58.01 -35.64 0.53
N THR C 5 -59.13 -35.92 1.18
CA THR C 5 -60.32 -36.36 0.47
C THR C 5 -60.87 -35.25 -0.42
N THR C 6 -61.26 -35.62 -1.64
CA THR C 6 -61.82 -34.65 -2.56
C THR C 6 -63.12 -34.07 -2.00
N GLY C 7 -63.26 -32.75 -2.07
CA GLY C 7 -64.45 -32.11 -1.55
C GLY C 7 -65.68 -32.47 -2.37
N SER C 8 -66.81 -32.58 -1.69
CA SER C 8 -68.08 -32.91 -2.32
C SER C 8 -69.16 -31.97 -1.80
N GLY C 9 -70.12 -31.66 -2.66
CA GLY C 9 -71.23 -30.80 -2.33
C GLY C 9 -70.99 -29.36 -2.76
N ASN C 10 -72.02 -28.54 -2.56
CA ASN C 10 -71.97 -27.14 -2.95
C ASN C 10 -71.10 -26.34 -1.99
N CYS C 11 -70.60 -25.22 -2.50
CA CYS C 11 -69.89 -24.25 -1.66
C CYS C 11 -70.92 -23.33 -1.00
N ILE C 12 -70.44 -22.31 -0.28
CA ILE C 12 -71.31 -21.31 0.32
C ILE C 12 -71.14 -20.01 -0.46
N GLU C 13 -72.26 -19.45 -0.91
CA GLU C 13 -72.23 -18.22 -1.68
C GLU C 13 -71.74 -17.05 -0.81
N SER C 14 -71.09 -16.10 -1.46
CA SER C 14 -70.57 -14.91 -0.80
C SER C 14 -71.02 -13.67 -1.56
N GLN C 15 -71.31 -12.60 -0.83
CA GLN C 15 -71.71 -11.34 -1.43
C GLN C 15 -70.48 -10.46 -1.59
N VAL C 16 -70.11 -10.17 -2.82
CA VAL C 16 -68.92 -9.37 -3.12
C VAL C 16 -69.33 -7.91 -3.25
N ALA C 17 -68.82 -7.06 -2.37
CA ALA C 17 -69.11 -5.63 -2.41
C ALA C 17 -67.93 -4.88 -1.82
N PRO C 18 -66.99 -4.44 -2.66
CA PRO C 18 -65.88 -3.62 -2.16
C PRO C 18 -66.32 -2.30 -1.56
N ASP C 19 -67.51 -1.80 -1.93
CA ASP C 19 -67.96 -0.52 -1.43
C ASP C 19 -68.23 -0.52 0.07
N PHE C 20 -68.35 -1.70 0.69
CA PHE C 20 -68.50 -1.80 2.13
C PHE C 20 -67.17 -2.02 2.84
N PHE C 21 -66.07 -2.15 2.10
CA PHE C 21 -64.75 -2.32 2.69
C PHE C 21 -63.78 -1.22 2.29
N GLU C 22 -63.80 -0.78 1.04
CA GLU C 22 -62.93 0.32 0.58
C GLU C 22 -63.63 1.66 0.80
N THR C 23 -63.79 2.00 2.08
CA THR C 23 -64.38 3.25 2.50
C THR C 23 -63.38 4.05 3.33
N ALA C 24 -63.50 5.37 3.26
CA ALA C 24 -62.63 6.23 4.05
C ALA C 24 -62.88 6.08 5.54
N ARG C 25 -64.02 5.51 5.93
CA ARG C 25 -64.29 5.28 7.35
C ARG C 25 -63.48 4.10 7.88
N ASN C 26 -63.17 3.13 7.02
CA ASN C 26 -62.40 1.95 7.42
C ASN C 26 -60.91 2.10 7.21
N ILE C 27 -60.44 3.25 6.74
CA ILE C 27 -59.03 3.47 6.49
C ILE C 27 -58.32 3.76 7.80
N TRP C 28 -57.40 2.87 8.19
CA TRP C 28 -56.60 3.01 9.41
C TRP C 28 -55.15 2.89 9.00
N PRO C 29 -54.55 3.96 8.47
CA PRO C 29 -53.19 3.85 7.93
C PRO C 29 -52.17 3.47 8.99
N LEU C 30 -51.23 2.61 8.60
CA LEU C 30 -50.14 2.17 9.46
C LEU C 30 -48.86 2.17 8.65
N PRO C 31 -48.24 3.33 8.46
CA PRO C 31 -47.03 3.40 7.65
C PRO C 31 -45.88 2.65 8.29
N ILE C 32 -44.98 2.15 7.44
CA ILE C 32 -43.83 1.39 7.93
C ILE C 32 -42.95 2.30 8.77
N ASP C 33 -42.74 1.93 10.03
CA ASP C 33 -41.93 2.71 10.95
C ASP C 33 -40.51 2.13 10.91
N THR C 34 -39.64 2.81 10.17
CA THR C 34 -38.28 2.32 10.01
C THR C 34 -37.49 2.45 11.31
N SER C 35 -37.82 3.44 12.15
CA SER C 35 -37.13 3.61 13.42
C SER C 35 -37.40 2.47 14.38
N LYS C 36 -38.44 1.67 14.14
CA LYS C 36 -38.74 0.49 14.94
C LYS C 36 -38.33 -0.81 14.24
N ALA C 37 -37.61 -0.71 13.12
CA ALA C 37 -37.23 -1.88 12.32
C ALA C 37 -38.47 -2.69 11.93
N GLU C 38 -39.51 -1.99 11.49
CA GLU C 38 -40.76 -2.65 11.14
C GLU C 38 -40.63 -3.36 9.79
N GLY C 39 -40.94 -4.65 9.78
CA GLY C 39 -40.89 -5.41 8.55
C GLY C 39 -39.49 -5.57 7.98
N VAL C 40 -38.49 -5.71 8.85
CA VAL C 40 -37.11 -5.92 8.42
C VAL C 40 -36.79 -7.39 8.59
N ILE C 41 -36.42 -8.04 7.48
CA ILE C 41 -36.06 -9.45 7.50
C ILE C 41 -34.64 -9.58 8.05
N TYR C 42 -34.48 -10.37 9.10
CA TYR C 42 -33.18 -10.56 9.69
C TYR C 42 -32.27 -11.31 8.72
N PRO C 43 -31.09 -10.77 8.39
CA PRO C 43 -30.21 -11.45 7.44
C PRO C 43 -29.80 -12.82 7.95
N ASN C 44 -29.76 -13.78 7.04
CA ASN C 44 -29.41 -15.16 7.38
C ASN C 44 -27.92 -15.44 7.30
N GLY C 45 -27.13 -14.49 6.78
CA GLY C 45 -25.70 -14.74 6.65
C GLY C 45 -24.99 -14.83 8.00
N LYS C 46 -25.33 -13.94 8.93
CA LYS C 46 -24.65 -13.90 10.22
C LYS C 46 -25.52 -13.13 11.20
N SER C 47 -25.16 -13.25 12.48
CA SER C 47 -25.80 -12.52 13.56
C SER C 47 -24.80 -11.56 14.19
N TYR C 48 -25.26 -10.39 14.61
CA TYR C 48 -24.40 -9.36 15.13
C TYR C 48 -25.06 -8.67 16.31
N SER C 49 -24.25 -7.97 17.10
CA SER C 49 -24.75 -7.26 18.27
C SER C 49 -23.95 -5.99 18.49
N ASN C 50 -24.65 -4.93 18.88
CA ASN C 50 -24.04 -3.63 19.23
C ASN C 50 -23.17 -3.10 18.10
N ILE C 51 -23.69 -3.16 16.88
CA ILE C 51 -22.97 -2.65 15.72
C ILE C 51 -24.00 -2.30 14.64
N SER C 52 -23.73 -1.22 13.93
CA SER C 52 -24.59 -0.74 12.85
C SER C 52 -23.95 -1.06 11.51
N LEU C 53 -24.63 -1.85 10.69
CA LEU C 53 -24.11 -2.28 9.39
C LEU C 53 -25.04 -1.85 8.27
N THR C 54 -24.46 -1.55 7.12
CA THR C 54 -25.22 -1.27 5.92
C THR C 54 -25.47 -2.58 5.18
N TYR C 55 -26.75 -2.87 4.93
CA TYR C 55 -27.16 -4.10 4.27
C TYR C 55 -27.95 -3.78 3.02
N THR C 56 -27.63 -4.46 1.93
CA THR C 56 -28.39 -4.37 0.69
C THR C 56 -29.23 -5.63 0.55
N GLY C 57 -30.54 -5.44 0.40
CA GLY C 57 -31.43 -6.56 0.32
C GLY C 57 -32.84 -6.13 0.01
N LEU C 58 -33.80 -6.97 0.38
CA LEU C 58 -35.21 -6.74 0.12
C LEU C 58 -35.84 -6.16 1.39
N TYR C 59 -36.12 -4.87 1.36
CA TYR C 59 -36.66 -4.15 2.50
C TYR C 59 -37.81 -3.26 2.03
N PRO C 60 -38.76 -2.96 2.90
CA PRO C 60 -39.82 -2.03 2.54
C PRO C 60 -39.34 -0.58 2.57
N LYS C 61 -39.98 0.24 1.74
CA LYS C 61 -39.69 1.66 1.75
C LYS C 61 -40.18 2.30 3.04
N ALA C 62 -39.44 3.31 3.50
CA ALA C 62 -39.80 3.98 4.75
C ALA C 62 -41.10 4.76 4.59
N ASN C 63 -41.92 4.74 5.64
CA ASN C 63 -43.21 5.42 5.67
C ASN C 63 -44.11 4.95 4.53
N ASP C 64 -44.08 3.65 4.25
CA ASP C 64 -44.92 3.07 3.21
C ASP C 64 -46.25 2.64 3.82
N LEU C 65 -47.35 3.15 3.25
CA LEU C 65 -48.67 2.81 3.78
C LEU C 65 -49.09 1.40 3.39
N GLY C 66 -48.58 0.90 2.26
CA GLY C 66 -48.96 -0.44 1.82
C GLY C 66 -50.40 -0.50 1.38
N LYS C 67 -50.93 -1.73 1.37
CA LYS C 67 -52.31 -1.99 1.01
C LYS C 67 -53.01 -2.65 2.20
N GLN C 68 -54.18 -2.15 2.55
CA GLN C 68 -54.94 -2.63 3.70
C GLN C 68 -56.05 -3.56 3.22
N TYR C 69 -56.16 -4.72 3.88
CA TYR C 69 -57.18 -5.71 3.56
C TYR C 69 -58.01 -5.95 4.81
N ILE C 70 -59.33 -5.74 4.70
CA ILE C 70 -60.25 -5.85 5.82
C ILE C 70 -61.17 -7.03 5.58
N PHE C 71 -61.30 -7.90 6.57
CA PHE C 71 -62.17 -9.06 6.51
C PHE C 71 -63.29 -8.94 7.53
N SER C 72 -64.45 -9.45 7.17
CA SER C 72 -65.65 -9.39 8.00
C SER C 72 -66.10 -10.80 8.37
N ASP C 73 -67.25 -10.88 9.04
CA ASP C 73 -67.82 -12.15 9.46
C ASP C 73 -69.28 -12.21 9.05
N GLY C 74 -69.74 -13.43 8.77
CA GLY C 74 -71.12 -13.64 8.34
C GLY C 74 -72.13 -13.39 9.44
N SER C 82 -74.69 -17.42 7.60
CA SER C 82 -75.37 -17.59 6.33
C SER C 82 -74.48 -17.11 5.18
N ARG C 83 -75.04 -16.23 4.34
CA ARG C 83 -74.30 -15.69 3.21
C ARG C 83 -73.12 -14.86 3.71
N LEU C 84 -71.96 -15.06 3.10
CA LEU C 84 -70.73 -14.41 3.53
C LEU C 84 -70.56 -13.07 2.84
N PHE C 85 -69.83 -12.16 3.50
CA PHE C 85 -69.55 -10.83 2.98
C PHE C 85 -68.05 -10.73 2.73
N VAL C 86 -67.68 -10.37 1.50
CA VAL C 86 -66.28 -10.27 1.10
C VAL C 86 -66.13 -9.09 0.14
N SER C 87 -64.88 -8.70 -0.08
CA SER C 87 -64.53 -7.62 -0.99
C SER C 87 -64.12 -8.20 -2.35
N ASN C 88 -63.54 -7.36 -3.20
CA ASN C 88 -63.07 -7.75 -4.52
C ASN C 88 -61.67 -8.34 -4.50
N TYR C 89 -61.22 -8.82 -3.33
CA TYR C 89 -59.83 -9.25 -3.18
C TYR C 89 -59.50 -10.43 -4.09
N SER C 90 -60.43 -11.38 -4.20
CA SER C 90 -60.14 -12.59 -4.99
C SER C 90 -59.94 -12.28 -6.46
N ARG C 91 -60.57 -11.23 -6.97
CA ARG C 91 -60.40 -10.85 -8.37
C ARG C 91 -59.28 -9.85 -8.59
N GLN C 92 -58.66 -9.34 -7.53
CA GLN C 92 -57.56 -8.40 -7.64
C GLN C 92 -56.25 -9.17 -7.69
N VAL C 93 -55.52 -9.03 -8.79
CA VAL C 93 -54.25 -9.72 -9.01
C VAL C 93 -53.13 -8.70 -8.84
N GLU C 94 -52.30 -8.91 -7.82
CA GLU C 94 -51.16 -8.05 -7.57
C GLU C 94 -49.90 -8.67 -8.17
N THR C 95 -48.85 -7.87 -8.23
CA THR C 95 -47.59 -8.27 -8.86
C THR C 95 -46.58 -8.66 -7.78
N PHE C 96 -46.17 -9.92 -7.77
CA PHE C 96 -45.14 -10.41 -6.87
C PHE C 96 -43.79 -10.09 -7.50
N ASP C 97 -43.30 -8.88 -7.24
CA ASP C 97 -42.09 -8.42 -7.90
C ASP C 97 -40.84 -8.96 -7.20
N ASP C 98 -40.66 -8.61 -5.93
CA ASP C 98 -39.55 -9.11 -5.13
C ASP C 98 -40.01 -9.75 -3.83
N GLY C 99 -41.31 -9.87 -3.61
CA GLY C 99 -41.87 -10.34 -2.37
C GLY C 99 -42.67 -9.26 -1.67
N PHE C 100 -43.20 -9.64 -0.51
CA PHE C 100 -43.95 -8.67 0.29
C PHE C 100 -43.94 -9.13 1.75
N ILE C 101 -44.24 -8.18 2.63
CA ILE C 101 -44.34 -8.42 4.06
C ILE C 101 -45.77 -8.11 4.49
N VAL C 102 -46.25 -8.88 5.47
CA VAL C 102 -47.62 -8.74 5.96
C VAL C 102 -47.57 -8.37 7.43
N ARG C 103 -48.25 -7.28 7.78
CA ARG C 103 -48.39 -6.84 9.17
C ARG C 103 -49.70 -7.39 9.72
N ILE C 104 -49.62 -8.25 10.72
CA ILE C 104 -50.76 -9.01 11.21
C ILE C 104 -51.08 -8.55 12.63
N GLY C 105 -52.33 -8.15 12.85
CA GLY C 105 -52.83 -7.91 14.19
C GLY C 105 -52.29 -6.69 14.89
N ALA C 106 -51.90 -5.66 14.14
CA ALA C 106 -51.42 -4.43 14.79
C ALA C 106 -52.54 -3.74 15.55
N ALA C 107 -53.75 -3.71 14.99
CA ALA C 107 -54.89 -3.03 15.59
C ALA C 107 -55.65 -3.91 16.57
N SER C 108 -55.03 -4.96 17.08
CA SER C 108 -55.69 -5.85 18.02
C SER C 108 -55.84 -5.18 19.39
N ASN C 109 -56.55 -5.85 20.28
CA ASN C 109 -56.83 -5.42 21.65
C ASN C 109 -57.68 -4.16 21.72
N LYS C 110 -58.22 -3.69 20.61
CA LYS C 110 -58.99 -2.45 20.56
C LYS C 110 -60.37 -2.72 19.99
N THR C 111 -61.19 -1.67 19.95
CA THR C 111 -62.55 -1.78 19.44
C THR C 111 -62.54 -1.99 17.93
N GLY C 112 -63.56 -2.68 17.44
CA GLY C 112 -63.66 -2.99 16.02
C GLY C 112 -64.95 -2.52 15.38
N THR C 113 -64.83 -1.73 14.31
CA THR C 113 -65.97 -1.23 13.57
C THR C 113 -66.22 -2.02 12.28
N THR C 114 -65.50 -3.12 12.07
CA THR C 114 -65.65 -3.94 10.88
C THR C 114 -66.64 -5.07 11.07
N VAL C 115 -67.28 -5.17 12.24
CA VAL C 115 -68.29 -6.19 12.47
C VAL C 115 -69.45 -5.98 11.49
N ILE C 116 -70.08 -7.08 11.09
CA ILE C 116 -71.20 -7.01 10.15
C ILE C 116 -72.33 -6.14 10.70
N SER C 117 -72.46 -6.07 12.02
CA SER C 117 -73.39 -5.12 12.63
C SER C 117 -72.82 -3.72 12.57
N GLN C 118 -73.69 -2.73 12.40
CA GLN C 118 -73.28 -1.36 12.20
C GLN C 118 -73.08 -0.58 13.50
N SER C 119 -73.29 -1.21 14.65
CA SER C 119 -73.13 -0.51 15.92
C SER C 119 -72.44 -1.34 16.99
N THR C 120 -71.68 -2.37 16.60
CA THR C 120 -71.02 -3.25 17.55
C THR C 120 -69.54 -2.90 17.62
N ASN C 121 -69.07 -2.51 18.80
CA ASN C 121 -67.66 -2.20 19.03
C ASN C 121 -66.97 -3.39 19.68
N ARG C 122 -66.94 -4.50 18.95
CA ARG C 122 -66.32 -5.72 19.45
C ARG C 122 -64.80 -5.56 19.53
N PRO C 123 -64.17 -6.20 20.50
CA PRO C 123 -62.69 -6.20 20.55
C PRO C 123 -62.10 -6.84 19.30
N ILE C 124 -60.98 -6.29 18.85
CA ILE C 124 -60.37 -6.72 17.59
C ILE C 124 -59.48 -7.93 17.85
N LYS C 125 -59.66 -8.97 17.03
CA LYS C 125 -58.84 -10.17 17.09
C LYS C 125 -58.10 -10.34 15.77
N LYS C 126 -56.84 -10.74 15.85
CA LYS C 126 -56.01 -10.83 14.66
C LYS C 126 -56.37 -12.07 13.83
N ILE C 127 -56.10 -11.98 12.52
CA ILE C 127 -56.32 -13.08 11.59
C ILE C 127 -55.07 -13.26 10.74
N TYR C 128 -54.88 -14.50 10.27
CA TYR C 128 -53.75 -14.82 9.41
C TYR C 128 -54.18 -14.76 7.95
N PRO C 129 -53.44 -14.06 7.09
CA PRO C 129 -53.85 -13.94 5.70
C PRO C 129 -53.68 -15.25 4.93
N ALA C 130 -54.44 -15.36 3.84
CA ALA C 130 -54.38 -16.49 2.93
C ALA C 130 -54.03 -15.99 1.54
N PHE C 131 -53.08 -16.63 0.89
CA PHE C 131 -52.55 -16.18 -0.39
C PHE C 131 -52.63 -17.29 -1.42
N MET C 132 -52.74 -16.89 -2.68
CA MET C 132 -52.67 -17.79 -3.83
C MET C 132 -51.64 -17.21 -4.78
N LEU C 133 -50.43 -17.78 -4.76
CA LEU C 133 -49.32 -17.29 -5.55
C LEU C 133 -49.07 -18.24 -6.72
N GLY C 134 -48.96 -17.69 -7.93
CA GLY C 134 -48.78 -18.50 -9.11
C GLY C 134 -47.92 -17.81 -10.14
N HIS C 135 -47.61 -18.54 -11.20
CA HIS C 135 -46.75 -18.05 -12.27
C HIS C 135 -47.55 -17.40 -13.39
N SER C 136 -48.73 -17.92 -13.70
CA SER C 136 -49.59 -17.36 -14.72
C SER C 136 -51.01 -17.21 -14.17
N VAL C 137 -51.71 -16.20 -14.67
CA VAL C 137 -53.06 -15.89 -14.21
C VAL C 137 -53.98 -15.81 -15.43
N GLY C 138 -55.27 -15.99 -15.17
CA GLY C 138 -56.26 -15.98 -16.23
C GLY C 138 -57.65 -15.73 -15.71
N ASN C 139 -58.63 -16.07 -16.53
CA ASN C 139 -60.04 -15.87 -16.23
C ASN C 139 -60.68 -17.14 -15.72
N TYR C 140 -61.82 -16.97 -15.05
CA TYR C 140 -62.67 -18.10 -14.72
C TYR C 140 -63.61 -18.39 -15.88
N THR C 141 -63.82 -19.69 -16.15
CA THR C 141 -64.48 -20.13 -17.36
C THR C 141 -65.91 -19.62 -17.51
N PRO C 142 -66.78 -19.74 -16.50
CA PRO C 142 -68.18 -19.31 -16.71
C PRO C 142 -68.41 -17.83 -16.50
N THR C 143 -67.59 -17.16 -15.69
CA THR C 143 -67.85 -15.78 -15.31
C THR C 143 -66.92 -14.77 -15.96
N ASN C 144 -65.81 -15.22 -16.56
CA ASN C 144 -64.82 -14.37 -17.20
C ASN C 144 -64.14 -13.40 -16.23
N ILE C 145 -64.25 -13.63 -14.93
CA ILE C 145 -63.69 -12.74 -13.93
C ILE C 145 -62.23 -13.08 -13.70
N THR C 146 -61.38 -12.05 -13.67
CA THR C 146 -59.96 -12.26 -13.51
C THR C 146 -59.64 -12.77 -12.11
N GLY C 147 -58.52 -13.48 -12.00
CA GLY C 147 -58.06 -13.96 -10.71
C GLY C 147 -57.94 -15.47 -10.63
N ARG C 148 -57.90 -16.14 -11.77
CA ARG C 148 -57.77 -17.59 -11.83
C ARG C 148 -56.34 -17.96 -12.15
N TYR C 149 -55.77 -18.87 -11.34
CA TYR C 149 -54.38 -19.29 -11.49
C TYR C 149 -54.31 -20.61 -12.22
N LEU C 150 -53.50 -20.64 -13.28
CA LEU C 150 -53.32 -21.82 -14.11
C LEU C 150 -52.06 -22.58 -13.70
N ASN C 151 -52.01 -23.85 -14.10
CA ASN C 151 -50.89 -24.73 -13.78
C ASN C 151 -50.68 -24.83 -12.28
N HIS C 152 -49.48 -25.22 -11.87
CA HIS C 152 -49.17 -25.36 -10.44
C HIS C 152 -49.29 -24.00 -9.75
N THR C 153 -49.95 -23.99 -8.60
CA THR C 153 -50.19 -22.77 -7.84
C THR C 153 -49.82 -22.99 -6.38
N LEU C 154 -49.11 -22.04 -5.80
CA LEU C 154 -48.74 -22.09 -4.40
C LEU C 154 -49.79 -21.41 -3.55
N VAL C 155 -50.32 -22.11 -2.56
CA VAL C 155 -51.41 -21.63 -1.72
C VAL C 155 -50.96 -21.66 -0.27
N ILE C 156 -51.01 -20.51 0.38
CA ILE C 156 -50.78 -20.39 1.81
C ILE C 156 -52.15 -20.28 2.49
N LEU C 157 -52.43 -21.21 3.41
CA LEU C 157 -53.76 -21.29 3.98
C LEU C 157 -53.71 -21.50 5.49
N PRO C 158 -54.13 -20.51 6.28
CA PRO C 158 -54.24 -20.74 7.73
C PRO C 158 -55.32 -21.74 8.04
N ASP C 159 -55.15 -22.45 9.16
CA ASP C 159 -56.05 -23.54 9.52
C ASP C 159 -55.99 -23.73 11.03
N GLY C 160 -56.79 -24.67 11.52
CA GLY C 160 -56.84 -24.95 12.94
C GLY C 160 -57.29 -23.78 13.79
N CYS C 161 -58.21 -22.97 13.28
CA CYS C 161 -58.69 -21.77 13.96
C CYS C 161 -57.55 -20.81 14.28
N GLY C 162 -56.53 -20.78 13.44
CA GLY C 162 -55.40 -19.90 13.62
C GLY C 162 -54.18 -20.50 14.28
N THR C 163 -54.14 -21.82 14.47
CA THR C 163 -53.00 -22.47 15.09
C THR C 163 -52.14 -23.26 14.10
N LEU C 164 -52.48 -23.22 12.82
CA LEU C 164 -51.74 -23.98 11.81
C LEU C 164 -51.92 -23.32 10.46
N VAL C 165 -50.88 -23.36 9.64
CA VAL C 165 -50.87 -22.76 8.31
C VAL C 165 -50.55 -23.84 7.30
N HIS C 166 -51.38 -23.95 6.27
CA HIS C 166 -51.18 -24.93 5.20
C HIS C 166 -50.45 -24.28 4.03
N ALA C 167 -49.37 -24.93 3.58
CA ALA C 167 -48.61 -24.50 2.42
C ALA C 167 -48.52 -25.66 1.44
N PHE C 168 -49.05 -25.46 0.24
CA PHE C 168 -49.00 -26.50 -0.79
C PHE C 168 -48.95 -25.83 -2.16
N TYR C 169 -48.45 -26.58 -3.14
CA TYR C 169 -48.13 -26.08 -4.47
C TYR C 169 -48.62 -27.07 -5.51
N CYS C 170 -49.71 -26.74 -6.19
CA CYS C 170 -50.32 -27.64 -7.17
C CYS C 170 -51.50 -26.97 -7.85
N ILE C 171 -52.00 -27.66 -8.88
CA ILE C 171 -52.97 -27.07 -9.80
C ILE C 171 -54.33 -26.97 -9.13
N LEU C 172 -54.96 -25.80 -9.23
CA LEU C 172 -56.31 -25.59 -8.72
C LEU C 172 -57.29 -25.81 -9.86
N GLN C 173 -57.81 -27.02 -9.95
CA GLN C 173 -58.79 -27.35 -10.98
C GLN C 173 -60.18 -26.92 -10.51
N PRO C 174 -60.81 -25.96 -11.17
CA PRO C 174 -62.13 -25.48 -10.71
C PRO C 174 -63.20 -26.56 -10.89
N ARG C 175 -64.18 -26.53 -10.00
CA ARG C 175 -65.26 -27.49 -9.99
C ARG C 175 -66.44 -26.96 -10.81
N THR C 176 -67.56 -27.68 -10.77
CA THR C 176 -68.75 -27.30 -11.51
C THR C 176 -69.97 -27.04 -10.63
N GLN C 177 -69.99 -27.58 -9.41
CA GLN C 177 -71.13 -27.39 -8.53
C GLN C 177 -71.29 -25.91 -8.19
N ALA C 178 -72.53 -25.49 -7.97
CA ALA C 178 -72.85 -24.08 -7.79
C ALA C 178 -72.17 -23.52 -6.56
N TYR C 179 -71.92 -22.21 -6.60
CA TYR C 179 -71.24 -21.41 -5.57
C TYR C 179 -69.76 -21.75 -5.46
N CYS C 180 -69.26 -22.71 -6.21
CA CYS C 180 -67.85 -23.07 -6.21
C CYS C 180 -67.15 -22.46 -7.42
N ALA C 181 -65.81 -22.48 -7.37
CA ALA C 181 -65.03 -21.94 -8.47
C ALA C 181 -65.22 -22.77 -9.73
N GLY C 182 -65.29 -22.10 -10.87
CA GLY C 182 -65.56 -22.78 -12.12
C GLY C 182 -67.03 -23.02 -12.41
N ALA C 183 -67.93 -22.41 -11.64
CA ALA C 183 -69.36 -22.52 -11.85
C ALA C 183 -69.93 -21.16 -12.24
N SER C 184 -71.14 -21.20 -12.81
CA SER C 184 -71.81 -19.96 -13.22
C SER C 184 -72.20 -19.09 -12.04
N THR C 185 -72.36 -19.66 -10.85
CA THR C 185 -72.73 -18.92 -9.65
C THR C 185 -71.52 -18.65 -8.75
N PHE C 186 -70.35 -18.44 -9.35
CA PHE C 186 -69.12 -18.21 -8.60
C PHE C 186 -68.86 -16.71 -8.52
N THR C 187 -68.59 -16.23 -7.30
CA THR C 187 -68.31 -14.82 -7.05
C THR C 187 -66.88 -14.57 -6.61
N SER C 188 -66.43 -15.26 -5.56
CA SER C 188 -65.07 -15.12 -5.07
C SER C 188 -64.70 -16.38 -4.30
N VAL C 189 -63.39 -16.62 -4.16
CA VAL C 189 -62.90 -17.78 -3.44
C VAL C 189 -62.81 -17.43 -1.95
N THR C 190 -63.93 -17.59 -1.25
CA THR C 190 -63.96 -17.32 0.18
C THR C 190 -63.81 -18.61 0.97
N VAL C 191 -63.05 -18.53 2.06
CA VAL C 191 -62.84 -19.68 2.93
C VAL C 191 -63.34 -19.33 4.33
N TRP C 192 -64.11 -20.24 4.91
CA TRP C 192 -64.83 -20.00 6.15
C TRP C 192 -64.26 -20.88 7.27
N ASP C 193 -64.17 -20.30 8.46
CA ASP C 193 -63.73 -21.04 9.64
C ASP C 193 -64.88 -21.76 10.34
N THR C 194 -66.04 -21.12 10.44
CA THR C 194 -67.24 -21.68 11.06
C THR C 194 -66.96 -22.20 12.47
N PRO C 195 -66.76 -21.31 13.45
CA PRO C 195 -66.47 -21.76 14.81
C PRO C 195 -67.67 -22.22 15.62
N ALA C 196 -68.84 -22.31 15.01
CA ALA C 196 -70.04 -22.75 15.74
C ALA C 196 -70.09 -24.27 15.85
N SER C 197 -70.17 -24.96 14.71
CA SER C 197 -70.18 -26.42 14.70
C SER C 197 -68.76 -26.97 14.56
N ASP C 198 -68.08 -26.61 13.48
CA ASP C 198 -66.66 -26.94 13.34
C ASP C 198 -65.84 -25.95 14.15
N CYS C 199 -64.52 -26.11 14.09
CA CYS C 199 -63.58 -25.27 14.84
C CYS C 199 -63.96 -25.24 16.32
N ALA C 200 -63.91 -26.43 16.93
CA ALA C 200 -64.35 -26.59 18.30
C ALA C 200 -63.43 -25.85 19.26
N ASN C 201 -64.01 -25.32 20.33
CA ASN C 201 -63.23 -24.59 21.32
C ASN C 201 -62.22 -25.49 22.00
N SER C 202 -62.63 -26.69 22.41
CA SER C 202 -61.72 -27.66 22.98
C SER C 202 -61.92 -29.08 22.48
N GLN C 203 -63.05 -29.40 21.82
CA GLN C 203 -63.30 -30.77 21.39
C GLN C 203 -62.30 -31.21 20.32
N SER C 204 -61.99 -30.32 19.37
CA SER C 204 -61.10 -30.70 18.28
C SER C 204 -60.37 -29.46 17.78
N TYR C 205 -59.16 -29.69 17.26
CA TYR C 205 -58.36 -28.66 16.63
C TYR C 205 -57.77 -29.21 15.34
N ASN C 206 -57.40 -28.30 14.43
CA ASN C 206 -56.93 -28.67 13.10
C ASN C 206 -57.95 -29.56 12.38
N GLN C 207 -59.19 -29.10 12.36
CA GLN C 207 -60.29 -29.82 11.73
C GLN C 207 -60.29 -29.69 10.21
N LEU C 208 -59.25 -29.06 9.63
CA LEU C 208 -59.15 -28.85 8.19
C LEU C 208 -60.35 -28.07 7.65
N ALA C 209 -60.91 -27.16 8.46
CA ALA C 209 -62.07 -26.39 8.04
C ALA C 209 -61.74 -25.52 6.83
N ASN C 210 -60.57 -24.88 6.84
CA ASN C 210 -60.18 -24.03 5.72
C ASN C 210 -59.79 -24.88 4.51
N LEU C 211 -59.05 -25.96 4.74
CA LEU C 211 -58.63 -26.82 3.64
C LEU C 211 -59.83 -27.48 2.97
N ASN C 212 -60.82 -27.89 3.76
CA ASN C 212 -62.03 -28.49 3.18
C ASN C 212 -62.78 -27.48 2.33
N ALA C 213 -62.86 -26.23 2.78
CA ALA C 213 -63.52 -25.20 1.97
C ALA C 213 -62.77 -24.96 0.66
N PHE C 214 -61.44 -24.89 0.73
CA PHE C 214 -60.66 -24.70 -0.49
C PHE C 214 -60.83 -25.88 -1.45
N LYS C 215 -60.85 -27.10 -0.91
CA LYS C 215 -61.09 -28.28 -1.72
C LYS C 215 -62.49 -28.27 -2.32
N LEU C 216 -63.45 -27.69 -1.62
CA LEU C 216 -64.77 -27.46 -2.21
C LEU C 216 -64.67 -26.50 -3.38
N TYR C 217 -63.86 -25.45 -3.25
CA TYR C 217 -63.72 -24.49 -4.34
C TYR C 217 -62.93 -25.07 -5.52
N PHE C 218 -61.82 -25.76 -5.24
CA PHE C 218 -60.92 -26.22 -6.28
C PHE C 218 -60.59 -27.69 -6.11
N ASP C 219 -60.26 -28.35 -7.22
CA ASP C 219 -59.76 -29.71 -7.20
C ASP C 219 -58.24 -29.67 -7.17
N LEU C 220 -57.64 -30.26 -6.14
CA LEU C 220 -56.19 -30.23 -5.93
C LEU C 220 -55.62 -31.55 -6.45
N ILE C 221 -54.93 -31.48 -7.59
CA ILE C 221 -54.42 -32.67 -8.28
C ILE C 221 -52.95 -32.48 -8.60
N ASN C 222 -52.22 -33.60 -8.69
CA ASN C 222 -50.80 -33.61 -9.07
C ASN C 222 -50.00 -32.66 -8.19
N CYS C 223 -49.99 -32.95 -6.89
CA CYS C 223 -49.63 -31.94 -5.91
C CYS C 223 -48.26 -32.28 -5.33
N THR C 224 -47.28 -31.40 -5.58
CA THR C 224 -45.88 -31.74 -5.34
C THR C 224 -45.55 -31.83 -3.85
N PHE C 225 -45.97 -30.84 -3.06
CA PHE C 225 -45.68 -30.88 -1.63
C PHE C 225 -46.84 -30.28 -0.86
N ARG C 226 -46.86 -30.58 0.44
CA ARG C 226 -47.89 -30.09 1.35
C ARG C 226 -47.27 -30.06 2.74
N TYR C 227 -46.87 -28.87 3.19
CA TYR C 227 -46.34 -28.67 4.52
C TYR C 227 -47.31 -27.85 5.36
N ASN C 228 -47.14 -27.95 6.68
CA ASN C 228 -47.89 -27.14 7.63
C ASN C 228 -46.99 -26.79 8.80
N TYR C 229 -47.28 -25.65 9.44
CA TYR C 229 -46.47 -25.13 10.53
C TYR C 229 -47.38 -24.70 11.67
N THR C 230 -47.07 -25.15 12.87
CA THR C 230 -47.89 -24.83 14.03
C THR C 230 -47.72 -23.37 14.43
N ILE C 231 -48.82 -22.75 14.82
CA ILE C 231 -48.83 -21.37 15.28
C ILE C 231 -49.39 -21.35 16.71
N THR C 232 -48.64 -20.75 17.63
CA THR C 232 -49.09 -20.64 19.01
C THR C 232 -50.24 -19.64 19.09
N GLU C 233 -51.30 -20.02 19.79
CA GLU C 233 -52.48 -19.17 19.88
C GLU C 233 -52.21 -17.97 20.80
N ASP C 234 -51.78 -16.87 20.21
CA ASP C 234 -51.50 -15.63 20.92
C ASP C 234 -52.30 -14.50 20.29
N GLU C 235 -52.03 -13.27 20.74
CA GLU C 235 -52.69 -12.09 20.20
C GLU C 235 -51.74 -10.97 19.86
N ASN C 236 -50.43 -11.16 20.04
CA ASN C 236 -49.46 -10.11 19.74
C ASN C 236 -49.40 -9.86 18.23
N ALA C 237 -49.00 -8.65 17.87
CA ALA C 237 -48.85 -8.30 16.47
C ALA C 237 -47.77 -9.14 15.82
N GLU C 238 -48.07 -9.68 14.65
CA GLU C 238 -47.17 -10.59 13.94
C GLU C 238 -46.69 -9.96 12.65
N TRP C 239 -45.60 -10.52 12.13
CA TRP C 239 -45.05 -10.13 10.84
C TRP C 239 -44.80 -11.38 10.01
N PHE C 240 -45.30 -11.37 8.77
CA PHE C 240 -45.11 -12.47 7.85
C PHE C 240 -44.62 -11.92 6.52
N GLY C 241 -43.64 -12.61 5.92
CA GLY C 241 -43.09 -12.19 4.65
C GLY C 241 -42.74 -13.39 3.80
N ILE C 242 -42.64 -13.13 2.50
CA ILE C 242 -42.37 -14.18 1.53
C ILE C 242 -41.49 -13.62 0.40
N THR C 243 -40.44 -14.34 0.05
CA THR C 243 -39.59 -14.00 -1.08
C THR C 243 -39.22 -15.29 -1.81
N GLN C 244 -38.74 -15.14 -3.04
CA GLN C 244 -38.35 -16.28 -3.86
C GLN C 244 -36.97 -16.04 -4.47
N ASP C 245 -36.13 -17.07 -4.41
CA ASP C 245 -34.79 -17.02 -5.00
C ASP C 245 -34.52 -18.39 -5.61
N THR C 246 -33.24 -18.66 -5.93
CA THR C 246 -32.88 -19.92 -6.57
C THR C 246 -33.23 -21.11 -5.70
N GLN C 247 -32.98 -21.01 -4.39
CA GLN C 247 -33.27 -22.11 -3.48
C GLN C 247 -34.76 -22.35 -3.28
N GLY C 248 -35.62 -21.46 -3.76
CA GLY C 248 -37.04 -21.65 -3.64
C GLY C 248 -37.79 -20.46 -3.09
N VAL C 249 -38.93 -20.70 -2.46
CA VAL C 249 -39.76 -19.65 -1.88
C VAL C 249 -39.51 -19.65 -0.38
N HIS C 250 -39.10 -18.51 0.16
CA HIS C 250 -38.74 -18.38 1.56
C HIS C 250 -39.85 -17.67 2.31
N LEU C 251 -40.24 -18.23 3.45
CA LEU C 251 -41.26 -17.66 4.32
C LEU C 251 -40.60 -17.16 5.60
N TYR C 252 -40.94 -15.94 6.00
CA TYR C 252 -40.35 -15.30 7.16
C TYR C 252 -41.43 -14.97 8.18
N SER C 253 -41.13 -15.18 9.45
CA SER C 253 -42.07 -14.92 10.52
C SER C 253 -41.34 -14.33 11.73
N SER C 254 -41.96 -13.33 12.36
CA SER C 254 -41.41 -12.77 13.58
C SER C 254 -41.68 -13.63 14.80
N ARG C 255 -42.64 -14.56 14.71
CA ARG C 255 -43.01 -15.39 15.85
C ARG C 255 -41.95 -16.46 16.14
N LYS C 256 -41.21 -16.88 15.11
CA LYS C 256 -40.37 -18.06 15.23
C LYS C 256 -39.28 -17.89 16.29
N GLU C 257 -38.51 -16.81 16.20
CA GLU C 257 -37.41 -16.60 17.13
C GLU C 257 -37.86 -15.88 18.40
N ASN C 258 -38.58 -14.77 18.25
CA ASN C 258 -39.09 -14.02 19.40
C ASN C 258 -40.33 -13.27 18.94
N VAL C 259 -41.51 -13.77 19.32
CA VAL C 259 -42.76 -13.13 18.95
C VAL C 259 -42.86 -11.72 19.50
N PHE C 260 -42.13 -11.43 20.58
CA PHE C 260 -42.12 -10.09 21.18
C PHE C 260 -41.13 -9.16 20.48
N ARG C 261 -40.69 -9.49 19.28
CA ARG C 261 -39.78 -8.67 18.49
C ARG C 261 -40.36 -8.43 17.10
N ASN C 262 -39.80 -7.43 16.42
CA ASN C 262 -40.27 -7.01 15.11
C ASN C 262 -39.45 -7.61 13.97
N ASN C 263 -38.48 -8.48 14.28
CA ASN C 263 -37.59 -9.04 13.27
C ASN C 263 -38.20 -10.32 12.70
N MET C 264 -38.24 -10.40 11.38
CA MET C 264 -38.81 -11.55 10.69
C MET C 264 -37.69 -12.53 10.32
N PHE C 265 -37.76 -13.73 10.86
CA PHE C 265 -36.73 -14.74 10.67
C PHE C 265 -37.20 -15.84 9.72
N HIS C 266 -36.27 -16.35 8.92
CA HIS C 266 -36.59 -17.42 7.98
C HIS C 266 -36.99 -18.69 8.72
N PHE C 267 -38.07 -19.32 8.27
CA PHE C 267 -38.52 -20.58 8.87
C PHE C 267 -38.94 -21.64 7.88
N ALA C 268 -39.05 -21.34 6.59
CA ALA C 268 -39.47 -22.35 5.62
C ALA C 268 -38.89 -22.01 4.26
N THR C 269 -38.56 -23.05 3.50
CA THR C 269 -38.13 -22.92 2.11
C THR C 269 -39.00 -23.85 1.27
N LEU C 270 -39.85 -23.27 0.44
CA LEU C 270 -40.77 -24.05 -0.36
C LEU C 270 -40.15 -24.36 -1.73
N PRO C 271 -40.09 -25.63 -2.13
CA PRO C 271 -39.48 -25.96 -3.43
C PRO C 271 -40.30 -25.49 -4.61
N VAL C 272 -40.52 -24.19 -4.71
CA VAL C 272 -41.16 -23.58 -5.88
C VAL C 272 -40.10 -22.81 -6.64
N TYR C 273 -39.48 -23.45 -7.62
CA TYR C 273 -38.31 -22.89 -8.29
C TYR C 273 -38.67 -22.02 -9.48
N GLN C 274 -39.81 -22.28 -10.14
CA GLN C 274 -40.28 -21.38 -11.17
C GLN C 274 -40.65 -20.04 -10.57
N LYS C 275 -40.44 -18.98 -11.35
CA LYS C 275 -40.63 -17.62 -10.84
C LYS C 275 -42.11 -17.35 -10.55
N ILE C 276 -42.38 -16.83 -9.37
CA ILE C 276 -43.73 -16.42 -8.97
C ILE C 276 -43.92 -14.97 -9.38
N LEU C 277 -44.99 -14.70 -10.14
CA LEU C 277 -45.21 -13.38 -10.70
C LEU C 277 -46.44 -12.66 -10.15
N TYR C 278 -47.42 -13.39 -9.62
CA TYR C 278 -48.64 -12.78 -9.10
C TYR C 278 -49.03 -13.45 -7.80
N TYR C 279 -49.78 -12.70 -6.98
CA TYR C 279 -50.37 -13.23 -5.77
C TYR C 279 -51.72 -12.57 -5.54
N THR C 280 -52.66 -13.32 -4.99
CA THR C 280 -53.98 -12.81 -4.64
C THR C 280 -54.28 -13.12 -3.19
N VAL C 281 -54.90 -12.16 -2.51
CA VAL C 281 -55.33 -12.37 -1.12
C VAL C 281 -56.65 -13.10 -1.14
N ILE C 282 -56.69 -14.28 -0.52
CA ILE C 282 -57.91 -15.07 -0.47
C ILE C 282 -58.82 -14.46 0.59
N PRO C 283 -60.01 -13.99 0.21
CA PRO C 283 -60.91 -13.41 1.22
C PRO C 283 -61.33 -14.43 2.25
N ARG C 284 -61.51 -13.97 3.48
CA ARG C 284 -61.89 -14.84 4.58
C ARG C 284 -63.06 -14.23 5.33
N SER C 285 -64.13 -15.00 5.47
CA SER C 285 -65.28 -14.63 6.29
C SER C 285 -65.54 -15.76 7.27
N ILE C 286 -65.49 -15.44 8.56
CA ILE C 286 -65.65 -16.44 9.62
C ILE C 286 -67.12 -16.49 10.01
N ARG C 287 -67.72 -17.68 9.93
CA ARG C 287 -69.15 -17.85 10.18
C ARG C 287 -69.42 -17.85 11.69
N SER C 288 -69.19 -16.68 12.28
CA SER C 288 -69.51 -16.48 13.69
C SER C 288 -70.98 -16.15 13.85
N PRO C 289 -71.73 -16.87 14.68
CA PRO C 289 -73.16 -16.60 14.82
C PRO C 289 -73.40 -15.29 15.54
N PHE C 290 -74.65 -14.83 15.47
CA PHE C 290 -75.02 -13.58 16.11
C PHE C 290 -74.83 -13.62 17.62
N ASN C 291 -74.80 -14.81 18.22
CA ASN C 291 -74.59 -14.91 19.65
C ASN C 291 -73.17 -14.49 20.03
N ASP C 292 -72.17 -14.88 19.24
CA ASP C 292 -70.77 -14.64 19.56
C ASP C 292 -70.02 -14.07 18.36
N ARG C 293 -70.62 -13.07 17.70
CA ARG C 293 -69.94 -12.39 16.61
C ARG C 293 -68.77 -11.57 17.14
N LYS C 294 -67.65 -11.58 16.40
CA LYS C 294 -66.43 -10.94 16.83
C LYS C 294 -65.90 -10.03 15.73
N ALA C 295 -65.06 -9.07 16.15
CA ALA C 295 -64.40 -8.16 15.22
C ALA C 295 -63.03 -8.71 14.86
N TRP C 296 -62.84 -9.04 13.59
CA TRP C 296 -61.56 -9.56 13.12
C TRP C 296 -60.70 -8.42 12.59
N ALA C 297 -59.38 -8.57 12.79
CA ALA C 297 -58.45 -7.50 12.47
C ALA C 297 -58.27 -7.36 10.96
N ALA C 298 -57.39 -6.44 10.58
CA ALA C 298 -56.99 -6.24 9.19
C ALA C 298 -55.49 -6.34 9.10
N PHE C 299 -55.01 -6.87 7.98
CA PHE C 299 -53.57 -7.00 7.75
C PHE C 299 -53.15 -6.10 6.60
N TYR C 300 -51.91 -5.63 6.68
CA TYR C 300 -51.35 -4.70 5.70
C TYR C 300 -50.22 -5.39 4.95
N ILE C 301 -50.18 -5.18 3.64
CA ILE C 301 -49.18 -5.79 2.77
C ILE C 301 -48.29 -4.68 2.22
N TYR C 302 -46.99 -4.77 2.50
CA TYR C 302 -46.01 -3.82 2.01
C TYR C 302 -45.06 -4.53 1.06
N LYS C 303 -44.87 -3.95 -0.12
CA LYS C 303 -43.98 -4.54 -1.10
C LYS C 303 -42.52 -4.44 -0.64
N LEU C 304 -41.74 -5.45 -1.00
CA LEU C 304 -40.31 -5.48 -0.70
C LEU C 304 -39.54 -4.99 -1.90
N HIS C 305 -38.64 -4.03 -1.68
CA HIS C 305 -37.86 -3.43 -2.75
C HIS C 305 -36.39 -3.74 -2.53
N PRO C 306 -35.60 -3.83 -3.60
CA PRO C 306 -34.15 -3.93 -3.41
C PRO C 306 -33.57 -2.61 -2.97
N LEU C 307 -33.23 -2.51 -1.69
CA LEU C 307 -32.86 -1.25 -1.07
C LEU C 307 -31.66 -1.42 -0.18
N THR C 308 -30.94 -0.32 0.03
CA THR C 308 -29.84 -0.29 0.99
C THR C 308 -30.38 0.15 2.34
N TYR C 309 -30.05 -0.60 3.38
CA TYR C 309 -30.55 -0.35 4.72
C TYR C 309 -29.41 -0.34 5.73
N LEU C 310 -29.53 0.53 6.71
CA LEU C 310 -28.60 0.59 7.84
C LEU C 310 -29.31 0.00 9.06
N LEU C 311 -28.87 -1.17 9.49
CA LEU C 311 -29.53 -1.91 10.56
C LEU C 311 -28.71 -1.80 11.83
N ASN C 312 -29.39 -1.51 12.95
CA ASN C 312 -28.76 -1.46 14.26
C ASN C 312 -29.13 -2.72 15.02
N PHE C 313 -28.13 -3.46 15.47
CA PHE C 313 -28.32 -4.72 16.16
C PHE C 313 -28.24 -4.52 17.66
N ASP C 314 -29.25 -5.02 18.38
CA ASP C 314 -29.31 -4.85 19.82
C ASP C 314 -28.22 -5.65 20.51
N VAL C 315 -28.11 -5.43 21.83
CA VAL C 315 -27.18 -6.23 22.63
C VAL C 315 -27.57 -7.70 22.61
N GLU C 316 -28.86 -7.98 22.43
CA GLU C 316 -29.37 -9.35 22.34
C GLU C 316 -29.31 -9.90 20.92
N GLY C 317 -28.79 -9.12 19.96
CA GLY C 317 -28.62 -9.57 18.60
C GLY C 317 -29.74 -9.18 17.65
N TYR C 318 -30.84 -8.64 18.17
CA TYR C 318 -31.98 -8.29 17.35
C TYR C 318 -31.84 -6.90 16.76
N ILE C 319 -32.52 -6.66 15.63
CA ILE C 319 -32.48 -5.38 14.96
C ILE C 319 -33.53 -4.48 15.61
N THR C 320 -33.07 -3.52 16.42
CA THR C 320 -33.98 -2.63 17.13
C THR C 320 -34.44 -1.45 16.28
N LYS C 321 -33.57 -0.93 15.41
CA LYS C 321 -33.91 0.18 14.54
C LYS C 321 -33.18 0.03 13.23
N ALA C 322 -33.70 0.70 12.20
CA ALA C 322 -33.13 0.65 10.86
C ALA C 322 -33.15 2.04 10.25
N VAL C 323 -32.48 2.18 9.11
CA VAL C 323 -32.48 3.41 8.34
C VAL C 323 -32.67 3.05 6.87
N ASP C 324 -33.65 3.68 6.23
CA ASP C 324 -33.84 3.54 4.79
C ASP C 324 -32.90 4.53 4.10
N CYS C 325 -31.82 4.02 3.51
CA CYS C 325 -30.72 4.87 3.09
C CYS C 325 -31.16 5.91 2.07
N GLY C 326 -31.97 5.52 1.10
CA GLY C 326 -32.37 6.43 0.07
C GLY C 326 -33.60 7.27 0.35
N TYR C 327 -34.18 7.17 1.55
CA TYR C 327 -35.42 7.87 1.84
C TYR C 327 -35.19 9.36 2.03
N ASP C 328 -34.14 9.74 2.76
CA ASP C 328 -33.94 11.13 3.15
C ASP C 328 -32.46 11.47 3.12
N ASP C 329 -32.19 12.79 3.09
CA ASP C 329 -30.82 13.27 3.13
C ASP C 329 -30.17 12.97 4.47
N PHE C 330 -30.94 13.07 5.56
CA PHE C 330 -30.43 12.65 6.86
C PHE C 330 -30.18 11.15 6.88
N ALA C 331 -31.03 10.38 6.20
CA ALA C 331 -30.81 8.95 6.08
C ALA C 331 -29.55 8.66 5.27
N GLN C 332 -29.32 9.43 4.20
CA GLN C 332 -28.08 9.28 3.44
C GLN C 332 -26.87 9.63 4.29
N LEU C 333 -27.00 10.63 5.16
CA LEU C 333 -25.92 10.96 6.08
C LEU C 333 -25.65 9.80 7.03
N GLN C 334 -26.71 9.20 7.57
CA GLN C 334 -26.55 8.09 8.51
C GLN C 334 -25.91 6.89 7.82
N CYS C 335 -26.31 6.61 6.58
CA CYS C 335 -25.78 5.44 5.88
C CYS C 335 -24.36 5.65 5.37
N SER C 336 -24.03 6.86 4.94
CA SER C 336 -22.68 7.12 4.42
C SER C 336 -21.64 6.95 5.51
N TYR C 337 -21.91 7.45 6.70
CA TYR C 337 -21.01 7.30 7.83
C TYR C 337 -21.34 6.09 8.69
N GLU C 338 -22.42 5.38 8.36
CA GLU C 338 -22.84 4.17 9.08
C GLU C 338 -22.96 4.41 10.58
N ASN C 339 -23.57 5.54 10.94
CA ASN C 339 -23.73 5.94 12.32
C ASN C 339 -25.17 6.40 12.54
N PHE C 340 -25.91 5.69 13.39
CA PHE C 340 -27.25 6.12 13.74
C PHE C 340 -27.23 7.44 14.48
N ASP C 341 -26.27 7.62 15.39
CA ASP C 341 -26.15 8.85 16.18
C ASP C 341 -24.99 9.65 15.62
N VAL C 342 -25.29 10.59 14.73
CA VAL C 342 -24.30 11.46 14.13
C VAL C 342 -24.27 12.78 14.89
N GLU C 343 -23.08 13.32 15.11
CA GLU C 343 -22.92 14.57 15.82
C GLU C 343 -23.29 15.75 14.93
N THR C 344 -23.45 16.92 15.54
CA THR C 344 -23.76 18.13 14.80
C THR C 344 -22.61 18.51 13.88
N GLY C 345 -22.93 18.81 12.63
CA GLY C 345 -21.91 19.19 11.68
C GLY C 345 -22.47 19.24 10.27
N VAL C 346 -21.58 19.54 9.34
CA VAL C 346 -21.89 19.57 7.91
C VAL C 346 -21.11 18.44 7.25
N TYR C 347 -21.83 17.53 6.59
CA TYR C 347 -21.24 16.29 6.11
C TYR C 347 -21.41 16.17 4.60
N SER C 348 -20.42 15.57 3.95
CA SER C 348 -20.53 15.17 2.56
C SER C 348 -21.09 13.75 2.53
N VAL C 349 -22.21 13.56 1.85
CA VAL C 349 -22.93 12.29 1.88
C VAL C 349 -22.90 11.65 0.49
N SER C 350 -23.12 10.34 0.49
CA SER C 350 -23.18 9.57 -0.74
C SER C 350 -24.63 9.48 -1.23
N SER C 351 -24.81 8.89 -2.40
CA SER C 351 -26.13 8.71 -3.00
C SER C 351 -26.53 7.25 -2.88
N PHE C 352 -27.68 7.00 -2.26
CA PHE C 352 -28.18 5.63 -2.08
C PHE C 352 -29.47 5.36 -2.83
N GLU C 353 -30.13 6.38 -3.37
CA GLU C 353 -31.35 6.18 -4.14
C GLU C 353 -31.01 5.65 -5.52
N ALA C 354 -31.68 4.58 -5.91
CA ALA C 354 -31.53 3.98 -7.24
C ALA C 354 -32.73 4.39 -8.09
N SER C 355 -32.47 5.11 -9.18
CA SER C 355 -33.54 5.55 -10.05
C SER C 355 -33.50 4.79 -11.37
N PRO C 356 -34.65 4.49 -11.95
CA PRO C 356 -34.66 3.79 -13.24
C PRO C 356 -33.96 4.60 -14.32
N ARG C 357 -33.22 3.90 -15.18
CA ARG C 357 -32.42 4.53 -16.22
C ARG C 357 -32.96 4.14 -17.59
N GLY C 358 -32.94 5.10 -18.52
CA GLY C 358 -33.25 4.83 -19.90
C GLY C 358 -32.05 4.29 -20.65
N GLU C 359 -32.17 4.31 -21.98
CA GLU C 359 -31.11 3.86 -22.85
C GLU C 359 -30.92 4.86 -23.98
N PHE C 360 -29.68 5.24 -24.24
CA PHE C 360 -29.31 6.18 -25.29
C PHE C 360 -28.43 5.42 -26.28
N ILE C 361 -29.01 5.02 -27.41
CA ILE C 361 -28.33 4.21 -28.41
C ILE C 361 -28.15 5.04 -29.67
N GLU C 362 -26.91 5.13 -30.15
CA GLU C 362 -26.60 5.81 -31.40
C GLU C 362 -25.60 4.93 -32.15
N GLN C 363 -26.08 4.25 -33.19
CA GLN C 363 -25.28 3.30 -33.94
C GLN C 363 -25.09 3.81 -35.36
N SER C 364 -23.85 3.74 -35.85
CA SER C 364 -23.56 4.17 -37.21
C SER C 364 -24.05 3.12 -38.22
N VAL C 365 -24.51 3.62 -39.37
CA VAL C 365 -24.99 2.74 -40.43
C VAL C 365 -23.79 2.19 -41.19
N THR C 366 -23.69 0.87 -41.27
CA THR C 366 -22.55 0.21 -41.90
C THR C 366 -23.06 -0.98 -42.70
N LYS C 367 -22.21 -1.44 -43.61
CA LYS C 367 -22.51 -2.65 -44.37
C LYS C 367 -22.33 -3.87 -43.47
N GLU C 368 -22.48 -5.06 -44.06
CA GLU C 368 -22.35 -6.32 -43.34
C GLU C 368 -21.03 -6.98 -43.68
N CYS C 369 -20.28 -7.36 -42.65
CA CYS C 369 -19.04 -8.10 -42.86
C CYS C 369 -19.35 -9.45 -43.50
N ASP C 370 -18.59 -9.79 -44.53
CA ASP C 370 -18.82 -11.01 -45.31
C ASP C 370 -17.84 -12.09 -44.85
N PHE C 371 -18.37 -13.12 -44.20
CA PHE C 371 -17.61 -14.31 -43.86
C PHE C 371 -17.66 -15.36 -44.98
N SER C 372 -17.99 -14.94 -46.19
CA SER C 372 -18.15 -15.89 -47.30
C SER C 372 -16.87 -16.67 -47.61
N PRO C 373 -15.68 -16.05 -47.72
CA PRO C 373 -14.48 -16.86 -47.94
C PRO C 373 -14.23 -17.89 -46.85
N MET C 374 -14.66 -17.60 -45.62
CA MET C 374 -14.54 -18.57 -44.54
C MET C 374 -15.46 -19.78 -44.73
N LEU C 375 -16.52 -19.63 -45.53
CA LEU C 375 -17.54 -20.67 -45.67
C LEU C 375 -17.59 -21.27 -47.07
N THR C 376 -16.61 -20.98 -47.93
CA THR C 376 -16.58 -21.52 -49.28
C THR C 376 -15.18 -22.01 -49.60
N GLY C 377 -15.12 -23.00 -50.48
CA GLY C 377 -13.85 -23.57 -50.87
C GLY C 377 -13.29 -24.49 -49.80
N THR C 378 -12.06 -24.92 -50.04
CA THR C 378 -11.38 -25.77 -49.06
C THR C 378 -10.62 -24.91 -48.06
N PRO C 379 -10.76 -25.17 -46.77
CA PRO C 379 -10.02 -24.38 -45.77
C PRO C 379 -8.53 -24.54 -45.95
N PRO C 380 -7.75 -23.48 -45.72
CA PRO C 380 -6.31 -23.55 -45.94
C PRO C 380 -5.64 -24.38 -44.86
N PRO C 381 -4.43 -24.89 -45.12
CA PRO C 381 -3.68 -25.56 -44.07
C PRO C 381 -3.24 -24.58 -43.00
N ILE C 382 -2.83 -25.15 -41.86
CA ILE C 382 -2.52 -24.32 -40.70
C ILE C 382 -1.34 -23.40 -40.97
N TYR C 383 -0.30 -23.92 -41.64
CA TYR C 383 0.87 -23.09 -41.93
C TYR C 383 0.58 -22.02 -42.97
N ASP C 384 -0.49 -22.19 -43.76
CA ASP C 384 -0.85 -21.24 -44.80
C ASP C 384 -2.24 -20.69 -44.53
N PHE C 385 -2.50 -20.31 -43.28
CA PHE C 385 -3.83 -19.87 -42.87
C PHE C 385 -4.23 -18.60 -43.60
N LYS C 386 -5.53 -18.35 -43.65
CA LYS C 386 -6.09 -17.17 -44.29
C LYS C 386 -6.57 -16.21 -43.22
N ARG C 387 -6.24 -14.93 -43.39
CA ARG C 387 -6.58 -13.89 -42.43
C ARG C 387 -7.64 -12.97 -43.02
N LEU C 388 -8.70 -12.73 -42.25
CA LEU C 388 -9.75 -11.79 -42.62
C LEU C 388 -9.80 -10.68 -41.58
N VAL C 389 -9.70 -9.44 -42.05
CA VAL C 389 -9.74 -8.26 -41.19
C VAL C 389 -10.98 -7.45 -41.55
N PHE C 390 -11.81 -7.18 -40.55
CA PHE C 390 -13.08 -6.49 -40.76
C PHE C 390 -13.04 -5.13 -40.05
N THR C 391 -13.34 -4.08 -40.81
CA THR C 391 -13.41 -2.73 -40.27
C THR C 391 -14.59 -2.01 -40.92
N ASN C 392 -15.35 -1.29 -40.09
CA ASN C 392 -16.50 -0.52 -40.54
C ASN C 392 -17.53 -1.40 -41.26
N CYS C 393 -18.05 -2.38 -40.51
CA CYS C 393 -19.06 -3.28 -41.03
C CYS C 393 -19.84 -3.87 -39.86
N ASN C 394 -20.91 -4.58 -40.19
CA ASN C 394 -21.77 -5.23 -39.19
C ASN C 394 -21.64 -6.74 -39.33
N TYR C 395 -21.31 -7.41 -38.23
CA TYR C 395 -21.09 -8.85 -38.24
C TYR C 395 -22.23 -9.57 -37.54
N ASN C 396 -22.56 -10.76 -38.02
CA ASN C 396 -23.57 -11.62 -37.43
C ASN C 396 -22.84 -12.89 -36.98
N LEU C 397 -22.28 -12.85 -35.77
CA LEU C 397 -21.52 -13.99 -35.26
C LEU C 397 -22.41 -15.20 -35.02
N THR C 398 -23.70 -14.97 -34.75
CA THR C 398 -24.64 -16.08 -34.61
C THR C 398 -24.75 -16.86 -35.92
N LYS C 399 -24.82 -16.16 -37.05
CA LYS C 399 -24.92 -16.83 -38.34
C LYS C 399 -23.68 -17.67 -38.61
N LEU C 400 -22.49 -17.16 -38.29
CA LEU C 400 -21.27 -17.90 -38.53
C LEU C 400 -21.16 -19.11 -37.60
N LEU C 401 -21.53 -18.94 -36.33
CA LEU C 401 -21.38 -20.02 -35.36
C LEU C 401 -22.50 -21.05 -35.43
N SER C 402 -23.60 -20.74 -36.11
CA SER C 402 -24.67 -21.73 -36.26
C SER C 402 -24.38 -22.76 -37.33
N LEU C 403 -23.40 -22.50 -38.20
CA LEU C 403 -23.03 -23.44 -39.25
C LEU C 403 -21.94 -24.42 -38.81
N PHE C 404 -21.45 -24.30 -37.58
CA PHE C 404 -20.36 -25.13 -37.09
C PHE C 404 -20.75 -25.75 -35.76
N GLN C 405 -20.15 -26.90 -35.47
CA GLN C 405 -20.32 -27.59 -34.18
C GLN C 405 -19.07 -27.30 -33.36
N VAL C 406 -19.16 -26.30 -32.48
CA VAL C 406 -18.00 -25.83 -31.73
C VAL C 406 -17.61 -26.87 -30.68
N SER C 407 -16.33 -27.22 -30.66
CA SER C 407 -15.78 -28.13 -29.66
C SER C 407 -14.97 -27.42 -28.58
N GLU C 408 -14.40 -26.26 -28.88
CA GLU C 408 -13.63 -25.49 -27.92
C GLU C 408 -13.76 -24.02 -28.26
N PHE C 409 -13.96 -23.20 -27.23
CA PHE C 409 -14.14 -21.76 -27.39
C PHE C 409 -13.31 -21.01 -26.36
N SER C 410 -12.04 -21.39 -26.24
CA SER C 410 -11.15 -20.71 -25.30
C SER C 410 -10.92 -19.27 -25.73
N CYS C 411 -11.08 -18.34 -24.79
CA CYS C 411 -10.95 -16.92 -25.06
C CYS C 411 -10.01 -16.29 -24.05
N HIS C 412 -9.53 -15.08 -24.39
CA HIS C 412 -8.58 -14.36 -23.56
C HIS C 412 -8.99 -12.90 -23.49
N GLN C 413 -9.17 -12.39 -22.27
CA GLN C 413 -9.53 -10.99 -22.01
C GLN C 413 -10.86 -10.59 -22.61
N VAL C 414 -11.68 -11.57 -22.99
CA VAL C 414 -12.99 -11.32 -23.57
C VAL C 414 -13.80 -12.60 -23.45
N SER C 415 -15.11 -12.46 -23.50
CA SER C 415 -15.94 -13.66 -23.37
C SER C 415 -16.51 -14.06 -24.72
N PRO C 416 -16.76 -15.36 -24.92
CA PRO C 416 -17.44 -15.79 -26.15
C PRO C 416 -18.80 -15.17 -26.34
N SER C 417 -19.54 -14.92 -25.25
CA SER C 417 -20.84 -14.27 -25.37
C SER C 417 -20.67 -12.78 -25.68
N SER C 418 -19.65 -12.15 -25.11
CA SER C 418 -19.38 -10.75 -25.40
C SER C 418 -18.81 -10.56 -26.80
N LEU C 419 -18.35 -11.62 -27.45
CA LEU C 419 -17.87 -11.52 -28.82
C LEU C 419 -19.01 -11.30 -29.81
N ALA C 420 -20.25 -11.57 -29.40
CA ALA C 420 -21.39 -11.40 -30.27
C ALA C 420 -22.18 -10.12 -30.00
N THR C 421 -21.97 -9.47 -28.86
CA THR C 421 -22.70 -8.27 -28.51
C THR C 421 -21.78 -7.06 -28.29
N GLY C 422 -20.52 -7.16 -28.69
CA GLY C 422 -19.59 -6.06 -28.49
C GLY C 422 -19.21 -5.37 -29.79
N CYS C 423 -18.73 -4.15 -29.69
CA CYS C 423 -18.32 -3.35 -30.84
C CYS C 423 -16.81 -3.14 -30.80
N TYR C 424 -16.18 -3.19 -31.98
CA TYR C 424 -14.72 -3.18 -32.05
C TYR C 424 -14.26 -2.22 -33.13
N SER C 425 -13.02 -1.75 -32.96
CA SER C 425 -12.37 -0.98 -34.01
C SER C 425 -11.92 -1.86 -35.16
N SER C 426 -11.65 -3.13 -34.89
CA SER C 426 -11.26 -4.09 -35.91
C SER C 426 -11.60 -5.49 -35.42
N LEU C 427 -11.74 -6.42 -36.37
CA LEU C 427 -12.06 -7.81 -36.06
C LEU C 427 -11.26 -8.69 -37.00
N THR C 428 -10.24 -9.36 -36.46
CA THR C 428 -9.35 -10.21 -37.24
C THR C 428 -9.68 -11.67 -36.99
N VAL C 429 -9.81 -12.45 -38.05
CA VAL C 429 -10.11 -13.87 -37.98
C VAL C 429 -9.08 -14.63 -38.78
N ASP C 430 -8.34 -15.52 -38.12
CA ASP C 430 -7.45 -16.46 -38.79
C ASP C 430 -8.09 -17.83 -38.75
N TYR C 431 -8.31 -18.42 -39.93
CA TYR C 431 -8.97 -19.71 -40.02
C TYR C 431 -8.15 -20.66 -40.88
N PHE C 432 -8.20 -21.94 -40.52
CA PHE C 432 -7.46 -22.96 -41.25
C PHE C 432 -8.07 -24.31 -40.91
N ALA C 433 -7.67 -25.33 -41.67
CA ALA C 433 -8.10 -26.69 -41.37
C ALA C 433 -7.24 -27.26 -40.25
N TYR C 434 -7.89 -27.82 -39.24
CA TYR C 434 -7.20 -28.31 -38.06
C TYR C 434 -8.02 -29.40 -37.39
N SER C 435 -7.37 -30.51 -37.05
CA SER C 435 -8.05 -31.61 -36.40
C SER C 435 -8.17 -31.33 -34.90
N THR C 436 -9.39 -31.48 -34.37
CA THR C 436 -9.63 -31.22 -32.96
C THR C 436 -8.90 -32.20 -32.06
N ASP C 437 -8.49 -33.36 -32.58
CA ASP C 437 -7.66 -34.27 -31.80
C ASP C 437 -6.30 -33.66 -31.49
N MET C 438 -5.87 -32.68 -32.27
CA MET C 438 -4.63 -31.95 -32.01
C MET C 438 -4.87 -30.66 -31.23
N SER C 439 -5.90 -30.64 -30.39
CA SER C 439 -6.29 -29.41 -29.69
C SER C 439 -5.19 -28.93 -28.76
N SER C 440 -4.53 -29.85 -28.06
CA SER C 440 -3.51 -29.47 -27.09
C SER C 440 -2.32 -28.76 -27.74
N TYR C 441 -2.10 -28.98 -29.04
CA TYR C 441 -0.97 -28.36 -29.72
C TYR C 441 -1.25 -26.91 -30.11
N LEU C 442 -2.50 -26.47 -30.07
CA LEU C 442 -2.86 -25.09 -30.37
C LEU C 442 -3.02 -24.24 -29.11
N GLN C 443 -2.79 -24.81 -27.94
CA GLN C 443 -2.99 -24.11 -26.69
C GLN C 443 -1.85 -23.14 -26.41
N PRO C 444 -2.08 -22.13 -25.58
CA PRO C 444 -1.02 -21.16 -25.27
C PRO C 444 0.13 -21.83 -24.54
N GLY C 445 1.35 -21.58 -25.02
CA GLY C 445 2.53 -22.16 -24.42
C GLY C 445 2.77 -23.61 -24.75
N SER C 446 1.96 -24.19 -25.63
CA SER C 446 2.08 -25.62 -25.93
C SER C 446 3.38 -25.92 -26.64
N ALA C 447 3.89 -27.12 -26.42
CA ALA C 447 5.08 -27.61 -27.10
C ALA C 447 4.68 -28.39 -28.35
N GLY C 448 5.64 -28.53 -29.26
CA GLY C 448 5.43 -29.25 -30.49
C GLY C 448 5.67 -28.37 -31.71
N GLU C 449 5.45 -28.97 -32.87
CA GLU C 449 5.73 -28.30 -34.14
C GLU C 449 4.61 -27.35 -34.58
N ILE C 450 3.43 -27.42 -33.95
CA ILE C 450 2.32 -26.58 -34.38
C ILE C 450 2.61 -25.11 -34.06
N VAL C 451 3.01 -24.84 -32.82
CA VAL C 451 3.32 -23.46 -32.44
C VAL C 451 4.65 -23.03 -33.03
N GLN C 452 5.62 -23.95 -33.06
CA GLN C 452 6.96 -23.60 -33.51
C GLN C 452 6.99 -23.22 -34.98
N PHE C 453 6.27 -23.95 -35.83
CA PHE C 453 6.43 -23.81 -37.27
C PHE C 453 5.15 -23.54 -38.05
N ASN C 454 3.97 -23.65 -37.44
CA ASN C 454 2.73 -23.55 -38.19
C ASN C 454 1.92 -22.31 -37.80
N TYR C 455 1.60 -22.14 -36.53
CA TYR C 455 0.79 -20.99 -36.11
C TYR C 455 1.01 -20.75 -34.63
N LYS C 456 1.45 -19.54 -34.27
CA LYS C 456 1.56 -19.11 -32.89
C LYS C 456 0.52 -18.02 -32.64
N GLN C 457 -0.35 -18.25 -31.66
CA GLN C 457 -1.40 -17.27 -31.37
C GLN C 457 -0.81 -16.02 -30.74
N ASP C 458 -1.41 -14.87 -31.06
CA ASP C 458 -0.97 -13.59 -30.53
C ASP C 458 -1.91 -13.15 -29.42
N PHE C 459 -1.33 -12.81 -28.26
CA PHE C 459 -2.10 -12.46 -27.07
C PHE C 459 -1.94 -11.00 -26.69
N SER C 460 -1.56 -10.14 -27.63
CA SER C 460 -1.50 -8.71 -27.37
C SER C 460 -2.86 -8.04 -27.44
N ASN C 461 -3.86 -8.72 -27.97
CA ASN C 461 -5.23 -8.23 -28.09
C ASN C 461 -6.18 -9.28 -27.56
N PRO C 462 -7.39 -8.89 -27.14
CA PRO C 462 -8.39 -9.90 -26.75
C PRO C 462 -8.68 -10.87 -27.89
N THR C 463 -8.31 -12.14 -27.70
CA THR C 463 -8.37 -13.12 -28.77
C THR C 463 -9.13 -14.35 -28.31
N CYS C 464 -9.86 -14.96 -29.24
CA CYS C 464 -10.62 -16.18 -29.00
C CYS C 464 -10.16 -17.26 -29.97
N ARG C 465 -10.01 -18.48 -29.46
CA ARG C 465 -9.65 -19.64 -30.26
C ARG C 465 -10.85 -20.57 -30.30
N VAL C 466 -11.36 -20.84 -31.50
CA VAL C 466 -12.54 -21.68 -31.69
C VAL C 466 -12.12 -22.91 -32.49
N LEU C 467 -12.39 -24.09 -31.94
CA LEU C 467 -12.22 -25.35 -32.64
C LEU C 467 -13.60 -25.89 -32.98
N ALA C 468 -13.90 -25.98 -34.26
CA ALA C 468 -15.25 -26.29 -34.72
C ALA C 468 -15.21 -27.41 -35.74
N THR C 469 -16.30 -28.17 -35.78
CA THR C 469 -16.48 -29.27 -36.73
C THR C 469 -17.48 -28.85 -37.79
N VAL C 470 -17.15 -29.13 -39.05
CA VAL C 470 -18.02 -28.78 -40.18
C VAL C 470 -18.99 -29.93 -40.38
N PRO C 471 -20.30 -29.73 -40.19
CA PRO C 471 -21.26 -30.82 -40.38
C PRO C 471 -21.35 -31.22 -41.85
N THR C 472 -21.74 -32.48 -42.07
CA THR C 472 -21.86 -32.99 -43.42
C THR C 472 -22.95 -32.28 -44.22
N ASN C 473 -23.93 -31.67 -43.54
CA ASN C 473 -24.98 -30.95 -44.25
C ASN C 473 -24.42 -29.73 -44.99
N LEU C 474 -23.48 -29.02 -44.35
CA LEU C 474 -22.84 -27.87 -44.97
C LEU C 474 -21.92 -28.35 -46.08
N THR C 475 -22.36 -28.21 -47.33
CA THR C 475 -21.63 -28.70 -48.48
C THR C 475 -20.85 -27.60 -49.21
N THR C 476 -20.91 -26.36 -48.72
CA THR C 476 -20.15 -25.29 -49.36
C THR C 476 -18.67 -25.40 -49.07
N ILE C 477 -18.31 -26.01 -47.95
CA ILE C 477 -16.91 -26.22 -47.57
C ILE C 477 -16.52 -27.62 -47.98
N THR C 478 -15.45 -27.74 -48.77
CA THR C 478 -15.00 -29.01 -49.31
C THR C 478 -13.88 -29.57 -48.44
N LYS C 479 -14.00 -30.83 -48.08
CA LYS C 479 -12.96 -31.49 -47.29
C LYS C 479 -11.69 -31.62 -48.13
N PRO C 480 -10.54 -31.21 -47.59
CA PRO C 480 -9.28 -31.42 -48.33
C PRO C 480 -8.87 -32.88 -48.29
N SER C 481 -7.82 -33.18 -49.04
CA SER C 481 -7.32 -34.55 -49.08
C SER C 481 -6.83 -35.01 -47.71
N ASN C 482 -6.07 -34.16 -47.03
CA ASN C 482 -5.48 -34.51 -45.74
C ASN C 482 -5.35 -33.26 -44.88
N TYR C 483 -4.81 -33.44 -43.68
CA TYR C 483 -4.34 -32.34 -42.84
C TYR C 483 -2.82 -32.27 -42.92
N VAL C 484 -2.30 -31.11 -43.24
CA VAL C 484 -0.86 -30.91 -43.43
C VAL C 484 -0.39 -29.82 -42.49
N HIS C 485 0.65 -30.12 -41.70
CA HIS C 485 1.31 -29.12 -40.88
C HIS C 485 2.81 -29.34 -40.97
N LEU C 486 3.57 -28.25 -40.87
CA LEU C 486 5.01 -28.34 -40.97
C LEU C 486 5.62 -28.88 -39.68
N THR C 487 6.59 -29.78 -39.83
CA THR C 487 7.32 -30.31 -38.69
C THR C 487 8.68 -29.66 -38.50
N GLU C 488 9.26 -29.09 -39.56
CA GLU C 488 10.53 -28.39 -39.46
C GLU C 488 10.50 -27.15 -40.36
N CYS C 489 11.28 -26.15 -39.95
CA CYS C 489 11.57 -25.00 -40.81
C CYS C 489 12.90 -24.42 -40.32
N TYR C 490 13.98 -24.77 -41.00
CA TYR C 490 15.32 -24.42 -40.55
C TYR C 490 16.20 -24.08 -41.75
N ILE C 491 17.29 -23.39 -41.47
CA ILE C 491 18.33 -23.09 -42.45
C ILE C 491 19.51 -24.01 -42.16
N SER C 492 19.86 -24.85 -43.12
CA SER C 492 20.93 -25.82 -42.94
C SER C 492 22.27 -25.13 -43.10
N THR C 493 22.99 -24.97 -41.99
CA THR C 493 24.29 -24.33 -41.97
C THR C 493 25.39 -25.38 -41.90
N ALA C 494 26.63 -24.91 -41.72
CA ALA C 494 27.75 -25.83 -41.55
C ALA C 494 27.57 -26.68 -40.30
N TYR C 495 27.16 -26.06 -39.19
CA TYR C 495 26.80 -26.82 -38.00
C TYR C 495 25.41 -27.43 -38.14
N GLY C 496 24.51 -26.77 -38.85
CA GLY C 496 23.21 -27.33 -39.18
C GLY C 496 22.14 -27.03 -38.15
N LYS C 497 20.89 -27.19 -38.57
CA LYS C 497 19.71 -27.08 -37.71
C LYS C 497 19.62 -25.71 -37.05
N ASN C 498 19.50 -24.68 -37.89
CA ASN C 498 19.18 -23.33 -37.42
C ASN C 498 17.68 -23.15 -37.57
N TYR C 499 16.95 -23.61 -36.55
CA TYR C 499 15.50 -23.65 -36.62
C TYR C 499 14.90 -22.25 -36.66
N LEU C 500 13.92 -22.06 -37.54
CA LEU C 500 13.19 -20.81 -37.65
C LEU C 500 11.80 -21.00 -37.04
N PHE C 501 11.44 -20.10 -36.13
CA PHE C 501 10.22 -20.23 -35.35
C PHE C 501 9.23 -19.13 -35.72
N ASN C 502 7.94 -19.44 -35.59
CA ASN C 502 6.89 -18.51 -35.94
C ASN C 502 6.84 -17.36 -34.95
N ALA C 503 6.63 -16.15 -35.47
CA ALA C 503 6.29 -15.02 -34.63
C ALA C 503 4.81 -15.09 -34.27
N PRO C 504 4.42 -14.52 -33.13
CA PRO C 504 3.00 -14.58 -32.73
C PRO C 504 2.10 -13.91 -33.75
N GLY C 505 1.23 -14.72 -34.35
CA GLY C 505 0.29 -14.24 -35.35
C GLY C 505 0.84 -14.14 -36.77
N GLY C 506 2.11 -14.47 -36.98
CA GLY C 506 2.72 -14.38 -38.28
C GLY C 506 2.87 -15.72 -38.98
N TYR C 507 3.27 -15.66 -40.24
CA TYR C 507 3.48 -16.84 -41.05
C TYR C 507 4.88 -17.40 -40.86
N THR C 508 5.05 -18.66 -41.25
CA THR C 508 6.34 -19.31 -41.15
C THR C 508 7.28 -18.79 -42.25
N PRO C 509 8.57 -18.72 -41.97
CA PRO C 509 9.53 -18.33 -43.03
C PRO C 509 9.56 -19.32 -44.19
N CYS C 510 9.13 -20.56 -43.97
CA CYS C 510 9.11 -21.58 -45.00
C CYS C 510 7.80 -21.62 -45.77
N LEU C 511 7.03 -20.53 -45.76
CA LEU C 511 5.75 -20.52 -46.45
C LEU C 511 5.92 -20.62 -47.95
N SER C 512 6.85 -19.86 -48.52
CA SER C 512 7.10 -19.94 -49.96
C SER C 512 7.64 -21.31 -50.35
N LEU C 513 8.51 -21.89 -49.52
CA LEU C 513 9.00 -23.23 -49.78
C LEU C 513 7.86 -24.24 -49.74
N ALA C 514 6.95 -24.09 -48.80
CA ALA C 514 5.82 -25.01 -48.63
C ALA C 514 4.65 -24.68 -49.56
N SER C 515 4.85 -23.81 -50.54
CA SER C 515 3.78 -23.53 -51.51
C SER C 515 3.39 -24.79 -52.27
N SER C 516 4.38 -25.58 -52.66
CA SER C 516 4.11 -26.90 -53.23
C SER C 516 3.67 -27.83 -52.11
N GLY C 517 2.47 -28.39 -52.22
CA GLY C 517 1.91 -29.18 -51.15
C GLY C 517 2.70 -30.46 -50.91
N PHE C 518 2.46 -31.04 -49.73
CA PHE C 518 3.11 -32.27 -49.32
C PHE C 518 2.17 -33.43 -49.64
N SER C 519 2.53 -34.21 -50.67
CA SER C 519 1.69 -35.33 -51.07
C SER C 519 1.84 -36.52 -50.13
N ARG C 520 3.04 -36.75 -49.60
CA ARG C 520 3.32 -37.88 -48.72
C ARG C 520 3.68 -37.38 -47.32
N ASP C 521 3.51 -38.27 -46.35
CA ASP C 521 3.92 -37.97 -44.99
C ASP C 521 5.43 -37.85 -44.92
N ARG C 522 5.91 -36.89 -44.11
CA ARG C 522 7.34 -36.65 -43.91
C ARG C 522 8.05 -36.34 -45.22
N GLN C 523 7.38 -35.61 -46.10
CA GLN C 523 8.02 -35.14 -47.33
C GLN C 523 8.77 -33.84 -47.03
N SER C 524 10.00 -33.75 -47.55
CA SER C 524 10.88 -32.63 -47.25
C SER C 524 11.12 -31.80 -48.51
N HIS C 525 11.16 -30.48 -48.32
CA HIS C 525 11.47 -29.53 -49.38
C HIS C 525 12.69 -28.72 -48.97
N SER C 526 13.64 -28.56 -49.90
CA SER C 526 14.86 -27.81 -49.64
C SER C 526 15.05 -26.76 -50.72
N GLN C 527 15.51 -25.58 -50.31
CA GLN C 527 15.76 -24.48 -51.23
C GLN C 527 17.14 -23.91 -50.96
N GLU C 528 17.88 -23.65 -52.04
CA GLU C 528 19.22 -23.08 -51.93
C GLU C 528 19.11 -21.56 -51.81
N LEU C 529 19.80 -21.01 -50.83
CA LEU C 529 19.85 -19.59 -50.53
C LEU C 529 21.14 -18.98 -51.08
N PRO C 530 21.14 -17.68 -51.40
CA PRO C 530 22.36 -17.06 -51.95
C PRO C 530 23.54 -17.09 -51.00
N ASP C 531 23.31 -17.22 -49.69
CA ASP C 531 24.42 -17.35 -48.76
C ASP C 531 25.12 -18.70 -48.84
N GLY C 532 24.56 -19.66 -49.59
CA GLY C 532 25.11 -20.99 -49.69
C GLY C 532 24.46 -22.01 -48.79
N SER C 533 23.65 -21.57 -47.82
CA SER C 533 22.94 -22.48 -46.93
C SER C 533 21.62 -22.92 -47.56
N PHE C 534 21.08 -24.02 -47.04
CA PHE C 534 19.83 -24.59 -47.54
C PHE C 534 18.72 -24.34 -46.54
N LEU C 535 17.57 -23.88 -47.05
CA LEU C 535 16.37 -23.75 -46.25
C LEU C 535 15.51 -25.00 -46.47
N THR C 536 15.21 -25.70 -45.39
CA THR C 536 14.53 -26.99 -45.46
C THR C 536 13.25 -26.97 -44.62
N THR C 537 12.20 -27.60 -45.15
CA THR C 537 10.95 -27.75 -44.43
C THR C 537 10.45 -29.18 -44.60
N THR C 538 9.67 -29.64 -43.64
CA THR C 538 9.09 -30.98 -43.66
C THR C 538 7.66 -30.90 -43.18
N GLY C 539 6.77 -31.64 -43.85
CA GLY C 539 5.36 -31.61 -43.55
C GLY C 539 4.84 -32.97 -43.10
N SER C 540 3.89 -32.95 -42.17
CA SER C 540 3.22 -34.15 -41.70
C SER C 540 1.84 -34.23 -42.32
N VAL C 541 1.55 -35.34 -42.99
CA VAL C 541 0.31 -35.52 -43.74
C VAL C 541 -0.50 -36.62 -43.06
N TYR C 542 -1.71 -36.27 -42.62
CA TYR C 542 -2.61 -37.23 -42.02
C TYR C 542 -4.02 -36.98 -42.52
N SER C 543 -4.79 -38.07 -42.62
CA SER C 543 -6.08 -38.03 -43.31
C SER C 543 -7.13 -37.30 -42.48
N VAL C 544 -8.07 -36.68 -43.20
CA VAL C 544 -9.21 -36.03 -42.57
C VAL C 544 -10.23 -37.08 -42.19
N GLY C 545 -10.80 -36.95 -40.99
CA GLY C 545 -11.77 -37.91 -40.50
C GLY C 545 -13.11 -37.85 -41.20
N SER C 546 -14.16 -38.31 -40.51
CA SER C 546 -15.48 -38.33 -41.11
C SER C 546 -15.98 -36.92 -41.42
N ASN C 547 -15.73 -35.98 -40.51
CA ASN C 547 -16.13 -34.59 -40.67
C ASN C 547 -14.91 -33.69 -40.67
N LEU C 548 -14.88 -32.73 -41.59
CA LEU C 548 -13.80 -31.76 -41.62
C LEU C 548 -13.89 -30.84 -40.40
N GLN C 549 -12.75 -30.54 -39.81
CA GLN C 549 -12.67 -29.69 -38.63
C GLN C 549 -11.79 -28.49 -38.91
N MET C 550 -12.21 -27.32 -38.45
CA MET C 550 -11.51 -26.07 -38.66
C MET C 550 -11.12 -25.45 -37.32
N ALA C 551 -10.26 -24.44 -37.40
CA ALA C 551 -9.84 -23.67 -36.24
C ALA C 551 -9.94 -22.19 -36.57
N PHE C 552 -10.65 -21.44 -35.75
CA PHE C 552 -10.85 -20.01 -35.94
C PHE C 552 -10.18 -19.26 -34.80
N ILE C 553 -9.32 -18.30 -35.14
CA ILE C 553 -8.63 -17.47 -34.17
C ILE C 553 -9.15 -16.06 -34.35
N ILE C 554 -10.08 -15.66 -33.49
CA ILE C 554 -10.74 -14.35 -33.58
C ILE C 554 -10.07 -13.41 -32.60
N SER C 555 -9.47 -12.34 -33.11
CA SER C 555 -8.84 -11.31 -32.30
C SER C 555 -9.52 -9.98 -32.56
N VAL C 556 -9.76 -9.21 -31.49
CA VAL C 556 -10.52 -7.97 -31.58
C VAL C 556 -9.70 -6.84 -30.97
N GLN C 557 -10.04 -5.62 -31.38
CA GLN C 557 -9.43 -4.40 -30.86
C GLN C 557 -10.52 -3.42 -30.47
N TYR C 558 -10.29 -2.69 -29.39
CA TYR C 558 -11.25 -1.71 -28.89
C TYR C 558 -10.68 -0.31 -29.07
N GLY C 559 -11.50 0.59 -29.62
CA GLY C 559 -11.12 1.97 -29.85
C GLY C 559 -11.88 2.91 -28.95
N THR C 560 -11.25 4.05 -28.64
CA THR C 560 -11.88 5.07 -27.82
C THR C 560 -12.63 6.12 -28.65
N ASP C 561 -12.47 6.12 -29.97
CA ASP C 561 -13.13 7.10 -30.82
C ASP C 561 -14.44 6.54 -31.39
N THR C 562 -14.36 5.42 -32.09
CA THR C 562 -15.55 4.82 -32.68
C THR C 562 -15.26 3.35 -32.96
N ASN C 563 -16.05 2.46 -32.36
CA ASN C 563 -15.96 1.02 -32.64
C ASN C 563 -16.89 0.73 -33.80
N SER C 564 -16.34 0.77 -35.01
CA SER C 564 -17.18 0.68 -36.20
C SER C 564 -17.69 -0.75 -36.42
N VAL C 565 -16.92 -1.75 -36.03
CA VAL C 565 -17.33 -3.15 -36.20
C VAL C 565 -18.32 -3.47 -35.08
N CYS C 566 -19.61 -3.43 -35.41
CA CYS C 566 -20.67 -3.62 -34.43
C CYS C 566 -21.56 -4.78 -34.86
N PRO C 567 -22.20 -5.47 -33.90
CA PRO C 567 -23.12 -6.55 -34.28
C PRO C 567 -24.37 -5.99 -34.93
N MET C 568 -24.99 -6.83 -35.76
CA MET C 568 -26.25 -6.45 -36.41
C MET C 568 -27.35 -6.47 -35.36
N GLN C 569 -27.75 -5.30 -34.90
CA GLN C 569 -28.80 -5.16 -33.91
C GLN C 569 -29.92 -4.29 -34.49
N ALA C 570 -31.15 -4.66 -34.20
CA ALA C 570 -32.31 -3.90 -34.63
C ALA C 570 -32.69 -2.80 -33.64
N LEU C 571 -31.73 -2.36 -32.82
CA LEU C 571 -32.00 -1.32 -31.84
C LEU C 571 -32.26 0.01 -32.52
N ARG C 572 -33.27 0.72 -32.03
CA ARG C 572 -33.62 2.02 -32.58
C ARG C 572 -32.60 3.07 -32.15
N ASN C 573 -32.58 4.18 -32.89
CA ASN C 573 -31.72 5.32 -32.56
C ASN C 573 -32.51 6.24 -31.65
N ASP C 574 -32.24 6.14 -30.34
CA ASP C 574 -32.99 6.93 -29.36
C ASP C 574 -32.62 8.40 -29.47
N THR C 575 -33.54 9.25 -29.05
CA THR C 575 -33.36 10.70 -29.06
C THR C 575 -33.31 11.20 -27.63
N SER C 576 -32.22 11.89 -27.29
CA SER C 576 -32.05 12.47 -25.97
C SER C 576 -32.29 13.98 -25.98
N ILE C 577 -32.86 14.52 -27.05
CA ILE C 577 -33.06 15.97 -27.16
C ILE C 577 -34.02 16.45 -26.08
N GLU C 578 -35.14 15.75 -25.90
CA GLU C 578 -36.12 16.11 -24.89
C GLU C 578 -36.18 15.10 -23.76
N ASP C 579 -36.39 13.83 -24.08
CA ASP C 579 -36.40 12.79 -23.07
C ASP C 579 -34.97 12.36 -22.72
N LYS C 580 -34.84 11.66 -21.60
CA LYS C 580 -33.59 11.09 -21.12
C LYS C 580 -32.51 12.14 -20.89
N LEU C 581 -32.88 13.42 -20.84
CA LEU C 581 -31.95 14.50 -20.55
C LEU C 581 -32.03 14.84 -19.07
N ASP C 582 -30.88 15.17 -18.48
CA ASP C 582 -30.73 15.47 -17.06
C ASP C 582 -31.06 14.27 -16.17
N VAL C 583 -31.20 13.07 -16.74
CA VAL C 583 -31.46 11.86 -15.99
C VAL C 583 -30.42 10.81 -16.36
N CYS C 584 -30.23 9.86 -15.46
CA CYS C 584 -29.24 8.81 -15.68
C CYS C 584 -29.72 7.84 -16.74
N VAL C 585 -28.85 7.54 -17.70
CA VAL C 585 -29.15 6.59 -18.76
C VAL C 585 -27.98 5.64 -18.94
N GLU C 586 -28.25 4.50 -19.57
CA GLU C 586 -27.23 3.54 -19.95
C GLU C 586 -27.05 3.67 -21.47
N TYR C 587 -25.98 4.33 -21.87
CA TYR C 587 -25.78 4.69 -23.26
C TYR C 587 -24.84 3.72 -23.96
N SER C 588 -25.03 3.59 -25.28
CA SER C 588 -24.15 2.81 -26.15
C SER C 588 -24.03 3.59 -27.46
N LEU C 589 -23.01 4.44 -27.53
CA LEU C 589 -22.85 5.38 -28.64
C LEU C 589 -21.65 4.96 -29.47
N HIS C 590 -21.92 4.51 -30.70
CA HIS C 590 -20.87 4.17 -31.67
C HIS C 590 -19.83 3.23 -31.06
N GLY C 591 -20.29 2.27 -30.28
CA GLY C 591 -19.42 1.28 -29.69
C GLY C 591 -18.92 1.60 -28.30
N ILE C 592 -19.15 2.80 -27.80
CA ILE C 592 -18.74 3.19 -26.45
C ILE C 592 -19.96 3.08 -25.53
N THR C 593 -19.79 2.37 -24.42
CA THR C 593 -20.89 2.09 -23.50
C THR C 593 -20.56 2.65 -22.12
N GLY C 594 -21.59 2.73 -21.30
CA GLY C 594 -21.44 3.21 -19.93
C GLY C 594 -22.72 3.84 -19.44
N ARG C 595 -22.64 4.36 -18.22
CA ARG C 595 -23.73 5.10 -17.60
C ARG C 595 -23.33 6.55 -17.43
N GLY C 596 -24.31 7.44 -17.55
CA GLY C 596 -24.04 8.85 -17.39
C GLY C 596 -25.30 9.68 -17.53
N VAL C 597 -25.15 10.97 -17.26
CA VAL C 597 -26.21 11.95 -17.38
C VAL C 597 -25.81 12.96 -18.44
N PHE C 598 -26.71 13.22 -19.38
CA PHE C 598 -26.42 14.07 -20.52
C PHE C 598 -27.04 15.44 -20.34
N HIS C 599 -26.24 16.48 -20.56
CA HIS C 599 -26.67 17.86 -20.44
C HIS C 599 -26.47 18.58 -21.76
N ASN C 600 -27.30 19.60 -21.99
CA ASN C 600 -27.00 20.54 -23.07
C ASN C 600 -25.71 21.27 -22.76
N CYS C 601 -24.84 21.38 -23.76
CA CYS C 601 -23.50 21.92 -23.56
C CYS C 601 -23.04 22.51 -24.88
N THR C 602 -22.47 23.71 -24.80
CA THR C 602 -21.95 24.38 -25.99
C THR C 602 -20.73 23.62 -26.48
N SER C 603 -20.66 23.42 -27.81
CA SER C 603 -19.66 22.55 -28.40
C SER C 603 -18.25 23.01 -28.09
N VAL C 604 -17.55 22.27 -27.23
CA VAL C 604 -16.17 22.55 -26.87
C VAL C 604 -15.38 21.24 -26.98
N GLY C 605 -14.25 21.30 -27.66
CA GLY C 605 -13.40 20.15 -27.85
C GLY C 605 -12.80 20.16 -29.25
N LEU C 606 -12.14 19.06 -29.59
CA LEU C 606 -11.55 18.94 -30.92
C LEU C 606 -12.65 18.82 -31.97
N ARG C 607 -12.43 19.48 -33.11
CA ARG C 607 -13.47 19.67 -34.12
C ARG C 607 -13.64 18.47 -35.04
N ASN C 608 -13.11 17.29 -34.67
CA ASN C 608 -13.28 16.11 -35.49
C ASN C 608 -13.77 14.93 -34.66
N GLN C 609 -13.38 14.87 -33.39
CA GLN C 609 -13.70 13.73 -32.56
C GLN C 609 -15.17 13.72 -32.18
N ARG C 610 -15.77 12.53 -32.20
CA ARG C 610 -17.15 12.36 -31.76
C ARG C 610 -17.26 12.39 -30.24
N PHE C 611 -16.26 11.84 -29.54
CA PHE C 611 -16.24 11.80 -28.09
C PHE C 611 -15.17 12.75 -27.55
N VAL C 612 -15.47 13.36 -26.41
CA VAL C 612 -14.59 14.32 -25.77
C VAL C 612 -14.14 13.74 -24.43
N TYR C 613 -12.83 13.71 -24.21
CA TYR C 613 -12.25 13.21 -22.97
C TYR C 613 -11.44 14.31 -22.30
N ASP C 614 -11.30 14.21 -20.99
CA ASP C 614 -10.46 15.13 -20.23
C ASP C 614 -9.06 14.53 -20.08
N THR C 615 -8.21 15.19 -19.28
CA THR C 615 -6.84 14.71 -19.11
C THR C 615 -6.77 13.38 -18.38
N PHE C 616 -7.85 12.93 -17.75
CA PHE C 616 -7.88 11.66 -17.03
C PHE C 616 -8.71 10.61 -17.75
N ASP C 617 -8.92 10.77 -19.05
CA ASP C 617 -9.59 9.77 -19.89
C ASP C 617 -11.01 9.49 -19.41
N ASN C 618 -11.71 10.54 -19.02
CA ASN C 618 -13.12 10.44 -18.65
C ASN C 618 -13.97 11.02 -19.78
N LEU C 619 -14.99 10.28 -20.20
CA LEU C 619 -15.89 10.74 -21.24
C LEU C 619 -16.66 11.95 -20.73
N VAL C 620 -16.32 13.13 -21.23
CA VAL C 620 -16.88 14.38 -20.73
C VAL C 620 -17.95 14.93 -21.66
N GLY C 621 -17.74 14.81 -22.98
CA GLY C 621 -18.69 15.32 -23.94
C GLY C 621 -18.95 14.30 -25.04
N TYR C 622 -19.94 14.62 -25.87
CA TYR C 622 -20.35 13.73 -26.95
C TYR C 622 -21.09 14.53 -28.01
N HIS C 623 -20.62 14.44 -29.25
CA HIS C 623 -21.29 15.07 -30.38
C HIS C 623 -22.29 14.07 -30.96
N SER C 624 -23.56 14.43 -30.92
CA SER C 624 -24.63 13.52 -31.29
C SER C 624 -24.97 13.64 -32.77
N HIS C 625 -25.84 12.73 -33.23
CA HIS C 625 -26.27 12.74 -34.62
C HIS C 625 -27.12 13.96 -34.95
N ASN C 626 -27.88 14.46 -33.99
CA ASN C 626 -28.78 15.59 -34.21
C ASN C 626 -28.07 16.93 -34.25
N GLY C 627 -26.74 16.94 -34.33
CA GLY C 627 -26.00 18.18 -34.39
C GLY C 627 -25.86 18.91 -33.08
N ASN C 628 -26.24 18.29 -31.97
CA ASN C 628 -26.18 18.90 -30.66
C ASN C 628 -25.07 18.23 -29.85
N TYR C 629 -24.21 19.04 -29.24
CA TYR C 629 -23.13 18.52 -28.40
C TYR C 629 -23.68 18.30 -27.00
N TYR C 630 -23.59 17.07 -26.51
CA TYR C 630 -24.04 16.73 -25.17
C TYR C 630 -22.84 16.55 -24.26
N CYS C 631 -23.09 16.73 -22.97
CA CYS C 631 -22.05 17.13 -22.02
C CYS C 631 -22.12 16.13 -20.87
N VAL C 632 -21.42 15.01 -21.02
CA VAL C 632 -21.65 13.81 -20.21
C VAL C 632 -21.11 14.01 -18.81
N ARG C 633 -21.90 13.59 -17.83
CA ARG C 633 -21.54 13.55 -16.42
C ARG C 633 -21.91 12.20 -15.84
N PRO C 634 -21.22 11.76 -14.79
CA PRO C 634 -21.56 10.46 -14.18
C PRO C 634 -22.97 10.46 -13.60
N CYS C 635 -23.40 9.26 -13.18
CA CYS C 635 -24.73 9.12 -12.60
C CYS C 635 -24.85 9.89 -11.29
N VAL C 636 -23.79 9.89 -10.48
CA VAL C 636 -23.72 10.69 -9.27
C VAL C 636 -22.60 11.70 -9.47
N SER C 637 -22.97 12.94 -9.74
CA SER C 637 -21.99 13.98 -10.03
C SER C 637 -22.17 15.19 -9.13
N VAL C 638 -23.41 15.48 -8.75
CA VAL C 638 -23.70 16.66 -7.94
C VAL C 638 -23.25 16.41 -6.51
N PRO C 639 -22.45 17.29 -5.92
CA PRO C 639 -22.04 17.11 -4.51
C PRO C 639 -23.18 17.52 -3.60
N VAL C 640 -23.51 16.65 -2.65
CA VAL C 640 -24.60 16.87 -1.72
C VAL C 640 -24.01 16.97 -0.32
N SER C 641 -24.32 18.08 0.37
CA SER C 641 -23.86 18.31 1.73
C SER C 641 -25.07 18.43 2.63
N VAL C 642 -25.04 17.71 3.75
CA VAL C 642 -26.15 17.68 4.71
C VAL C 642 -25.71 18.41 5.97
N ILE C 643 -26.50 19.41 6.37
CA ILE C 643 -26.23 20.19 7.58
C ILE C 643 -27.17 19.68 8.66
N TYR C 644 -26.60 19.05 9.69
CA TYR C 644 -27.37 18.40 10.73
C TYR C 644 -27.17 19.10 12.06
N ASP C 645 -28.26 19.38 12.76
CA ASP C 645 -28.24 19.91 14.12
C ASP C 645 -28.85 18.87 15.05
N LYS C 646 -28.02 18.29 15.92
CA LYS C 646 -28.49 17.22 16.79
C LYS C 646 -29.50 17.73 17.81
N VAL C 647 -29.27 18.92 18.37
CA VAL C 647 -30.12 19.43 19.43
C VAL C 647 -31.54 19.63 18.94
N SER C 648 -31.70 20.25 17.78
CA SER C 648 -33.02 20.45 17.19
C SER C 648 -33.50 19.26 16.38
N ASN C 649 -32.64 18.28 16.13
CA ASN C 649 -32.97 17.12 15.30
C ASN C 649 -33.50 17.55 13.93
N SER C 650 -32.87 18.58 13.37
CA SER C 650 -33.25 19.13 12.08
C SER C 650 -32.07 19.10 11.14
N HIS C 651 -32.36 18.89 9.85
CA HIS C 651 -31.33 18.76 8.84
C HIS C 651 -31.67 19.61 7.63
N ALA C 652 -30.65 19.98 6.86
CA ALA C 652 -30.82 20.74 5.65
C ALA C 652 -29.77 20.29 4.64
N THR C 653 -30.02 20.58 3.37
CA THR C 653 -29.18 20.11 2.27
C THR C 653 -28.53 21.29 1.57
N LEU C 654 -27.23 21.14 1.28
CA LEU C 654 -26.49 22.11 0.49
C LEU C 654 -25.93 21.39 -0.74
N PHE C 655 -26.32 21.88 -1.92
CA PHE C 655 -25.80 21.35 -3.18
C PHE C 655 -24.59 22.19 -3.57
N GLY C 656 -23.42 21.75 -3.11
CA GLY C 656 -22.20 22.51 -3.32
C GLY C 656 -21.83 22.72 -4.78
N SER C 657 -21.56 23.97 -5.14
CA SER C 657 -21.05 24.39 -6.44
C SER C 657 -22.08 24.27 -7.57
N VAL C 658 -23.35 24.11 -7.26
CA VAL C 658 -24.38 23.90 -8.27
C VAL C 658 -25.38 25.06 -8.20
N ALA C 659 -25.77 25.57 -9.38
CA ALA C 659 -26.84 26.53 -9.46
C ALA C 659 -28.17 25.87 -9.13
N CYS C 660 -29.11 26.68 -8.63
CA CYS C 660 -30.37 26.11 -8.15
C CYS C 660 -31.27 25.67 -9.30
N SER C 661 -31.23 26.37 -10.43
CA SER C 661 -32.03 25.96 -11.58
C SER C 661 -31.60 24.59 -12.09
N HIS C 662 -30.29 24.36 -12.19
CA HIS C 662 -29.80 23.05 -12.59
C HIS C 662 -30.16 21.97 -11.56
N VAL C 663 -30.13 22.33 -10.28
CA VAL C 663 -30.56 21.40 -9.24
C VAL C 663 -32.02 21.01 -9.45
N THR C 664 -32.86 21.99 -9.77
CA THR C 664 -34.27 21.70 -10.00
C THR C 664 -34.47 20.80 -11.23
N THR C 665 -33.90 21.19 -12.37
CA THR C 665 -34.08 20.39 -13.59
C THR C 665 -33.33 19.07 -13.54
N MET C 666 -32.47 18.86 -12.56
CA MET C 666 -31.68 17.64 -12.47
C MET C 666 -31.98 16.97 -11.13
N MET C 667 -33.28 16.86 -10.82
CA MET C 667 -33.71 16.33 -9.53
C MET C 667 -33.61 14.82 -9.42
N SER C 668 -33.56 14.10 -10.54
CA SER C 668 -33.60 12.64 -10.49
C SER C 668 -32.22 12.07 -10.18
N GLN C 669 -31.60 12.55 -9.10
CA GLN C 669 -30.33 12.02 -8.62
C GLN C 669 -30.25 11.92 -7.11
N PHE C 670 -31.17 12.51 -6.36
CA PHE C 670 -31.09 12.64 -4.92
C PHE C 670 -32.08 11.69 -4.24
N SER C 671 -32.23 11.85 -2.94
CA SER C 671 -33.11 11.00 -2.16
C SER C 671 -34.56 11.24 -2.56
N ARG C 672 -35.44 10.33 -2.10
CA ARG C 672 -36.86 10.43 -2.45
C ARG C 672 -37.48 11.70 -1.88
N MET C 673 -37.16 12.05 -0.64
CA MET C 673 -37.69 13.27 -0.05
C MET C 673 -37.17 14.50 -0.78
N THR C 674 -35.89 14.48 -1.17
CA THR C 674 -35.35 15.60 -1.94
C THR C 674 -36.03 15.72 -3.30
N LYS C 675 -36.29 14.58 -3.95
CA LYS C 675 -37.01 14.60 -5.23
C LYS C 675 -38.41 15.16 -5.06
N THR C 676 -39.11 14.75 -3.99
CA THR C 676 -40.44 15.27 -3.74
C THR C 676 -40.43 16.77 -3.49
N ASN C 677 -39.47 17.23 -2.68
CA ASN C 677 -39.38 18.66 -2.38
C ASN C 677 -39.00 19.48 -3.61
N LEU C 678 -38.21 18.91 -4.52
CA LEU C 678 -37.87 19.63 -5.74
C LEU C 678 -39.01 19.62 -6.75
N LEU C 679 -39.83 18.56 -6.77
CA LEU C 679 -40.97 18.51 -7.67
C LEU C 679 -42.00 19.56 -7.31
N ALA C 680 -42.40 19.61 -6.04
CA ALA C 680 -43.38 20.56 -5.56
C ALA C 680 -42.69 21.88 -5.22
N ARG C 681 -43.24 22.98 -5.71
CA ARG C 681 -42.65 24.30 -5.48
C ARG C 681 -42.89 24.77 -4.05
N THR C 682 -42.19 24.16 -3.10
CA THR C 682 -42.32 24.53 -1.70
C THR C 682 -41.78 25.94 -1.46
N THR C 683 -42.36 26.65 -0.49
CA THR C 683 -41.93 28.00 -0.19
C THR C 683 -40.54 28.10 0.45
N PRO C 684 -40.00 27.04 1.15
CA PRO C 684 -38.57 27.02 1.47
C PRO C 684 -37.74 26.37 0.37
N GLY C 685 -37.93 26.84 -0.86
CA GLY C 685 -37.33 26.23 -2.02
C GLY C 685 -35.83 26.42 -2.09
N PRO C 686 -35.23 25.96 -3.19
CA PRO C 686 -33.78 26.08 -3.34
C PRO C 686 -33.34 27.54 -3.28
N LEU C 687 -32.23 27.78 -2.57
CA LEU C 687 -31.71 29.12 -2.32
C LEU C 687 -30.27 29.19 -2.79
N GLN C 688 -29.95 30.21 -3.57
CA GLN C 688 -28.62 30.39 -4.14
C GLN C 688 -27.75 31.15 -3.15
N THR C 689 -26.65 30.52 -2.72
CA THR C 689 -25.67 31.11 -1.83
C THR C 689 -24.32 31.19 -2.53
N THR C 690 -23.30 31.62 -1.79
CA THR C 690 -21.96 31.72 -2.33
C THR C 690 -21.20 30.41 -2.28
N VAL C 691 -21.79 29.36 -1.74
CA VAL C 691 -21.17 28.03 -1.68
C VAL C 691 -21.98 26.98 -2.41
N GLY C 692 -23.05 27.39 -3.11
CA GLY C 692 -23.86 26.51 -3.90
C GLY C 692 -25.32 26.69 -3.59
N CYS C 693 -26.15 25.81 -4.17
CA CYS C 693 -27.58 25.84 -3.95
C CYS C 693 -27.91 25.26 -2.57
N ALA C 694 -28.76 25.95 -1.84
CA ALA C 694 -29.13 25.56 -0.48
C ALA C 694 -30.61 25.21 -0.44
N MET C 695 -30.92 24.03 0.08
CA MET C 695 -32.30 23.56 0.24
C MET C 695 -32.61 23.49 1.73
N GLY C 696 -33.67 24.17 2.15
CA GLY C 696 -34.03 24.23 3.54
C GLY C 696 -33.50 25.42 4.30
N PHE C 697 -33.00 26.44 3.59
CA PHE C 697 -32.43 27.63 4.20
C PHE C 697 -33.23 28.86 3.79
N ILE C 698 -33.02 29.94 4.53
CA ILE C 698 -33.62 31.23 4.22
C ILE C 698 -32.55 32.30 4.35
N ASN C 699 -32.58 33.27 3.45
CA ASN C 699 -31.65 34.40 3.54
C ASN C 699 -31.93 35.19 4.81
N SER C 700 -30.87 35.49 5.55
CA SER C 700 -31.01 36.18 6.82
C SER C 700 -29.97 37.30 6.92
N SER C 701 -30.31 38.32 7.70
CA SER C 701 -29.40 39.42 7.99
C SER C 701 -28.66 39.22 9.30
N MET C 702 -28.83 38.08 9.95
CA MET C 702 -28.18 37.83 11.22
C MET C 702 -26.68 37.73 11.05
N VAL C 703 -25.94 38.34 11.98
CA VAL C 703 -24.49 38.32 12.00
C VAL C 703 -24.04 37.65 13.30
N VAL C 704 -23.16 36.65 13.17
CA VAL C 704 -22.72 35.87 14.31
C VAL C 704 -21.20 35.97 14.41
N ASP C 705 -20.69 35.70 15.62
CA ASP C 705 -19.26 35.68 15.87
C ASP C 705 -18.68 34.28 15.85
N GLU C 706 -19.51 33.25 15.97
CA GLU C 706 -19.05 31.86 15.91
C GLU C 706 -20.24 30.99 15.56
N CYS C 707 -19.96 29.81 15.03
CA CYS C 707 -21.01 28.86 14.71
C CYS C 707 -20.42 27.46 14.67
N GLN C 708 -21.27 26.48 14.99
CA GLN C 708 -20.91 25.07 14.89
C GLN C 708 -21.24 24.46 13.55
N LEU C 709 -21.91 25.22 12.67
CA LEU C 709 -22.30 24.73 11.34
C LEU C 709 -21.83 25.73 10.29
N PRO C 710 -20.53 25.76 10.00
CA PRO C 710 -20.00 26.69 8.99
C PRO C 710 -20.16 26.11 7.59
N LEU C 711 -20.85 26.85 6.72
CA LEU C 711 -21.04 26.44 5.34
C LEU C 711 -19.85 26.78 4.45
N GLY C 712 -18.88 27.53 4.95
CA GLY C 712 -17.77 28.01 4.15
C GLY C 712 -18.01 29.40 3.61
N GLN C 713 -16.91 30.10 3.33
CA GLN C 713 -16.95 31.48 2.83
C GLN C 713 -17.70 32.39 3.79
N SER C 714 -17.36 32.29 5.07
CA SER C 714 -17.94 33.13 6.13
C SER C 714 -19.46 32.99 6.19
N LEU C 715 -19.95 31.77 6.02
CA LEU C 715 -21.37 31.46 6.09
C LEU C 715 -21.61 30.47 7.21
N CYS C 716 -22.68 30.69 7.97
CA CYS C 716 -23.04 29.82 9.07
C CYS C 716 -24.51 29.44 8.96
N ALA C 717 -24.82 28.19 9.29
CA ALA C 717 -26.18 27.70 9.32
C ALA C 717 -26.73 27.84 10.73
N ILE C 718 -27.75 28.67 10.89
CA ILE C 718 -28.39 28.88 12.19
C ILE C 718 -29.51 27.86 12.34
N PRO C 719 -29.41 26.93 13.30
CA PRO C 719 -30.43 25.89 13.42
C PRO C 719 -31.77 26.50 13.80
N PRO C 720 -32.87 25.87 13.40
CA PRO C 720 -34.20 26.36 13.82
C PRO C 720 -34.36 26.26 15.32
N THR C 721 -35.07 27.24 15.89
CA THR C 721 -35.30 27.28 17.33
C THR C 721 -36.41 26.29 17.67
N ILE C 722 -36.00 25.09 18.09
CA ILE C 722 -36.96 24.04 18.43
C ILE C 722 -37.67 24.37 19.74
N ASP C 735 -38.13 26.64 12.48
CA ASP C 735 -38.54 25.48 11.71
C ASP C 735 -37.66 25.30 10.47
N VAL C 736 -36.90 26.34 10.13
CA VAL C 736 -36.08 26.35 8.93
C VAL C 736 -34.72 26.93 9.27
N PHE C 737 -33.66 26.30 8.77
CA PHE C 737 -32.31 26.80 8.97
C PHE C 737 -32.15 28.19 8.37
N GLN C 738 -31.39 29.04 9.06
CA GLN C 738 -31.07 30.37 8.57
C GLN C 738 -29.59 30.45 8.23
N ILE C 739 -29.25 31.34 7.30
CA ILE C 739 -27.88 31.54 6.85
C ILE C 739 -27.39 32.85 7.42
N ALA C 740 -26.45 32.78 8.36
CA ALA C 740 -25.83 33.95 8.94
C ALA C 740 -24.46 34.18 8.33
N THR C 741 -23.87 35.32 8.65
CA THR C 741 -22.56 35.71 8.14
C THR C 741 -21.59 35.84 9.30
N LEU C 742 -20.42 35.21 9.16
CA LEU C 742 -19.38 35.34 10.17
C LEU C 742 -18.75 36.72 10.10
N ASN C 743 -18.64 37.39 11.25
CA ASN C 743 -18.07 38.72 11.30
C ASN C 743 -17.49 38.95 12.69
N PHE C 744 -16.19 39.21 12.75
CA PHE C 744 -15.51 39.48 14.01
C PHE C 744 -15.44 40.99 14.22
N THR C 745 -16.08 41.46 15.28
CA THR C 745 -16.06 42.87 15.62
C THR C 745 -14.88 43.14 16.56
N SER C 746 -13.84 43.77 16.04
CA SER C 746 -12.70 44.11 16.85
C SER C 746 -13.09 45.16 17.89
N PRO C 747 -12.43 45.17 19.05
CA PRO C 747 -12.74 46.19 20.06
C PRO C 747 -12.51 47.59 19.51
N LEU C 748 -13.24 48.54 20.09
CA LEU C 748 -13.21 49.90 19.58
C LEU C 748 -11.79 50.45 19.54
N THR C 749 -11.41 51.01 18.40
CA THR C 749 -10.05 51.48 18.21
C THR C 749 -9.78 52.70 19.08
N LEU C 750 -8.63 52.72 19.73
CA LEU C 750 -8.22 53.84 20.57
C LEU C 750 -7.53 54.86 19.68
N ALA C 751 -8.27 55.88 19.29
CA ALA C 751 -7.73 56.91 18.41
C ALA C 751 -6.69 57.73 19.18
N PRO C 752 -5.47 57.88 18.66
CA PRO C 752 -4.47 58.69 19.36
C PRO C 752 -4.90 60.13 19.47
N ILE C 753 -4.51 60.76 20.57
CA ILE C 753 -4.88 62.15 20.85
C ILE C 753 -3.79 63.07 20.33
N ASN C 754 -4.20 64.25 19.88
CA ASN C 754 -3.27 65.25 19.36
C ASN C 754 -2.63 66.08 20.47
N SER C 755 -2.71 65.63 21.72
CA SER C 755 -2.13 66.35 22.83
C SER C 755 -0.63 66.08 22.91
N THR C 756 0.00 66.48 24.02
CA THR C 756 1.44 66.32 24.16
C THR C 756 1.84 64.86 24.23
N GLY C 757 1.20 64.10 25.11
CA GLY C 757 1.54 62.70 25.32
C GLY C 757 0.66 61.77 24.52
N PHE C 758 0.25 60.67 25.16
CA PHE C 758 -0.61 59.69 24.53
C PHE C 758 -1.68 59.27 25.54
N VAL C 759 -2.66 58.51 25.05
CA VAL C 759 -3.75 57.99 25.87
C VAL C 759 -3.60 56.47 25.95
N VAL C 760 -3.65 55.95 27.17
CA VAL C 760 -3.46 54.53 27.43
C VAL C 760 -4.65 54.01 28.21
N ALA C 761 -5.15 52.84 27.82
CA ALA C 761 -6.26 52.20 28.51
C ALA C 761 -5.67 51.29 29.59
N VAL C 762 -5.74 51.74 30.83
CA VAL C 762 -5.19 51.00 31.97
C VAL C 762 -6.35 50.30 32.67
N PRO C 763 -6.24 49.02 32.99
CA PRO C 763 -7.36 48.30 33.61
C PRO C 763 -7.72 48.88 34.97
N THR C 764 -9.03 48.87 35.27
CA THR C 764 -9.52 49.17 36.62
C THR C 764 -10.14 47.96 37.30
N ASN C 765 -10.48 46.92 36.54
CA ASN C 765 -11.01 45.68 37.08
C ASN C 765 -10.40 44.53 36.31
N PHE C 766 -10.47 43.33 36.89
CA PHE C 766 -9.82 42.19 36.27
C PHE C 766 -10.46 40.90 36.76
N THR C 767 -10.22 39.83 36.01
CA THR C 767 -10.55 38.48 36.41
C THR C 767 -9.35 37.59 36.09
N PHE C 768 -9.41 36.35 36.56
CA PHE C 768 -8.36 35.36 36.29
C PHE C 768 -8.91 34.36 35.29
N GLY C 769 -8.56 34.56 34.02
CA GLY C 769 -9.00 33.64 32.98
C GLY C 769 -8.11 32.41 32.95
N VAL C 770 -8.75 31.24 32.79
CA VAL C 770 -8.06 29.96 32.79
C VAL C 770 -8.14 29.39 31.38
N THR C 771 -6.97 29.16 30.79
CA THR C 771 -6.87 28.53 29.47
C THR C 771 -6.44 27.09 29.67
N GLN C 772 -7.21 26.16 29.12
CA GLN C 772 -6.96 24.74 29.27
C GLN C 772 -6.32 24.19 28.01
N GLU C 773 -5.23 23.45 28.18
CA GLU C 773 -4.47 22.91 27.05
C GLU C 773 -4.03 21.49 27.38
N PHE C 774 -4.21 20.60 26.42
CA PHE C 774 -3.78 19.22 26.55
C PHE C 774 -2.58 18.98 25.64
N ILE C 775 -1.50 18.48 26.22
CA ILE C 775 -0.31 18.09 25.48
C ILE C 775 -0.06 16.62 25.74
N GLU C 776 -0.22 15.80 24.70
CA GLU C 776 0.02 14.38 24.84
C GLU C 776 1.52 14.12 24.97
N THR C 777 1.86 13.12 25.79
CA THR C 777 3.25 12.75 25.99
C THR C 777 3.54 11.31 25.63
N THR C 778 2.53 10.51 25.31
CA THR C 778 2.71 9.10 25.05
C THR C 778 1.54 8.57 24.25
N ILE C 779 1.74 7.41 23.64
CA ILE C 779 0.70 6.67 22.95
C ILE C 779 0.69 5.25 23.51
N GLN C 780 -0.33 4.49 23.13
CA GLN C 780 -0.40 3.10 23.55
C GLN C 780 0.65 2.28 22.80
N LYS C 781 1.47 1.54 23.54
CA LYS C 781 2.54 0.75 22.96
C LYS C 781 2.00 -0.61 22.54
N ILE C 782 2.13 -0.92 21.25
CA ILE C 782 1.58 -2.14 20.68
C ILE C 782 2.69 -2.97 20.09
N THR C 783 2.74 -4.25 20.48
CA THR C 783 3.63 -5.24 19.87
C THR C 783 2.78 -6.28 19.18
N VAL C 784 3.08 -6.56 17.91
CA VAL C 784 2.29 -7.46 17.09
C VAL C 784 3.09 -8.74 16.87
N ASP C 785 2.44 -9.87 17.16
CA ASP C 785 3.00 -11.18 16.82
C ASP C 785 2.79 -11.39 15.33
N CYS C 786 3.80 -11.05 14.53
CA CYS C 786 3.63 -11.01 13.08
C CYS C 786 3.28 -12.38 12.52
N LYS C 787 3.94 -13.43 13.00
CA LYS C 787 3.68 -14.77 12.49
C LYS C 787 2.24 -15.19 12.75
N GLN C 788 1.76 -15.01 13.97
CA GLN C 788 0.39 -15.38 14.30
C GLN C 788 -0.62 -14.47 13.63
N TYR C 789 -0.31 -13.17 13.54
CA TYR C 789 -1.22 -12.23 12.91
C TYR C 789 -1.41 -12.56 11.43
N VAL C 790 -0.33 -12.91 10.74
CA VAL C 790 -0.42 -13.12 9.31
C VAL C 790 -0.94 -14.53 8.99
N CYS C 791 -0.41 -15.54 9.67
CA CYS C 791 -0.64 -16.92 9.26
C CYS C 791 -1.50 -17.73 10.21
N ASN C 792 -1.77 -17.23 11.41
CA ASN C 792 -2.60 -17.93 12.40
C ASN C 792 -2.07 -19.32 12.70
N GLY C 793 -0.76 -19.50 12.64
CA GLY C 793 -0.14 -20.78 12.94
C GLY C 793 -0.43 -21.90 11.96
N PHE C 794 -0.41 -21.61 10.67
CA PHE C 794 -0.61 -22.61 9.63
C PHE C 794 0.68 -22.78 8.84
N LYS C 795 1.12 -24.03 8.70
CA LYS C 795 2.42 -24.31 8.08
C LYS C 795 2.43 -23.91 6.61
N LYS C 796 1.32 -24.15 5.91
CA LYS C 796 1.25 -23.76 4.50
C LYS C 796 1.39 -22.25 4.34
N CYS C 797 0.69 -21.49 5.19
CA CYS C 797 0.80 -20.04 5.13
C CYS C 797 2.22 -19.58 5.46
N GLU C 798 2.85 -20.20 6.46
CA GLU C 798 4.20 -19.82 6.82
C GLU C 798 5.18 -20.09 5.68
N ASP C 799 5.04 -21.23 5.01
CA ASP C 799 5.88 -21.54 3.86
C ASP C 799 5.66 -20.55 2.74
N LEU C 800 4.41 -20.15 2.49
CA LEU C 800 4.16 -19.15 1.46
C LEU C 800 4.68 -17.78 1.85
N LEU C 801 4.65 -17.45 3.14
CA LEU C 801 5.11 -16.15 3.63
C LEU C 801 6.63 -16.04 3.64
N LYS C 802 7.33 -17.16 3.80
CA LYS C 802 8.78 -17.13 3.80
C LYS C 802 9.36 -16.59 2.49
N GLU C 803 8.57 -16.60 1.42
CA GLU C 803 9.00 -16.04 0.15
C GLU C 803 9.07 -14.51 0.17
N TYR C 804 8.56 -13.87 1.21
CA TYR C 804 8.58 -12.41 1.31
C TYR C 804 9.80 -11.88 2.05
N GLY C 805 10.73 -12.75 2.43
CA GLY C 805 11.97 -12.32 3.04
C GLY C 805 11.94 -12.50 4.55
N GLN C 806 12.26 -11.42 5.28
CA GLN C 806 12.32 -11.42 6.73
C GLN C 806 11.34 -10.40 7.30
N PHE C 807 10.13 -10.38 6.75
CA PHE C 807 9.19 -9.31 7.04
C PHE C 807 8.79 -9.27 8.50
N CYS C 808 8.56 -10.46 9.10
CA CYS C 808 8.14 -10.52 10.49
C CYS C 808 9.21 -9.97 11.41
N SER C 809 10.48 -10.29 11.14
CA SER C 809 11.57 -9.77 11.98
C SER C 809 11.67 -8.26 11.86
N LYS C 810 11.49 -7.72 10.65
CA LYS C 810 11.52 -6.28 10.47
C LYS C 810 10.38 -5.61 11.24
N ILE C 811 9.19 -6.19 11.19
CA ILE C 811 8.05 -5.63 11.92
C ILE C 811 8.33 -5.64 13.42
N ASN C 812 8.84 -6.78 13.92
CA ASN C 812 9.13 -6.90 15.35
C ASN C 812 10.17 -5.88 15.78
N GLN C 813 11.24 -5.73 15.00
CA GLN C 813 12.29 -4.77 15.35
C GLN C 813 11.78 -3.34 15.31
N ALA C 814 10.96 -3.01 14.31
CA ALA C 814 10.44 -1.65 14.21
C ALA C 814 9.56 -1.33 15.42
N LEU C 815 8.66 -2.24 15.77
CA LEU C 815 7.78 -1.99 16.92
C LEU C 815 8.57 -1.92 18.22
N HIS C 816 9.57 -2.80 18.38
CA HIS C 816 10.40 -2.76 19.57
C HIS C 816 11.15 -1.45 19.68
N GLY C 817 11.70 -0.96 18.56
CA GLY C 817 12.39 0.31 18.59
C GLY C 817 11.48 1.48 18.90
N ALA C 818 10.28 1.47 18.33
CA ALA C 818 9.32 2.54 18.64
C ALA C 818 8.96 2.54 20.12
N ASN C 819 8.70 1.37 20.68
CA ASN C 819 8.35 1.29 22.10
C ASN C 819 9.52 1.70 22.99
N LEU C 820 10.74 1.30 22.61
CA LEU C 820 11.92 1.70 23.37
C LEU C 820 12.10 3.21 23.34
N ARG C 821 11.94 3.83 22.16
CA ARG C 821 12.09 5.27 22.05
C ARG C 821 11.02 5.99 22.87
N GLN C 822 9.79 5.50 22.85
CA GLN C 822 8.74 6.11 23.66
C GLN C 822 9.05 5.98 25.15
N ASP C 823 9.57 4.81 25.57
CA ASP C 823 9.95 4.62 26.95
C ASP C 823 11.06 5.57 27.39
N GLU C 824 12.10 5.74 26.56
CA GLU C 824 13.15 6.70 26.88
C GLU C 824 12.64 8.13 26.91
N SER C 825 11.75 8.52 26.00
CA SER C 825 11.19 9.86 26.05
C SER C 825 10.38 10.09 27.31
N ILE C 826 9.56 9.11 27.71
CA ILE C 826 8.78 9.26 28.93
C ILE C 826 9.69 9.33 30.16
N ALA C 827 10.73 8.49 30.20
CA ALA C 827 11.67 8.55 31.32
C ALA C 827 12.39 9.88 31.37
N ASN C 828 12.78 10.42 30.22
CA ASN C 828 13.43 11.72 30.17
C ASN C 828 12.50 12.82 30.69
N LEU C 829 11.23 12.76 30.30
CA LEU C 829 10.27 13.74 30.79
C LEU C 829 10.09 13.64 32.29
N PHE C 830 9.99 12.41 32.82
CA PHE C 830 9.75 12.21 34.24
C PHE C 830 11.00 12.37 35.10
N SER C 831 12.18 12.43 34.49
CA SER C 831 13.42 12.54 35.27
C SER C 831 13.56 13.86 35.99
N SER C 832 12.72 14.86 35.70
CA SER C 832 12.82 16.14 36.39
C SER C 832 12.52 16.03 37.87
N ILE C 833 11.87 14.95 38.30
CA ILE C 833 11.54 14.79 39.71
C ILE C 833 12.81 14.70 40.55
N LYS C 834 13.80 13.95 40.07
CA LYS C 834 15.00 13.70 40.85
C LYS C 834 15.83 14.96 41.10
N THR C 835 15.66 15.99 40.28
CA THR C 835 16.45 17.21 40.37
C THR C 835 15.55 18.44 40.41
N GLN C 836 14.53 18.41 41.25
CA GLN C 836 13.61 19.53 41.41
C GLN C 836 13.30 19.70 42.89
N ASN C 837 13.73 20.82 43.46
CA ASN C 837 13.41 21.13 44.85
C ASN C 837 12.00 21.69 44.95
N THR C 838 11.28 21.27 45.99
CA THR C 838 9.90 21.68 46.21
C THR C 838 9.72 22.11 47.66
N GLN C 839 8.55 22.65 47.94
CA GLN C 839 8.15 22.95 49.31
C GLN C 839 6.85 22.22 49.63
N PRO C 840 6.65 21.81 50.88
CA PRO C 840 5.41 21.11 51.23
C PRO C 840 4.21 22.06 51.29
N LEU C 841 3.34 21.97 50.30
CA LEU C 841 2.15 22.82 50.27
C LEU C 841 1.19 22.42 51.39
N GLN C 842 0.65 23.42 52.07
CA GLN C 842 -0.35 23.15 53.10
C GLN C 842 -1.63 22.62 52.46
N ALA C 843 -2.22 21.62 53.10
CA ALA C 843 -3.43 21.01 52.56
C ALA C 843 -4.59 21.98 52.67
N GLY C 844 -5.30 22.18 51.58
CA GLY C 844 -6.43 23.09 51.55
C GLY C 844 -6.00 24.51 51.19
N LEU C 845 -6.16 25.45 52.12
CA LEU C 845 -5.85 26.85 51.88
C LEU C 845 -4.35 27.07 52.06
N ASN C 846 -3.69 27.53 50.99
CA ASN C 846 -2.27 27.89 51.05
C ASN C 846 -2.21 29.42 51.18
N GLY C 847 -2.35 29.90 52.41
CA GLY C 847 -2.48 31.31 52.66
C GLY C 847 -3.93 31.74 52.52
N ASP C 848 -4.27 32.31 51.38
CA ASP C 848 -5.65 32.59 51.03
C ASP C 848 -6.07 31.95 49.71
N PHE C 849 -5.17 31.24 49.04
CA PHE C 849 -5.48 30.57 47.78
C PHE C 849 -5.84 29.12 48.05
N ASN C 850 -6.96 28.69 47.48
CA ASN C 850 -7.52 27.36 47.71
C ASN C 850 -6.99 26.41 46.65
N LEU C 851 -6.12 25.49 47.05
CA LEU C 851 -5.50 24.53 46.14
C LEU C 851 -6.01 23.11 46.37
N THR C 852 -7.16 22.95 47.03
CA THR C 852 -7.70 21.62 47.28
C THR C 852 -8.03 20.90 45.97
N MET C 853 -8.36 21.66 44.92
CA MET C 853 -8.73 21.05 43.65
C MET C 853 -7.55 20.32 43.00
N LEU C 854 -6.33 20.82 43.21
CA LEU C 854 -5.15 20.28 42.54
C LEU C 854 -4.33 19.35 43.42
N GLN C 855 -4.63 19.24 44.70
CA GLN C 855 -3.86 18.40 45.61
C GLN C 855 -4.50 17.02 45.74
N ILE C 856 -3.65 16.02 45.96
CA ILE C 856 -4.11 14.66 46.18
C ILE C 856 -4.71 14.56 47.57
N PRO C 857 -5.98 14.17 47.70
CA PRO C 857 -6.57 14.04 49.04
C PRO C 857 -5.87 12.98 49.87
N GLN C 858 -5.76 13.23 51.16
CA GLN C 858 -5.09 12.33 52.10
C GLN C 858 -6.16 11.71 53.00
N VAL C 859 -6.38 10.41 52.82
CA VAL C 859 -7.32 9.65 53.65
C VAL C 859 -6.57 8.46 54.23
N THR C 860 -6.71 8.25 55.53
CA THR C 860 -6.02 7.17 56.23
C THR C 860 -6.81 5.88 56.27
N THR C 861 -8.02 5.84 55.68
CA THR C 861 -8.81 4.63 55.68
C THR C 861 -8.13 3.51 54.90
N GLY C 862 -7.54 3.84 53.76
CA GLY C 862 -6.85 2.85 52.95
C GLY C 862 -5.52 3.34 52.42
N GLU C 863 -5.11 2.81 51.27
CA GLU C 863 -3.86 3.23 50.67
C GLU C 863 -3.99 4.65 50.11
N ARG C 864 -2.84 5.29 49.89
CA ARG C 864 -2.82 6.66 49.42
C ARG C 864 -3.41 6.78 48.03
N LYS C 865 -4.19 7.84 47.82
CA LYS C 865 -4.76 8.10 46.51
C LYS C 865 -3.68 8.62 45.56
N TYR C 866 -3.91 8.42 44.26
CA TYR C 866 -2.96 8.81 43.23
C TYR C 866 -3.55 9.80 42.24
N ARG C 867 -4.67 10.42 42.58
CA ARG C 867 -5.33 11.37 41.68
C ARG C 867 -5.86 12.56 42.47
N SER C 868 -5.61 13.76 41.97
CA SER C 868 -6.28 14.94 42.50
C SER C 868 -7.74 14.94 42.06
N ALA C 869 -8.54 15.79 42.72
CA ALA C 869 -9.96 15.83 42.44
C ALA C 869 -10.24 16.23 40.99
N ILE C 870 -9.53 17.25 40.50
CA ILE C 870 -9.71 17.68 39.12
C ILE C 870 -9.23 16.58 38.17
N GLU C 871 -8.17 15.87 38.55
CA GLU C 871 -7.74 14.71 37.77
C GLU C 871 -8.82 13.64 37.78
N ASP C 872 -9.48 13.44 38.92
CA ASP C 872 -10.56 12.46 39.00
C ASP C 872 -11.70 12.83 38.06
N LEU C 873 -12.11 14.10 38.04
CA LEU C 873 -13.16 14.52 37.12
C LEU C 873 -12.72 14.34 35.66
N LEU C 874 -11.49 14.72 35.34
CA LEU C 874 -11.01 14.60 33.97
C LEU C 874 -10.98 13.14 33.51
N PHE C 875 -10.56 12.23 34.40
CA PHE C 875 -10.52 10.82 34.03
C PHE C 875 -11.92 10.21 33.98
N ASN C 876 -12.83 10.68 34.83
CA ASN C 876 -14.19 10.17 34.79
C ASN C 876 -14.97 10.70 33.59
N LYS C 877 -14.56 11.83 33.02
CA LYS C 877 -15.22 12.38 31.85
C LYS C 877 -14.71 11.77 30.54
N VAL C 878 -13.70 10.91 30.59
CA VAL C 878 -13.14 10.28 29.40
C VAL C 878 -13.34 8.77 29.52
N THR C 879 -13.90 8.17 28.48
CA THR C 879 -14.14 6.73 28.43
C THR C 879 -12.96 6.05 27.74
N ILE C 880 -12.25 5.22 28.49
CA ILE C 880 -11.10 4.48 27.97
C ILE C 880 -11.30 3.01 28.30
N ALA C 881 -11.17 2.14 27.30
CA ALA C 881 -11.20 0.71 27.55
C ALA C 881 -9.98 0.31 28.38
N ASP C 882 -10.21 -0.45 29.44
CA ASP C 882 -9.16 -0.80 30.38
C ASP C 882 -8.39 -2.00 29.84
N PRO C 883 -7.09 -1.85 29.51
CA PRO C 883 -6.30 -3.03 29.14
C PRO C 883 -5.94 -3.82 30.38
N GLY C 884 -6.18 -5.12 30.34
CA GLY C 884 -5.93 -5.95 31.49
C GLY C 884 -4.48 -6.30 31.65
N TYR C 885 -3.66 -5.34 32.10
CA TYR C 885 -2.24 -5.60 32.28
C TYR C 885 -2.01 -6.78 33.20
N MET C 886 -2.84 -6.90 34.24
CA MET C 886 -2.83 -8.05 35.13
C MET C 886 -4.08 -8.90 34.86
N GLN C 887 -3.87 -10.20 34.65
CA GLN C 887 -4.95 -11.18 34.47
C GLN C 887 -5.96 -10.76 33.41
N GLY C 888 -5.53 -9.92 32.46
CA GLY C 888 -6.44 -9.48 31.41
C GLY C 888 -6.78 -10.57 30.41
N TYR C 889 -5.91 -11.57 30.27
CA TYR C 889 -6.23 -12.71 29.40
C TYR C 889 -7.41 -13.49 29.95
N ASP C 890 -7.47 -13.67 31.27
CA ASP C 890 -8.59 -14.38 31.89
C ASP C 890 -9.83 -13.50 32.00
N GLU C 891 -9.67 -12.20 32.20
CA GLU C 891 -10.82 -11.31 32.30
C GLU C 891 -11.62 -11.26 31.01
N CYS C 892 -10.98 -11.55 29.87
CA CYS C 892 -11.70 -11.49 28.60
C CYS C 892 -12.65 -12.67 28.45
N MET C 893 -12.33 -13.82 29.05
CA MET C 893 -13.24 -14.95 29.01
C MET C 893 -14.43 -14.76 29.93
N GLN C 894 -14.18 -14.20 31.13
CA GLN C 894 -15.26 -14.00 32.09
C GLN C 894 -16.27 -12.98 31.58
N GLN C 895 -15.81 -11.87 31.03
CA GLN C 895 -16.73 -10.82 30.58
C GLN C 895 -17.58 -11.29 29.42
N GLY C 896 -16.98 -11.97 28.45
CA GLY C 896 -17.68 -12.33 27.24
C GLY C 896 -17.32 -11.40 26.10
N PRO C 897 -18.04 -11.51 24.97
CA PRO C 897 -17.74 -10.69 23.79
C PRO C 897 -18.46 -9.34 23.82
N GLN C 898 -18.16 -8.53 24.82
CA GLN C 898 -18.72 -7.19 24.88
C GLN C 898 -18.16 -6.32 23.76
N SER C 899 -19.00 -5.44 23.22
CA SER C 899 -18.59 -4.65 22.06
C SER C 899 -17.55 -3.59 22.44
N ALA C 900 -17.73 -2.93 23.57
CA ALA C 900 -16.80 -1.88 23.97
C ALA C 900 -15.43 -2.44 24.30
N ARG C 901 -15.38 -3.48 25.13
CA ARG C 901 -14.13 -4.13 25.48
C ARG C 901 -13.84 -5.31 24.55
N ASP C 902 -13.85 -5.05 23.24
CA ASP C 902 -13.56 -6.08 22.25
C ASP C 902 -12.23 -5.88 21.55
N LEU C 903 -11.84 -4.63 21.29
CA LEU C 903 -10.51 -4.38 20.76
C LEU C 903 -9.44 -4.71 21.79
N ILE C 904 -9.75 -4.54 23.08
CA ILE C 904 -8.85 -4.99 24.14
C ILE C 904 -8.84 -6.51 24.19
N CYS C 905 -10.00 -7.14 24.01
CA CYS C 905 -10.09 -8.60 24.03
C CYS C 905 -9.67 -9.24 22.72
N ALA C 906 -9.43 -8.45 21.68
CA ALA C 906 -8.96 -8.99 20.41
C ALA C 906 -7.45 -9.17 20.37
N GLN C 907 -6.74 -8.79 21.45
CA GLN C 907 -5.30 -9.00 21.50
C GLN C 907 -4.96 -10.48 21.39
N TYR C 908 -5.73 -11.32 22.07
CA TYR C 908 -5.44 -12.75 22.17
C TYR C 908 -6.06 -13.55 21.04
N VAL C 909 -6.73 -12.91 20.09
CA VAL C 909 -7.25 -13.57 18.91
C VAL C 909 -6.55 -13.10 17.64
N ALA C 910 -6.36 -11.79 17.50
CA ALA C 910 -5.68 -11.27 16.31
C ALA C 910 -4.18 -11.53 16.38
N GLY C 911 -3.57 -11.37 17.55
CA GLY C 911 -2.16 -11.64 17.70
C GLY C 911 -1.31 -10.41 17.96
N TYR C 912 -1.83 -9.46 18.74
CA TYR C 912 -1.08 -8.29 19.14
C TYR C 912 -1.21 -8.12 20.65
N LYS C 913 -0.42 -7.20 21.21
CA LYS C 913 -0.40 -6.98 22.65
C LYS C 913 -0.30 -5.50 22.94
N VAL C 914 -1.04 -5.05 23.95
CA VAL C 914 -0.98 -3.68 24.45
C VAL C 914 -0.01 -3.66 25.62
N LEU C 915 1.14 -3.02 25.44
CA LEU C 915 2.15 -3.00 26.49
C LEU C 915 1.74 -2.05 27.61
N PRO C 916 2.06 -2.39 28.86
CA PRO C 916 1.74 -1.49 29.97
C PRO C 916 2.58 -0.23 29.88
N PRO C 917 2.08 0.89 30.42
CA PRO C 917 2.88 2.11 30.45
C PRO C 917 4.11 1.95 31.33
N LEU C 918 5.13 2.77 31.04
CA LEU C 918 6.40 2.65 31.74
C LEU C 918 6.26 2.92 33.23
N TYR C 919 5.33 3.78 33.62
CA TYR C 919 5.21 4.22 35.01
C TYR C 919 3.82 3.92 35.55
N ASP C 920 3.78 3.57 36.84
CA ASP C 920 2.53 3.41 37.55
C ASP C 920 1.83 4.77 37.64
N PRO C 921 0.51 4.78 37.76
CA PRO C 921 -0.18 6.07 37.98
C PRO C 921 0.28 6.78 39.24
N TYR C 922 0.84 6.05 40.22
CA TYR C 922 1.39 6.72 41.40
C TYR C 922 2.63 7.53 41.05
N MET C 923 3.42 7.06 40.08
CA MET C 923 4.59 7.84 39.65
C MET C 923 4.15 9.11 38.93
N GLU C 924 3.09 9.02 38.13
CA GLU C 924 2.56 10.23 37.49
C GLU C 924 1.99 11.19 38.52
N ALA C 925 1.33 10.65 39.56
CA ALA C 925 0.86 11.49 40.65
C ALA C 925 2.02 12.18 41.35
N ALA C 926 3.12 11.46 41.56
CA ALA C 926 4.31 12.07 42.16
C ALA C 926 4.88 13.16 41.27
N TYR C 927 4.88 12.93 39.95
CA TYR C 927 5.36 13.95 39.02
C TYR C 927 4.51 15.21 39.11
N THR C 928 3.18 15.05 39.10
CA THR C 928 2.31 16.22 39.17
C THR C 928 2.38 16.90 40.53
N SER C 929 2.57 16.13 41.60
CA SER C 929 2.72 16.73 42.93
C SER C 929 4.03 17.51 43.04
N SER C 930 5.10 17.00 42.43
CA SER C 930 6.35 17.75 42.38
C SER C 930 6.19 19.02 41.56
N LEU C 931 5.45 18.94 40.46
CA LEU C 931 5.16 20.13 39.66
C LEU C 931 4.40 21.17 40.48
N LEU C 932 3.40 20.73 41.25
CA LEU C 932 2.64 21.64 42.09
C LEU C 932 3.51 22.26 43.17
N GLY C 933 4.39 21.45 43.78
CA GLY C 933 5.29 21.96 44.81
C GLY C 933 6.44 22.79 44.29
N SER C 934 6.70 22.75 42.99
CA SER C 934 7.75 23.56 42.39
C SER C 934 7.25 24.90 41.88
N ILE C 935 5.98 25.22 42.09
CA ILE C 935 5.42 26.48 41.58
C ILE C 935 6.05 27.67 42.29
N ALA C 936 6.10 27.61 43.62
CA ALA C 936 6.57 28.74 44.41
C ALA C 936 8.10 28.87 44.35
N GLY C 937 8.56 30.11 44.35
CA GLY C 937 9.99 30.36 44.29
C GLY C 937 10.27 31.85 44.26
N ALA C 938 11.55 32.19 44.09
CA ALA C 938 11.96 33.59 44.06
C ALA C 938 11.34 34.32 42.87
N SER C 939 11.51 33.76 41.67
CA SER C 939 10.97 34.32 40.43
C SER C 939 11.51 35.71 40.12
N TRP C 940 12.66 36.08 40.70
CA TRP C 940 13.30 37.35 40.35
C TRP C 940 14.81 37.25 40.18
N THR C 941 15.41 36.08 40.40
CA THR C 941 16.85 35.96 40.37
C THR C 941 17.34 35.63 38.96
N ALA C 942 18.66 35.76 38.77
CA ALA C 942 19.23 35.65 37.43
C ALA C 942 19.26 34.21 36.95
N GLY C 943 19.56 33.26 37.84
CA GLY C 943 19.73 31.89 37.41
C GLY C 943 18.69 30.91 37.94
N LEU C 944 19.02 29.61 37.88
CA LEU C 944 18.13 28.56 38.35
C LEU C 944 18.84 27.63 39.33
N SER C 945 19.97 28.06 39.89
CA SER C 945 20.75 27.20 40.77
C SER C 945 20.36 27.32 42.24
N SER C 946 19.61 28.34 42.61
CA SER C 946 19.19 28.54 44.00
C SER C 946 17.69 28.38 44.11
N PHE C 947 17.25 27.74 45.19
CA PHE C 947 15.84 27.53 45.47
C PHE C 947 15.45 28.33 46.71
N ALA C 948 14.46 29.19 46.56
CA ALA C 948 13.93 29.97 47.66
C ALA C 948 12.64 29.34 48.15
N ALA C 949 12.43 29.37 49.47
CA ALA C 949 11.27 28.74 50.09
C ALA C 949 10.11 29.71 50.27
N ILE C 950 9.97 30.68 49.37
CA ILE C 950 8.85 31.63 49.45
C ILE C 950 7.54 30.86 49.29
N PRO C 951 6.55 31.07 50.16
CA PRO C 951 5.31 30.31 50.07
C PRO C 951 4.55 30.60 48.79
N PHE C 952 3.47 29.83 48.59
CA PHE C 952 2.71 29.90 47.34
C PHE C 952 2.03 31.24 47.16
N ALA C 953 1.38 31.75 48.22
CA ALA C 953 0.67 33.02 48.10
C ALA C 953 1.62 34.17 47.81
N GLN C 954 2.75 34.20 48.50
CA GLN C 954 3.75 35.23 48.24
C GLN C 954 4.29 35.14 46.82
N SER C 955 4.51 33.92 46.32
CA SER C 955 4.97 33.76 44.95
C SER C 955 3.94 34.25 43.95
N ILE C 956 2.66 33.97 44.20
CA ILE C 956 1.61 34.43 43.31
C ILE C 956 1.53 35.95 43.30
N PHE C 957 1.63 36.56 44.50
CA PHE C 957 1.61 38.01 44.57
C PHE C 957 2.83 38.63 43.90
N TYR C 958 3.98 37.95 43.98
CA TYR C 958 5.16 38.44 43.27
C TYR C 958 5.00 38.33 41.76
N ARG C 959 4.36 37.26 41.29
CA ARG C 959 4.05 37.16 39.86
C ARG C 959 3.11 38.27 39.43
N LEU C 960 2.11 38.57 40.25
CA LEU C 960 1.21 39.70 39.97
C LEU C 960 1.94 41.03 39.98
N ASN C 961 2.92 41.20 40.87
CA ASN C 961 3.76 42.39 40.83
C ASN C 961 4.56 42.43 39.53
N GLY C 962 5.06 41.28 39.08
CA GLY C 962 5.82 41.22 37.85
C GLY C 962 5.02 41.59 36.61
N VAL C 963 3.74 41.19 36.57
CA VAL C 963 2.96 41.47 35.35
C VAL C 963 2.58 42.94 35.25
N GLY C 964 2.84 43.75 36.28
CA GLY C 964 2.59 45.17 36.17
C GLY C 964 1.63 45.73 37.19
N ILE C 965 1.43 45.03 38.30
CA ILE C 965 0.55 45.45 39.37
C ILE C 965 1.41 45.88 40.55
N THR C 966 1.26 47.13 40.98
CA THR C 966 2.11 47.66 42.03
C THR C 966 1.78 47.03 43.37
N GLN C 967 2.73 47.13 44.30
CA GLN C 967 2.55 46.51 45.61
C GLN C 967 1.42 47.15 46.41
N GLN C 968 1.12 48.43 46.16
CA GLN C 968 0.02 49.09 46.84
C GLN C 968 -1.31 48.43 46.50
N VAL C 969 -1.55 48.16 45.22
CA VAL C 969 -2.79 47.51 44.80
C VAL C 969 -2.85 46.10 45.36
N LEU C 970 -1.74 45.36 45.30
CA LEU C 970 -1.71 44.00 45.81
C LEU C 970 -2.03 43.96 47.30
N SER C 971 -1.45 44.90 48.07
CA SER C 971 -1.75 44.96 49.50
C SER C 971 -3.20 45.35 49.75
N GLU C 972 -3.72 46.31 48.98
CA GLU C 972 -5.11 46.72 49.15
C GLU C 972 -6.06 45.59 48.76
N ASN C 973 -5.87 45.02 47.58
CA ASN C 973 -6.73 43.95 47.08
C ASN C 973 -6.05 42.60 47.27
N GLN C 974 -5.97 42.19 48.53
CA GLN C 974 -5.46 40.86 48.86
C GLN C 974 -6.58 39.83 48.81
N LYS C 975 -7.63 40.03 49.61
CA LYS C 975 -8.75 39.09 49.63
C LYS C 975 -9.49 39.07 48.30
N ILE C 976 -9.60 40.20 47.62
CA ILE C 976 -10.27 40.23 46.33
C ILE C 976 -9.53 39.38 45.32
N ILE C 977 -8.20 39.52 45.27
CA ILE C 977 -7.39 38.72 44.35
C ILE C 977 -7.48 37.25 44.72
N ALA C 978 -7.43 36.93 46.02
CA ALA C 978 -7.53 35.54 46.44
C ALA C 978 -8.87 34.94 46.05
N ASN C 979 -9.96 35.69 46.22
CA ASN C 979 -11.29 35.19 45.86
C ASN C 979 -11.42 35.00 44.35
N LYS C 980 -10.87 35.94 43.57
CA LYS C 980 -10.92 35.78 42.12
C LYS C 980 -10.13 34.55 41.67
N PHE C 981 -8.96 34.33 42.27
CA PHE C 981 -8.17 33.13 41.94
C PHE C 981 -8.91 31.86 42.34
N ASN C 982 -9.55 31.87 43.51
CA ASN C 982 -10.29 30.70 43.96
C ASN C 982 -11.47 30.40 43.06
N GLN C 983 -12.19 31.43 42.61
CA GLN C 983 -13.32 31.20 41.71
C GLN C 983 -12.82 30.76 40.33
N ALA C 984 -11.66 31.25 39.89
CA ALA C 984 -11.08 30.78 38.64
C ALA C 984 -10.73 29.30 38.72
N LEU C 985 -10.15 28.88 39.85
CA LEU C 985 -9.84 27.47 40.05
C LEU C 985 -11.10 26.61 40.20
N GLY C 986 -12.16 27.17 40.77
CA GLY C 986 -13.40 26.43 40.88
C GLY C 986 -14.20 26.34 39.60
N ALA C 987 -13.95 27.26 38.65
CA ALA C 987 -14.68 27.28 37.39
C ALA C 987 -14.10 26.35 36.34
N MET C 988 -12.94 25.73 36.59
CA MET C 988 -12.35 24.85 35.59
C MET C 988 -12.95 23.45 35.59
N GLN C 989 -13.86 23.16 36.52
CA GLN C 989 -14.62 21.92 36.43
C GLN C 989 -15.51 21.91 35.19
N THR C 990 -16.11 23.05 34.87
CA THR C 990 -17.02 23.16 33.73
C THR C 990 -16.33 23.00 32.39
N GLY C 991 -15.00 23.02 32.35
CA GLY C 991 -14.27 22.89 31.10
C GLY C 991 -14.11 21.48 30.59
N PHE C 992 -14.60 20.48 31.33
CA PHE C 992 -14.51 19.09 30.90
C PHE C 992 -15.78 18.67 30.16
N THR C 993 -16.10 19.43 29.12
CA THR C 993 -17.24 19.16 28.26
C THR C 993 -16.76 19.14 26.80
N THR C 994 -17.64 18.66 25.92
CA THR C 994 -17.32 18.58 24.50
C THR C 994 -17.13 19.94 23.85
N THR C 995 -17.61 21.02 24.48
CA THR C 995 -17.42 22.35 23.91
C THR C 995 -15.95 22.77 23.97
N ASN C 996 -15.24 22.41 25.04
CA ASN C 996 -13.85 22.80 25.19
C ASN C 996 -12.97 22.08 24.17
N LEU C 997 -11.97 22.81 23.66
CA LEU C 997 -11.07 22.28 22.64
C LEU C 997 -10.05 21.30 23.23
N ALA C 998 -9.52 21.59 24.43
CA ALA C 998 -8.50 20.72 25.01
C ALA C 998 -9.09 19.38 25.41
N PHE C 999 -10.30 19.36 25.97
CA PHE C 999 -10.96 18.10 26.28
C PHE C 999 -11.25 17.32 25.01
N ASN C 1000 -11.62 18.02 23.94
CA ASN C 1000 -11.77 17.37 22.64
C ASN C 1000 -10.46 16.76 22.18
N LYS C 1001 -9.34 17.43 22.44
CA LYS C 1001 -8.03 16.87 22.09
C LYS C 1001 -7.73 15.62 22.90
N VAL C 1002 -8.08 15.61 24.19
CA VAL C 1002 -7.89 14.44 25.02
C VAL C 1002 -8.68 13.26 24.46
N GLN C 1003 -9.96 13.50 24.17
CA GLN C 1003 -10.80 12.44 23.63
C GLN C 1003 -10.33 12.01 22.25
N ASP C 1004 -9.77 12.94 21.47
CA ASP C 1004 -9.23 12.60 20.16
C ASP C 1004 -8.02 11.68 20.28
N ALA C 1005 -7.14 11.96 21.25
CA ALA C 1005 -6.00 11.08 21.46
C ALA C 1005 -6.45 9.69 21.90
N VAL C 1006 -7.43 9.62 22.80
CA VAL C 1006 -7.97 8.33 23.22
C VAL C 1006 -8.58 7.60 22.04
N ASN C 1007 -9.33 8.32 21.19
CA ASN C 1007 -9.97 7.71 20.04
C ASN C 1007 -8.95 7.23 19.02
N ALA C 1008 -7.85 7.95 18.85
CA ALA C 1008 -6.80 7.48 17.94
C ALA C 1008 -6.14 6.22 18.47
N ASN C 1009 -5.87 6.18 19.77
CA ASN C 1009 -5.33 4.97 20.39
C ASN C 1009 -6.27 3.79 20.18
N ALA C 1010 -7.57 4.01 20.34
CA ALA C 1010 -8.53 2.94 20.12
C ALA C 1010 -8.65 2.57 18.64
N MET C 1011 -8.53 3.56 17.76
CA MET C 1011 -8.71 3.32 16.33
C MET C 1011 -7.57 2.50 15.76
N ALA C 1012 -6.34 2.72 16.23
CA ALA C 1012 -5.23 1.88 15.78
C ALA C 1012 -5.50 0.40 16.07
N LEU C 1013 -5.91 0.11 17.31
CA LEU C 1013 -6.24 -1.26 17.69
C LEU C 1013 -7.42 -1.80 16.89
N SER C 1014 -8.46 -0.99 16.71
CA SER C 1014 -9.63 -1.44 15.97
C SER C 1014 -9.29 -1.78 14.53
N LYS C 1015 -8.50 -0.94 13.86
CA LYS C 1015 -8.07 -1.25 12.50
C LYS C 1015 -7.22 -2.51 12.45
N LEU C 1016 -6.28 -2.65 13.40
CA LEU C 1016 -5.42 -3.83 13.42
C LEU C 1016 -6.24 -5.10 13.60
N ALA C 1017 -7.25 -5.07 14.48
CA ALA C 1017 -8.06 -6.26 14.72
C ALA C 1017 -9.01 -6.54 13.57
N ALA C 1018 -9.56 -5.49 12.96
CA ALA C 1018 -10.58 -5.66 11.92
C ALA C 1018 -9.99 -5.98 10.56
N GLU C 1019 -8.68 -5.75 10.36
CA GLU C 1019 -8.09 -6.13 9.10
C GLU C 1019 -7.89 -7.64 8.95
N LEU C 1020 -8.18 -8.42 10.00
CA LEU C 1020 -8.07 -9.87 9.94
C LEU C 1020 -9.38 -10.56 9.55
N SER C 1021 -10.44 -9.80 9.28
CA SER C 1021 -11.75 -10.38 9.02
C SER C 1021 -12.21 -10.25 7.58
N ASN C 1022 -11.53 -9.46 6.76
CA ASN C 1022 -11.92 -9.23 5.38
C ASN C 1022 -11.13 -10.13 4.45
N THR C 1023 -11.80 -10.65 3.42
CA THR C 1023 -11.26 -11.70 2.58
C THR C 1023 -10.19 -11.21 1.59
N PHE C 1024 -10.17 -9.92 1.28
CA PHE C 1024 -9.16 -9.35 0.39
C PHE C 1024 -9.24 -9.94 -1.02
N GLY C 1025 -10.42 -10.42 -1.41
CA GLY C 1025 -10.63 -11.03 -2.70
C GLY C 1025 -10.63 -12.54 -2.68
N ALA C 1026 -10.15 -13.16 -1.60
CA ALA C 1026 -10.13 -14.61 -1.50
C ALA C 1026 -11.53 -15.13 -1.19
N ILE C 1027 -11.67 -16.46 -1.25
CA ILE C 1027 -12.96 -17.08 -0.96
C ILE C 1027 -13.33 -16.90 0.49
N SER C 1028 -12.34 -16.82 1.38
CA SER C 1028 -12.59 -16.66 2.80
C SER C 1028 -11.43 -15.92 3.44
N SER C 1029 -11.70 -15.34 4.61
CA SER C 1029 -10.68 -14.68 5.41
C SER C 1029 -9.96 -15.64 6.34
N SER C 1030 -10.39 -16.90 6.38
CA SER C 1030 -9.79 -17.91 7.24
C SER C 1030 -8.89 -18.81 6.41
N ILE C 1031 -7.66 -19.01 6.88
CA ILE C 1031 -6.75 -19.93 6.19
C ILE C 1031 -7.26 -21.36 6.28
N SER C 1032 -7.89 -21.72 7.41
CA SER C 1032 -8.45 -23.05 7.56
C SER C 1032 -9.57 -23.31 6.56
N ASP C 1033 -10.42 -22.32 6.32
CA ASP C 1033 -11.50 -22.48 5.34
C ASP C 1033 -10.94 -22.66 3.93
N ILE C 1034 -9.90 -21.90 3.58
CA ILE C 1034 -9.28 -22.03 2.27
C ILE C 1034 -8.66 -23.41 2.12
N LEU C 1035 -7.98 -23.89 3.16
CA LEU C 1035 -7.37 -25.22 3.09
C LEU C 1035 -8.43 -26.31 2.98
N ALA C 1036 -9.57 -26.13 3.65
CA ALA C 1036 -10.61 -27.14 3.62
C ALA C 1036 -11.35 -27.15 2.29
N ARG C 1037 -11.60 -25.97 1.72
CA ARG C 1037 -12.44 -25.85 0.54
C ARG C 1037 -11.69 -25.99 -0.78
N LEU C 1038 -10.39 -25.72 -0.80
CA LEU C 1038 -9.61 -25.77 -2.03
C LEU C 1038 -8.45 -26.74 -1.89
N ASP C 1039 -7.68 -26.86 -2.97
CA ASP C 1039 -6.62 -27.82 -3.14
C ASP C 1039 -5.33 -27.10 -3.52
N PRO C 1040 -4.17 -27.73 -3.33
CA PRO C 1040 -2.88 -27.00 -3.30
C PRO C 1040 -2.73 -25.95 -4.40
N PRO C 1041 -2.98 -26.28 -5.68
CA PRO C 1041 -2.73 -25.27 -6.72
C PRO C 1041 -3.52 -23.98 -6.53
N GLU C 1042 -4.76 -24.07 -6.05
CA GLU C 1042 -5.56 -22.88 -5.76
C GLU C 1042 -5.41 -22.42 -4.31
N GLN C 1043 -5.12 -23.35 -3.41
CA GLN C 1043 -4.84 -23.01 -2.02
C GLN C 1043 -3.69 -22.02 -1.93
N GLU C 1044 -2.62 -22.28 -2.70
CA GLU C 1044 -1.47 -21.38 -2.69
C GLU C 1044 -1.86 -19.98 -3.14
N ALA C 1045 -2.66 -19.87 -4.20
CA ALA C 1045 -3.05 -18.56 -4.71
C ALA C 1045 -3.89 -17.80 -3.68
N GLN C 1046 -4.88 -18.48 -3.08
CA GLN C 1046 -5.74 -17.78 -2.12
C GLN C 1046 -4.97 -17.38 -0.87
N ILE C 1047 -4.13 -18.29 -0.35
CA ILE C 1047 -3.35 -17.97 0.84
C ILE C 1047 -2.34 -16.87 0.53
N ASP C 1048 -1.79 -16.85 -0.69
CA ASP C 1048 -0.90 -15.78 -1.09
C ASP C 1048 -1.62 -14.44 -1.15
N ARG C 1049 -2.85 -14.44 -1.65
CA ARG C 1049 -3.64 -13.20 -1.66
C ARG C 1049 -3.85 -12.69 -0.24
N LEU C 1050 -4.25 -13.59 0.67
CA LEU C 1050 -4.44 -13.19 2.06
C LEU C 1050 -3.13 -12.68 2.67
N ILE C 1051 -2.03 -13.36 2.38
CA ILE C 1051 -0.73 -12.98 2.93
C ILE C 1051 -0.33 -11.60 2.42
N ASN C 1052 -0.47 -11.36 1.11
CA ASN C 1052 -0.13 -10.06 0.55
C ASN C 1052 -0.93 -8.95 1.21
N GLY C 1053 -2.25 -9.14 1.32
CA GLY C 1053 -3.07 -8.12 1.97
C GLY C 1053 -2.69 -7.86 3.41
N ARG C 1054 -2.51 -8.91 4.20
CA ARG C 1054 -2.17 -8.73 5.61
C ARG C 1054 -0.78 -8.13 5.78
N LEU C 1055 0.17 -8.50 4.92
CA LEU C 1055 1.49 -7.87 4.97
C LEU C 1055 1.41 -6.39 4.68
N THR C 1056 0.66 -5.99 3.65
CA THR C 1056 0.53 -4.58 3.36
C THR C 1056 -0.13 -3.84 4.53
N SER C 1057 -1.19 -4.42 5.10
CA SER C 1057 -1.86 -3.80 6.23
C SER C 1057 -0.96 -3.67 7.46
N LEU C 1058 -0.20 -4.71 7.80
CA LEU C 1058 0.73 -4.66 8.91
C LEU C 1058 1.86 -3.66 8.69
N ASN C 1059 2.39 -3.57 7.48
CA ASN C 1059 3.39 -2.55 7.17
C ASN C 1059 2.83 -1.14 7.33
N ALA C 1060 1.60 -0.91 6.86
CA ALA C 1060 0.97 0.39 7.05
C ALA C 1060 0.77 0.69 8.54
N PHE C 1061 0.34 -0.31 9.31
CA PHE C 1061 0.17 -0.12 10.74
C PHE C 1061 1.48 0.23 11.42
N VAL C 1062 2.58 -0.44 11.03
CA VAL C 1062 3.86 -0.16 11.65
C VAL C 1062 4.36 1.23 11.29
N ALA C 1063 4.18 1.64 10.04
CA ALA C 1063 4.57 2.98 9.64
C ALA C 1063 3.78 4.04 10.40
N GLN C 1064 2.47 3.84 10.53
CA GLN C 1064 1.64 4.77 11.28
C GLN C 1064 2.03 4.81 12.75
N GLN C 1065 2.39 3.65 13.31
CA GLN C 1065 2.83 3.60 14.70
C GLN C 1065 4.14 4.35 14.89
N LEU C 1066 5.07 4.23 13.93
CA LEU C 1066 6.32 4.99 14.00
C LEU C 1066 6.04 6.49 13.93
N VAL C 1067 5.15 6.91 13.03
CA VAL C 1067 4.82 8.33 12.92
C VAL C 1067 4.19 8.83 14.21
N ARG C 1068 3.27 8.05 14.79
CA ARG C 1068 2.63 8.45 16.04
C ARG C 1068 3.63 8.52 17.19
N THR C 1069 4.58 7.58 17.23
CA THR C 1069 5.59 7.62 18.28
C THR C 1069 6.47 8.85 18.16
N GLU C 1070 6.88 9.20 16.94
CA GLU C 1070 7.68 10.41 16.77
C GLU C 1070 6.90 11.65 17.14
N ALA C 1071 5.62 11.72 16.75
CA ALA C 1071 4.79 12.86 17.12
C ALA C 1071 4.61 12.96 18.62
N ALA C 1072 4.44 11.81 19.29
CA ALA C 1072 4.28 11.81 20.74
C ALA C 1072 5.57 12.23 21.44
N ALA C 1073 6.72 11.84 20.89
CA ALA C 1073 7.99 12.29 21.47
C ALA C 1073 8.16 13.79 21.33
N ARG C 1074 7.83 14.33 20.14
CA ARG C 1074 7.91 15.78 19.97
C ARG C 1074 6.94 16.51 20.90
N SER C 1075 5.73 15.96 21.05
CA SER C 1075 4.76 16.57 21.96
C SER C 1075 5.19 16.46 23.41
N ALA C 1076 5.90 15.39 23.78
CA ALA C 1076 6.45 15.30 25.13
C ALA C 1076 7.54 16.33 25.35
N GLN C 1077 8.37 16.58 24.33
CA GLN C 1077 9.34 17.67 24.43
C GLN C 1077 8.63 19.01 24.60
N LEU C 1078 7.55 19.23 23.86
CA LEU C 1078 6.78 20.46 24.01
C LEU C 1078 6.18 20.57 25.40
N ALA C 1079 5.71 19.45 25.95
CA ALA C 1079 5.16 19.45 27.30
C ALA C 1079 6.24 19.78 28.34
N GLN C 1080 7.45 19.26 28.15
CA GLN C 1080 8.55 19.62 29.03
C GLN C 1080 8.85 21.11 28.94
N ASP C 1081 8.85 21.65 27.72
CA ASP C 1081 9.05 23.10 27.56
C ASP C 1081 7.97 23.90 28.27
N LYS C 1082 6.71 23.46 28.15
CA LYS C 1082 5.61 24.15 28.80
C LYS C 1082 5.72 24.07 30.32
N VAL C 1083 6.14 22.91 30.83
CA VAL C 1083 6.33 22.77 32.28
C VAL C 1083 7.43 23.71 32.76
N ASN C 1084 8.53 23.79 32.01
CA ASN C 1084 9.64 24.64 32.41
C ASN C 1084 9.28 26.12 32.33
N GLU C 1085 8.47 26.51 31.36
CA GLU C 1085 8.23 27.93 31.11
C GLU C 1085 7.00 28.47 31.84
N CYS C 1086 5.88 27.77 31.75
CA CYS C 1086 4.63 28.25 32.32
C CYS C 1086 4.38 27.76 33.74
N VAL C 1087 4.76 26.53 34.05
CA VAL C 1087 4.46 25.94 35.35
C VAL C 1087 5.54 26.28 36.37
N LYS C 1088 6.80 26.00 36.06
CA LYS C 1088 7.89 26.23 37.00
C LYS C 1088 8.36 27.68 37.02
N SER C 1089 7.87 28.52 36.10
CA SER C 1089 8.27 29.92 36.05
C SER C 1089 7.12 30.72 35.42
N GLN C 1090 7.34 32.01 35.28
CA GLN C 1090 6.36 32.91 34.70
C GLN C 1090 6.85 33.37 33.32
N SER C 1091 5.98 33.30 32.33
CA SER C 1091 6.35 33.55 30.96
C SER C 1091 5.95 34.97 30.55
N LYS C 1092 6.89 35.69 29.95
CA LYS C 1092 6.64 37.01 29.39
C LYS C 1092 6.22 36.94 27.93
N ARG C 1093 6.18 35.75 27.34
CA ARG C 1093 5.72 35.58 25.97
C ARG C 1093 4.21 35.77 25.89
N ASN C 1094 3.73 36.00 24.67
CA ASN C 1094 2.31 36.18 24.41
C ASN C 1094 1.79 34.94 23.70
N GLY C 1095 0.77 34.31 24.28
CA GLY C 1095 0.10 33.19 23.67
C GLY C 1095 0.75 31.84 23.90
N PHE C 1096 1.93 31.79 24.55
CA PHE C 1096 2.55 30.49 24.82
C PHE C 1096 1.84 29.78 25.96
N CYS C 1097 1.44 30.52 27.00
CA CYS C 1097 0.75 29.96 28.15
C CYS C 1097 -0.67 30.51 28.24
N GLY C 1098 -1.36 30.56 27.10
CA GLY C 1098 -2.73 31.03 27.05
C GLY C 1098 -2.84 32.51 26.74
N THR C 1099 -4.07 32.95 26.53
CA THR C 1099 -4.33 34.33 26.22
C THR C 1099 -4.18 35.20 27.47
N GLY C 1100 -3.89 36.48 27.25
CA GLY C 1100 -3.70 37.40 28.34
C GLY C 1100 -2.30 37.34 28.91
N THR C 1101 -2.13 38.00 30.05
CA THR C 1101 -0.85 38.06 30.73
C THR C 1101 -0.72 36.85 31.66
N HIS C 1102 0.24 35.98 31.38
CA HIS C 1102 0.38 34.74 32.13
C HIS C 1102 0.80 35.01 33.58
N ILE C 1103 0.18 34.28 34.50
CA ILE C 1103 0.50 34.36 35.92
C ILE C 1103 1.07 33.05 36.44
N VAL C 1104 0.29 31.98 36.38
CA VAL C 1104 0.70 30.68 36.90
C VAL C 1104 -0.03 29.60 36.12
N SER C 1105 0.66 28.48 35.89
CA SER C 1105 0.10 27.35 35.17
C SER C 1105 0.19 26.10 36.03
N PHE C 1106 -0.89 25.32 36.03
CA PHE C 1106 -0.95 24.05 36.75
C PHE C 1106 -1.09 22.91 35.75
N ALA C 1107 -0.31 21.86 35.95
CA ALA C 1107 -0.31 20.69 35.08
C ALA C 1107 -0.80 19.48 35.86
N ILE C 1108 -1.83 18.81 35.34
CA ILE C 1108 -2.36 17.60 35.94
C ILE C 1108 -2.20 16.45 34.95
N ASN C 1109 -2.58 15.24 35.35
CA ASN C 1109 -2.42 14.08 34.50
C ASN C 1109 -3.65 13.87 33.64
N ALA C 1110 -3.43 13.69 32.35
CA ALA C 1110 -4.45 13.33 31.38
C ALA C 1110 -4.28 11.88 30.95
N PRO C 1111 -5.30 11.28 30.33
CA PRO C 1111 -5.16 9.88 29.91
C PRO C 1111 -3.92 9.56 29.09
N ASN C 1112 -3.53 10.44 28.17
CA ASN C 1112 -2.40 10.17 27.30
C ASN C 1112 -1.42 11.34 27.25
N GLY C 1113 -1.36 12.13 28.32
CA GLY C 1113 -0.45 13.26 28.34
C GLY C 1113 -0.63 14.11 29.58
N LEU C 1114 -0.41 15.41 29.41
CA LEU C 1114 -0.50 16.37 30.50
C LEU C 1114 -1.53 17.44 30.16
N TYR C 1115 -2.36 17.78 31.13
CA TYR C 1115 -3.38 18.81 30.98
C TYR C 1115 -2.94 20.05 31.73
N PHE C 1116 -2.91 21.19 31.03
CA PHE C 1116 -2.39 22.44 31.59
C PHE C 1116 -3.55 23.41 31.83
N PHE C 1117 -3.58 24.01 33.01
CA PHE C 1117 -4.52 25.07 33.34
C PHE C 1117 -3.72 26.37 33.42
N HIS C 1118 -3.81 27.17 32.36
CA HIS C 1118 -3.06 28.42 32.24
C HIS C 1118 -3.90 29.54 32.84
N VAL C 1119 -3.53 29.98 34.05
CA VAL C 1119 -4.20 31.09 34.71
C VAL C 1119 -3.53 32.38 34.27
N GLY C 1120 -4.33 33.31 33.73
CA GLY C 1120 -3.80 34.56 33.23
C GLY C 1120 -4.58 35.74 33.77
N TYR C 1121 -3.95 36.91 33.69
CA TYR C 1121 -4.54 38.15 34.19
C TYR C 1121 -5.39 38.75 33.07
N GLN C 1122 -6.71 38.65 33.22
CA GLN C 1122 -7.63 39.16 32.20
C GLN C 1122 -8.34 40.40 32.71
N PRO C 1123 -8.11 41.57 32.12
CA PRO C 1123 -8.83 42.78 32.54
C PRO C 1123 -10.22 42.82 31.93
N THR C 1124 -11.18 43.30 32.73
CA THR C 1124 -12.57 43.43 32.30
C THR C 1124 -12.94 44.86 31.95
N SER C 1125 -12.62 45.81 32.81
CA SER C 1125 -12.93 47.22 32.60
C SER C 1125 -11.64 48.02 32.49
N HIS C 1126 -11.65 49.02 31.61
CA HIS C 1126 -10.50 49.88 31.38
C HIS C 1126 -10.86 51.33 31.65
N VAL C 1127 -9.83 52.16 31.80
CA VAL C 1127 -9.99 53.60 31.94
C VAL C 1127 -9.06 54.29 30.96
N ASN C 1128 -9.55 55.33 30.31
CA ASN C 1128 -8.72 56.12 29.39
C ASN C 1128 -7.94 57.14 30.19
N ALA C 1129 -6.62 56.97 30.25
CA ALA C 1129 -5.76 57.80 31.07
C ALA C 1129 -4.84 58.63 30.18
N THR C 1130 -4.65 59.89 30.55
CA THR C 1130 -3.72 60.77 29.84
C THR C 1130 -2.31 60.48 30.34
N ALA C 1131 -1.47 59.92 29.48
CA ALA C 1131 -0.13 59.49 29.86
C ALA C 1131 0.91 60.33 29.13
N ALA C 1132 2.12 60.32 29.68
CA ALA C 1132 3.26 61.05 29.12
C ALA C 1132 4.39 60.07 28.82
N TYR C 1133 5.12 60.34 27.74
CA TYR C 1133 6.28 59.52 27.41
C TYR C 1133 7.34 59.64 28.50
N GLY C 1134 7.54 60.85 29.02
CA GLY C 1134 8.47 61.09 30.10
C GLY C 1134 8.36 62.53 30.55
N LEU C 1135 9.04 62.84 31.65
CA LEU C 1135 8.99 64.17 32.24
C LEU C 1135 10.39 64.65 32.59
N CYS C 1136 10.62 65.96 32.46
CA CYS C 1136 11.83 66.57 32.98
C CYS C 1136 11.67 68.08 33.10
N ASN C 1137 12.60 68.67 33.84
CA ASN C 1137 12.56 70.06 34.25
C ASN C 1137 13.24 70.95 33.20
N THR C 1138 13.49 72.20 33.57
CA THR C 1138 14.16 73.17 32.70
C THR C 1138 15.50 73.53 33.33
N GLU C 1139 16.52 72.74 33.02
CA GLU C 1139 17.89 72.98 33.45
C GLU C 1139 18.80 72.99 32.23
N ASN C 1140 19.98 73.59 32.39
CA ASN C 1140 20.92 73.62 31.27
C ASN C 1140 21.30 72.20 30.83
N PRO C 1141 21.73 71.29 31.70
CA PRO C 1141 21.63 69.87 31.37
C PRO C 1141 20.31 69.31 31.83
N PRO C 1142 19.43 68.92 30.89
CA PRO C 1142 18.14 68.34 31.31
C PRO C 1142 18.32 67.00 31.98
N LYS C 1143 17.38 66.70 32.89
CA LYS C 1143 17.36 65.45 33.65
C LYS C 1143 15.99 64.81 33.45
N CYS C 1144 15.87 63.92 32.47
CA CYS C 1144 14.59 63.36 32.10
C CYS C 1144 14.43 61.94 32.63
N ILE C 1145 13.21 61.62 33.05
CA ILE C 1145 12.89 60.34 33.67
C ILE C 1145 11.79 59.66 32.86
N ALA C 1146 11.77 58.33 32.92
CA ALA C 1146 10.77 57.52 32.25
C ALA C 1146 10.21 56.49 33.23
N PRO C 1147 8.95 56.09 33.04
CA PRO C 1147 8.36 55.11 33.96
C PRO C 1147 8.99 53.74 33.83
N ILE C 1148 8.95 52.99 34.91
CA ILE C 1148 9.45 51.61 34.95
C ILE C 1148 8.25 50.69 35.14
N ASP C 1149 8.00 49.85 34.14
CA ASP C 1149 6.89 48.89 34.18
C ASP C 1149 5.56 49.59 34.46
N GLY C 1150 5.35 50.73 33.82
CA GLY C 1150 4.14 51.48 34.05
C GLY C 1150 4.09 52.71 33.16
N TYR C 1151 3.20 53.64 33.52
CA TYR C 1151 3.02 54.87 32.78
C TYR C 1151 3.02 56.06 33.73
N PHE C 1152 3.40 57.22 33.22
CA PHE C 1152 3.26 58.49 33.93
C PHE C 1152 1.90 59.06 33.57
N VAL C 1153 0.91 58.81 34.43
CA VAL C 1153 -0.46 59.18 34.15
C VAL C 1153 -0.78 60.50 34.83
N LEU C 1154 -1.90 61.11 34.43
CA LEU C 1154 -2.26 62.45 34.85
C LEU C 1154 -3.33 62.49 35.93
N ASN C 1155 -4.18 61.46 36.02
CA ASN C 1155 -5.34 61.54 36.89
C ASN C 1155 -4.92 61.50 38.36
N GLN C 1156 -5.67 62.24 39.19
CA GLN C 1156 -5.33 62.39 40.59
C GLN C 1156 -5.61 61.10 41.36
N THR C 1157 -5.04 61.02 42.57
CA THR C 1157 -5.25 59.85 43.41
C THR C 1157 -6.72 59.72 43.82
N ILE C 1158 -7.34 60.83 44.20
CA ILE C 1158 -8.74 60.91 44.66
C ILE C 1158 -9.21 59.67 45.42
N ASP C 1165 -3.31 69.46 32.90
CA ASP C 1165 -2.79 69.29 34.26
C ASP C 1165 -1.29 69.01 34.21
N GLN C 1166 -0.58 69.45 35.25
CA GLN C 1166 0.86 69.28 35.35
C GLN C 1166 1.28 68.44 36.55
N GLN C 1167 0.33 67.84 37.27
CA GLN C 1167 0.62 66.93 38.37
C GLN C 1167 0.58 65.51 37.82
N TRP C 1168 1.75 64.92 37.64
CA TRP C 1168 1.87 63.60 37.03
C TRP C 1168 2.11 62.55 38.09
N TYR C 1169 1.44 61.41 37.95
CA TYR C 1169 1.56 60.29 38.87
C TYR C 1169 2.08 59.06 38.13
N TYR C 1170 2.35 58.00 38.88
CA TYR C 1170 2.76 56.73 38.31
C TYR C 1170 1.69 55.68 38.58
N THR C 1171 1.40 54.87 37.56
CA THR C 1171 0.45 53.77 37.68
C THR C 1171 1.07 52.51 37.08
N GLY C 1172 0.61 51.36 37.58
CA GLY C 1172 1.03 50.10 37.01
C GLY C 1172 0.42 49.86 35.64
N SER C 1173 1.08 48.98 34.88
CA SER C 1173 0.60 48.67 33.53
C SER C 1173 -0.73 47.92 33.57
N SER C 1174 -0.89 47.00 34.52
CA SER C 1174 -2.04 46.12 34.55
C SER C 1174 -3.14 46.58 35.49
N PHE C 1175 -2.97 47.72 36.16
CA PHE C 1175 -4.02 48.23 37.04
C PHE C 1175 -3.83 49.73 37.23
N PHE C 1176 -4.92 50.47 37.10
CA PHE C 1176 -4.88 51.92 37.26
C PHE C 1176 -4.95 52.28 38.74
N HIS C 1177 -3.87 52.87 39.25
CA HIS C 1177 -3.80 53.35 40.63
C HIS C 1177 -2.69 54.38 40.73
N PRO C 1178 -3.00 55.66 40.49
CA PRO C 1178 -1.95 56.68 40.48
C PRO C 1178 -1.20 56.75 41.81
N GLU C 1179 0.12 56.85 41.72
CA GLU C 1179 1.00 56.94 42.88
C GLU C 1179 2.03 58.03 42.63
N PRO C 1180 2.58 58.63 43.69
CA PRO C 1180 3.62 59.64 43.49
C PRO C 1180 4.84 59.08 42.78
N ILE C 1181 5.44 59.89 41.93
CA ILE C 1181 6.59 59.46 41.14
C ILE C 1181 7.85 59.58 41.99
N THR C 1182 8.53 58.46 42.20
CA THR C 1182 9.76 58.41 42.96
C THR C 1182 10.82 57.68 42.13
N GLU C 1183 12.02 57.54 42.71
CA GLU C 1183 13.07 56.78 42.05
C GLU C 1183 12.80 55.29 42.07
N ALA C 1184 11.80 54.83 42.82
CA ALA C 1184 11.46 53.42 42.85
C ALA C 1184 10.75 52.99 41.57
N ASN C 1185 9.93 53.86 40.99
CA ASN C 1185 9.13 53.52 39.82
C ASN C 1185 9.51 54.35 38.59
N SER C 1186 10.68 55.00 38.61
CA SER C 1186 11.12 55.80 37.48
C SER C 1186 12.62 55.56 37.25
N LYS C 1187 13.05 55.79 36.02
CA LYS C 1187 14.45 55.63 35.63
C LYS C 1187 14.90 56.87 34.87
N TYR C 1188 16.19 57.18 35.00
CA TYR C 1188 16.76 58.32 34.30
C TYR C 1188 17.08 57.94 32.86
N VAL C 1189 16.64 58.78 31.92
CA VAL C 1189 16.85 58.55 30.50
C VAL C 1189 17.34 59.83 29.85
N SER C 1190 17.86 59.70 28.63
CA SER C 1190 18.36 60.84 27.90
C SER C 1190 17.20 61.73 27.43
N MET C 1191 17.54 62.96 27.06
CA MET C 1191 16.52 63.93 26.69
C MET C 1191 15.75 63.46 25.46
N ASP C 1192 14.42 63.58 25.53
CA ASP C 1192 13.53 63.26 24.43
C ASP C 1192 12.60 64.43 24.19
N VAL C 1193 12.35 64.74 22.91
CA VAL C 1193 11.55 65.90 22.57
C VAL C 1193 10.10 65.71 23.00
N LYS C 1194 9.59 64.47 22.89
CA LYS C 1194 8.20 64.20 23.25
C LYS C 1194 7.95 64.25 24.74
N PHE C 1195 9.00 64.33 25.56
CA PHE C 1195 8.83 64.38 27.00
C PHE C 1195 8.19 65.69 27.43
N GLU C 1196 7.51 65.65 28.58
CA GLU C 1196 6.85 66.82 29.11
C GLU C 1196 7.84 67.69 29.90
N ASN C 1197 7.90 68.97 29.55
CA ASN C 1197 8.76 69.92 30.25
C ASN C 1197 8.00 70.45 31.45
N LEU C 1198 8.46 70.10 32.65
CA LEU C 1198 7.78 70.47 33.89
C LEU C 1198 8.49 71.63 34.56
N THR C 1199 7.75 72.70 34.83
CA THR C 1199 8.25 73.83 35.60
C THR C 1199 7.63 73.90 36.99
N ASN C 1200 6.54 73.18 37.24
CA ASN C 1200 5.87 73.16 38.53
C ASN C 1200 5.53 71.72 38.90
N LYS C 1201 5.43 71.46 40.21
CA LYS C 1201 5.10 70.15 40.73
C LYS C 1201 6.09 69.08 40.25
N LEU C 1202 7.37 69.37 40.44
CA LEU C 1202 8.42 68.45 40.02
C LEU C 1202 8.44 67.22 40.94
N PRO C 1203 8.53 66.01 40.39
CA PRO C 1203 8.75 64.83 41.24
C PRO C 1203 10.11 64.87 41.87
N PRO C 1204 10.32 64.12 42.96
CA PRO C 1204 11.62 64.10 43.64
C PRO C 1204 12.76 63.73 42.71
N PRO C 1205 12.58 62.80 41.77
CA PRO C 1205 13.67 62.55 40.80
C PRO C 1205 14.03 63.77 39.98
N LEU C 1206 13.08 64.64 39.67
CA LEU C 1206 13.34 65.82 38.85
C LEU C 1206 13.82 67.02 39.65
N LEU C 1207 13.84 66.92 40.98
CA LEU C 1207 14.26 68.04 41.81
C LEU C 1207 15.78 68.11 41.88
N SER C 1208 16.31 69.34 41.86
CA SER C 1208 17.74 69.56 41.94
C SER C 1208 18.16 69.83 43.39
#